data_9C7R
#
_entry.id   9C7R
#
_cell.length_a   1.00
_cell.length_b   1.00
_cell.length_c   1.00
_cell.angle_alpha   90.00
_cell.angle_beta   90.00
_cell.angle_gamma   90.00
#
_symmetry.space_group_name_H-M   'P 1'
#
loop_
_entity.id
_entity.type
_entity.pdbx_description
1 polymer 'Glutamate receptor ionotropic, NMDA 1, Green fluorescent protein chimera'
2 polymer 'Glutamate receptor ionotropic, NMDA 2A, Green fluorescent protein chimera'
3 branched 2-acetamido-2-deoxy-beta-D-glucopyranose-(1-4)-2-acetamido-2-deoxy-beta-D-glucopyranose
4 non-polymer 2-acetamido-2-deoxy-beta-D-glucopyranose
#
loop_
_entity_poly.entity_id
_entity_poly.type
_entity_poly.pdbx_seq_one_letter_code
_entity_poly.pdbx_strand_id
1 'polypeptide(L)'
;MSTMHLLTFALLFSCSFARAACDPKIVNIGAVLSTRKHEQMFREAVNQANKRHGSWKIQLNATSVTHKPNAIQMALSVCE
DLISSQVYAILVSHPPTPNDHFTPTPVSYTAGFYRIPVLGLTTRMSIYSDKSIHLSFLRTVPPYSHQSSVWFEMMRVYNW
NHIILLVSDDHEGRAAQKRLETLLEERESKAEKVLQFDPGTKNVTALLMEARELEARVIILSASEDDAATVYRAAAMLNM
TGSGYVWLVGEREISGNALRYAPDGIIGLQLINGKNESAHISDAVGVVAQAVHELLEKENITDPPRGCVGNTNIWKTGPL
FKRVLMSSKYADGVTGRVEFNEDGDRKFANYSIMNLQNRKLVQVGIYNGTHVIPNDRKIIWPGGETEKPRGYQMSTRLKI
VTIHQEPFVYVKPTMSDGTCKEEFTVNGDPVKKVICTGPNDTSPGSPRHTVPQCCYGFCIDLLIKLARTMNFTYEVHLVA
DGKFGTQERVNNSNKKEWNGMMGELLSGQADMIVAPLTINNERAQYIEFSKPFKYQGLTILVKKEIPRSTLDSFMQPFQS
TLWLLVGLSVHVVAVMLYLLDRFSPFGRFKVNSEEEEEDALTLSSAMWFSWGVLLNSGIGEGAPRSFSARILGMVWAGFA
MIIVASYTANLAAFLVLDRPEERITGINDPRLRNPSDKFIYATVKQSSVDIYFRRQVELSTMYRHMEKHNYESAAEAIQA
VRDNKLHAFIWDSAVLEFEASQKCDLVTTGELFFRSGFGIGMRKDSPWKQNVSLSILKSHENGFMEDLDKTWVRYQECDS
RSNAPATLTFENMAGVFMLVAGGIVAGIFLIFIEIAYKRHKDARRKQLVPRGSAAAAVSKGEELFTGVVPILVELDGDVN
GHKFSVSGEGEGDATYGKLTLKFICTTGKLPVPWPTLVTTLTYGVQCFSRYPDHMKQHDFFKSAMPEGYVQERTIFFKDD
GNYKTRAEVKFEGDTLVNRIELKGIDFKEDGNILGHKLEYNYNSHNVYIMADKQKNGIKVNFKIRHNIEDGSVQLADHYQ
QNTPIGDGPVLLPDNHYLSTQSKLSKDPNEKRDHMVLLEFVTAAGITLGMDELYKSGLRSHHHHHHHH
;
A,C
2 'polypeptide(L)'
;MGRLGYWTLLVLPALLVWRDPAQNAAAEKGPPALNIAVLLGHSHDVTERELRNLWGPEQATGLPLDVNVVALLMNRTDPK
SLITHVCDLMSGARIHGLVFGDDTDQEAVAQMLDFISSQTFIPILGIHGGASMIMADKDPTSTFFQFGASIQQQATVMLK
IMQDYDWHVFSLVTTIFPGYRDFISFIKTTVDNSFVGWDMQNVITLDTSFEDAKTQVQLKKIHSSVILLYCSKDEAVLIL
SEARSLGLTGYDFFWIVPSLVSGNTELIPKEFPSGLISVSYDDWDYSLEARVRDGLGILTTAASSMLEKFSYIPEAKASC
YGQAEKPETPLHTLHQFMVNVTWDGKDLSFTEEGYQVHPRLVVIVLNKDREWEKVGKWENQTLSLRHAVWPRYKSFSDCE
PDDNHLSIVTLEEAPFVIVEDIDPLTETCVRNTVPCRKFVKINNSTNEGMNVKKCCKGFCIDILKKLSRTVKFTYDLYLV
TNGKHGKKVNNVWNGMIGEVVYQRAVMAVGSLTINEERSEVVDFSVPFVETGISVMVSRSNGTVSPSAFLEPFSASVWVM
MFVMLLIVSAIAVFVFEYFSPVGYNRNLAKGKAPHGPSFTIGKAIWLLWGLVFNNSVPVQNPKGTTSKIMVSVWAFFAVI
FLASYTANLAAFMIQEEFVDQVTGLSDKKFQRPHDYSPPFRFGTVPNGSTERNIRNNYPYMHQYMTRFNQRGVEDALVSL
KTGKLDAFIYDAAVLNYKAGRDEGCKLVTIGSGYIFATTGYGIALQKGSPWKRQIDLALLQFVGDGEMEELETLWLTGIC
HNEKNEVMSSQLDIDNVAGVFYMLAAAMALSLITFIWEHLFYWKLRFCFTGVCSDRPGLLFSISRGLVPRGSAAAAVSKG
EELFTGVVPILVELDGDVNGHKFSVSGEGEGDATYGKLTLKFICTTGKLPVPWPTLVTTLTYGVQCFSRYPDHMKQHDFF
KSAMPEGYVQERTIFFKDDGNYKTRAEVKFEGDTLVNRIELKGIDFKEDGNILGHKLEYNYNSHNVYIMADKQKNGIKVN
FKIRHNIEDGSVQLADHYQQNTPIGDGPVLLPDNHYLSTQSKLSKDPNEKRDHMVLLEFVTAAGITLGMDELYKSGLRSW
SHPQFEK
;
B,D
#
# COMPACT_ATOMS: atom_id res chain seq x y z
N LYS A 25 42.49 -31.63 46.80
CA LYS A 25 43.63 -30.92 47.35
C LYS A 25 44.83 -30.99 46.40
N ILE A 26 44.78 -31.93 45.48
CA ILE A 26 45.86 -32.15 44.51
C ILE A 26 45.28 -31.99 43.10
N VAL A 27 45.93 -31.16 42.29
CA VAL A 27 45.58 -30.97 40.90
C VAL A 27 46.87 -31.03 40.09
N ASN A 28 46.91 -31.91 39.10
CA ASN A 28 48.11 -32.13 38.30
C ASN A 28 47.97 -31.50 36.93
N ILE A 29 49.05 -30.90 36.45
CA ILE A 29 49.10 -30.27 35.14
C ILE A 29 50.17 -30.98 34.32
N GLY A 30 49.77 -31.47 33.15
CA GLY A 30 50.68 -32.13 32.23
C GLY A 30 51.13 -31.20 31.12
N ALA A 31 52.32 -31.46 30.61
CA ALA A 31 52.87 -30.62 29.55
C ALA A 31 53.87 -31.41 28.72
N VAL A 32 53.98 -31.07 27.44
CA VAL A 32 55.01 -31.62 26.57
C VAL A 32 55.87 -30.46 26.07
N LEU A 33 57.17 -30.55 26.31
CA LEU A 33 58.06 -29.42 26.00
C LEU A 33 59.25 -29.84 25.13
N SER A 34 60.21 -28.91 24.99
CA SER A 34 61.33 -29.11 24.08
C SER A 34 62.41 -30.00 24.70
N THR A 35 62.98 -29.56 25.82
CA THR A 35 64.08 -30.28 26.44
C THR A 35 63.96 -30.17 27.96
N ARG A 36 64.99 -30.64 28.66
CA ARG A 36 64.93 -30.74 30.12
C ARG A 36 64.81 -29.38 30.79
N LYS A 37 65.57 -28.39 30.30
CA LYS A 37 65.56 -27.08 30.94
C LYS A 37 64.18 -26.43 30.86
N HIS A 38 63.48 -26.61 29.75
CA HIS A 38 62.14 -26.06 29.64
C HIS A 38 61.21 -26.67 30.68
N GLU A 39 61.34 -27.98 30.91
CA GLU A 39 60.57 -28.61 31.99
C GLU A 39 60.98 -28.06 33.34
N GLN A 40 62.26 -27.75 33.52
CA GLN A 40 62.72 -27.19 34.79
C GLN A 40 62.08 -25.84 35.07
N MET A 41 62.10 -24.95 34.08
CA MET A 41 61.44 -23.66 34.30
C MET A 41 59.92 -23.81 34.39
N PHE A 42 59.34 -24.81 33.72
CA PHE A 42 57.91 -25.06 33.88
C PHE A 42 57.58 -25.45 35.31
N ARG A 43 58.37 -26.35 35.89
CA ARG A 43 58.16 -26.74 37.28
C ARG A 43 58.38 -25.56 38.21
N GLU A 44 59.39 -24.73 37.92
CA GLU A 44 59.64 -23.55 38.74
C GLU A 44 58.46 -22.58 38.69
N ALA A 45 57.88 -22.39 37.50
CA ALA A 45 56.72 -21.53 37.37
C ALA A 45 55.52 -22.11 38.11
N VAL A 46 55.35 -23.43 38.06
CA VAL A 46 54.26 -24.06 38.81
C VAL A 46 54.43 -23.83 40.30
N ASN A 47 55.66 -24.00 40.81
CA ASN A 47 55.91 -23.76 42.22
C ASN A 47 55.69 -22.30 42.60
N GLN A 48 56.09 -21.38 41.72
CA GLN A 48 55.88 -19.96 41.98
C GLN A 48 54.39 -19.63 42.04
N ALA A 49 53.60 -20.19 41.12
CA ALA A 49 52.16 -19.99 41.14
C ALA A 49 51.55 -20.57 42.41
N ASN A 50 52.02 -21.75 42.83
CA ASN A 50 51.53 -22.34 44.08
C ASN A 50 51.83 -21.44 45.26
N LYS A 51 53.05 -20.88 45.33
CA LYS A 51 53.40 -19.98 46.41
C LYS A 51 52.54 -18.72 46.38
N ARG A 52 52.33 -18.16 45.20
CA ARG A 52 51.53 -16.93 45.09
C ARG A 52 50.09 -17.16 45.50
N HIS A 53 49.48 -18.27 45.06
CA HIS A 53 48.07 -18.52 45.34
C HIS A 53 47.85 -19.30 46.63
N GLY A 54 48.87 -19.95 47.17
CA GLY A 54 48.71 -20.74 48.38
C GLY A 54 48.32 -22.17 48.08
N SER A 55 49.12 -23.12 48.57
CA SER A 55 48.89 -24.54 48.32
C SER A 55 48.21 -25.24 49.50
N TRP A 56 47.72 -24.47 50.48
CA TRP A 56 47.09 -25.10 51.64
C TRP A 56 45.82 -25.84 51.25
N LYS A 57 45.01 -25.26 50.36
CA LYS A 57 43.75 -25.88 49.97
C LYS A 57 43.89 -26.77 48.75
N ILE A 58 44.62 -26.31 47.73
CA ILE A 58 44.87 -27.11 46.53
C ILE A 58 46.35 -27.02 46.19
N GLN A 59 46.98 -28.18 45.96
CA GLN A 59 48.38 -28.25 45.62
C GLN A 59 48.53 -28.61 44.15
N LEU A 60 49.30 -27.81 43.42
CA LEU A 60 49.48 -27.99 41.99
C LEU A 60 50.75 -28.81 41.74
N ASN A 61 50.58 -29.98 41.15
CA ASN A 61 51.67 -30.85 40.74
C ASN A 61 51.91 -30.65 39.24
N ALA A 62 53.16 -30.86 38.83
CA ALA A 62 53.56 -30.64 37.45
C ALA A 62 54.24 -31.88 36.89
N THR A 63 53.78 -32.33 35.72
CA THR A 63 54.43 -33.42 35.00
C THR A 63 54.61 -33.01 33.55
N SER A 64 55.73 -33.43 32.95
CA SER A 64 56.05 -33.03 31.60
C SER A 64 56.83 -34.13 30.89
N VAL A 65 56.77 -34.08 29.56
CA VAL A 65 57.37 -35.08 28.69
C VAL A 65 58.18 -34.34 27.62
N THR A 66 59.16 -35.04 27.05
CA THR A 66 59.92 -34.55 25.92
C THR A 66 59.25 -34.97 24.61
N HIS A 67 59.53 -34.23 23.55
CA HIS A 67 58.89 -34.48 22.27
C HIS A 67 59.54 -35.66 21.56
N LYS A 68 58.74 -36.68 21.26
CA LYS A 68 59.16 -37.79 20.43
C LYS A 68 59.08 -37.38 18.96
N PRO A 69 59.87 -38.03 18.10
CA PRO A 69 59.90 -37.60 16.69
C PRO A 69 58.57 -37.78 15.95
N ASN A 70 58.01 -38.99 15.98
CA ASN A 70 56.82 -39.31 15.20
C ASN A 70 55.56 -38.95 15.97
N ALA A 71 54.49 -38.70 15.20
CA ALA A 71 53.23 -38.26 15.78
C ALA A 71 52.53 -39.38 16.55
N ILE A 72 52.66 -40.62 16.08
CA ILE A 72 52.05 -41.74 16.77
C ILE A 72 52.63 -41.89 18.17
N GLN A 73 53.95 -41.75 18.29
CA GLN A 73 54.57 -41.77 19.62
C GLN A 73 54.10 -40.60 20.46
N MET A 74 53.89 -39.43 19.86
CA MET A 74 53.30 -38.30 20.59
C MET A 74 51.95 -38.69 21.19
N ALA A 75 51.07 -39.26 20.37
CA ALA A 75 49.74 -39.63 20.86
C ALA A 75 49.85 -40.67 21.97
N LEU A 76 50.68 -41.69 21.76
CA LEU A 76 50.81 -42.76 22.75
C LEU A 76 51.35 -42.22 24.08
N SER A 77 52.40 -41.40 24.02
CA SER A 77 53.00 -40.86 25.24
C SER A 77 52.04 -39.94 25.96
N VAL A 78 51.32 -39.09 25.22
CA VAL A 78 50.33 -38.23 25.85
C VAL A 78 49.25 -39.06 26.51
N CYS A 79 48.87 -40.18 25.88
CA CYS A 79 47.87 -41.05 26.47
C CYS A 79 48.36 -41.67 27.77
N GLU A 80 49.56 -42.25 27.76
CA GLU A 80 50.00 -43.05 28.90
C GLU A 80 50.87 -42.31 29.90
N ASP A 81 51.11 -41.01 29.71
CA ASP A 81 51.82 -40.21 30.71
C ASP A 81 50.93 -39.17 31.36
N LEU A 82 50.29 -38.31 30.56
CA LEU A 82 49.50 -37.21 31.12
C LEU A 82 48.11 -37.68 31.51
N ILE A 83 47.43 -38.41 30.61
CA ILE A 83 46.08 -38.86 30.90
C ILE A 83 46.08 -39.83 32.07
N SER A 84 47.12 -40.66 32.18
CA SER A 84 47.24 -41.56 33.31
C SER A 84 47.43 -40.82 34.63
N SER A 85 47.80 -39.54 34.57
CA SER A 85 47.97 -38.71 35.76
C SER A 85 46.81 -37.74 35.96
N GLN A 86 45.68 -37.99 35.31
CA GLN A 86 44.46 -37.17 35.40
C GLN A 86 44.78 -35.67 35.39
N VAL A 87 45.56 -35.27 34.38
CA VAL A 87 45.98 -33.88 34.28
C VAL A 87 44.79 -33.01 33.90
N TYR A 88 44.66 -31.87 34.57
CA TYR A 88 43.54 -30.97 34.30
C TYR A 88 43.74 -30.16 33.02
N ALA A 89 44.98 -29.81 32.70
CA ALA A 89 45.26 -29.05 31.49
C ALA A 89 46.59 -29.50 30.91
N ILE A 90 46.75 -29.29 29.60
CA ILE A 90 47.94 -29.72 28.88
C ILE A 90 48.58 -28.51 28.20
N LEU A 91 49.87 -28.33 28.41
CA LEU A 91 50.63 -27.24 27.82
C LEU A 91 51.53 -27.81 26.72
N VAL A 92 51.40 -27.28 25.51
CA VAL A 92 52.09 -27.79 24.34
C VAL A 92 52.85 -26.66 23.67
N SER A 93 54.08 -26.94 23.23
CA SER A 93 54.90 -25.98 22.52
C SER A 93 55.50 -26.65 21.29
N HIS A 94 56.22 -25.87 20.51
CA HIS A 94 56.88 -26.40 19.33
C HIS A 94 58.17 -27.13 19.71
N PRO A 95 58.54 -28.17 18.97
CA PRO A 95 59.78 -28.89 19.28
C PRO A 95 61.00 -28.05 18.96
N PRO A 96 62.13 -28.31 19.63
CA PRO A 96 63.35 -27.55 19.33
C PRO A 96 63.90 -27.81 17.94
N THR A 97 63.54 -28.94 17.33
CA THR A 97 63.99 -29.22 15.98
C THR A 97 63.41 -28.19 15.02
N PRO A 98 64.17 -27.74 14.02
CA PRO A 98 63.67 -26.66 13.14
C PRO A 98 62.35 -26.98 12.44
N ASN A 99 62.04 -28.25 12.18
CA ASN A 99 60.77 -28.58 11.57
C ASN A 99 59.63 -28.23 12.51
N ASP A 100 58.62 -27.55 11.98
CA ASP A 100 57.49 -27.06 12.78
C ASP A 100 56.18 -27.29 12.04
N HIS A 101 56.02 -28.48 11.48
CA HIS A 101 54.84 -28.79 10.66
C HIS A 101 53.88 -29.67 11.47
N PHE A 102 52.83 -29.03 11.99
CA PHE A 102 51.72 -29.74 12.63
C PHE A 102 52.18 -30.67 13.74
N THR A 103 53.04 -30.16 14.61
CA THR A 103 53.54 -30.95 15.74
C THR A 103 52.53 -31.07 16.90
N PRO A 104 51.75 -30.04 17.24
CA PRO A 104 50.82 -30.19 18.37
C PRO A 104 49.50 -30.86 18.01
N THR A 105 49.32 -31.32 16.78
CA THR A 105 48.06 -31.95 16.40
C THR A 105 47.74 -33.22 17.19
N PRO A 106 48.65 -34.18 17.37
CA PRO A 106 48.26 -35.42 18.07
C PRO A 106 47.82 -35.21 19.49
N VAL A 107 48.57 -34.43 20.27
CA VAL A 107 48.18 -34.13 21.64
C VAL A 107 46.88 -33.37 21.67
N SER A 108 46.66 -32.47 20.71
CA SER A 108 45.41 -31.72 20.64
C SER A 108 44.23 -32.66 20.45
N TYR A 109 44.34 -33.58 19.51
CA TYR A 109 43.25 -34.54 19.26
C TYR A 109 43.02 -35.43 20.49
N THR A 110 44.10 -35.96 21.05
CA THR A 110 43.97 -36.89 22.17
C THR A 110 43.32 -36.23 23.37
N ALA A 111 43.75 -35.01 23.71
CA ALA A 111 43.16 -34.32 24.84
C ALA A 111 41.80 -33.72 24.54
N GLY A 112 41.49 -33.48 23.25
CA GLY A 112 40.15 -33.04 22.90
C GLY A 112 39.14 -34.15 22.83
N PHE A 113 39.60 -35.40 22.79
CA PHE A 113 38.67 -36.53 22.92
C PHE A 113 37.95 -36.47 24.26
N TYR A 114 38.65 -36.10 25.33
CA TYR A 114 38.06 -35.95 26.65
C TYR A 114 37.68 -34.50 26.97
N ARG A 115 37.78 -33.61 25.99
CA ARG A 115 37.55 -32.18 26.17
C ARG A 115 38.49 -31.57 27.20
N ILE A 116 39.66 -32.18 27.39
CA ILE A 116 40.68 -31.63 28.28
C ILE A 116 41.31 -30.42 27.61
N PRO A 117 41.32 -29.26 28.26
CA PRO A 117 41.89 -28.06 27.63
C PRO A 117 43.36 -28.24 27.28
N VAL A 118 43.74 -27.71 26.12
CA VAL A 118 45.11 -27.74 25.65
C VAL A 118 45.57 -26.30 25.46
N LEU A 119 46.82 -26.01 25.86
CA LEU A 119 47.38 -24.68 25.72
C LEU A 119 48.55 -24.73 24.76
N GLY A 120 48.46 -23.95 23.69
CA GLY A 120 49.57 -23.80 22.75
C GLY A 120 50.38 -22.56 23.09
N LEU A 121 51.70 -22.69 22.98
CA LEU A 121 52.60 -21.61 23.37
C LEU A 121 53.39 -21.01 22.22
N THR A 122 53.58 -21.75 21.13
CA THR A 122 54.28 -21.21 19.97
C THR A 122 53.62 -21.60 18.66
N THR A 123 52.38 -22.07 18.68
CA THR A 123 51.69 -22.57 17.50
C THR A 123 50.91 -21.43 16.86
N ARG A 124 51.43 -20.90 15.76
CA ARG A 124 50.80 -19.80 15.05
C ARG A 124 49.93 -20.27 13.88
N MET A 125 49.78 -21.58 13.71
CA MET A 125 48.98 -22.10 12.61
C MET A 125 47.51 -21.75 12.80
N SER A 126 46.82 -21.52 11.68
CA SER A 126 45.43 -21.09 11.71
C SER A 126 44.44 -22.25 11.74
N ILE A 127 44.90 -23.49 11.59
CA ILE A 127 43.99 -24.62 11.63
C ILE A 127 43.42 -24.82 13.04
N TYR A 128 44.18 -24.43 14.06
CA TYR A 128 43.76 -24.65 15.43
C TYR A 128 42.73 -23.62 15.93
N SER A 129 42.44 -22.60 15.14
CA SER A 129 41.42 -21.63 15.53
C SER A 129 40.00 -22.13 15.29
N ASP A 130 39.83 -23.26 14.60
CA ASP A 130 38.52 -23.83 14.33
C ASP A 130 38.18 -24.79 15.46
N LYS A 131 37.24 -24.39 16.31
CA LYS A 131 36.85 -25.24 17.44
C LYS A 131 36.05 -26.46 17.01
N SER A 132 35.56 -26.50 15.77
CA SER A 132 34.86 -27.68 15.29
C SER A 132 35.80 -28.86 15.06
N ILE A 133 37.09 -28.61 14.90
CA ILE A 133 38.07 -29.67 14.73
C ILE A 133 38.78 -29.91 16.05
N HIS A 134 39.46 -28.89 16.55
CA HIS A 134 40.14 -28.96 17.84
C HIS A 134 39.21 -28.41 18.90
N LEU A 135 38.70 -29.31 19.76
CA LEU A 135 37.63 -28.93 20.67
C LEU A 135 38.13 -28.03 21.80
N SER A 136 39.32 -28.32 22.33
CA SER A 136 39.82 -27.65 23.53
C SER A 136 41.26 -27.20 23.34
N PHE A 137 41.54 -26.52 22.23
CA PHE A 137 42.88 -26.04 21.92
C PHE A 137 42.88 -24.51 21.98
N LEU A 138 43.17 -23.97 23.15
CA LEU A 138 43.40 -22.54 23.32
C LEU A 138 44.89 -22.24 23.15
N ARG A 139 45.21 -20.97 22.94
CA ARG A 139 46.59 -20.59 22.80
C ARG A 139 46.77 -19.14 23.20
N THR A 140 47.96 -18.81 23.69
CA THR A 140 48.30 -17.46 24.09
C THR A 140 48.98 -16.66 22.97
N VAL A 141 49.19 -17.27 21.81
CA VAL A 141 49.84 -16.61 20.67
C VAL A 141 48.81 -16.48 19.57
N PRO A 142 48.51 -15.28 19.09
CA PRO A 142 47.57 -15.13 17.97
C PRO A 142 48.14 -15.78 16.72
N PRO A 143 47.29 -16.36 15.89
CA PRO A 143 47.76 -17.10 14.71
C PRO A 143 48.13 -16.16 13.58
N TYR A 144 48.50 -16.76 12.45
CA TYR A 144 48.86 -15.97 11.27
C TYR A 144 47.65 -15.25 10.69
N SER A 145 46.45 -15.77 10.94
CA SER A 145 45.24 -15.15 10.39
C SER A 145 45.00 -13.78 10.99
N HIS A 146 45.12 -13.65 12.31
CA HIS A 146 44.86 -12.38 12.97
C HIS A 146 45.84 -11.30 12.56
N GLN A 147 46.98 -11.67 11.98
CA GLN A 147 47.89 -10.68 11.42
C GLN A 147 47.18 -9.80 10.39
N SER A 148 46.15 -10.34 9.72
CA SER A 148 45.38 -9.55 8.79
C SER A 148 44.84 -8.28 9.43
N SER A 149 44.44 -8.37 10.70
CA SER A 149 43.95 -7.19 11.41
C SER A 149 44.97 -6.05 11.36
N VAL A 150 46.24 -6.37 11.59
CA VAL A 150 47.28 -5.36 11.52
C VAL A 150 47.27 -4.69 10.16
N TRP A 151 47.19 -5.49 9.10
CA TRP A 151 47.12 -4.93 7.75
C TRP A 151 45.91 -4.02 7.62
N PHE A 152 44.78 -4.41 8.19
CA PHE A 152 43.61 -3.54 8.16
C PHE A 152 43.89 -2.22 8.87
N GLU A 153 44.62 -2.28 10.00
CA GLU A 153 44.98 -1.05 10.68
C GLU A 153 45.99 -0.25 9.90
N MET A 154 46.72 -0.88 8.99
CA MET A 154 47.57 -0.16 8.05
C MET A 154 46.82 0.24 6.78
N MET A 155 45.56 -0.15 6.66
CA MET A 155 44.73 0.25 5.53
C MET A 155 44.04 1.58 5.77
N ARG A 156 44.17 2.15 6.95
CA ARG A 156 43.56 3.42 7.32
C ARG A 156 44.58 4.50 7.64
N VAL A 157 45.66 4.16 8.34
CA VAL A 157 46.68 5.16 8.65
C VAL A 157 47.35 5.65 7.38
N TYR A 158 47.73 4.73 6.50
CA TYR A 158 48.39 5.09 5.25
C TYR A 158 47.42 5.28 4.09
N ASN A 159 46.13 5.01 4.30
CA ASN A 159 45.08 5.29 3.32
C ASN A 159 45.36 4.60 1.98
N TRP A 160 45.34 3.27 2.02
CA TRP A 160 45.48 2.44 0.83
C TRP A 160 44.17 1.68 0.63
N ASN A 161 43.29 2.26 -0.18
CA ASN A 161 41.95 1.72 -0.36
C ASN A 161 41.86 0.64 -1.43
N HIS A 162 42.86 0.53 -2.31
CA HIS A 162 42.88 -0.45 -3.38
C HIS A 162 44.04 -1.39 -3.17
N ILE A 163 43.76 -2.68 -3.00
CA ILE A 163 44.75 -3.67 -2.62
C ILE A 163 44.61 -4.90 -3.51
N ILE A 164 45.68 -5.71 -3.55
CA ILE A 164 45.61 -7.04 -4.14
C ILE A 164 46.13 -8.03 -3.10
N LEU A 165 45.50 -9.20 -3.04
CA LEU A 165 45.73 -10.17 -1.97
C LEU A 165 46.16 -11.50 -2.57
N LEU A 166 47.41 -11.90 -2.29
CA LEU A 166 47.92 -13.20 -2.70
C LEU A 166 47.89 -14.13 -1.51
N VAL A 167 47.22 -15.28 -1.67
CA VAL A 167 47.02 -16.22 -0.58
C VAL A 167 47.31 -17.63 -1.08
N SER A 168 47.57 -18.53 -0.12
CA SER A 168 47.82 -19.93 -0.43
C SER A 168 46.49 -20.69 -0.45
N ASP A 169 46.56 -22.02 -0.51
CA ASP A 169 45.37 -22.86 -0.58
C ASP A 169 45.49 -24.05 0.35
N ASP A 170 46.14 -23.85 1.50
CA ASP A 170 46.32 -24.89 2.50
C ASP A 170 45.73 -24.46 3.83
N HIS A 171 44.54 -23.84 3.79
CA HIS A 171 43.76 -23.37 4.92
C HIS A 171 44.42 -22.20 5.65
N GLU A 172 45.63 -21.81 5.26
CA GLU A 172 46.28 -20.62 5.83
C GLU A 172 45.94 -19.38 5.03
N GLY A 173 46.25 -19.39 3.73
CA GLY A 173 45.88 -18.27 2.88
C GLY A 173 44.38 -18.09 2.81
N ARG A 174 43.62 -19.18 2.79
CA ARG A 174 42.17 -19.08 2.79
C ARG A 174 41.66 -18.41 4.05
N ALA A 175 42.20 -18.79 5.21
CA ALA A 175 41.78 -18.17 6.46
C ALA A 175 42.16 -16.69 6.50
N ALA A 176 43.36 -16.35 6.04
CA ALA A 176 43.77 -14.96 6.02
C ALA A 176 42.88 -14.13 5.10
N GLN A 177 42.56 -14.66 3.92
CA GLN A 177 41.68 -13.96 3.00
C GLN A 177 40.28 -13.79 3.60
N LYS A 178 39.76 -14.83 4.25
CA LYS A 178 38.44 -14.73 4.86
C LYS A 178 38.43 -13.67 5.97
N ARG A 179 39.48 -13.65 6.80
CA ARG A 179 39.54 -12.65 7.85
C ARG A 179 39.65 -11.24 7.28
N LEU A 180 40.45 -11.07 6.23
CA LEU A 180 40.59 -9.75 5.62
C LEU A 180 39.26 -9.28 5.02
N GLU A 181 38.56 -10.16 4.32
CA GLU A 181 37.26 -9.79 3.76
C GLU A 181 36.26 -9.46 4.86
N THR A 182 36.25 -10.25 5.94
CA THR A 182 35.35 -9.97 7.05
C THR A 182 35.63 -8.61 7.67
N LEU A 183 36.91 -8.27 7.85
CA LEU A 183 37.26 -6.96 8.37
C LEU A 183 36.89 -5.85 7.40
N LEU A 184 36.99 -6.11 6.09
CA LEU A 184 36.62 -5.12 5.09
C LEU A 184 35.11 -5.01 4.89
N GLU A 185 34.32 -5.93 5.45
CA GLU A 185 32.87 -5.85 5.33
C GLU A 185 32.31 -4.58 5.96
N GLU A 186 32.90 -4.12 7.07
CA GLU A 186 32.42 -2.92 7.72
C GLU A 186 32.55 -1.70 6.81
N ARG A 187 33.56 -1.69 5.94
CA ARG A 187 33.72 -0.62 4.97
C ARG A 187 32.85 -0.82 3.73
N GLU A 188 32.18 -1.96 3.62
CA GLU A 188 31.30 -2.28 2.50
C GLU A 188 32.05 -2.22 1.16
N SER A 189 33.25 -2.82 1.15
CA SER A 189 34.06 -2.89 -0.05
C SER A 189 34.75 -4.25 -0.07
N LYS A 190 35.68 -4.42 -1.00
CA LYS A 190 36.40 -5.68 -1.13
C LYS A 190 37.74 -5.40 -1.80
N ALA A 191 38.64 -6.37 -1.69
CA ALA A 191 39.93 -6.29 -2.37
C ALA A 191 39.74 -6.31 -3.87
N GLU A 192 40.60 -5.56 -4.57
CA GLU A 192 40.48 -5.46 -6.03
C GLU A 192 40.68 -6.81 -6.70
N LYS A 193 41.65 -7.58 -6.23
CA LYS A 193 41.92 -8.89 -6.80
C LYS A 193 42.45 -9.82 -5.73
N VAL A 194 42.02 -11.08 -5.78
CA VAL A 194 42.48 -12.13 -4.89
C VAL A 194 43.05 -13.25 -5.74
N LEU A 195 44.32 -13.57 -5.52
CA LEU A 195 45.02 -14.60 -6.28
C LEU A 195 45.40 -15.74 -5.34
N GLN A 196 44.94 -16.95 -5.67
CA GLN A 196 45.21 -18.14 -4.89
C GLN A 196 46.06 -19.10 -5.72
N PHE A 197 47.13 -19.60 -5.12
CA PHE A 197 48.05 -20.51 -5.80
C PHE A 197 48.27 -21.75 -4.96
N ASP A 198 48.64 -22.83 -5.64
CA ASP A 198 48.85 -24.11 -4.97
C ASP A 198 50.09 -24.05 -4.07
N PRO A 199 50.16 -24.92 -3.06
CA PRO A 199 51.34 -24.92 -2.18
C PRO A 199 52.65 -25.17 -2.91
N GLY A 200 52.63 -25.96 -3.98
CA GLY A 200 53.86 -26.19 -4.74
C GLY A 200 54.32 -24.94 -5.46
N THR A 201 53.47 -24.40 -6.33
CA THR A 201 53.68 -23.15 -7.05
C THR A 201 55.14 -22.99 -7.54
N LYS A 202 55.62 -24.01 -8.23
CA LYS A 202 56.93 -23.91 -8.87
C LYS A 202 56.94 -22.78 -9.91
N ASN A 203 55.83 -22.61 -10.62
CA ASN A 203 55.66 -21.51 -11.56
C ASN A 203 54.47 -20.67 -11.09
N VAL A 204 54.71 -19.37 -10.91
CA VAL A 204 53.68 -18.45 -10.45
C VAL A 204 53.66 -17.22 -11.36
N THR A 205 54.31 -17.34 -12.52
CA THR A 205 54.48 -16.19 -13.42
C THR A 205 53.13 -15.66 -13.90
N ALA A 206 52.20 -16.57 -14.21
CA ALA A 206 50.89 -16.13 -14.70
C ALA A 206 50.15 -15.30 -13.66
N LEU A 207 50.23 -15.71 -12.39
CA LEU A 207 49.57 -14.97 -11.33
C LEU A 207 50.12 -13.55 -11.22
N LEU A 208 51.45 -13.41 -11.33
CA LEU A 208 52.04 -12.07 -11.25
C LEU A 208 51.74 -11.25 -12.50
N MET A 209 51.61 -11.90 -13.67
CA MET A 209 51.15 -11.19 -14.85
C MET A 209 49.75 -10.63 -14.62
N GLU A 210 48.86 -11.43 -14.05
CA GLU A 210 47.52 -10.96 -13.72
C GLU A 210 47.57 -9.81 -12.72
N ALA A 211 48.43 -9.94 -11.71
CA ALA A 211 48.55 -8.87 -10.71
C ALA A 211 49.05 -7.58 -11.34
N ARG A 212 50.03 -7.68 -12.24
CA ARG A 212 50.53 -6.50 -12.93
C ARG A 212 49.45 -5.87 -13.80
N GLU A 213 48.61 -6.68 -14.43
CA GLU A 213 47.54 -6.14 -15.26
C GLU A 213 46.54 -5.31 -14.46
N LEU A 214 46.40 -5.57 -13.16
CA LEU A 214 45.56 -4.73 -12.32
C LEU A 214 46.28 -3.42 -11.99
N GLU A 215 45.49 -2.44 -11.52
CA GLU A 215 46.02 -1.13 -11.21
C GLU A 215 46.54 -1.01 -9.79
N ALA A 216 46.00 -1.80 -8.86
CA ALA A 216 46.44 -1.74 -7.47
C ALA A 216 47.90 -2.14 -7.37
N ARG A 217 48.65 -1.42 -6.54
CA ARG A 217 50.09 -1.61 -6.44
C ARG A 217 50.54 -2.01 -5.04
N VAL A 218 49.64 -2.47 -4.18
CA VAL A 218 49.99 -2.96 -2.86
C VAL A 218 49.59 -4.42 -2.77
N ILE A 219 50.55 -5.27 -2.43
CA ILE A 219 50.37 -6.72 -2.37
C ILE A 219 50.36 -7.15 -0.92
N ILE A 220 49.31 -7.83 -0.50
CA ILE A 220 49.24 -8.50 0.79
C ILE A 220 49.47 -9.98 0.54
N LEU A 221 50.66 -10.47 0.87
CA LEU A 221 51.06 -11.84 0.54
C LEU A 221 51.05 -12.68 1.81
N SER A 222 50.39 -13.84 1.74
CA SER A 222 50.34 -14.78 2.86
C SER A 222 50.65 -16.17 2.31
N ALA A 223 51.86 -16.67 2.58
CA ALA A 223 52.28 -17.97 2.07
C ALA A 223 53.42 -18.48 2.94
N SER A 224 53.85 -19.71 2.65
CA SER A 224 54.94 -20.32 3.38
C SER A 224 56.28 -19.72 2.97
N GLU A 225 57.34 -20.11 3.67
CA GLU A 225 58.65 -19.52 3.43
C GLU A 225 59.15 -19.83 2.02
N ASP A 226 59.04 -21.09 1.59
CA ASP A 226 59.48 -21.44 0.25
C ASP A 226 58.63 -20.73 -0.82
N ASP A 227 57.32 -20.69 -0.61
CA ASP A 227 56.45 -19.99 -1.56
C ASP A 227 56.76 -18.49 -1.56
N ALA A 228 57.04 -17.92 -0.39
CA ALA A 228 57.42 -16.51 -0.33
C ALA A 228 58.71 -16.25 -1.09
N ALA A 229 59.70 -17.13 -0.95
CA ALA A 229 60.94 -16.98 -1.69
C ALA A 229 60.71 -17.08 -3.18
N THR A 230 59.87 -18.04 -3.61
CA THR A 230 59.59 -18.20 -5.03
C THR A 230 58.91 -16.97 -5.61
N VAL A 231 57.90 -16.46 -4.90
CA VAL A 231 57.18 -15.29 -5.41
C VAL A 231 58.08 -14.06 -5.37
N TYR A 232 58.97 -13.95 -4.38
CA TYR A 232 59.91 -12.84 -4.36
C TYR A 232 60.86 -12.90 -5.56
N ARG A 233 61.37 -14.10 -5.87
CA ARG A 233 62.24 -14.25 -7.03
C ARG A 233 61.52 -13.90 -8.32
N ALA A 234 60.29 -14.38 -8.47
CA ALA A 234 59.52 -14.07 -9.68
C ALA A 234 59.22 -12.58 -9.78
N ALA A 235 58.89 -11.94 -8.66
CA ALA A 235 58.64 -10.50 -8.67
C ALA A 235 59.89 -9.72 -9.02
N ALA A 236 61.05 -10.13 -8.50
CA ALA A 236 62.30 -9.47 -8.85
C ALA A 236 62.61 -9.63 -10.33
N MET A 237 62.37 -10.82 -10.87
CA MET A 237 62.54 -11.05 -12.31
C MET A 237 61.53 -10.27 -13.14
N LEU A 238 60.38 -9.90 -12.57
CA LEU A 238 59.29 -9.27 -13.31
C LEU A 238 59.21 -7.76 -13.04
N ASN A 239 60.26 -7.17 -12.46
CA ASN A 239 60.27 -5.75 -12.11
C ASN A 239 59.10 -5.38 -11.19
N MET A 240 58.56 -6.36 -10.46
CA MET A 240 57.39 -6.12 -9.64
C MET A 240 57.75 -5.45 -8.31
N THR A 241 59.05 -5.33 -8.02
CA THR A 241 59.53 -4.73 -6.78
C THR A 241 60.06 -3.31 -6.99
N GLY A 242 59.48 -2.56 -7.93
CA GLY A 242 59.94 -1.22 -8.22
C GLY A 242 59.56 -0.18 -7.18
N SER A 243 59.57 1.09 -7.58
CA SER A 243 59.36 2.17 -6.62
C SER A 243 57.90 2.28 -6.22
N GLY A 244 56.98 2.13 -7.17
CA GLY A 244 55.57 2.36 -6.90
C GLY A 244 54.85 1.24 -6.19
N TYR A 245 55.55 0.16 -5.86
CA TYR A 245 54.92 -1.00 -5.24
C TYR A 245 55.16 -1.01 -3.74
N VAL A 246 54.22 -1.61 -3.02
CA VAL A 246 54.31 -1.79 -1.57
C VAL A 246 53.98 -3.24 -1.25
N TRP A 247 54.82 -3.88 -0.45
CA TRP A 247 54.66 -5.29 -0.09
C TRP A 247 54.33 -5.40 1.39
N LEU A 248 53.26 -6.12 1.69
CA LEU A 248 52.86 -6.41 3.07
C LEU A 248 52.80 -7.92 3.25
N VAL A 249 53.55 -8.44 4.21
CA VAL A 249 53.62 -9.87 4.49
C VAL A 249 53.63 -10.09 6.00
N GLY A 250 53.44 -11.35 6.39
CA GLY A 250 53.43 -11.74 7.78
C GLY A 250 54.80 -12.13 8.28
N GLU A 251 54.81 -12.71 9.49
CA GLU A 251 56.07 -13.09 10.12
C GLU A 251 56.75 -14.22 9.35
N ARG A 252 55.98 -15.20 8.88
CA ARG A 252 56.55 -16.37 8.24
C ARG A 252 57.19 -16.06 6.89
N GLU A 253 56.94 -14.90 6.31
CA GLU A 253 57.46 -14.55 4.99
C GLU A 253 58.71 -13.69 5.06
N ILE A 254 59.23 -13.40 6.24
CA ILE A 254 60.44 -12.60 6.40
C ILE A 254 61.54 -13.38 7.13
N SER A 255 61.44 -14.71 7.12
CA SER A 255 62.42 -15.55 7.80
C SER A 255 62.90 -16.64 6.84
N GLY A 256 64.08 -17.17 7.15
CA GLY A 256 64.65 -18.20 6.30
C GLY A 256 65.04 -17.66 4.93
N ASN A 257 64.91 -18.53 3.92
CA ASN A 257 65.26 -18.14 2.56
C ASN A 257 64.44 -16.94 2.08
N ALA A 258 63.19 -16.83 2.54
CA ALA A 258 62.36 -15.70 2.16
C ALA A 258 62.99 -14.38 2.57
N LEU A 259 63.80 -14.38 3.65
CA LEU A 259 64.50 -13.17 4.03
C LEU A 259 65.58 -12.80 3.02
N ARG A 260 66.27 -13.80 2.48
CA ARG A 260 67.38 -13.52 1.57
C ARG A 260 66.91 -13.01 0.21
N TYR A 261 65.81 -13.56 -0.30
CA TYR A 261 65.28 -13.16 -1.60
C TYR A 261 64.27 -12.03 -1.50
N ALA A 262 64.06 -11.48 -0.30
CA ALA A 262 63.05 -10.45 -0.12
C ALA A 262 63.45 -9.16 -0.83
N PRO A 263 62.48 -8.39 -1.31
CA PRO A 263 62.78 -7.07 -1.88
C PRO A 263 63.28 -6.09 -0.84
N ASP A 264 63.55 -4.86 -1.26
CA ASP A 264 64.18 -3.86 -0.40
C ASP A 264 63.18 -3.00 0.37
N GLY A 265 61.89 -3.30 0.28
CA GLY A 265 60.90 -2.49 0.96
C GLY A 265 59.83 -3.28 1.67
N ILE A 266 60.18 -4.44 2.21
CA ILE A 266 59.22 -5.27 2.91
C ILE A 266 58.77 -4.58 4.20
N ILE A 267 57.48 -4.73 4.52
CA ILE A 267 56.90 -4.17 5.74
C ILE A 267 56.41 -5.32 6.60
N GLY A 268 57.14 -6.44 6.57
CA GLY A 268 56.77 -7.64 7.29
C GLY A 268 56.60 -7.45 8.78
N LEU A 269 55.75 -8.26 9.38
CA LEU A 269 55.43 -8.16 10.80
C LEU A 269 56.23 -9.16 11.62
N GLN A 270 56.30 -8.90 12.93
CA GLN A 270 56.85 -9.86 13.87
C GLN A 270 56.09 -9.75 15.17
N LEU A 271 56.16 -10.79 15.99
CA LEU A 271 55.50 -10.81 17.29
C LEU A 271 56.57 -10.90 18.38
N ILE A 272 56.54 -9.95 19.30
CA ILE A 272 57.56 -9.88 20.34
C ILE A 272 57.41 -11.07 21.28
N ASN A 273 58.54 -11.66 21.65
CA ASN A 273 58.59 -12.88 22.48
C ASN A 273 57.84 -14.04 21.84
N GLY A 274 57.73 -14.05 20.51
CA GLY A 274 57.06 -15.14 19.85
C GLY A 274 57.79 -16.47 20.02
N LYS A 275 59.12 -16.43 19.92
CA LYS A 275 59.94 -17.63 20.12
C LYS A 275 60.41 -17.78 21.56
N ASN A 276 60.00 -16.88 22.46
CA ASN A 276 60.36 -16.98 23.87
C ASN A 276 59.44 -18.00 24.52
N GLU A 277 59.97 -19.19 24.76
CA GLU A 277 59.15 -20.26 25.34
C GLU A 277 58.95 -20.06 26.84
N SER A 278 59.95 -19.50 27.53
CA SER A 278 59.88 -19.38 28.99
C SER A 278 58.78 -18.42 29.41
N ALA A 279 58.68 -17.26 28.75
CA ALA A 279 57.66 -16.28 29.12
C ALA A 279 56.26 -16.84 28.89
N HIS A 280 56.05 -17.51 27.76
CA HIS A 280 54.75 -18.10 27.50
C HIS A 280 54.45 -19.23 28.47
N ILE A 281 55.47 -19.99 28.87
CA ILE A 281 55.29 -21.04 29.87
C ILE A 281 54.81 -20.42 31.18
N SER A 282 55.47 -19.34 31.61
CA SER A 282 55.08 -18.69 32.86
C SER A 282 53.67 -18.14 32.78
N ASP A 283 53.32 -17.50 31.67
CA ASP A 283 51.98 -16.94 31.52
C ASP A 283 50.92 -18.04 31.52
N ALA A 284 51.19 -19.14 30.82
CA ALA A 284 50.24 -20.25 30.79
C ALA A 284 50.08 -20.87 32.17
N VAL A 285 51.19 -21.04 32.90
CA VAL A 285 51.10 -21.59 34.25
C VAL A 285 50.26 -20.68 35.14
N GLY A 286 50.48 -19.37 35.05
CA GLY A 286 49.72 -18.44 35.88
C GLY A 286 48.24 -18.47 35.56
N VAL A 287 47.89 -18.46 34.26
CA VAL A 287 46.48 -18.42 33.89
C VAL A 287 45.80 -19.74 34.24
N VAL A 288 46.51 -20.87 34.08
CA VAL A 288 45.94 -22.16 34.45
C VAL A 288 45.72 -22.23 35.96
N ALA A 289 46.67 -21.73 36.74
CA ALA A 289 46.50 -21.73 38.19
C ALA A 289 45.31 -20.87 38.60
N GLN A 290 45.17 -19.69 38.00
CA GLN A 290 44.03 -18.82 38.32
C GLN A 290 42.72 -19.49 37.94
N ALA A 291 42.65 -20.11 36.76
CA ALA A 291 41.43 -20.78 36.33
C ALA A 291 41.09 -21.96 37.24
N VAL A 292 42.09 -22.72 37.64
CA VAL A 292 41.85 -23.85 38.53
C VAL A 292 41.35 -23.37 39.89
N HIS A 293 41.96 -22.31 40.42
CA HIS A 293 41.52 -21.76 41.70
C HIS A 293 40.09 -21.26 41.62
N GLU A 294 39.72 -20.61 40.51
CA GLU A 294 38.35 -20.15 40.35
C GLU A 294 37.37 -21.30 40.17
N LEU A 295 37.79 -22.35 39.47
CA LEU A 295 36.88 -23.47 39.20
C LEU A 295 36.64 -24.31 40.44
N LEU A 296 37.68 -24.56 41.24
CA LEU A 296 37.52 -25.38 42.43
C LEU A 296 36.61 -24.75 43.47
N GLU A 297 36.32 -23.45 43.37
CA GLU A 297 35.35 -22.83 44.27
C GLU A 297 33.96 -23.40 44.04
N LYS A 298 33.60 -23.66 42.80
CA LYS A 298 32.29 -24.19 42.47
C LYS A 298 32.19 -25.67 42.82
N GLU A 299 30.99 -26.22 42.66
CA GLU A 299 30.69 -27.61 42.95
C GLU A 299 30.54 -28.38 41.64
N ASN A 300 30.12 -29.65 41.75
CA ASN A 300 29.92 -30.52 40.60
C ASN A 300 31.22 -30.67 39.79
N ILE A 301 32.32 -30.81 40.51
CA ILE A 301 33.64 -30.98 39.92
C ILE A 301 33.93 -32.47 39.78
N THR A 302 34.28 -32.88 38.56
CA THR A 302 34.52 -34.29 38.25
C THR A 302 36.01 -34.52 38.04
N ASP A 303 36.52 -35.60 38.63
CA ASP A 303 37.91 -35.95 38.46
C ASP A 303 38.18 -36.31 36.99
N PRO A 304 39.22 -35.76 36.38
CA PRO A 304 39.52 -36.10 34.98
C PRO A 304 39.78 -37.60 34.83
N PRO A 305 39.38 -38.18 33.70
CA PRO A 305 39.55 -39.63 33.52
C PRO A 305 41.01 -40.03 33.56
N ARG A 306 41.28 -41.19 34.14
CA ARG A 306 42.62 -41.75 34.25
C ARG A 306 42.71 -42.99 33.36
N GLY A 307 43.62 -42.96 32.40
CA GLY A 307 43.81 -44.10 31.52
C GLY A 307 42.91 -44.05 30.31
N CYS A 308 43.49 -44.08 29.11
CA CYS A 308 42.68 -44.06 27.90
C CYS A 308 41.87 -45.35 27.76
N VAL A 309 42.52 -46.50 27.93
CA VAL A 309 41.82 -47.77 27.80
C VAL A 309 40.88 -47.96 28.98
N GLY A 310 39.68 -48.46 28.69
CA GLY A 310 38.68 -48.67 29.71
C GLY A 310 37.85 -47.45 30.07
N ASN A 311 38.14 -46.29 29.48
CA ASN A 311 37.37 -45.08 29.73
C ASN A 311 37.05 -44.42 28.39
N THR A 312 35.78 -44.07 28.21
CA THR A 312 35.32 -43.49 26.95
C THR A 312 34.59 -42.17 27.18
N ASN A 313 33.96 -42.04 28.34
CA ASN A 313 33.20 -40.83 28.65
C ASN A 313 34.12 -39.62 28.73
N ILE A 314 33.63 -38.48 28.26
CA ILE A 314 34.38 -37.24 28.29
C ILE A 314 34.39 -36.68 29.70
N TRP A 315 35.24 -35.70 29.95
CA TRP A 315 35.25 -35.02 31.24
C TRP A 315 33.95 -34.25 31.41
N LYS A 316 33.26 -34.50 32.53
CA LYS A 316 31.93 -33.91 32.72
C LYS A 316 32.01 -32.40 32.84
N THR A 317 33.00 -31.88 33.57
CA THR A 317 33.17 -30.46 33.75
C THR A 317 34.24 -29.87 32.81
N GLY A 318 34.68 -30.63 31.83
CA GLY A 318 35.67 -30.17 30.88
C GLY A 318 35.24 -28.94 30.10
N PRO A 319 34.04 -28.97 29.53
CA PRO A 319 33.53 -27.74 28.89
C PRO A 319 33.44 -26.57 29.84
N LEU A 320 33.07 -26.81 31.11
CA LEU A 320 33.03 -25.73 32.08
C LEU A 320 34.42 -25.17 32.35
N PHE A 321 35.42 -26.06 32.46
CA PHE A 321 36.80 -25.61 32.65
C PHE A 321 37.27 -24.78 31.45
N LYS A 322 36.98 -25.24 30.24
CA LYS A 322 37.35 -24.47 29.06
C LYS A 322 36.66 -23.11 29.06
N ARG A 323 35.37 -23.07 29.39
CA ARG A 323 34.64 -21.82 29.39
C ARG A 323 35.20 -20.84 30.41
N VAL A 324 35.52 -21.32 31.62
CA VAL A 324 36.09 -20.43 32.62
C VAL A 324 37.49 -20.01 32.22
N LEU A 325 38.19 -20.83 31.43
CA LEU A 325 39.45 -20.39 30.85
C LEU A 325 39.26 -19.27 29.84
N MET A 326 38.17 -19.33 29.07
CA MET A 326 37.89 -18.26 28.11
C MET A 326 37.68 -16.92 28.80
N SER A 327 36.97 -16.92 29.93
CA SER A 327 36.66 -15.69 30.65
C SER A 327 37.75 -15.28 31.62
N SER A 328 38.84 -16.04 31.70
CA SER A 328 39.94 -15.70 32.61
C SER A 328 40.59 -14.38 32.18
N LYS A 329 41.00 -13.60 33.18
CA LYS A 329 41.64 -12.30 32.96
C LYS A 329 42.96 -12.29 33.72
N TYR A 330 44.03 -12.73 33.06
CA TYR A 330 45.36 -12.75 33.64
C TYR A 330 46.06 -11.42 33.34
N ALA A 331 45.63 -10.40 34.08
CA ALA A 331 46.06 -9.03 33.81
C ALA A 331 47.57 -8.86 33.95
N ASP A 332 48.13 -9.36 35.05
CA ASP A 332 49.57 -9.25 35.29
C ASP A 332 50.26 -10.51 34.77
N GLY A 333 51.27 -10.31 33.94
CA GLY A 333 51.98 -11.43 33.34
C GLY A 333 53.25 -10.96 32.67
N VAL A 334 54.10 -11.93 32.35
CA VAL A 334 55.39 -11.62 31.71
C VAL A 334 55.16 -11.02 30.33
N THR A 335 54.25 -11.61 29.56
CA THR A 335 53.93 -11.12 28.22
C THR A 335 52.79 -10.11 28.21
N GLY A 336 52.38 -9.62 29.39
CA GLY A 336 51.34 -8.63 29.46
C GLY A 336 49.95 -9.23 29.65
N ARG A 337 48.97 -8.33 29.61
CA ARG A 337 47.57 -8.70 29.81
C ARG A 337 47.11 -9.68 28.73
N VAL A 338 46.44 -10.75 29.17
CA VAL A 338 46.12 -11.89 28.31
C VAL A 338 44.61 -12.10 28.33
N GLU A 339 44.01 -12.23 27.15
CA GLU A 339 42.61 -12.58 27.02
C GLU A 339 42.45 -13.66 25.96
N PHE A 340 41.29 -14.31 25.98
CA PHE A 340 40.91 -15.28 24.96
C PHE A 340 39.57 -14.86 24.37
N ASN A 341 39.51 -14.76 23.05
CA ASN A 341 38.29 -14.35 22.36
C ASN A 341 37.34 -15.54 22.25
N GLU A 342 36.26 -15.38 21.50
CA GLU A 342 35.29 -16.45 21.34
C GLU A 342 35.86 -17.66 20.62
N ASP A 343 36.93 -17.48 19.84
CA ASP A 343 37.59 -18.58 19.16
C ASP A 343 38.68 -19.23 20.00
N GLY A 344 38.88 -18.78 21.22
CA GLY A 344 39.90 -19.34 22.08
C GLY A 344 41.30 -18.87 21.79
N ASP A 345 41.46 -17.85 20.95
CA ASP A 345 42.77 -17.36 20.57
C ASP A 345 43.13 -16.10 21.37
N ARG A 346 44.41 -15.74 21.33
CA ARG A 346 44.87 -14.54 22.03
C ARG A 346 44.19 -13.31 21.45
N LYS A 347 43.67 -12.45 22.33
CA LYS A 347 42.91 -11.29 21.87
C LYS A 347 43.82 -10.13 21.47
N PHE A 348 44.61 -9.63 22.41
CA PHE A 348 45.50 -8.49 22.16
C PHE A 348 46.94 -8.92 22.31
N ALA A 349 47.77 -8.59 21.33
CA ALA A 349 49.19 -8.89 21.35
C ALA A 349 49.95 -7.71 20.77
N ASN A 350 51.24 -7.63 21.11
CA ASN A 350 52.12 -6.58 20.64
C ASN A 350 52.85 -7.08 19.40
N TYR A 351 52.74 -6.33 18.31
CA TYR A 351 53.43 -6.63 17.06
C TYR A 351 54.48 -5.56 16.79
N SER A 352 55.58 -5.95 16.16
CA SER A 352 56.62 -5.03 15.73
C SER A 352 56.64 -5.02 14.21
N ILE A 353 56.55 -3.83 13.62
CA ILE A 353 56.64 -3.70 12.17
C ILE A 353 58.10 -3.74 11.76
N MET A 354 58.46 -4.71 10.92
CA MET A 354 59.83 -4.96 10.54
C MET A 354 60.04 -4.58 9.08
N ASN A 355 61.04 -3.76 8.82
CA ASN A 355 61.35 -3.27 7.48
C ASN A 355 62.76 -3.68 7.09
N LEU A 356 62.90 -4.13 5.85
CA LEU A 356 64.19 -4.54 5.32
C LEU A 356 64.89 -3.33 4.68
N GLN A 357 66.05 -2.97 5.21
CA GLN A 357 66.82 -1.84 4.70
C GLN A 357 68.27 -2.27 4.59
N ASN A 358 68.82 -2.21 3.38
CA ASN A 358 70.19 -2.66 3.12
C ASN A 358 70.40 -4.10 3.58
N ARG A 359 69.43 -4.95 3.27
CA ARG A 359 69.45 -6.36 3.68
C ARG A 359 69.51 -6.52 5.19
N LYS A 360 68.96 -5.55 5.92
CA LYS A 360 68.90 -5.60 7.37
C LYS A 360 67.50 -5.20 7.83
N LEU A 361 66.96 -5.96 8.78
CA LEU A 361 65.63 -5.72 9.30
C LEU A 361 65.69 -4.73 10.45
N VAL A 362 64.87 -3.68 10.37
CA VAL A 362 64.83 -2.64 11.39
C VAL A 362 63.39 -2.41 11.81
N GLN A 363 63.21 -1.86 13.00
CA GLN A 363 61.89 -1.60 13.53
C GLN A 363 61.34 -0.26 13.03
N VAL A 364 60.05 -0.24 12.72
CA VAL A 364 59.39 0.98 12.28
C VAL A 364 58.23 1.40 13.17
N GLY A 365 57.56 0.47 13.85
CA GLY A 365 56.45 0.86 14.71
C GLY A 365 55.98 -0.32 15.53
N ILE A 366 55.11 -0.01 16.49
CA ILE A 366 54.56 -1.00 17.41
C ILE A 366 53.04 -1.00 17.25
N TYR A 367 52.48 -2.18 17.01
CA TYR A 367 51.04 -2.37 16.92
C TYR A 367 50.58 -2.95 18.24
N ASN A 368 49.80 -2.18 18.99
CA ASN A 368 49.27 -2.59 20.28
C ASN A 368 47.76 -2.72 20.18
N GLY A 369 47.23 -3.85 20.63
CA GLY A 369 45.79 -4.01 20.66
C GLY A 369 45.16 -3.84 19.29
N THR A 370 44.45 -2.72 19.11
CA THR A 370 43.77 -2.41 17.86
C THR A 370 44.31 -1.16 17.17
N HIS A 371 45.45 -0.63 17.62
CA HIS A 371 46.04 0.57 17.04
C HIS A 371 47.52 0.32 16.76
N VAL A 372 48.11 1.21 15.98
CA VAL A 372 49.52 1.12 15.60
C VAL A 372 50.16 2.49 15.72
N ILE A 373 51.36 2.55 16.29
CA ILE A 373 52.11 3.79 16.44
C ILE A 373 53.49 3.61 15.86
N PRO A 374 53.86 4.37 14.82
CA PRO A 374 55.24 4.31 14.31
C PRO A 374 56.20 5.04 15.24
N ASN A 375 57.44 4.56 15.26
CA ASN A 375 58.47 5.17 16.10
C ASN A 375 59.24 6.22 15.30
N ASP A 376 60.35 6.70 15.85
CA ASP A 376 61.11 7.77 15.22
C ASP A 376 61.87 7.29 13.98
N ARG A 377 62.00 5.99 13.78
CA ARG A 377 62.74 5.48 12.63
C ARG A 377 62.03 5.86 11.33
N LYS A 378 62.82 6.10 10.30
CA LYS A 378 62.29 6.53 9.01
C LYS A 378 61.89 5.31 8.18
N ILE A 379 60.66 5.33 7.67
CA ILE A 379 60.18 4.24 6.83
C ILE A 379 60.84 4.32 5.46
N ILE A 380 61.21 3.17 4.92
CA ILE A 380 61.80 3.07 3.59
C ILE A 380 60.94 2.12 2.76
N TRP A 381 60.51 2.57 1.60
CA TRP A 381 59.63 1.84 0.71
C TRP A 381 60.42 1.18 -0.41
N PRO A 382 59.83 0.22 -1.12
CA PRO A 382 60.54 -0.41 -2.24
C PRO A 382 60.92 0.60 -3.30
N GLY A 383 62.07 0.36 -3.94
CA GLY A 383 62.61 1.26 -4.94
C GLY A 383 63.55 2.31 -4.39
N GLY A 384 63.69 2.41 -3.08
CA GLY A 384 64.61 3.36 -2.47
C GLY A 384 64.03 4.74 -2.22
N GLU A 385 62.82 5.02 -2.68
CA GLU A 385 62.22 6.33 -2.49
C GLU A 385 61.70 6.46 -1.06
N THR A 386 62.08 7.55 -0.40
CA THR A 386 61.67 7.77 0.98
C THR A 386 60.22 8.21 1.09
N GLU A 387 59.74 9.00 0.14
CA GLU A 387 58.36 9.47 0.17
C GLU A 387 57.39 8.29 0.07
N LYS A 388 56.29 8.39 0.80
CA LYS A 388 55.32 7.30 0.86
C LYS A 388 54.57 7.22 -0.46
N PRO A 389 54.66 6.11 -1.20
CA PRO A 389 53.94 6.01 -2.47
C PRO A 389 52.44 5.88 -2.26
N ARG A 390 51.68 6.36 -3.24
CA ARG A 390 50.24 6.23 -3.20
C ARG A 390 49.83 4.77 -3.38
N GLY A 391 48.58 4.48 -3.04
CA GLY A 391 48.06 3.13 -3.15
C GLY A 391 48.16 2.55 -4.54
N TYR A 392 47.84 3.35 -5.54
CA TYR A 392 47.88 2.91 -6.92
C TYR A 392 47.94 4.11 -7.85
N GLN A 393 48.45 3.89 -9.05
CA GLN A 393 48.40 4.88 -10.11
C GLN A 393 47.32 4.46 -11.10
N MET A 394 46.60 5.43 -11.63
CA MET A 394 45.46 5.12 -12.48
C MET A 394 45.93 4.68 -13.87
N SER A 395 45.21 3.72 -14.45
CA SER A 395 45.56 3.19 -15.76
C SER A 395 45.14 4.17 -16.84
N THR A 396 46.10 4.62 -17.65
CA THR A 396 45.79 5.57 -18.72
C THR A 396 44.95 4.92 -19.82
N ARG A 397 45.29 3.68 -20.20
CA ARG A 397 44.59 2.99 -21.27
C ARG A 397 43.32 2.33 -20.73
N LEU A 398 42.18 2.65 -21.33
CA LEU A 398 40.90 2.07 -20.98
C LEU A 398 40.34 1.35 -22.20
N LYS A 399 39.98 0.08 -22.02
CA LYS A 399 39.38 -0.73 -23.07
C LYS A 399 37.86 -0.59 -22.99
N ILE A 400 37.27 0.02 -24.01
CA ILE A 400 35.86 0.39 -24.01
C ILE A 400 35.11 -0.61 -24.89
N VAL A 401 33.93 -1.02 -24.41
CA VAL A 401 33.04 -1.90 -25.16
C VAL A 401 31.86 -1.09 -25.66
N THR A 402 31.50 -1.29 -26.93
CA THR A 402 30.45 -0.49 -27.54
C THR A 402 29.59 -1.37 -28.43
N ILE A 403 28.27 -1.18 -28.35
CA ILE A 403 27.32 -1.89 -29.19
C ILE A 403 26.94 -1.01 -30.37
N HIS A 404 26.52 -1.64 -31.46
CA HIS A 404 26.05 -0.93 -32.65
C HIS A 404 24.59 -0.56 -32.47
N GLN A 405 24.33 0.74 -32.36
CA GLN A 405 22.98 1.28 -32.42
C GLN A 405 22.96 2.38 -33.46
N GLU A 406 21.99 2.31 -34.38
CA GLU A 406 21.98 3.23 -35.52
C GLU A 406 21.96 4.70 -35.12
N PRO A 407 21.07 5.17 -34.24
CA PRO A 407 21.08 6.61 -33.91
C PRO A 407 22.30 7.04 -33.13
N PHE A 408 23.03 6.11 -32.50
CA PHE A 408 24.13 6.47 -31.62
C PHE A 408 25.50 6.03 -32.16
N VAL A 409 25.67 4.76 -32.50
CA VAL A 409 26.97 4.21 -32.87
C VAL A 409 26.83 3.61 -34.26
N TYR A 410 27.26 4.34 -35.28
CA TYR A 410 27.40 3.79 -36.62
C TYR A 410 28.73 3.06 -36.72
N VAL A 411 28.69 1.86 -37.30
CA VAL A 411 29.89 1.09 -37.62
C VAL A 411 29.99 1.00 -39.13
N LYS A 412 31.20 1.15 -39.67
CA LYS A 412 31.38 1.04 -41.10
C LYS A 412 32.72 0.39 -41.40
N PRO A 413 32.76 -0.58 -42.31
CA PRO A 413 34.04 -1.16 -42.70
C PRO A 413 34.96 -0.12 -43.32
N THR A 414 36.24 -0.20 -42.99
CA THR A 414 37.22 0.76 -43.46
C THR A 414 37.72 0.36 -44.85
N MET A 415 38.52 1.22 -45.45
CA MET A 415 39.13 0.95 -46.75
C MET A 415 40.50 0.29 -46.50
N SER A 416 41.33 0.22 -47.53
CA SER A 416 42.49 -0.68 -47.50
C SER A 416 43.44 -0.36 -46.36
N ASP A 417 43.75 0.92 -46.13
CA ASP A 417 44.81 1.25 -45.19
C ASP A 417 44.40 1.10 -43.73
N GLY A 418 43.11 0.90 -43.45
CA GLY A 418 42.62 0.77 -42.10
C GLY A 418 41.92 2.01 -41.56
N THR A 419 42.04 3.14 -42.25
CA THR A 419 41.37 4.38 -41.87
C THR A 419 40.24 4.63 -42.86
N CYS A 420 39.00 4.59 -42.37
CA CYS A 420 37.86 4.75 -43.25
C CYS A 420 37.75 6.20 -43.73
N LYS A 421 36.96 6.38 -44.79
CA LYS A 421 36.87 7.68 -45.45
C LYS A 421 36.23 8.72 -44.53
N GLU A 422 36.61 9.98 -44.77
CA GLU A 422 36.12 11.10 -43.98
C GLU A 422 34.86 11.69 -44.59
N GLU A 423 33.90 12.05 -43.74
CA GLU A 423 32.66 12.68 -44.17
C GLU A 423 32.48 14.00 -43.43
N PHE A 424 31.46 14.75 -43.84
CA PHE A 424 31.12 16.02 -43.22
C PHE A 424 29.60 16.11 -43.10
N THR A 425 29.15 16.88 -42.11
CA THR A 425 27.73 17.08 -41.89
C THR A 425 27.22 18.18 -42.81
N VAL A 426 25.99 18.65 -42.56
CA VAL A 426 25.42 19.71 -43.39
C VAL A 426 26.20 21.01 -43.22
N ASN A 427 26.69 21.27 -42.00
CA ASN A 427 27.45 22.50 -41.75
C ASN A 427 28.91 22.40 -42.23
N GLY A 428 29.35 21.21 -42.63
CA GLY A 428 30.70 21.06 -43.13
C GLY A 428 31.77 21.02 -42.05
N ASP A 429 31.71 20.02 -41.19
CA ASP A 429 32.70 19.82 -40.14
C ASP A 429 33.19 18.39 -40.16
N PRO A 430 34.44 18.15 -39.78
CA PRO A 430 34.98 16.78 -39.81
C PRO A 430 34.31 15.92 -38.75
N VAL A 431 33.69 14.83 -39.18
CA VAL A 431 33.04 13.89 -38.28
C VAL A 431 34.11 13.02 -37.65
N LYS A 432 34.15 13.01 -36.31
CA LYS A 432 35.17 12.23 -35.60
C LYS A 432 34.79 10.75 -35.60
N LYS A 433 35.75 9.92 -35.99
CA LYS A 433 35.57 8.46 -36.01
C LYS A 433 36.77 7.80 -35.34
N VAL A 434 36.54 6.61 -34.82
CA VAL A 434 37.57 5.86 -34.11
C VAL A 434 37.68 4.47 -34.71
N ILE A 435 38.87 3.88 -34.59
CA ILE A 435 39.12 2.53 -35.09
C ILE A 435 38.61 1.55 -34.04
N CYS A 436 37.55 0.83 -34.38
CA CYS A 436 36.87 -0.06 -33.45
C CYS A 436 36.84 -1.48 -34.01
N THR A 437 37.23 -2.45 -33.20
CA THR A 437 37.29 -3.84 -33.63
C THR A 437 36.03 -4.57 -33.18
N GLY A 438 35.42 -5.32 -34.10
CA GLY A 438 34.19 -6.01 -33.80
C GLY A 438 34.00 -7.29 -34.58
N PRO A 439 33.00 -8.08 -34.19
CA PRO A 439 32.66 -9.28 -34.97
C PRO A 439 32.17 -8.91 -36.36
N ASN A 440 32.59 -9.71 -37.35
CA ASN A 440 32.24 -9.39 -38.73
C ASN A 440 30.77 -9.69 -39.01
N ASP A 441 30.29 -10.85 -38.58
CA ASP A 441 28.94 -11.31 -38.91
C ASP A 441 28.09 -11.33 -37.65
N THR A 442 26.95 -10.64 -37.69
CA THR A 442 26.03 -10.66 -36.56
C THR A 442 25.26 -11.97 -36.50
N SER A 443 25.09 -12.63 -37.64
CA SER A 443 24.32 -13.86 -37.69
C SER A 443 25.01 -14.95 -36.89
N PRO A 444 24.28 -15.65 -36.02
CA PRO A 444 24.91 -16.73 -35.24
C PRO A 444 25.31 -17.91 -36.13
N GLY A 445 26.26 -18.70 -35.63
CA GLY A 445 26.75 -19.84 -36.36
C GLY A 445 27.78 -19.53 -37.41
N SER A 446 28.43 -18.37 -37.33
CA SER A 446 29.46 -17.96 -38.27
C SER A 446 30.71 -17.56 -37.50
N PRO A 447 31.89 -17.72 -38.10
CA PRO A 447 33.14 -17.34 -37.42
C PRO A 447 33.23 -15.83 -37.27
N ARG A 448 33.26 -15.37 -36.03
CA ARG A 448 33.27 -13.93 -35.72
C ARG A 448 34.72 -13.43 -35.64
N HIS A 449 35.31 -13.24 -36.82
CA HIS A 449 36.65 -12.67 -36.89
C HIS A 449 36.62 -11.21 -36.45
N THR A 450 37.63 -10.81 -35.68
CA THR A 450 37.74 -9.44 -35.21
C THR A 450 38.19 -8.55 -36.37
N VAL A 451 37.25 -7.80 -36.94
CA VAL A 451 37.51 -6.90 -38.05
C VAL A 451 37.64 -5.48 -37.52
N PRO A 452 38.64 -4.72 -37.94
CA PRO A 452 38.79 -3.33 -37.47
C PRO A 452 37.99 -2.33 -38.29
N GLN A 453 36.71 -2.19 -38.01
CA GLN A 453 35.88 -1.20 -38.68
C GLN A 453 36.13 0.16 -38.04
N CYS A 454 35.35 1.17 -38.43
CA CYS A 454 35.41 2.48 -37.79
C CYS A 454 34.03 2.83 -37.25
N CYS A 455 34.01 3.30 -36.02
CA CYS A 455 32.78 3.67 -35.31
C CYS A 455 32.71 5.19 -35.16
N TYR A 456 31.50 5.72 -35.28
CA TYR A 456 31.27 7.15 -35.10
C TYR A 456 29.84 7.38 -34.63
N GLY A 457 29.52 8.64 -34.38
CA GLY A 457 28.17 9.00 -33.99
C GLY A 457 28.07 9.70 -32.65
N PHE A 458 26.97 9.46 -31.93
CA PHE A 458 26.71 10.15 -30.68
C PHE A 458 27.64 9.66 -29.58
N CYS A 459 27.62 8.36 -29.31
CA CYS A 459 28.39 7.81 -28.19
C CYS A 459 29.88 7.98 -28.42
N ILE A 460 30.35 7.82 -29.66
CA ILE A 460 31.77 7.98 -29.94
C ILE A 460 32.20 9.42 -29.68
N ASP A 461 31.40 10.40 -30.12
CA ASP A 461 31.74 11.79 -29.90
C ASP A 461 31.70 12.13 -28.40
N LEU A 462 30.74 11.55 -27.67
CA LEU A 462 30.70 11.76 -26.23
C LEU A 462 31.95 11.19 -25.55
N LEU A 463 32.39 10.00 -25.97
CA LEU A 463 33.60 9.42 -25.41
C LEU A 463 34.82 10.27 -25.74
N ILE A 464 34.88 10.80 -26.96
CA ILE A 464 35.99 11.68 -27.35
C ILE A 464 36.00 12.93 -26.49
N LYS A 465 34.82 13.51 -26.25
CA LYS A 465 34.73 14.68 -25.36
C LYS A 465 35.21 14.34 -23.95
N LEU A 466 34.81 13.18 -23.43
CA LEU A 466 35.25 12.77 -22.10
C LEU A 466 36.76 12.59 -22.06
N ALA A 467 37.34 12.00 -23.10
CA ALA A 467 38.78 11.84 -23.15
C ALA A 467 39.48 13.19 -23.27
N ARG A 468 38.84 14.17 -23.91
CA ARG A 468 39.42 15.51 -23.97
C ARG A 468 39.38 16.20 -22.61
N THR A 469 38.30 16.00 -21.86
CA THR A 469 38.20 16.61 -20.52
C THR A 469 39.28 16.07 -19.61
N MET A 470 39.24 14.78 -19.31
CA MET A 470 40.29 14.09 -18.57
C MET A 470 41.06 13.23 -19.57
N ASN A 471 42.38 13.44 -19.66
CA ASN A 471 43.14 12.81 -20.72
C ASN A 471 43.41 11.34 -20.41
N PHE A 472 42.87 10.45 -21.25
CA PHE A 472 43.11 9.03 -21.12
C PHE A 472 42.90 8.34 -22.47
N THR A 473 43.89 7.55 -22.88
CA THR A 473 43.80 6.85 -24.16
C THR A 473 42.74 5.76 -24.08
N TYR A 474 41.88 5.70 -25.10
CA TYR A 474 40.80 4.73 -25.16
C TYR A 474 41.00 3.78 -26.33
N GLU A 475 40.62 2.52 -26.11
CA GLU A 475 40.68 1.50 -27.14
C GLU A 475 39.27 0.91 -27.27
N VAL A 476 38.57 1.31 -28.33
CA VAL A 476 37.17 0.95 -28.49
C VAL A 476 37.07 -0.37 -29.24
N HIS A 477 36.18 -1.24 -28.78
CA HIS A 477 35.92 -2.50 -29.46
C HIS A 477 34.44 -2.86 -29.29
N LEU A 478 33.93 -3.65 -30.23
CA LEU A 478 32.54 -4.08 -30.15
C LEU A 478 32.43 -5.38 -29.38
N VAL A 479 31.28 -5.56 -28.73
CA VAL A 479 31.01 -6.80 -28.00
C VAL A 479 30.82 -7.94 -28.99
N ALA A 480 31.28 -9.13 -28.59
CA ALA A 480 31.18 -10.29 -29.47
C ALA A 480 29.74 -10.65 -29.78
N ASP A 481 28.86 -10.61 -28.78
CA ASP A 481 27.46 -10.94 -28.95
C ASP A 481 26.62 -9.67 -28.92
N GLY A 482 25.75 -9.52 -29.92
CA GLY A 482 24.96 -8.32 -30.07
C GLY A 482 23.93 -8.08 -28.97
N LYS A 483 23.64 -9.09 -28.16
CA LYS A 483 22.69 -8.92 -27.07
C LYS A 483 23.22 -7.90 -26.06
N PHE A 484 22.31 -7.10 -25.51
CA PHE A 484 22.73 -6.09 -24.53
C PHE A 484 23.28 -6.76 -23.28
N GLY A 485 22.65 -7.82 -22.80
CA GLY A 485 23.11 -8.50 -21.62
C GLY A 485 22.09 -8.51 -20.49
N THR A 486 21.57 -9.69 -20.17
CA THR A 486 20.59 -9.85 -19.11
C THR A 486 21.01 -11.02 -18.23
N GLN A 487 20.48 -11.05 -17.01
CA GLN A 487 20.72 -12.16 -16.09
C GLN A 487 20.06 -13.41 -16.67
N GLU A 488 20.87 -14.34 -17.18
CA GLU A 488 20.37 -15.52 -17.86
C GLU A 488 20.87 -16.78 -17.16
N ARG A 489 19.98 -17.77 -17.05
CA ARG A 489 20.32 -19.06 -16.45
C ARG A 489 20.90 -19.93 -17.55
N VAL A 490 22.22 -20.12 -17.52
CA VAL A 490 22.91 -20.94 -18.51
C VAL A 490 22.50 -22.40 -18.34
N ASN A 491 22.84 -23.23 -19.32
CA ASN A 491 22.51 -24.65 -19.24
C ASN A 491 23.08 -25.28 -17.98
N ASN A 492 24.21 -24.78 -17.49
CA ASN A 492 24.72 -25.19 -16.18
C ASN A 492 23.86 -24.57 -15.10
N SER A 493 23.18 -25.41 -14.31
CA SER A 493 22.23 -24.93 -13.33
C SER A 493 22.96 -24.30 -12.13
N ASN A 494 22.17 -23.62 -11.29
CA ASN A 494 22.66 -22.99 -10.07
C ASN A 494 23.76 -21.98 -10.35
N LYS A 495 23.55 -21.14 -11.37
CA LYS A 495 24.53 -20.12 -11.72
C LYS A 495 23.85 -19.05 -12.57
N LYS A 496 23.88 -17.81 -12.09
CA LYS A 496 23.43 -16.67 -12.88
C LYS A 496 24.64 -15.98 -13.51
N GLU A 497 24.57 -15.76 -14.82
CA GLU A 497 25.69 -15.22 -15.57
C GLU A 497 25.28 -13.98 -16.34
N TRP A 498 26.13 -12.97 -16.30
CA TRP A 498 25.97 -11.77 -17.13
C TRP A 498 26.68 -11.98 -18.46
N ASN A 499 26.00 -11.62 -19.54
CA ASN A 499 26.56 -11.77 -20.87
C ASN A 499 26.47 -10.47 -21.66
N GLY A 500 26.82 -10.52 -22.95
CA GLY A 500 26.87 -9.33 -23.76
C GLY A 500 27.99 -8.40 -23.33
N MET A 501 27.76 -7.09 -23.50
CA MET A 501 28.78 -6.12 -23.13
C MET A 501 29.00 -6.10 -21.63
N MET A 502 27.95 -6.40 -20.85
CA MET A 502 28.12 -6.52 -19.41
C MET A 502 28.88 -7.78 -19.04
N GLY A 503 28.73 -8.85 -19.83
CA GLY A 503 29.61 -9.98 -19.68
C GLY A 503 31.06 -9.62 -19.96
N GLU A 504 31.28 -8.74 -20.94
CA GLU A 504 32.62 -8.22 -21.20
C GLU A 504 33.14 -7.41 -20.01
N LEU A 505 32.29 -6.53 -19.47
CA LEU A 505 32.72 -5.57 -18.46
C LEU A 505 32.96 -6.22 -17.10
N LEU A 506 32.05 -7.09 -16.67
CA LEU A 506 32.15 -7.66 -15.32
C LEU A 506 33.25 -8.69 -15.24
N SER A 507 33.59 -9.33 -16.35
CA SER A 507 34.65 -10.33 -16.37
C SER A 507 36.05 -9.72 -16.41
N GLY A 508 36.15 -8.39 -16.47
CA GLY A 508 37.44 -7.74 -16.59
C GLY A 508 37.90 -7.49 -18.01
N GLN A 509 37.13 -7.93 -19.00
CA GLN A 509 37.49 -7.74 -20.39
C GLN A 509 37.12 -6.35 -20.91
N ALA A 510 36.51 -5.51 -20.08
CA ALA A 510 36.23 -4.12 -20.41
C ALA A 510 36.40 -3.27 -19.17
N ASP A 511 36.66 -1.99 -19.39
CA ASP A 511 36.86 -1.05 -18.29
C ASP A 511 35.80 0.04 -18.20
N MET A 512 35.15 0.39 -19.30
CA MET A 512 34.09 1.39 -19.31
C MET A 512 33.22 1.12 -20.53
N ILE A 513 31.92 1.42 -20.40
CA ILE A 513 30.96 1.15 -21.46
C ILE A 513 30.27 2.47 -21.83
N VAL A 514 30.19 2.73 -23.13
CA VAL A 514 29.47 3.89 -23.66
C VAL A 514 28.51 3.37 -24.74
N ALA A 515 27.23 3.36 -24.42
CA ALA A 515 26.21 2.81 -25.29
C ALA A 515 24.85 3.26 -24.78
N PRO A 516 23.82 3.28 -25.63
CA PRO A 516 22.47 3.58 -25.15
C PRO A 516 21.93 2.47 -24.27
N LEU A 517 22.43 2.40 -23.04
CA LEU A 517 22.11 1.32 -22.11
C LEU A 517 21.06 1.80 -21.12
N THR A 518 19.92 1.12 -21.09
CA THR A 518 18.84 1.50 -20.18
C THR A 518 19.21 1.10 -18.75
N ILE A 519 18.94 2.00 -17.81
CA ILE A 519 19.27 1.74 -16.40
C ILE A 519 18.06 1.13 -15.71
N ASN A 520 18.30 0.02 -15.01
CA ASN A 520 17.25 -0.63 -14.22
C ASN A 520 17.86 -1.17 -12.94
N ASN A 521 16.99 -1.77 -12.11
CA ASN A 521 17.42 -2.24 -10.80
C ASN A 521 18.46 -3.35 -10.92
N GLU A 522 18.24 -4.32 -11.80
CA GLU A 522 19.16 -5.45 -11.91
C GLU A 522 20.54 -4.97 -12.33
N ARG A 523 20.61 -4.05 -13.30
CA ARG A 523 21.90 -3.54 -13.74
C ARG A 523 22.55 -2.66 -12.69
N ALA A 524 21.75 -1.97 -11.88
CA ALA A 524 22.30 -1.15 -10.82
C ALA A 524 22.83 -1.99 -9.65
N GLN A 525 22.33 -3.21 -9.49
CA GLN A 525 22.79 -4.05 -8.39
C GLN A 525 24.28 -4.39 -8.53
N TYR A 526 24.72 -4.73 -9.72
CA TYR A 526 26.06 -5.26 -9.91
C TYR A 526 27.08 -4.21 -10.31
N ILE A 527 26.67 -3.14 -11.00
CA ILE A 527 27.57 -2.08 -11.41
C ILE A 527 26.93 -0.73 -11.10
N GLU A 528 27.77 0.29 -11.00
CA GLU A 528 27.32 1.65 -10.70
C GLU A 528 27.27 2.46 -11.98
N PHE A 529 26.19 3.21 -12.16
CA PHE A 529 25.99 4.01 -13.37
C PHE A 529 26.21 5.48 -13.07
N SER A 530 26.72 6.20 -14.07
CA SER A 530 26.88 7.63 -13.97
C SER A 530 25.55 8.33 -14.23
N LYS A 531 25.57 9.66 -14.20
CA LYS A 531 24.36 10.41 -14.50
C LYS A 531 23.97 10.20 -15.96
N PRO A 532 22.68 10.03 -16.24
CA PRO A 532 22.26 9.78 -17.63
C PRO A 532 22.62 10.92 -18.56
N PHE A 533 23.00 10.56 -19.78
CA PHE A 533 23.32 11.53 -20.82
C PHE A 533 22.20 11.71 -21.84
N LYS A 534 21.13 10.92 -21.72
CA LYS A 534 19.98 11.06 -22.62
C LYS A 534 18.78 10.42 -21.96
N TYR A 535 17.79 11.22 -21.61
CA TYR A 535 16.57 10.71 -20.97
C TYR A 535 15.57 10.29 -22.03
N GLN A 536 14.97 9.11 -21.84
CA GLN A 536 14.13 8.50 -22.84
C GLN A 536 13.19 7.51 -22.14
N GLY A 537 12.51 6.69 -22.93
CA GLY A 537 11.62 5.69 -22.38
C GLY A 537 11.23 4.69 -23.45
N LEU A 538 10.54 3.64 -23.01
CA LEU A 538 10.08 2.61 -23.92
C LEU A 538 8.85 3.08 -24.68
N THR A 539 8.70 2.62 -25.92
CA THR A 539 7.57 2.99 -26.75
C THR A 539 7.44 2.00 -27.90
N ILE A 540 6.45 2.25 -28.75
CA ILE A 540 6.04 1.34 -29.81
C ILE A 540 6.25 2.03 -31.16
N LEU A 541 6.88 1.32 -32.08
CA LEU A 541 7.04 1.77 -33.46
C LEU A 541 6.22 0.85 -34.36
N VAL A 542 5.46 1.44 -35.29
CA VAL A 542 4.63 0.68 -36.21
C VAL A 542 4.83 1.23 -37.62
N LYS A 543 4.66 0.34 -38.60
CA LYS A 543 4.72 0.74 -40.00
C LYS A 543 3.50 1.58 -40.34
N LYS A 544 3.73 2.79 -40.82
CA LYS A 544 2.64 3.67 -41.17
C LYS A 544 1.85 3.11 -42.34
N GLU A 545 0.53 3.10 -42.22
CA GLU A 545 -0.35 2.57 -43.26
C GLU A 545 -0.68 3.71 -44.21
N ILE A 546 0.00 3.74 -45.35
CA ILE A 546 -0.28 4.76 -46.37
C ILE A 546 -1.66 4.52 -46.94
N PRO A 547 -2.48 5.55 -47.14
CA PRO A 547 -3.81 5.34 -47.71
C PRO A 547 -3.75 4.82 -49.14
N ARG A 548 -4.72 3.98 -49.47
CA ARG A 548 -4.83 3.38 -50.80
C ARG A 548 -6.11 3.89 -51.46
N SER A 549 -5.98 4.40 -52.68
CA SER A 549 -7.10 4.97 -53.42
C SER A 549 -7.46 4.02 -54.55
N THR A 550 -8.69 3.51 -54.51
CA THR A 550 -9.18 2.61 -55.54
C THR A 550 -9.74 3.40 -56.72
N LEU A 551 -9.97 2.69 -57.83
CA LEU A 551 -10.48 3.34 -59.03
C LEU A 551 -11.94 3.77 -58.88
N ASP A 552 -12.70 3.09 -58.02
CA ASP A 552 -14.11 3.37 -57.82
C ASP A 552 -14.36 4.37 -56.70
N SER A 553 -13.41 5.26 -56.42
CA SER A 553 -13.56 6.21 -55.33
C SER A 553 -14.72 7.16 -55.60
N PHE A 554 -14.90 7.59 -56.85
CA PHE A 554 -15.96 8.55 -57.17
C PHE A 554 -17.33 7.94 -56.93
N MET A 555 -17.51 6.67 -57.27
CA MET A 555 -18.79 5.98 -57.09
C MET A 555 -18.84 5.17 -55.81
N GLN A 556 -17.86 5.34 -54.92
CA GLN A 556 -17.84 4.56 -53.68
C GLN A 556 -19.07 4.78 -52.79
N PRO A 557 -19.52 6.01 -52.52
CA PRO A 557 -20.64 6.16 -51.58
C PRO A 557 -21.92 5.47 -51.98
N PHE A 558 -22.24 5.41 -53.26
CA PHE A 558 -23.44 4.70 -53.70
C PHE A 558 -23.13 3.24 -54.03
N GLN A 559 -24.04 2.37 -53.61
CA GLN A 559 -23.93 0.94 -53.90
C GLN A 559 -24.15 0.70 -55.39
N SER A 560 -23.56 -0.39 -55.89
CA SER A 560 -23.76 -0.76 -57.29
C SER A 560 -25.23 -1.05 -57.57
N THR A 561 -25.90 -1.72 -56.63
CA THR A 561 -27.34 -1.94 -56.77
C THR A 561 -28.09 -0.62 -56.81
N LEU A 562 -27.67 0.35 -55.97
CA LEU A 562 -28.30 1.67 -56.00
C LEU A 562 -28.09 2.35 -57.34
N TRP A 563 -26.88 2.24 -57.90
CA TRP A 563 -26.61 2.83 -59.21
C TRP A 563 -27.49 2.20 -60.28
N LEU A 564 -27.62 0.87 -60.26
CA LEU A 564 -28.46 0.19 -61.23
C LEU A 564 -29.92 0.61 -61.07
N LEU A 565 -30.41 0.71 -59.83
CA LEU A 565 -31.79 1.09 -59.60
C LEU A 565 -32.06 2.51 -60.10
N VAL A 566 -31.15 3.45 -59.79
CA VAL A 566 -31.39 4.82 -60.22
C VAL A 566 -31.29 4.93 -61.74
N GLY A 567 -30.40 4.17 -62.36
CA GLY A 567 -30.33 4.18 -63.82
C GLY A 567 -31.58 3.63 -64.47
N LEU A 568 -32.11 2.52 -63.95
CA LEU A 568 -33.34 1.96 -64.48
C LEU A 568 -34.52 2.92 -64.29
N SER A 569 -34.57 3.57 -63.12
CA SER A 569 -35.61 4.56 -62.88
C SER A 569 -35.48 5.72 -63.86
N VAL A 570 -34.25 6.18 -64.09
CA VAL A 570 -34.02 7.24 -65.07
C VAL A 570 -34.57 6.85 -66.44
N HIS A 571 -34.23 5.64 -66.88
CA HIS A 571 -34.65 5.21 -68.21
C HIS A 571 -36.17 5.11 -68.31
N VAL A 572 -36.81 4.52 -67.30
CA VAL A 572 -38.26 4.31 -67.38
C VAL A 572 -39.01 5.63 -67.29
N VAL A 573 -38.59 6.54 -66.40
CA VAL A 573 -39.27 7.82 -66.34
C VAL A 573 -39.03 8.61 -67.61
N ALA A 574 -37.81 8.53 -68.17
CA ALA A 574 -37.50 9.27 -69.38
C ALA A 574 -38.35 8.81 -70.54
N VAL A 575 -38.57 7.50 -70.67
CA VAL A 575 -39.43 7.03 -71.75
C VAL A 575 -40.88 7.42 -71.50
N MET A 576 -41.34 7.36 -70.25
CA MET A 576 -42.75 7.66 -70.02
C MET A 576 -43.07 9.15 -70.08
N LEU A 577 -42.08 10.05 -69.95
CA LEU A 577 -42.32 11.45 -70.30
C LEU A 577 -42.94 11.57 -71.68
N TYR A 578 -42.22 11.14 -72.73
CA TYR A 578 -42.79 11.31 -74.05
C TYR A 578 -43.90 10.31 -74.33
N LEU A 579 -43.97 9.21 -73.58
CA LEU A 579 -45.13 8.32 -73.70
C LEU A 579 -46.41 9.05 -73.30
N LEU A 580 -46.36 9.83 -72.22
CA LEU A 580 -47.53 10.60 -71.82
C LEU A 580 -47.73 11.84 -72.69
N ASP A 581 -46.62 12.46 -73.12
CA ASP A 581 -46.73 13.73 -73.84
C ASP A 581 -47.22 13.52 -75.27
N ARG A 582 -46.89 12.38 -75.88
CA ARG A 582 -47.28 12.16 -77.28
C ARG A 582 -48.79 12.11 -77.43
N PHE A 583 -49.48 11.45 -76.51
CA PHE A 583 -50.94 11.35 -76.56
C PHE A 583 -51.62 12.48 -75.78
N SER A 584 -51.24 13.71 -76.11
CA SER A 584 -51.81 14.90 -75.46
C SER A 584 -52.30 15.86 -76.54
N PRO A 585 -53.58 15.80 -76.91
CA PRO A 585 -54.09 16.74 -77.93
C PRO A 585 -53.96 18.19 -77.52
N PHE A 586 -54.09 18.50 -76.23
CA PHE A 586 -53.99 19.87 -75.75
C PHE A 586 -52.54 20.36 -75.79
N LEU A 601 -42.35 17.27 -77.44
CA LEU A 601 -41.45 16.37 -76.73
C LEU A 601 -41.42 15.00 -77.41
N THR A 602 -40.23 14.58 -77.82
CA THR A 602 -40.03 13.31 -78.51
C THR A 602 -39.02 12.47 -77.73
N LEU A 603 -38.61 11.35 -78.35
CA LEU A 603 -37.65 10.45 -77.73
C LEU A 603 -36.37 11.19 -77.31
N SER A 604 -35.68 11.78 -78.28
CA SER A 604 -34.41 12.45 -77.99
C SER A 604 -34.61 13.64 -77.05
N SER A 605 -35.64 14.44 -77.29
CA SER A 605 -35.86 15.63 -76.47
C SER A 605 -36.12 15.26 -75.01
N ALA A 606 -37.03 14.30 -74.79
CA ALA A 606 -37.33 13.88 -73.42
C ALA A 606 -36.13 13.22 -72.78
N MET A 607 -35.38 12.42 -73.54
CA MET A 607 -34.19 11.77 -73.00
C MET A 607 -33.18 12.81 -72.52
N TRP A 608 -32.88 13.79 -73.38
CA TRP A 608 -31.89 14.80 -73.03
C TRP A 608 -32.38 15.70 -71.90
N PHE A 609 -33.68 16.01 -71.86
CA PHE A 609 -34.23 16.74 -70.72
C PHE A 609 -34.04 15.96 -69.43
N SER A 610 -34.30 14.66 -69.47
CA SER A 610 -34.13 13.83 -68.28
C SER A 610 -32.68 13.86 -67.81
N TRP A 611 -31.73 13.64 -68.73
CA TRP A 611 -30.32 13.67 -68.34
C TRP A 611 -29.92 15.04 -67.80
N GLY A 612 -30.38 16.12 -68.44
CA GLY A 612 -30.00 17.45 -67.99
C GLY A 612 -30.53 17.76 -66.60
N VAL A 613 -31.79 17.43 -66.33
CA VAL A 613 -32.37 17.76 -65.03
C VAL A 613 -31.78 16.86 -63.94
N LEU A 614 -31.48 15.60 -64.26
CA LEU A 614 -30.82 14.76 -63.25
C LEU A 614 -29.35 15.09 -63.10
N LEU A 615 -28.79 15.87 -64.04
CA LEU A 615 -27.36 16.09 -64.12
C LEU A 615 -26.96 17.51 -63.76
N ASN A 616 -27.93 18.40 -63.49
CA ASN A 616 -27.65 19.81 -63.16
C ASN A 616 -26.87 20.49 -64.29
N SER A 617 -27.20 20.14 -65.53
CA SER A 617 -26.54 20.71 -66.70
C SER A 617 -27.49 21.48 -67.59
N GLY A 618 -28.63 20.89 -67.96
CA GLY A 618 -29.57 21.53 -68.85
C GLY A 618 -29.34 21.26 -70.31
N ILE A 619 -28.92 20.03 -70.66
CA ILE A 619 -28.63 19.71 -72.05
C ILE A 619 -29.89 19.75 -72.90
N GLY A 620 -30.99 19.19 -72.39
CA GLY A 620 -32.23 19.18 -73.14
C GLY A 620 -33.04 20.44 -72.95
N GLU A 621 -33.03 21.32 -73.96
CA GLU A 621 -33.77 22.57 -73.88
C GLU A 621 -35.25 22.43 -74.19
N GLY A 622 -35.66 21.32 -74.82
CA GLY A 622 -37.07 21.07 -74.99
C GLY A 622 -37.75 20.87 -73.65
N ALA A 623 -39.00 21.32 -73.57
CA ALA A 623 -39.67 21.36 -72.28
C ALA A 623 -40.98 20.60 -72.34
N PRO A 624 -41.42 20.03 -71.22
CA PRO A 624 -42.73 19.38 -71.18
C PRO A 624 -43.85 20.39 -71.40
N ARG A 625 -44.96 19.91 -71.97
CA ARG A 625 -46.06 20.78 -72.36
C ARG A 625 -47.33 20.53 -71.57
N SER A 626 -47.73 19.28 -71.41
CA SER A 626 -48.94 18.98 -70.65
C SER A 626 -48.72 19.23 -69.17
N PHE A 627 -49.83 19.49 -68.46
CA PHE A 627 -49.75 19.80 -67.03
C PHE A 627 -49.17 18.62 -66.24
N SER A 628 -49.63 17.41 -66.57
CA SER A 628 -49.09 16.23 -65.91
C SER A 628 -47.60 16.10 -66.16
N ALA A 629 -47.17 16.36 -67.40
CA ALA A 629 -45.73 16.33 -67.70
C ALA A 629 -44.98 17.41 -66.94
N ARG A 630 -45.59 18.59 -66.76
CA ARG A 630 -44.94 19.66 -65.99
C ARG A 630 -44.73 19.23 -64.54
N ILE A 631 -45.77 18.70 -63.92
CA ILE A 631 -45.66 18.25 -62.53
C ILE A 631 -44.64 17.12 -62.43
N LEU A 632 -44.65 16.20 -63.41
CA LEU A 632 -43.69 15.11 -63.44
C LEU A 632 -42.26 15.63 -63.53
N GLY A 633 -42.02 16.62 -64.38
CA GLY A 633 -40.69 17.18 -64.50
C GLY A 633 -40.24 17.87 -63.23
N MET A 634 -41.14 18.61 -62.59
CA MET A 634 -40.78 19.25 -61.32
C MET A 634 -40.44 18.22 -60.25
N VAL A 635 -41.23 17.15 -60.15
CA VAL A 635 -40.96 16.13 -59.14
C VAL A 635 -39.65 15.39 -59.45
N TRP A 636 -39.39 15.14 -60.74
CA TRP A 636 -38.13 14.50 -61.10
C TRP A 636 -36.94 15.40 -60.80
N ALA A 637 -37.07 16.71 -61.02
CA ALA A 637 -36.01 17.63 -60.65
C ALA A 637 -35.76 17.61 -59.15
N GLY A 638 -36.84 17.60 -58.35
CA GLY A 638 -36.68 17.49 -56.91
C GLY A 638 -36.00 16.20 -56.49
N PHE A 639 -36.40 15.09 -57.10
CA PHE A 639 -35.76 13.81 -56.80
C PHE A 639 -34.29 13.82 -57.18
N ALA A 640 -33.96 14.44 -58.31
CA ALA A 640 -32.56 14.56 -58.72
C ALA A 640 -31.76 15.37 -57.71
N MET A 641 -32.33 16.47 -57.22
CA MET A 641 -31.63 17.26 -56.21
C MET A 641 -31.45 16.46 -54.94
N ILE A 642 -32.47 15.70 -54.54
CA ILE A 642 -32.35 14.88 -53.34
C ILE A 642 -31.24 13.85 -53.51
N ILE A 643 -31.17 13.22 -54.68
CA ILE A 643 -30.14 12.21 -54.94
C ILE A 643 -28.76 12.85 -54.86
N VAL A 644 -28.57 13.99 -55.53
CA VAL A 644 -27.25 14.59 -55.57
C VAL A 644 -26.85 15.13 -54.19
N ALA A 645 -27.81 15.67 -53.43
CA ALA A 645 -27.51 16.15 -52.08
C ALA A 645 -27.13 15.00 -51.16
N SER A 646 -27.86 13.88 -51.23
CA SER A 646 -27.52 12.73 -50.41
C SER A 646 -26.16 12.16 -50.81
N TYR A 647 -25.84 12.21 -52.11
CA TYR A 647 -24.55 11.69 -52.57
C TYR A 647 -23.41 12.58 -52.09
N THR A 648 -23.61 13.90 -52.12
CA THR A 648 -22.63 14.80 -51.55
C THR A 648 -22.46 14.57 -50.05
N ALA A 649 -23.57 14.36 -49.34
CA ALA A 649 -23.51 14.09 -47.92
C ALA A 649 -22.74 12.80 -47.63
N ASN A 650 -22.95 11.77 -48.46
CA ASN A 650 -22.26 10.51 -48.25
C ASN A 650 -20.78 10.62 -48.58
N LEU A 651 -20.42 11.41 -49.59
CA LEU A 651 -19.01 11.73 -49.80
C LEU A 651 -18.43 12.42 -48.58
N ALA A 652 -19.16 13.38 -48.01
CA ALA A 652 -18.66 14.09 -46.84
C ALA A 652 -18.46 13.14 -45.66
N ALA A 653 -19.41 12.23 -45.45
CA ALA A 653 -19.29 11.26 -44.36
C ALA A 653 -18.13 10.30 -44.57
N PHE A 654 -17.98 9.79 -45.79
CA PHE A 654 -16.95 8.78 -46.05
C PHE A 654 -15.55 9.40 -46.04
N LEU A 655 -15.41 10.62 -46.57
CA LEU A 655 -14.10 11.26 -46.64
C LEU A 655 -13.57 11.57 -45.24
N VAL A 656 -14.42 12.06 -44.36
CA VAL A 656 -13.97 12.41 -43.01
C VAL A 656 -13.95 11.17 -42.13
N LEU A 657 -13.18 11.25 -41.05
CA LEU A 657 -13.05 10.17 -40.07
C LEU A 657 -12.60 8.87 -40.74
N ASP A 658 -11.68 9.02 -41.69
CA ASP A 658 -11.21 7.89 -42.50
C ASP A 658 -9.89 7.40 -41.89
N ARG A 659 -9.99 6.42 -41.00
CA ARG A 659 -8.81 5.82 -40.38
C ARG A 659 -9.17 4.38 -40.03
N PRO A 660 -8.60 3.39 -40.73
CA PRO A 660 -8.97 1.99 -40.42
C PRO A 660 -8.47 1.51 -39.07
N GLU A 661 -7.24 1.88 -38.69
CA GLU A 661 -6.74 1.51 -37.38
C GLU A 661 -6.27 2.74 -36.59
N GLU A 662 -7.06 3.20 -35.62
CA GLU A 662 -6.86 4.50 -34.96
C GLU A 662 -5.42 4.63 -34.48
N ARG A 663 -4.98 3.85 -33.48
CA ARG A 663 -3.67 3.97 -32.86
C ARG A 663 -3.47 2.85 -31.85
N ILE A 664 -2.26 2.80 -31.30
CA ILE A 664 -1.97 1.98 -30.13
C ILE A 664 -1.85 2.91 -28.92
N THR A 665 -2.71 2.69 -27.92
CA THR A 665 -2.72 3.54 -26.73
C THR A 665 -1.69 3.03 -25.72
N GLY A 666 -0.42 3.12 -26.13
CA GLY A 666 0.66 2.63 -25.30
C GLY A 666 0.54 1.14 -25.07
N ILE A 667 0.83 0.71 -23.83
CA ILE A 667 0.70 -0.69 -23.46
C ILE A 667 -0.72 -1.05 -23.06
N ASN A 668 -1.52 -0.08 -22.64
CA ASN A 668 -2.88 -0.32 -22.19
C ASN A 668 -3.86 -0.56 -23.33
N ASP A 669 -3.37 -0.69 -24.56
CA ASP A 669 -4.25 -0.98 -25.69
C ASP A 669 -4.85 -2.37 -25.52
N PRO A 670 -6.17 -2.49 -25.50
CA PRO A 670 -6.78 -3.83 -25.39
C PRO A 670 -6.36 -4.79 -26.50
N ARG A 671 -6.22 -4.29 -27.73
CA ARG A 671 -5.71 -5.14 -28.80
C ARG A 671 -4.28 -5.59 -28.51
N LEU A 672 -3.46 -4.68 -28.00
CA LEU A 672 -2.11 -5.07 -27.58
C LEU A 672 -2.16 -5.96 -26.34
N ARG A 673 -3.15 -5.73 -25.47
CA ARG A 673 -3.24 -6.52 -24.23
C ARG A 673 -3.48 -7.99 -24.52
N ASN A 674 -4.34 -8.30 -25.49
CA ASN A 674 -4.67 -9.68 -25.80
C ASN A 674 -3.82 -10.15 -26.96
N PRO A 675 -2.92 -11.11 -26.77
CA PRO A 675 -2.14 -11.64 -27.89
C PRO A 675 -3.04 -12.30 -28.92
N SER A 676 -2.63 -12.20 -30.18
CA SER A 676 -3.36 -12.82 -31.29
C SER A 676 -2.36 -13.23 -32.36
N ASP A 677 -2.83 -14.10 -33.27
CA ASP A 677 -1.95 -14.60 -34.33
C ASP A 677 -1.63 -13.54 -35.37
N LYS A 678 -2.64 -12.74 -35.77
CA LYS A 678 -2.41 -11.76 -36.83
C LYS A 678 -1.62 -10.56 -36.31
N PHE A 679 -1.86 -10.15 -35.08
CA PHE A 679 -1.17 -9.00 -34.49
C PHE A 679 0.14 -9.50 -33.88
N ILE A 680 1.17 -9.56 -34.71
CA ILE A 680 2.48 -10.06 -34.30
C ILE A 680 3.32 -8.84 -33.90
N TYR A 681 3.61 -8.74 -32.62
CA TYR A 681 4.35 -7.63 -32.05
C TYR A 681 5.50 -8.17 -31.21
N ALA A 682 6.67 -7.55 -31.32
CA ALA A 682 7.87 -8.11 -30.72
C ALA A 682 8.81 -7.00 -30.27
N THR A 683 9.96 -7.42 -29.75
CA THR A 683 11.03 -6.54 -29.31
C THR A 683 12.35 -7.29 -29.40
N VAL A 684 13.44 -6.60 -29.10
CA VAL A 684 14.75 -7.21 -29.19
C VAL A 684 14.93 -8.22 -28.06
N LYS A 685 15.35 -9.43 -28.42
CA LYS A 685 15.56 -10.48 -27.42
C LYS A 685 16.71 -10.12 -26.49
N GLN A 686 16.55 -10.45 -25.21
CA GLN A 686 17.62 -10.38 -24.22
C GLN A 686 18.17 -8.96 -24.11
N SER A 687 17.31 -8.05 -23.67
CA SER A 687 17.67 -6.64 -23.53
C SER A 687 16.93 -6.08 -22.31
N SER A 688 17.02 -4.76 -22.14
CA SER A 688 16.36 -4.11 -21.02
C SER A 688 14.85 -4.24 -21.11
N VAL A 689 14.30 -4.15 -22.33
CA VAL A 689 12.87 -4.30 -22.51
C VAL A 689 12.41 -5.68 -22.08
N ASP A 690 13.21 -6.71 -22.36
CA ASP A 690 12.86 -8.06 -21.93
C ASP A 690 12.85 -8.17 -20.41
N ILE A 691 13.83 -7.58 -19.74
CA ILE A 691 13.88 -7.62 -18.28
C ILE A 691 12.67 -6.89 -17.70
N TYR A 692 12.36 -5.72 -18.24
CA TYR A 692 11.21 -4.95 -17.74
C TYR A 692 9.91 -5.72 -17.95
N PHE A 693 9.77 -6.37 -19.11
CA PHE A 693 8.57 -7.16 -19.36
C PHE A 693 8.47 -8.35 -18.41
N ARG A 694 9.60 -9.02 -18.15
CA ARG A 694 9.58 -10.23 -17.32
C ARG A 694 9.32 -9.90 -15.86
N ARG A 695 9.99 -8.88 -15.32
CA ARG A 695 9.98 -8.68 -13.88
C ARG A 695 8.62 -8.18 -13.37
N GLN A 696 7.99 -7.25 -14.09
CA GLN A 696 6.75 -6.66 -13.60
C GLN A 696 5.62 -7.66 -13.85
N VAL A 697 4.89 -8.00 -12.77
CA VAL A 697 4.08 -9.22 -12.77
C VAL A 697 2.87 -9.11 -13.69
N GLU A 698 2.18 -7.96 -13.67
CA GLU A 698 0.91 -7.86 -14.39
C GLU A 698 1.08 -8.05 -15.89
N LEU A 699 2.25 -7.69 -16.43
CA LEU A 699 2.50 -7.69 -17.86
C LEU A 699 2.94 -9.07 -18.36
N SER A 700 2.96 -10.07 -17.48
CA SER A 700 3.60 -11.35 -17.80
C SER A 700 2.89 -12.08 -18.94
N THR A 701 1.57 -11.89 -19.08
CA THR A 701 0.90 -12.49 -20.23
C THR A 701 1.45 -11.96 -21.54
N MET A 702 1.75 -10.65 -21.58
CA MET A 702 2.48 -10.07 -22.69
C MET A 702 3.82 -10.78 -22.89
N TYR A 703 4.49 -11.09 -21.78
CA TYR A 703 5.74 -11.85 -21.85
C TYR A 703 5.54 -13.21 -22.50
N ARG A 704 4.35 -13.80 -22.33
CA ARG A 704 4.06 -15.07 -22.99
C ARG A 704 4.19 -14.96 -24.50
N HIS A 705 3.88 -13.79 -25.07
CA HIS A 705 4.07 -13.62 -26.50
C HIS A 705 5.54 -13.42 -26.86
N MET A 706 6.31 -12.84 -25.93
CA MET A 706 7.67 -12.39 -26.26
C MET A 706 8.53 -13.54 -26.76
N GLU A 707 8.58 -14.65 -26.02
CA GLU A 707 9.43 -15.76 -26.43
C GLU A 707 8.97 -16.39 -27.74
N LYS A 708 7.74 -16.13 -28.17
CA LYS A 708 7.27 -16.69 -29.43
C LYS A 708 8.00 -16.08 -30.62
N HIS A 709 8.24 -14.77 -30.58
CA HIS A 709 8.89 -14.07 -31.68
C HIS A 709 9.85 -13.03 -31.11
N ASN A 710 11.11 -13.10 -31.51
CA ASN A 710 12.12 -12.13 -31.10
C ASN A 710 13.11 -11.95 -32.23
N TYR A 711 13.90 -10.88 -32.14
CA TYR A 711 14.92 -10.58 -33.14
C TYR A 711 16.26 -10.33 -32.45
N GLU A 712 17.33 -10.71 -33.14
CA GLU A 712 18.67 -10.65 -32.54
C GLU A 712 19.07 -9.20 -32.26
N SER A 713 18.80 -8.29 -33.19
CA SER A 713 19.22 -6.91 -33.05
C SER A 713 18.08 -5.99 -33.47
N ALA A 714 18.23 -4.70 -33.18
CA ALA A 714 17.20 -3.72 -33.52
C ALA A 714 17.08 -3.56 -35.03
N ALA A 715 18.18 -3.70 -35.77
CA ALA A 715 18.12 -3.54 -37.22
C ALA A 715 17.23 -4.59 -37.86
N GLU A 716 17.34 -5.84 -37.41
CA GLU A 716 16.47 -6.89 -37.95
C GLU A 716 15.01 -6.62 -37.62
N ALA A 717 14.74 -6.15 -36.40
CA ALA A 717 13.36 -5.86 -36.01
C ALA A 717 12.76 -4.74 -36.85
N ILE A 718 13.52 -3.65 -37.04
CA ILE A 718 12.99 -2.54 -37.81
C ILE A 718 12.85 -2.92 -39.29
N GLN A 719 13.75 -3.77 -39.79
CA GLN A 719 13.59 -4.25 -41.17
C GLN A 719 12.33 -5.10 -41.31
N ALA A 720 12.06 -5.95 -40.32
CA ALA A 720 10.83 -6.74 -40.34
C ALA A 720 9.59 -5.86 -40.27
N VAL A 721 9.63 -4.81 -39.44
CA VAL A 721 8.51 -3.89 -39.36
C VAL A 721 8.30 -3.19 -40.70
N ARG A 722 9.40 -2.77 -41.34
CA ARG A 722 9.29 -2.16 -42.66
C ARG A 722 8.73 -3.13 -43.68
N ASP A 723 9.14 -4.40 -43.62
CA ASP A 723 8.65 -5.42 -44.52
C ASP A 723 7.30 -6.01 -44.09
N ASN A 724 6.61 -5.35 -43.17
CA ASN A 724 5.29 -5.74 -42.68
C ASN A 724 5.28 -7.10 -42.01
N LYS A 725 6.44 -7.68 -41.71
CA LYS A 725 6.48 -8.95 -40.99
C LYS A 725 6.09 -8.77 -39.53
N LEU A 726 6.35 -7.60 -38.95
CA LEU A 726 5.97 -7.30 -37.59
C LEU A 726 4.93 -6.19 -37.56
N HIS A 727 3.98 -6.29 -36.63
CA HIS A 727 2.95 -5.27 -36.46
C HIS A 727 3.35 -4.18 -35.49
N ALA A 728 4.27 -4.46 -34.56
CA ALA A 728 4.70 -3.47 -33.59
C ALA A 728 6.06 -3.87 -33.04
N PHE A 729 6.91 -2.87 -32.82
CA PHE A 729 8.24 -3.08 -32.25
C PHE A 729 8.35 -2.26 -30.98
N ILE A 730 8.73 -2.92 -29.89
CA ILE A 730 8.88 -2.25 -28.59
C ILE A 730 10.36 -1.90 -28.43
N TRP A 731 10.66 -0.62 -28.25
CA TRP A 731 12.05 -0.21 -28.13
C TRP A 731 12.14 1.19 -27.54
N ASP A 732 13.37 1.65 -27.35
CA ASP A 732 13.61 2.95 -26.73
C ASP A 732 13.07 4.09 -27.58
N SER A 733 12.63 5.16 -26.92
CA SER A 733 12.02 6.27 -27.62
C SER A 733 13.01 6.98 -28.54
N ALA A 734 14.27 7.14 -28.09
CA ALA A 734 15.24 7.86 -28.90
C ALA A 734 15.53 7.13 -30.20
N VAL A 735 15.81 5.81 -30.11
CA VAL A 735 16.15 5.04 -31.29
C VAL A 735 14.98 5.00 -32.26
N LEU A 736 13.77 4.73 -31.75
CA LEU A 736 12.62 4.62 -32.62
C LEU A 736 12.26 5.97 -33.23
N GLU A 737 12.39 7.05 -32.47
CA GLU A 737 12.11 8.38 -33.01
C GLU A 737 13.10 8.74 -34.11
N PHE A 738 14.39 8.42 -33.90
CA PHE A 738 15.37 8.68 -34.95
C PHE A 738 15.08 7.85 -36.19
N GLU A 739 14.69 6.58 -36.00
CA GLU A 739 14.35 5.75 -37.15
C GLU A 739 13.14 6.30 -37.90
N ALA A 740 12.12 6.75 -37.16
CA ALA A 740 10.96 7.35 -37.81
C ALA A 740 11.35 8.61 -38.57
N SER A 741 12.26 9.40 -38.01
CA SER A 741 12.76 10.57 -38.73
C SER A 741 13.47 10.17 -40.01
N GLN A 742 14.27 9.10 -39.96
CA GLN A 742 14.96 8.60 -41.14
C GLN A 742 14.06 7.73 -42.01
N LYS A 743 13.60 6.60 -41.47
CA LYS A 743 12.62 5.80 -42.19
C LYS A 743 11.28 6.50 -42.14
N CYS A 744 11.00 7.31 -43.17
CA CYS A 744 9.88 8.25 -43.15
C CYS A 744 8.53 7.56 -43.26
N ASP A 745 8.50 6.25 -43.54
CA ASP A 745 7.26 5.50 -43.65
C ASP A 745 6.92 4.72 -42.38
N LEU A 746 7.65 4.96 -41.29
CA LEU A 746 7.38 4.33 -40.01
C LEU A 746 7.13 5.40 -38.96
N VAL A 747 6.23 5.12 -38.02
CA VAL A 747 5.77 6.11 -37.06
C VAL A 747 5.79 5.51 -35.66
N THR A 748 6.22 6.33 -34.69
CA THR A 748 6.18 5.95 -33.28
C THR A 748 4.90 6.53 -32.69
N THR A 749 4.01 5.65 -32.22
CA THR A 749 2.68 6.06 -31.76
C THR A 749 2.41 5.73 -30.31
N GLY A 750 3.08 4.74 -29.72
CA GLY A 750 2.78 4.37 -28.35
C GLY A 750 3.13 5.50 -27.39
N GLU A 751 2.31 5.63 -26.35
CA GLU A 751 2.56 6.64 -25.32
C GLU A 751 3.84 6.31 -24.57
N LEU A 752 4.62 7.33 -24.27
CA LEU A 752 5.90 7.15 -23.58
C LEU A 752 5.67 6.56 -22.20
N PHE A 753 6.41 5.51 -21.88
CA PHE A 753 6.31 4.82 -20.60
C PHE A 753 7.67 4.27 -20.21
N PHE A 754 7.80 3.91 -18.93
CA PHE A 754 9.05 3.42 -18.36
C PHE A 754 10.17 4.42 -18.59
N ARG A 755 9.99 5.61 -18.01
CA ARG A 755 10.96 6.68 -18.18
C ARG A 755 12.27 6.32 -17.49
N SER A 756 13.37 6.49 -18.20
CA SER A 756 14.70 6.21 -17.68
C SER A 756 15.71 7.02 -18.49
N GLY A 757 16.97 6.67 -18.36
CA GLY A 757 18.01 7.37 -19.10
C GLY A 757 19.12 6.43 -19.49
N PHE A 758 19.79 6.75 -20.60
CA PHE A 758 20.98 6.01 -21.00
C PHE A 758 22.15 6.44 -20.13
N GLY A 759 22.85 5.48 -19.56
CA GLY A 759 23.96 5.76 -18.67
C GLY A 759 25.19 5.00 -19.08
N ILE A 760 26.35 5.54 -18.70
CA ILE A 760 27.65 4.94 -19.00
C ILE A 760 28.10 4.25 -17.71
N GLY A 761 28.21 2.92 -17.77
CA GLY A 761 28.57 2.14 -16.61
C GLY A 761 30.04 1.75 -16.57
N MET A 762 30.50 1.44 -15.35
CA MET A 762 31.83 0.90 -15.11
C MET A 762 31.71 -0.17 -14.03
N ARG A 763 32.85 -0.56 -13.47
CA ARG A 763 32.88 -1.59 -12.45
C ARG A 763 32.22 -1.10 -11.16
N LYS A 764 32.15 -1.99 -10.17
CA LYS A 764 31.51 -1.67 -8.90
C LYS A 764 32.19 -0.47 -8.23
N ASP A 765 33.51 -0.49 -8.18
CA ASP A 765 34.30 0.61 -7.64
C ASP A 765 35.27 1.09 -8.71
N SER A 766 35.22 2.39 -9.01
CA SER A 766 36.09 2.96 -10.02
C SER A 766 36.37 4.41 -9.66
N PRO A 767 37.64 4.85 -9.75
CA PRO A 767 37.97 6.25 -9.45
C PRO A 767 37.33 7.25 -10.41
N TRP A 768 36.92 6.81 -11.60
CA TRP A 768 36.36 7.69 -12.62
C TRP A 768 34.96 8.19 -12.27
N LYS A 769 34.21 7.44 -11.46
CA LYS A 769 32.77 7.63 -11.38
C LYS A 769 32.39 9.06 -10.99
N GLN A 770 32.97 9.57 -9.89
CA GLN A 770 32.67 10.93 -9.48
C GLN A 770 33.09 11.93 -10.54
N ASN A 771 34.28 11.76 -11.10
CA ASN A 771 34.80 12.74 -12.05
C ASN A 771 34.05 12.67 -13.38
N VAL A 772 33.76 11.46 -13.87
CA VAL A 772 33.04 11.35 -15.13
C VAL A 772 31.61 11.86 -14.98
N SER A 773 31.00 11.60 -13.82
CA SER A 773 29.66 12.13 -13.56
C SER A 773 29.67 13.65 -13.51
N LEU A 774 30.68 14.23 -12.85
CA LEU A 774 30.78 15.68 -12.79
C LEU A 774 30.98 16.26 -14.18
N SER A 775 31.82 15.64 -15.00
CA SER A 775 32.09 16.15 -16.34
C SER A 775 30.86 16.04 -17.23
N ILE A 776 30.13 14.93 -17.14
CA ILE A 776 28.94 14.77 -17.97
C ILE A 776 27.84 15.72 -17.53
N LEU A 777 27.74 15.98 -16.22
CA LEU A 777 26.80 16.98 -15.74
C LEU A 777 27.17 18.37 -16.23
N LYS A 778 28.47 18.69 -16.24
CA LYS A 778 28.92 19.96 -16.79
C LYS A 778 28.59 20.07 -18.26
N SER A 779 28.77 18.99 -19.02
CA SER A 779 28.42 18.98 -20.43
C SER A 779 26.93 19.22 -20.62
N HIS A 780 26.10 18.63 -19.78
CA HIS A 780 24.67 18.92 -19.81
C HIS A 780 24.39 20.38 -19.50
N GLU A 781 25.12 20.94 -18.54
CA GLU A 781 24.87 22.32 -18.12
C GLU A 781 25.15 23.30 -19.25
N ASN A 782 26.26 23.13 -19.96
CA ASN A 782 26.61 24.03 -21.04
C ASN A 782 25.96 23.56 -22.33
N GLY A 783 26.29 24.20 -23.45
CA GLY A 783 25.69 23.87 -24.72
C GLY A 783 26.47 22.83 -25.51
N PHE A 784 26.57 21.61 -24.98
CA PHE A 784 27.28 20.52 -25.65
C PHE A 784 26.33 19.39 -26.05
N MET A 785 25.56 18.85 -25.10
CA MET A 785 24.63 17.78 -25.44
C MET A 785 23.56 18.26 -26.42
N GLU A 786 23.21 19.54 -26.37
CA GLU A 786 22.30 20.10 -27.37
C GLU A 786 22.91 20.05 -28.76
N ASP A 787 24.21 20.33 -28.87
CA ASP A 787 24.88 20.24 -30.17
C ASP A 787 24.87 18.82 -30.70
N LEU A 788 25.15 17.84 -29.84
CA LEU A 788 25.08 16.44 -30.25
C LEU A 788 23.68 16.05 -30.68
N ASP A 789 22.67 16.48 -29.91
CA ASP A 789 21.29 16.15 -30.26
C ASP A 789 20.90 16.77 -31.59
N LYS A 790 21.35 18.00 -31.85
CA LYS A 790 21.09 18.64 -33.14
C LYS A 790 21.77 17.89 -34.28
N THR A 791 23.04 17.53 -34.11
CA THR A 791 23.84 17.03 -35.21
C THR A 791 23.76 15.52 -35.39
N TRP A 792 23.07 14.80 -34.50
CA TRP A 792 22.95 13.36 -34.61
C TRP A 792 21.53 12.81 -34.49
N VAL A 793 20.60 13.57 -33.93
CA VAL A 793 19.24 13.10 -33.69
C VAL A 793 18.21 14.01 -34.36
N ARG A 794 18.36 15.32 -34.22
CA ARG A 794 17.28 16.25 -34.57
C ARG A 794 17.02 16.29 -36.07
N TYR A 795 18.08 16.22 -36.88
CA TYR A 795 17.91 16.42 -38.32
C TYR A 795 17.02 15.32 -38.92
N GLN A 796 16.13 15.72 -39.82
CA GLN A 796 15.19 14.80 -40.43
C GLN A 796 14.75 15.34 -41.78
N GLU A 797 14.18 14.45 -42.60
CA GLU A 797 13.73 14.80 -43.93
C GLU A 797 12.21 14.95 -44.04
N CYS A 798 11.46 14.00 -43.47
CA CYS A 798 10.01 14.10 -43.46
C CYS A 798 9.46 13.29 -42.29
N ASP A 799 8.47 13.86 -41.61
CA ASP A 799 7.81 13.20 -40.49
C ASP A 799 6.30 13.14 -40.60
N SER A 800 5.70 13.96 -41.46
CA SER A 800 4.25 13.97 -41.68
C SER A 800 3.48 14.17 -40.38
N ALA A 806 -2.63 18.56 -46.89
CA ALA A 806 -3.13 18.41 -48.25
C ALA A 806 -4.05 17.19 -48.36
N THR A 807 -5.18 17.36 -49.05
CA THR A 807 -6.15 16.29 -49.25
C THR A 807 -6.58 16.27 -50.70
N LEU A 808 -7.21 15.17 -51.09
CA LEU A 808 -7.71 14.97 -52.46
C LEU A 808 -6.63 15.22 -53.49
N THR A 809 -5.58 14.41 -53.46
CA THR A 809 -4.52 14.50 -54.45
C THR A 809 -4.98 13.87 -55.77
N PHE A 810 -4.11 13.96 -56.77
CA PHE A 810 -4.43 13.39 -58.08
C PHE A 810 -4.60 11.88 -58.00
N GLU A 811 -3.74 11.21 -57.23
CA GLU A 811 -3.84 9.76 -57.10
C GLU A 811 -5.07 9.34 -56.30
N ASN A 812 -5.68 10.28 -55.57
CA ASN A 812 -6.82 9.92 -54.72
C ASN A 812 -8.05 9.57 -55.56
N MET A 813 -8.38 10.40 -56.54
CA MET A 813 -9.52 10.14 -57.41
C MET A 813 -9.10 10.26 -58.88
N ALA A 814 -7.97 9.64 -59.23
CA ALA A 814 -7.58 9.54 -60.63
C ALA A 814 -8.66 8.85 -61.47
N GLY A 815 -9.62 8.21 -60.81
CA GLY A 815 -10.71 7.57 -61.53
C GLY A 815 -11.57 8.56 -62.32
N VAL A 816 -11.77 9.77 -61.80
CA VAL A 816 -12.59 10.73 -62.52
C VAL A 816 -11.90 11.19 -63.80
N PHE A 817 -10.60 11.46 -63.73
CA PHE A 817 -9.85 11.80 -64.93
C PHE A 817 -9.76 10.63 -65.90
N MET A 818 -9.63 9.41 -65.37
CA MET A 818 -9.66 8.24 -66.23
C MET A 818 -11.01 8.09 -66.93
N LEU A 819 -12.10 8.37 -66.23
CA LEU A 819 -13.42 8.33 -66.85
C LEU A 819 -13.57 9.39 -67.94
N VAL A 820 -13.08 10.60 -67.67
CA VAL A 820 -13.13 11.64 -68.69
C VAL A 820 -12.32 11.24 -69.92
N ALA A 821 -11.12 10.68 -69.70
CA ALA A 821 -10.30 10.23 -70.82
C ALA A 821 -10.99 9.09 -71.58
N GLY A 822 -11.64 8.18 -70.87
CA GLY A 822 -12.37 7.11 -71.53
C GLY A 822 -13.53 7.64 -72.36
N GLY A 823 -14.23 8.65 -71.85
CA GLY A 823 -15.25 9.31 -72.65
C GLY A 823 -14.67 9.96 -73.89
N ILE A 824 -13.51 10.60 -73.74
CA ILE A 824 -12.86 11.25 -74.89
C ILE A 824 -12.51 10.22 -75.95
N VAL A 825 -11.94 9.08 -75.53
CA VAL A 825 -11.52 8.07 -76.50
C VAL A 825 -12.70 7.27 -77.03
N ALA A 826 -13.83 7.26 -76.33
CA ALA A 826 -15.03 6.62 -76.85
C ALA A 826 -15.88 7.58 -77.69
N GLY A 827 -15.57 8.87 -77.68
CA GLY A 827 -16.28 9.80 -78.53
C GLY A 827 -16.14 9.49 -80.00
N ILE A 828 -14.96 8.98 -80.40
CA ILE A 828 -14.78 8.59 -81.80
C ILE A 828 -15.67 7.40 -82.14
N PHE A 829 -15.79 6.44 -81.23
CA PHE A 829 -16.71 5.33 -81.44
C PHE A 829 -18.15 5.82 -81.55
N LEU A 830 -18.53 6.76 -80.68
CA LEU A 830 -19.89 7.29 -80.72
C LEU A 830 -20.17 8.02 -82.03
N ILE A 831 -19.22 8.82 -82.51
CA ILE A 831 -19.47 9.53 -83.77
C ILE A 831 -19.46 8.56 -84.95
N PHE A 832 -18.66 7.48 -84.88
CA PHE A 832 -18.75 6.45 -85.91
C PHE A 832 -20.12 5.79 -85.92
N ILE A 833 -20.67 5.51 -84.73
CA ILE A 833 -22.01 4.92 -84.66
C ILE A 833 -23.04 5.89 -85.20
N GLU A 834 -22.89 7.19 -84.92
CA GLU A 834 -23.81 8.18 -85.45
C GLU A 834 -23.74 8.25 -86.96
N ILE A 835 -22.53 8.18 -87.52
CA ILE A 835 -22.37 8.17 -88.97
C ILE A 835 -23.02 6.94 -89.57
N ALA A 836 -22.82 5.78 -88.95
CA ALA A 836 -23.42 4.54 -89.44
C ALA A 836 -24.95 4.62 -89.40
N TYR A 837 -25.50 5.20 -88.33
CA TYR A 837 -26.95 5.41 -88.26
C TYR A 837 -27.42 6.35 -89.35
N LYS A 838 -26.63 7.39 -89.63
CA LYS A 838 -26.97 8.31 -90.73
C LYS A 838 -26.96 7.58 -92.08
N ARG A 839 -26.08 6.60 -92.24
CA ARG A 839 -26.08 5.81 -93.48
C ARG A 839 -27.39 5.07 -93.65
N HIS A 840 -27.93 4.48 -92.58
CA HIS A 840 -29.20 3.78 -92.63
C HIS A 840 -30.37 4.75 -92.66
N PRO B 32 47.36 -60.32 -7.60
CA PRO B 32 46.69 -59.14 -7.03
C PRO B 32 45.89 -59.48 -5.77
N ALA B 33 46.52 -59.30 -4.61
CA ALA B 33 45.89 -59.59 -3.32
C ALA B 33 45.73 -58.29 -2.55
N LEU B 34 44.52 -58.07 -2.03
CA LEU B 34 44.19 -56.87 -1.27
C LEU B 34 43.61 -57.26 0.08
N ASN B 35 44.01 -56.52 1.11
CA ASN B 35 43.51 -56.73 2.47
C ASN B 35 42.71 -55.50 2.89
N ILE B 36 41.45 -55.72 3.26
CA ILE B 36 40.55 -54.66 3.70
C ILE B 36 39.97 -55.07 5.05
N ALA B 37 39.96 -54.13 6.00
CA ALA B 37 39.54 -54.41 7.36
C ALA B 37 38.29 -53.60 7.70
N VAL B 38 37.44 -54.19 8.53
CA VAL B 38 36.22 -53.56 9.02
C VAL B 38 36.22 -53.63 10.54
N LEU B 39 35.95 -52.50 11.19
CA LEU B 39 35.91 -52.41 12.64
C LEU B 39 34.54 -51.91 13.08
N LEU B 40 33.94 -52.61 14.04
CA LEU B 40 32.62 -52.26 14.57
C LEU B 40 32.62 -52.46 16.07
N GLY B 41 31.50 -52.12 16.70
CA GLY B 41 31.33 -52.27 18.13
C GLY B 41 30.33 -53.36 18.47
N HIS B 42 30.39 -53.81 19.73
CA HIS B 42 29.50 -54.88 20.19
C HIS B 42 28.06 -54.42 20.30
N SER B 43 27.80 -53.11 20.28
CA SER B 43 26.42 -52.63 20.31
C SER B 43 25.64 -53.12 19.10
N HIS B 44 26.25 -53.08 17.92
CA HIS B 44 25.64 -53.63 16.72
C HIS B 44 25.63 -55.15 16.80
N ASP B 45 24.52 -55.76 16.42
CA ASP B 45 24.38 -57.21 16.47
C ASP B 45 24.95 -57.85 15.21
N VAL B 46 26.21 -57.55 14.90
CA VAL B 46 26.88 -58.06 13.72
C VAL B 46 28.12 -58.85 14.16
N THR B 47 28.25 -60.07 13.65
CA THR B 47 29.38 -60.92 13.99
C THR B 47 30.40 -60.92 12.86
N GLU B 48 31.54 -61.58 13.11
CA GLU B 48 32.59 -61.66 12.10
C GLU B 48 32.14 -62.46 10.89
N ARG B 49 31.38 -63.53 11.11
CA ARG B 49 30.96 -64.39 10.01
C ARG B 49 30.08 -63.64 9.02
N GLU B 50 29.15 -62.82 9.51
CA GLU B 50 28.31 -62.03 8.61
C GLU B 50 29.15 -61.06 7.80
N LEU B 51 30.13 -60.41 8.43
CA LEU B 51 31.00 -59.49 7.71
C LEU B 51 31.78 -60.22 6.62
N ARG B 52 32.24 -61.44 6.90
CA ARG B 52 32.90 -62.23 5.87
C ARG B 52 31.92 -62.59 4.75
N ASN B 53 30.68 -62.93 5.09
CA ASN B 53 29.69 -63.27 4.07
C ASN B 53 29.31 -62.07 3.22
N LEU B 54 29.54 -60.86 3.72
CA LEU B 54 29.26 -59.67 2.91
C LEU B 54 30.10 -59.66 1.64
N TRP B 55 31.36 -60.06 1.72
CA TRP B 55 32.22 -60.19 0.56
C TRP B 55 32.40 -61.64 0.12
N GLY B 56 31.47 -62.51 0.47
CA GLY B 56 31.52 -63.91 0.07
C GLY B 56 31.45 -64.08 -1.43
N PRO B 57 30.30 -63.77 -2.03
CA PRO B 57 30.15 -63.93 -3.48
C PRO B 57 30.87 -62.84 -4.27
N GLU B 58 31.78 -63.26 -5.14
CA GLU B 58 32.52 -62.30 -5.96
C GLU B 58 31.61 -61.71 -7.03
N GLN B 59 31.73 -60.40 -7.24
CA GLN B 59 30.93 -59.71 -8.24
C GLN B 59 31.40 -59.98 -9.67
N ALA B 60 32.57 -60.60 -9.84
CA ALA B 60 33.11 -60.96 -11.15
C ALA B 60 33.27 -59.74 -12.05
N THR B 61 33.59 -58.59 -11.46
CA THR B 61 33.81 -57.37 -12.22
C THR B 61 35.05 -56.59 -11.79
N GLY B 62 35.65 -56.90 -10.65
CA GLY B 62 36.84 -56.22 -10.18
C GLY B 62 38.08 -57.08 -10.40
N LEU B 63 39.12 -56.44 -10.91
CA LEU B 63 40.38 -57.16 -11.15
C LEU B 63 40.99 -57.75 -9.89
N PRO B 64 41.10 -57.02 -8.77
CA PRO B 64 41.62 -57.65 -7.55
C PRO B 64 40.63 -58.61 -6.93
N LEU B 65 40.54 -59.82 -7.48
CA LEU B 65 39.59 -60.80 -6.98
C LEU B 65 39.92 -61.21 -5.55
N ASP B 66 41.19 -61.40 -5.23
CA ASP B 66 41.61 -61.87 -3.92
C ASP B 66 41.50 -60.73 -2.92
N VAL B 67 40.37 -60.66 -2.23
CA VAL B 67 40.13 -59.67 -1.18
C VAL B 67 39.71 -60.41 0.07
N ASN B 68 40.47 -60.25 1.15
CA ASN B 68 40.21 -60.93 2.42
C ASN B 68 39.73 -59.90 3.43
N VAL B 69 38.47 -60.04 3.85
CA VAL B 69 37.92 -59.13 4.85
C VAL B 69 38.32 -59.61 6.24
N VAL B 70 38.99 -58.71 6.99
CA VAL B 70 39.44 -59.00 8.34
C VAL B 70 38.67 -58.09 9.29
N ALA B 71 38.05 -58.67 10.30
CA ALA B 71 37.23 -57.94 11.25
C ALA B 71 37.77 -58.14 12.66
N LEU B 72 37.84 -57.04 13.41
CA LEU B 72 38.26 -57.05 14.82
C LEU B 72 37.26 -56.21 15.61
N LEU B 73 36.25 -56.88 16.16
CA LEU B 73 35.22 -56.17 16.93
C LEU B 73 35.85 -55.49 18.13
N MET B 74 35.48 -54.22 18.33
CA MET B 74 36.03 -53.40 19.41
C MET B 74 34.97 -53.23 20.50
N ASN B 75 35.35 -53.51 21.74
CA ASN B 75 34.43 -53.37 22.86
C ASN B 75 34.02 -51.91 23.04
N ARG B 76 35.00 -51.01 22.95
CA ARG B 76 34.76 -49.57 23.05
C ARG B 76 35.80 -48.86 22.20
N THR B 77 35.67 -47.54 22.10
CA THR B 77 36.56 -46.71 21.30
C THR B 77 37.36 -45.82 22.22
N ASP B 78 38.65 -46.11 22.34
CA ASP B 78 39.59 -45.36 23.17
C ASP B 78 40.81 -44.98 22.34
N PRO B 79 41.51 -43.89 22.70
CA PRO B 79 42.66 -43.46 21.88
C PRO B 79 43.71 -44.53 21.74
N LYS B 80 44.25 -45.01 22.86
CA LYS B 80 45.28 -46.03 22.83
C LYS B 80 44.75 -47.31 22.20
N SER B 81 43.54 -47.72 22.57
CA SER B 81 42.98 -48.96 22.03
C SER B 81 42.81 -48.88 20.53
N LEU B 82 42.23 -47.78 20.04
CA LEU B 82 42.01 -47.64 18.60
C LEU B 82 43.32 -47.54 17.85
N ILE B 83 44.29 -46.80 18.39
CA ILE B 83 45.58 -46.66 17.72
C ILE B 83 46.28 -48.01 17.64
N THR B 84 46.28 -48.77 18.75
CA THR B 84 46.91 -50.08 18.74
C THR B 84 46.22 -51.03 17.79
N HIS B 85 44.88 -51.01 17.76
CA HIS B 85 44.15 -51.88 16.85
C HIS B 85 44.50 -51.57 15.40
N VAL B 86 44.49 -50.28 15.04
CA VAL B 86 44.79 -49.90 13.66
C VAL B 86 46.22 -50.26 13.32
N CYS B 87 47.16 -50.04 14.24
CA CYS B 87 48.56 -50.35 13.97
C CYS B 87 48.78 -51.85 13.81
N ASP B 88 48.13 -52.66 14.65
CA ASP B 88 48.26 -54.10 14.53
C ASP B 88 47.68 -54.60 13.22
N LEU B 89 46.52 -54.07 12.82
CA LEU B 89 45.95 -54.44 11.54
C LEU B 89 46.80 -53.96 10.38
N MET B 90 47.53 -52.86 10.57
CA MET B 90 48.39 -52.34 9.51
C MET B 90 49.67 -53.16 9.38
N SER B 91 50.20 -53.67 10.49
CA SER B 91 51.42 -54.46 10.47
C SER B 91 51.15 -55.95 10.32
N GLY B 92 50.11 -56.45 10.99
CA GLY B 92 49.79 -57.86 10.94
C GLY B 92 49.12 -58.28 9.64
N ALA B 93 47.95 -57.73 9.37
CA ALA B 93 47.20 -58.08 8.16
C ALA B 93 47.62 -57.28 6.94
N ARG B 94 48.43 -56.23 7.12
CA ARG B 94 48.88 -55.38 6.03
C ARG B 94 47.69 -54.84 5.22
N ILE B 95 46.69 -54.33 5.94
CA ILE B 95 45.47 -53.86 5.31
C ILE B 95 45.77 -52.61 4.48
N HIS B 96 45.08 -52.49 3.35
CA HIS B 96 45.21 -51.32 2.47
C HIS B 96 44.03 -50.38 2.59
N GLY B 97 43.13 -50.61 3.55
CA GLY B 97 41.98 -49.76 3.73
C GLY B 97 41.31 -50.04 5.07
N LEU B 98 40.29 -49.25 5.36
CA LEU B 98 39.55 -49.41 6.61
C LEU B 98 38.10 -49.02 6.40
N VAL B 99 37.20 -49.75 7.05
CA VAL B 99 35.76 -49.54 6.91
C VAL B 99 35.26 -49.26 8.33
N PHE B 100 36.07 -48.54 9.10
CA PHE B 100 35.78 -48.29 10.51
C PHE B 100 34.39 -47.69 10.69
N GLY B 101 33.67 -48.21 11.67
CA GLY B 101 32.37 -47.70 12.04
C GLY B 101 32.15 -47.75 13.54
N ASP B 102 31.78 -46.63 14.14
CA ASP B 102 31.63 -46.52 15.58
C ASP B 102 30.18 -46.75 15.98
N ASP B 103 29.92 -46.67 17.28
CA ASP B 103 28.57 -46.82 17.82
C ASP B 103 28.11 -45.63 18.67
N THR B 104 29.00 -44.76 19.10
CA THR B 104 28.67 -43.61 19.94
C THR B 104 28.60 -42.35 19.08
N ASP B 105 27.95 -41.33 19.64
CA ASP B 105 27.81 -40.04 18.99
C ASP B 105 28.91 -39.06 19.35
N GLN B 106 30.09 -39.57 19.68
CA GLN B 106 31.22 -38.72 20.06
C GLN B 106 31.76 -38.01 18.82
N GLU B 107 31.80 -36.69 18.84
CA GLU B 107 32.36 -35.95 17.72
C GLU B 107 33.86 -35.74 17.92
N ALA B 108 34.58 -36.84 18.17
CA ALA B 108 36.03 -36.78 18.27
C ALA B 108 36.73 -37.98 17.64
N VAL B 109 36.04 -39.09 17.39
CA VAL B 109 36.69 -40.25 16.79
C VAL B 109 37.06 -39.96 15.34
N ALA B 110 36.30 -39.10 14.67
CA ALA B 110 36.62 -38.73 13.29
C ALA B 110 37.97 -38.03 13.22
N GLN B 111 38.27 -37.16 14.19
CA GLN B 111 39.55 -36.49 14.21
C GLN B 111 40.70 -37.49 14.39
N MET B 112 40.52 -38.46 15.29
CA MET B 112 41.55 -39.48 15.48
C MET B 112 41.74 -40.31 14.23
N LEU B 113 40.64 -40.67 13.56
CA LEU B 113 40.75 -41.42 12.30
C LEU B 113 41.49 -40.62 11.25
N ASP B 114 41.18 -39.33 11.13
CA ASP B 114 41.86 -38.49 10.15
C ASP B 114 43.35 -38.39 10.46
N PHE B 115 43.69 -38.22 11.74
CA PHE B 115 45.09 -38.12 12.14
C PHE B 115 45.85 -39.40 11.83
N ILE B 116 45.25 -40.56 12.14
CA ILE B 116 45.91 -41.83 11.88
C ILE B 116 46.05 -42.06 10.37
N SER B 117 45.02 -41.69 9.60
CA SER B 117 45.11 -41.82 8.15
C SER B 117 46.22 -40.94 7.59
N SER B 118 46.35 -39.72 8.10
CA SER B 118 47.43 -38.84 7.65
C SER B 118 48.80 -39.41 7.99
N GLN B 119 48.94 -39.98 9.19
CA GLN B 119 50.24 -40.48 9.62
C GLN B 119 50.58 -41.85 9.08
N THR B 120 49.62 -42.58 8.51
CA THR B 120 49.87 -43.93 8.02
C THR B 120 49.39 -44.17 6.60
N PHE B 121 48.80 -43.18 5.94
CA PHE B 121 48.34 -43.31 4.56
C PHE B 121 47.36 -44.47 4.39
N ILE B 122 46.49 -44.65 5.38
CA ILE B 122 45.45 -45.68 5.34
C ILE B 122 44.15 -45.03 4.89
N PRO B 123 43.58 -45.42 3.76
CA PRO B 123 42.27 -44.89 3.38
C PRO B 123 41.19 -45.39 4.33
N ILE B 124 40.62 -44.48 5.12
CA ILE B 124 39.66 -44.82 6.17
C ILE B 124 38.33 -44.17 5.85
N LEU B 125 37.27 -44.97 5.92
CA LEU B 125 35.90 -44.51 5.66
C LEU B 125 35.11 -44.52 6.94
N GLY B 126 34.46 -43.40 7.25
CA GLY B 126 33.58 -43.31 8.41
C GLY B 126 32.19 -43.84 8.09
N ILE B 127 31.85 -44.98 8.67
CA ILE B 127 30.63 -45.70 8.29
C ILE B 127 29.45 -45.27 9.15
N HIS B 128 29.54 -45.50 10.46
CA HIS B 128 28.42 -45.29 11.36
C HIS B 128 28.63 -44.02 12.18
N GLY B 129 27.71 -43.79 13.13
CA GLY B 129 27.71 -42.61 13.96
C GLY B 129 29.04 -42.30 14.62
N GLY B 130 29.28 -41.01 14.91
CA GLY B 130 30.55 -40.59 15.42
C GLY B 130 31.57 -40.42 14.31
N ALA B 131 31.94 -41.53 13.68
CA ALA B 131 32.84 -41.46 12.53
C ALA B 131 32.14 -40.89 11.29
N SER B 132 30.81 -40.84 11.29
CA SER B 132 30.07 -40.27 10.17
C SER B 132 29.81 -38.77 10.33
N MET B 133 30.15 -38.19 11.48
CA MET B 133 29.97 -36.76 11.68
C MET B 133 31.07 -36.02 10.93
N ILE B 134 30.72 -35.43 9.78
CA ILE B 134 31.71 -34.81 8.92
C ILE B 134 32.29 -33.56 9.58
N MET B 135 33.60 -33.39 9.48
CA MET B 135 34.27 -32.22 10.00
C MET B 135 34.30 -31.11 8.95
N ALA B 136 34.87 -29.96 9.34
CA ALA B 136 34.99 -28.85 8.41
C ALA B 136 35.88 -29.21 7.23
N ASP B 137 37.15 -29.53 7.50
CA ASP B 137 38.07 -29.96 6.47
C ASP B 137 39.09 -30.91 7.07
N LYS B 138 39.66 -31.76 6.22
CA LYS B 138 40.62 -32.76 6.67
C LYS B 138 42.05 -32.32 6.36
N ASP B 139 43.00 -33.10 6.84
CA ASP B 139 44.40 -32.87 6.52
C ASP B 139 44.63 -33.13 5.03
N PRO B 140 45.22 -32.19 4.30
CA PRO B 140 45.41 -32.41 2.84
C PRO B 140 46.24 -33.63 2.51
N THR B 141 47.09 -34.09 3.42
CA THR B 141 47.91 -35.27 3.18
C THR B 141 47.22 -36.57 3.60
N SER B 142 45.96 -36.50 4.02
CA SER B 142 45.23 -37.67 4.48
C SER B 142 44.18 -38.09 3.46
N THR B 143 43.82 -39.37 3.50
CA THR B 143 42.84 -39.93 2.59
C THR B 143 41.62 -40.44 3.35
N PHE B 144 41.14 -39.65 4.31
CA PHE B 144 40.03 -40.03 5.17
C PHE B 144 38.73 -39.49 4.58
N PHE B 145 37.76 -40.37 4.37
CA PHE B 145 36.46 -40.00 3.82
C PHE B 145 35.36 -40.35 4.80
N GLN B 146 34.25 -39.64 4.70
CA GLN B 146 33.14 -39.79 5.63
C GLN B 146 31.85 -40.03 4.88
N PHE B 147 31.03 -40.94 5.40
CA PHE B 147 29.69 -41.19 4.88
C PHE B 147 28.74 -40.24 5.60
N GLY B 148 28.52 -39.07 5.02
CA GLY B 148 27.66 -38.09 5.65
C GLY B 148 27.44 -36.90 4.74
N ALA B 149 26.66 -35.95 5.25
CA ALA B 149 26.29 -34.76 4.49
C ALA B 149 26.98 -33.54 5.09
N SER B 150 27.62 -32.77 4.23
CA SER B 150 28.25 -31.53 4.66
C SER B 150 27.17 -30.49 4.98
N ILE B 151 27.61 -29.37 5.58
CA ILE B 151 26.67 -28.33 5.95
C ILE B 151 26.03 -27.71 4.71
N GLN B 152 26.80 -27.60 3.62
CA GLN B 152 26.26 -27.05 2.38
C GLN B 152 25.15 -27.92 1.82
N GLN B 153 25.34 -29.24 1.83
CA GLN B 153 24.31 -30.15 1.33
C GLN B 153 23.05 -30.07 2.18
N GLN B 154 23.20 -30.00 3.51
CA GLN B 154 22.04 -29.86 4.37
C GLN B 154 21.31 -28.54 4.11
N ALA B 155 22.06 -27.47 3.89
CA ALA B 155 21.44 -26.19 3.56
C ALA B 155 20.67 -26.28 2.24
N THR B 156 21.26 -26.95 1.25
CA THR B 156 20.56 -27.11 -0.02
C THR B 156 19.26 -27.90 0.15
N VAL B 157 19.31 -28.97 0.96
CA VAL B 157 18.10 -29.76 1.21
C VAL B 157 17.06 -28.92 1.91
N MET B 158 17.47 -28.11 2.90
CA MET B 158 16.52 -27.27 3.62
C MET B 158 15.88 -26.24 2.69
N LEU B 159 16.69 -25.63 1.81
CA LEU B 159 16.14 -24.68 0.87
C LEU B 159 15.17 -25.34 -0.10
N LYS B 160 15.48 -26.58 -0.52
CA LYS B 160 14.53 -27.32 -1.34
C LYS B 160 13.23 -27.59 -0.60
N ILE B 161 13.32 -27.90 0.70
CA ILE B 161 12.13 -28.10 1.51
C ILE B 161 11.29 -26.82 1.54
N MET B 162 11.94 -25.69 1.76
CA MET B 162 11.22 -24.42 1.79
C MET B 162 10.56 -24.12 0.44
N GLN B 163 11.28 -24.39 -0.65
CA GLN B 163 10.73 -24.15 -1.98
C GLN B 163 9.51 -25.04 -2.25
N ASP B 164 9.58 -26.30 -1.84
CA ASP B 164 8.49 -27.23 -2.11
C ASP B 164 7.21 -26.81 -1.40
N TYR B 165 7.33 -26.36 -0.15
CA TYR B 165 6.16 -25.99 0.66
C TYR B 165 5.79 -24.51 0.52
N ASP B 166 6.30 -23.83 -0.51
CA ASP B 166 6.01 -22.42 -0.76
C ASP B 166 6.37 -21.57 0.46
N TRP B 167 7.49 -21.89 1.08
CA TRP B 167 8.02 -21.09 2.19
C TRP B 167 9.11 -20.15 1.66
N HIS B 168 8.68 -19.23 0.80
CA HIS B 168 9.62 -18.32 0.16
C HIS B 168 10.19 -17.31 1.13
N VAL B 169 9.44 -16.94 2.17
CA VAL B 169 9.87 -15.95 3.15
C VAL B 169 10.42 -16.66 4.37
N PHE B 170 11.60 -16.23 4.83
CA PHE B 170 12.25 -16.85 5.97
C PHE B 170 13.28 -15.89 6.53
N SER B 171 13.74 -16.18 7.75
CA SER B 171 14.77 -15.39 8.40
C SER B 171 15.84 -16.32 8.95
N LEU B 172 17.10 -15.89 8.87
CA LEU B 172 18.23 -16.71 9.28
C LEU B 172 18.71 -16.26 10.65
N VAL B 173 18.82 -17.22 11.58
CA VAL B 173 19.31 -16.97 12.93
C VAL B 173 20.44 -17.94 13.18
N THR B 174 21.63 -17.41 13.46
CA THR B 174 22.83 -18.21 13.69
C THR B 174 23.37 -17.92 15.08
N THR B 175 24.53 -18.51 15.38
CA THR B 175 25.19 -18.37 16.66
C THR B 175 26.70 -18.36 16.41
N ILE B 176 27.48 -18.21 17.47
CA ILE B 176 28.93 -18.10 17.37
C ILE B 176 29.56 -19.47 17.24
N PHE B 177 28.73 -20.50 17.10
CA PHE B 177 29.24 -21.85 16.92
C PHE B 177 30.09 -21.91 15.64
N PRO B 178 31.22 -22.60 15.67
CA PRO B 178 32.12 -22.60 14.51
C PRO B 178 31.46 -23.17 13.27
N GLY B 179 31.85 -22.62 12.11
CA GLY B 179 31.31 -23.03 10.84
C GLY B 179 30.09 -22.26 10.38
N TYR B 180 29.58 -21.34 11.18
CA TYR B 180 28.39 -20.59 10.77
C TYR B 180 28.70 -19.56 9.69
N ARG B 181 29.95 -19.12 9.57
CA ARG B 181 30.33 -18.25 8.46
C ARG B 181 30.12 -18.96 7.12
N ASP B 182 30.54 -20.22 7.04
CA ASP B 182 30.35 -20.99 5.81
C ASP B 182 28.88 -21.19 5.50
N PHE B 183 28.08 -21.48 6.53
CA PHE B 183 26.65 -21.67 6.34
C PHE B 183 26.00 -20.39 5.81
N ILE B 184 26.34 -19.25 6.42
CA ILE B 184 25.76 -17.98 5.99
C ILE B 184 26.19 -17.66 4.56
N SER B 185 27.47 -17.86 4.24
CA SER B 185 27.95 -17.56 2.90
C SER B 185 27.27 -18.45 1.86
N PHE B 186 27.12 -19.74 2.16
CA PHE B 186 26.45 -20.65 1.23
C PHE B 186 24.99 -20.26 1.04
N ILE B 187 24.31 -19.89 2.12
CA ILE B 187 22.91 -19.48 2.01
C ILE B 187 22.79 -18.23 1.14
N LYS B 188 23.68 -17.25 1.36
CA LYS B 188 23.63 -16.03 0.57
C LYS B 188 23.91 -16.31 -0.91
N THR B 189 24.91 -17.15 -1.19
CA THR B 189 25.21 -17.47 -2.59
C THR B 189 24.04 -18.18 -3.25
N THR B 190 23.42 -19.14 -2.55
CA THR B 190 22.32 -19.88 -3.14
C THR B 190 21.11 -18.98 -3.37
N VAL B 191 20.79 -18.11 -2.42
CA VAL B 191 19.63 -17.23 -2.60
C VAL B 191 19.90 -16.23 -3.72
N ASP B 192 21.15 -15.77 -3.86
CA ASP B 192 21.48 -14.88 -4.97
C ASP B 192 21.37 -15.60 -6.31
N ASN B 193 21.78 -16.86 -6.37
CA ASN B 193 21.79 -17.61 -7.62
C ASN B 193 20.50 -18.39 -7.87
N SER B 194 19.49 -18.27 -7.00
CA SER B 194 18.25 -18.99 -7.17
C SER B 194 17.26 -18.18 -8.02
N PHE B 195 16.48 -18.89 -8.83
CA PHE B 195 15.47 -18.28 -9.67
C PHE B 195 14.07 -18.42 -9.11
N VAL B 196 13.92 -18.95 -7.89
CA VAL B 196 12.60 -19.14 -7.31
C VAL B 196 12.03 -17.87 -6.71
N GLY B 197 12.87 -16.87 -6.45
CA GLY B 197 12.41 -15.64 -5.84
C GLY B 197 12.23 -15.75 -4.33
N TRP B 198 13.33 -15.99 -3.62
CA TRP B 198 13.28 -16.09 -2.18
C TRP B 198 12.98 -14.73 -1.55
N ASP B 199 12.64 -14.76 -0.26
CA ASP B 199 12.41 -13.55 0.51
C ASP B 199 13.25 -13.73 1.78
N MET B 200 14.50 -13.30 1.71
CA MET B 200 15.42 -13.36 2.85
C MET B 200 15.29 -12.06 3.63
N GLN B 201 14.58 -12.12 4.76
CA GLN B 201 14.30 -10.91 5.52
C GLN B 201 15.57 -10.33 6.13
N ASN B 202 16.34 -11.14 6.84
CA ASN B 202 17.53 -10.64 7.54
C ASN B 202 18.36 -11.82 8.02
N VAL B 203 19.57 -11.51 8.48
CA VAL B 203 20.47 -12.46 9.11
C VAL B 203 20.77 -11.96 10.51
N ILE B 204 20.53 -12.81 11.51
CA ILE B 204 20.71 -12.45 12.91
C ILE B 204 21.75 -13.38 13.52
N THR B 205 22.75 -12.79 14.18
CA THR B 205 23.80 -13.53 14.86
C THR B 205 23.68 -13.29 16.36
N LEU B 206 23.56 -14.38 17.13
CA LEU B 206 23.41 -14.28 18.58
C LEU B 206 24.76 -14.47 19.25
N ASP B 207 25.64 -13.50 19.00
CA ASP B 207 27.01 -13.58 19.52
C ASP B 207 27.03 -13.52 21.05
N THR B 208 26.22 -12.66 21.64
CA THR B 208 26.24 -12.45 23.09
C THR B 208 25.31 -13.46 23.77
N SER B 209 25.03 -13.23 25.05
CA SER B 209 24.18 -14.13 25.81
C SER B 209 22.74 -14.05 25.30
N PHE B 210 21.94 -15.05 25.67
CA PHE B 210 20.59 -15.20 25.18
C PHE B 210 19.54 -14.62 26.12
N GLU B 211 19.96 -13.98 27.21
CA GLU B 211 19.02 -13.40 28.16
C GLU B 211 19.30 -11.92 28.46
N ASP B 212 20.29 -11.31 27.83
CA ASP B 212 20.61 -9.92 28.09
C ASP B 212 19.69 -9.02 27.25
N ALA B 213 20.01 -7.72 27.21
CA ALA B 213 19.23 -6.79 26.41
C ALA B 213 19.29 -7.14 24.93
N LYS B 214 20.49 -7.49 24.45
CA LYS B 214 20.63 -7.95 23.08
C LYS B 214 20.01 -9.34 22.94
N THR B 215 19.95 -9.81 21.69
CA THR B 215 19.32 -11.08 21.29
C THR B 215 17.83 -11.11 21.62
N GLN B 216 17.26 -9.98 22.03
CA GLN B 216 15.82 -9.86 22.26
C GLN B 216 15.15 -8.98 21.23
N VAL B 217 15.68 -7.77 21.01
CA VAL B 217 15.21 -6.95 19.91
C VAL B 217 15.56 -7.59 18.57
N GLN B 218 16.73 -8.24 18.49
CA GLN B 218 17.08 -8.98 17.29
C GLN B 218 16.10 -10.11 17.03
N LEU B 219 15.72 -10.85 18.07
CA LEU B 219 14.72 -11.89 17.92
C LEU B 219 13.35 -11.30 17.60
N LYS B 220 13.03 -10.16 18.21
CA LYS B 220 11.76 -9.50 17.92
C LYS B 220 11.68 -8.99 16.49
N LYS B 221 12.83 -8.77 15.84
CA LYS B 221 12.83 -8.31 14.45
C LYS B 221 12.32 -9.37 13.49
N ILE B 222 12.17 -10.61 13.92
CA ILE B 222 11.70 -11.68 13.04
C ILE B 222 10.20 -11.54 12.83
N HIS B 223 9.79 -11.45 11.56
CA HIS B 223 8.39 -11.43 11.19
C HIS B 223 8.01 -12.53 10.22
N SER B 224 8.98 -13.26 9.67
CA SER B 224 8.68 -14.31 8.73
C SER B 224 8.11 -15.53 9.44
N SER B 225 7.44 -16.39 8.66
CA SER B 225 6.84 -17.61 9.19
C SER B 225 7.81 -18.77 9.28
N VAL B 226 9.00 -18.65 8.68
CA VAL B 226 9.99 -19.73 8.67
C VAL B 226 11.31 -19.16 9.13
N ILE B 227 11.97 -19.87 10.06
CA ILE B 227 13.24 -19.46 10.63
C ILE B 227 14.24 -20.59 10.41
N LEU B 228 15.39 -20.25 9.84
CA LEU B 228 16.50 -21.19 9.68
C LEU B 228 17.49 -20.97 10.82
N LEU B 229 17.55 -21.93 11.73
CA LEU B 229 18.43 -21.85 12.89
C LEU B 229 19.68 -22.70 12.66
N TYR B 230 20.78 -22.27 13.27
CA TYR B 230 22.04 -23.01 13.19
C TYR B 230 22.86 -22.74 14.43
N CYS B 231 23.01 -23.74 15.29
CA CYS B 231 23.83 -23.67 16.50
C CYS B 231 24.00 -25.10 17.01
N SER B 232 24.52 -25.23 18.22
CA SER B 232 24.60 -26.54 18.87
C SER B 232 23.44 -26.72 19.85
N LYS B 233 23.28 -27.97 20.30
CA LYS B 233 22.08 -28.35 21.05
C LYS B 233 21.95 -27.56 22.35
N ASP B 234 23.06 -27.36 23.05
CA ASP B 234 23.01 -26.74 24.38
C ASP B 234 22.39 -25.35 24.32
N GLU B 235 22.85 -24.51 23.38
CA GLU B 235 22.22 -23.21 23.22
C GLU B 235 20.98 -23.27 22.34
N ALA B 236 20.80 -24.35 21.58
CA ALA B 236 19.55 -24.52 20.84
C ALA B 236 18.36 -24.61 21.78
N VAL B 237 18.53 -25.34 22.89
CA VAL B 237 17.45 -25.44 23.88
C VAL B 237 17.09 -24.05 24.41
N LEU B 238 18.11 -23.26 24.76
CA LEU B 238 17.86 -21.92 25.28
C LEU B 238 17.20 -21.01 24.25
N ILE B 239 17.67 -21.07 23.00
CA ILE B 239 17.10 -20.21 21.96
C ILE B 239 15.64 -20.58 21.70
N LEU B 240 15.34 -21.87 21.62
CA LEU B 240 13.95 -22.29 21.42
C LEU B 240 13.08 -21.91 22.60
N SER B 241 13.61 -22.02 23.83
CA SER B 241 12.83 -21.61 25.00
C SER B 241 12.54 -20.12 24.96
N GLU B 242 13.53 -19.30 24.60
CA GLU B 242 13.32 -17.86 24.52
C GLU B 242 12.31 -17.52 23.42
N ALA B 243 12.39 -18.21 22.28
CA ALA B 243 11.44 -17.98 21.21
C ALA B 243 10.03 -18.35 21.63
N ARG B 244 9.88 -19.47 22.34
CA ARG B 244 8.57 -19.87 22.84
C ARG B 244 8.03 -18.85 23.83
N SER B 245 8.88 -18.36 24.74
CA SER B 245 8.44 -17.37 25.70
C SER B 245 8.04 -16.06 25.03
N LEU B 246 8.79 -15.62 24.03
CA LEU B 246 8.49 -14.36 23.35
C LEU B 246 7.36 -14.50 22.34
N GLY B 247 7.09 -15.70 21.84
CA GLY B 247 5.98 -15.90 20.93
C GLY B 247 6.35 -16.21 19.50
N LEU B 248 7.53 -16.78 19.26
CA LEU B 248 7.95 -17.18 17.92
C LEU B 248 7.62 -18.63 17.61
N THR B 249 6.95 -19.34 18.51
CA THR B 249 6.57 -20.73 18.30
C THR B 249 5.05 -20.83 18.24
N GLY B 250 4.55 -21.51 17.22
CA GLY B 250 3.12 -21.65 17.05
C GLY B 250 2.80 -22.46 15.81
N TYR B 251 1.51 -22.50 15.49
CA TYR B 251 1.06 -23.26 14.33
C TYR B 251 1.61 -22.68 13.04
N ASP B 252 1.66 -21.36 12.93
CA ASP B 252 2.10 -20.70 11.70
C ASP B 252 3.60 -20.46 11.64
N PHE B 253 4.36 -20.90 12.64
CA PHE B 253 5.81 -20.80 12.64
C PHE B 253 6.41 -22.17 12.42
N PHE B 254 7.35 -22.27 11.47
CA PHE B 254 8.01 -23.53 11.14
C PHE B 254 9.51 -23.36 11.34
N TRP B 255 10.06 -24.06 12.31
CA TRP B 255 11.48 -23.99 12.60
C TRP B 255 12.23 -25.06 11.82
N ILE B 256 13.26 -24.64 11.10
CA ILE B 256 14.06 -25.54 10.26
C ILE B 256 15.48 -25.54 10.80
N VAL B 257 16.00 -26.73 11.08
CA VAL B 257 17.33 -26.86 11.69
C VAL B 257 18.11 -27.94 10.97
N PRO B 258 19.44 -27.84 10.99
CA PRO B 258 20.29 -28.83 10.35
C PRO B 258 20.51 -30.04 11.26
N SER B 259 21.37 -30.95 10.80
CA SER B 259 21.61 -32.20 11.52
C SER B 259 22.41 -31.99 12.80
N LEU B 260 23.00 -30.80 12.99
CA LEU B 260 23.90 -30.61 14.12
C LEU B 260 23.14 -30.62 15.45
N VAL B 261 21.92 -30.08 15.47
CA VAL B 261 21.13 -30.10 16.71
C VAL B 261 20.26 -31.34 16.83
N SER B 262 20.00 -32.05 15.74
CA SER B 262 19.15 -33.23 15.75
C SER B 262 19.93 -34.52 15.97
N GLY B 263 21.23 -34.42 16.24
CA GLY B 263 22.00 -35.61 16.52
C GLY B 263 21.53 -36.29 17.80
N ASN B 264 21.78 -37.60 17.88
CA ASN B 264 21.30 -38.45 18.97
C ASN B 264 19.77 -38.36 19.06
N THR B 265 19.14 -38.84 17.99
CA THR B 265 17.70 -38.74 17.85
C THR B 265 16.94 -39.44 18.98
N GLU B 266 17.57 -40.41 19.66
CA GLU B 266 16.92 -41.06 20.79
C GLU B 266 16.75 -40.14 21.99
N LEU B 267 17.45 -39.01 22.01
CA LEU B 267 17.34 -38.03 23.09
C LEU B 267 16.67 -36.78 22.55
N ILE B 268 15.53 -36.41 23.14
CA ILE B 268 14.78 -35.23 22.72
C ILE B 268 14.57 -34.31 23.92
N PRO B 269 15.16 -33.12 23.92
CA PRO B 269 14.93 -32.20 25.04
C PRO B 269 13.47 -31.76 25.11
N LYS B 270 13.01 -31.50 26.34
CA LYS B 270 11.62 -31.09 26.55
C LYS B 270 11.31 -29.72 26.00
N GLU B 271 12.33 -28.93 25.66
CA GLU B 271 12.11 -27.59 25.11
C GLU B 271 12.04 -27.57 23.59
N PHE B 272 12.11 -28.73 22.94
CA PHE B 272 12.01 -28.79 21.49
C PHE B 272 10.55 -28.77 21.07
N PRO B 273 10.09 -27.74 20.38
CA PRO B 273 8.70 -27.72 19.94
C PRO B 273 8.43 -28.73 18.85
N SER B 274 7.19 -29.21 18.80
CA SER B 274 6.78 -30.07 17.71
C SER B 274 6.73 -29.28 16.41
N GLY B 275 6.86 -30.00 15.29
CA GLY B 275 6.97 -29.34 14.01
C GLY B 275 8.38 -28.90 13.65
N LEU B 276 9.38 -29.26 14.46
CA LEU B 276 10.76 -28.90 14.19
C LEU B 276 11.31 -29.72 13.04
N ILE B 277 11.26 -29.16 11.82
CA ILE B 277 11.75 -29.87 10.65
C ILE B 277 13.28 -29.89 10.67
N SER B 278 13.86 -31.07 10.51
CA SER B 278 15.30 -31.23 10.48
C SER B 278 15.67 -32.22 9.39
N VAL B 279 16.93 -32.15 8.96
CA VAL B 279 17.49 -33.06 7.97
C VAL B 279 18.67 -33.78 8.61
N SER B 280 18.82 -35.07 8.32
CA SER B 280 19.90 -35.83 8.92
C SER B 280 20.21 -37.04 8.05
N TYR B 281 21.39 -37.62 8.29
CA TYR B 281 21.76 -38.85 7.62
C TYR B 281 20.88 -39.99 8.10
N ASP B 282 20.43 -40.82 7.17
CA ASP B 282 19.47 -41.86 7.50
C ASP B 282 20.10 -42.95 8.35
N ASP B 283 19.44 -43.31 9.45
CA ASP B 283 19.87 -44.40 10.31
C ASP B 283 18.85 -45.51 10.42
N TRP B 284 17.63 -45.31 9.90
CA TRP B 284 16.58 -46.32 10.01
C TRP B 284 16.53 -47.23 8.79
N ASP B 285 16.33 -46.65 7.61
CA ASP B 285 16.25 -47.46 6.39
C ASP B 285 17.63 -47.92 5.92
N TYR B 286 18.65 -47.10 6.13
CA TYR B 286 20.02 -47.44 5.71
C TYR B 286 20.67 -48.23 6.82
N SER B 287 20.52 -49.55 6.75
CA SER B 287 21.04 -50.43 7.78
C SER B 287 22.57 -50.48 7.75
N LEU B 288 23.16 -50.95 8.84
CA LEU B 288 24.61 -51.05 8.93
C LEU B 288 25.16 -52.05 7.92
N GLU B 289 24.41 -53.11 7.63
CA GLU B 289 24.88 -54.08 6.64
C GLU B 289 25.02 -53.44 5.27
N ALA B 290 24.02 -52.65 4.86
CA ALA B 290 24.12 -51.93 3.58
C ALA B 290 25.27 -50.94 3.60
N ARG B 291 25.49 -50.27 4.73
CA ARG B 291 26.60 -49.33 4.87
C ARG B 291 27.92 -50.04 4.62
N VAL B 292 28.14 -51.17 5.30
CA VAL B 292 29.41 -51.89 5.17
C VAL B 292 29.57 -52.45 3.77
N ARG B 293 28.48 -52.96 3.18
CA ARG B 293 28.56 -53.46 1.81
C ARG B 293 28.94 -52.36 0.83
N ASP B 294 28.34 -51.17 0.99
CA ASP B 294 28.68 -50.05 0.12
C ASP B 294 30.13 -49.62 0.33
N GLY B 295 30.60 -49.60 1.57
CA GLY B 295 31.99 -49.23 1.82
C GLY B 295 32.97 -50.20 1.17
N LEU B 296 32.70 -51.50 1.33
CA LEU B 296 33.54 -52.51 0.69
C LEU B 296 33.49 -52.38 -0.83
N GLY B 297 32.30 -52.12 -1.39
CA GLY B 297 32.19 -51.95 -2.82
C GLY B 297 32.98 -50.76 -3.33
N ILE B 298 32.91 -49.63 -2.63
CA ILE B 298 33.66 -48.46 -3.05
C ILE B 298 35.16 -48.71 -2.95
N LEU B 299 35.61 -49.32 -1.85
CA LEU B 299 37.04 -49.62 -1.74
C LEU B 299 37.49 -50.55 -2.85
N THR B 300 36.70 -51.58 -3.15
CA THR B 300 37.08 -52.53 -4.19
C THR B 300 37.11 -51.88 -5.56
N THR B 301 36.13 -51.02 -5.87
CA THR B 301 36.11 -50.41 -7.19
C THR B 301 37.23 -49.38 -7.33
N ALA B 302 37.56 -48.68 -6.24
CA ALA B 302 38.72 -47.78 -6.28
C ALA B 302 40.00 -48.56 -6.50
N ALA B 303 40.16 -49.70 -5.82
CA ALA B 303 41.34 -50.52 -6.02
C ALA B 303 41.41 -51.05 -7.45
N SER B 304 40.27 -51.45 -8.01
CA SER B 304 40.24 -51.93 -9.39
C SER B 304 40.61 -50.84 -10.37
N SER B 305 40.09 -49.62 -10.17
CA SER B 305 40.46 -48.51 -11.05
C SER B 305 41.94 -48.18 -10.95
N MET B 306 42.48 -48.20 -9.73
CA MET B 306 43.91 -47.94 -9.54
C MET B 306 44.75 -49.02 -10.21
N LEU B 307 44.33 -50.29 -10.10
CA LEU B 307 45.06 -51.37 -10.74
C LEU B 307 45.00 -51.25 -12.26
N GLU B 308 43.86 -50.83 -12.79
CA GLU B 308 43.77 -50.58 -14.22
C GLU B 308 44.71 -49.46 -14.65
N LYS B 309 44.76 -48.37 -13.86
CA LYS B 309 45.64 -47.26 -14.21
C LYS B 309 47.10 -47.58 -13.93
N PHE B 310 47.39 -48.22 -12.80
CA PHE B 310 48.76 -48.50 -12.38
C PHE B 310 48.94 -49.99 -12.17
N SER B 311 50.04 -50.52 -12.69
CA SER B 311 50.23 -51.97 -12.74
C SER B 311 50.34 -52.57 -11.33
N TYR B 312 51.03 -51.90 -10.42
CA TYR B 312 51.31 -52.46 -9.11
C TYR B 312 50.52 -51.72 -8.04
N ILE B 313 50.13 -52.47 -7.01
CA ILE B 313 49.41 -51.93 -5.86
C ILE B 313 50.43 -51.39 -4.86
N PRO B 314 50.30 -50.15 -4.38
CA PRO B 314 51.22 -49.65 -3.35
C PRO B 314 51.11 -50.48 -2.08
N GLU B 315 52.20 -51.15 -1.72
CA GLU B 315 52.16 -52.09 -0.61
C GLU B 315 52.05 -51.36 0.72
N ALA B 316 51.71 -52.13 1.75
CA ALA B 316 51.51 -51.59 3.08
C ALA B 316 52.82 -51.09 3.68
N LYS B 317 52.71 -50.11 4.56
CA LYS B 317 53.86 -49.58 5.27
C LYS B 317 54.38 -50.60 6.28
N ALA B 318 55.58 -50.35 6.79
CA ALA B 318 56.18 -51.25 7.76
C ALA B 318 55.36 -51.32 9.04
N SER B 319 55.25 -50.20 9.75
CA SER B 319 54.49 -50.12 11.00
C SER B 319 54.33 -48.66 11.36
N CYS B 320 53.47 -48.41 12.36
CA CYS B 320 53.31 -47.06 12.87
C CYS B 320 54.61 -46.56 13.50
N TYR B 321 55.26 -47.40 14.30
CA TYR B 321 56.48 -47.02 15.00
C TYR B 321 57.66 -47.02 14.04
N GLY B 322 58.75 -46.40 14.48
CA GLY B 322 59.91 -46.26 13.62
C GLY B 322 59.73 -45.29 12.47
N GLN B 323 58.83 -44.32 12.62
CA GLN B 323 58.56 -43.33 11.58
C GLN B 323 59.48 -42.12 11.67
N ALA B 324 60.45 -42.14 12.58
CA ALA B 324 61.39 -41.03 12.71
C ALA B 324 62.29 -40.86 11.49
N GLU B 325 62.36 -41.86 10.62
CA GLU B 325 63.20 -41.81 9.44
C GLU B 325 62.46 -42.45 8.28
N LYS B 326 63.13 -42.47 7.11
CA LYS B 326 62.67 -43.00 5.83
C LYS B 326 61.17 -42.80 5.61
N PRO B 327 60.69 -41.56 5.50
CA PRO B 327 59.26 -41.35 5.24
C PRO B 327 58.89 -41.72 3.80
N GLU B 328 58.18 -42.83 3.64
CA GLU B 328 57.83 -43.36 2.32
C GLU B 328 56.40 -42.93 2.00
N THR B 329 56.27 -41.87 1.20
CA THR B 329 54.97 -41.39 0.75
C THR B 329 54.77 -41.78 -0.70
N PRO B 330 53.86 -42.70 -1.02
CA PRO B 330 53.67 -43.09 -2.42
C PRO B 330 53.18 -41.92 -3.26
N LEU B 331 53.66 -41.87 -4.50
CA LEU B 331 53.26 -40.80 -5.42
C LEU B 331 51.83 -40.99 -5.92
N HIS B 332 51.30 -42.21 -5.87
CA HIS B 332 49.94 -42.50 -6.29
C HIS B 332 49.13 -42.95 -5.09
N THR B 333 47.97 -42.31 -4.88
CA THR B 333 47.11 -42.65 -3.75
C THR B 333 45.69 -42.90 -4.22
N LEU B 334 44.77 -43.12 -3.28
CA LEU B 334 43.37 -43.38 -3.57
C LEU B 334 42.51 -42.12 -3.48
N HIS B 335 43.12 -40.95 -3.66
CA HIS B 335 42.39 -39.70 -3.53
C HIS B 335 41.59 -39.38 -4.79
N GLN B 336 42.29 -39.25 -5.93
CA GLN B 336 41.60 -38.91 -7.17
C GLN B 336 40.79 -40.06 -7.73
N PHE B 337 41.07 -41.30 -7.30
CA PHE B 337 40.33 -42.44 -7.82
C PHE B 337 38.92 -42.53 -7.26
N MET B 338 38.73 -42.09 -6.02
CA MET B 338 37.41 -42.11 -5.41
C MET B 338 36.53 -40.96 -5.87
N VAL B 339 37.08 -40.02 -6.66
CA VAL B 339 36.28 -38.90 -7.15
C VAL B 339 35.16 -39.39 -8.04
N ASN B 340 35.45 -40.35 -8.93
CA ASN B 340 34.48 -40.89 -9.87
C ASN B 340 34.42 -42.41 -9.65
N VAL B 341 33.44 -42.86 -8.87
CA VAL B 341 33.21 -44.28 -8.63
C VAL B 341 31.73 -44.58 -8.75
N THR B 342 31.42 -45.85 -9.02
CA THR B 342 30.06 -46.32 -9.08
C THR B 342 30.02 -47.76 -8.57
N TRP B 343 28.86 -48.17 -8.07
CA TRP B 343 28.73 -49.51 -7.52
C TRP B 343 27.25 -49.88 -7.45
N ASP B 344 26.95 -51.13 -7.83
CA ASP B 344 25.59 -51.67 -7.76
C ASP B 344 24.59 -50.80 -8.51
N GLY B 345 25.02 -50.29 -9.66
CA GLY B 345 24.14 -49.46 -10.48
C GLY B 345 23.70 -48.18 -9.82
N LYS B 346 24.55 -47.57 -8.99
CA LYS B 346 24.23 -46.33 -8.33
C LYS B 346 25.51 -45.56 -8.07
N ASP B 347 25.37 -44.25 -7.84
CA ASP B 347 26.50 -43.35 -7.75
C ASP B 347 26.82 -43.06 -6.29
N LEU B 348 28.03 -43.41 -5.86
CA LEU B 348 28.56 -43.06 -4.55
C LEU B 348 29.85 -42.26 -4.68
N SER B 349 29.96 -41.45 -5.73
CA SER B 349 31.16 -40.67 -5.97
C SER B 349 31.36 -39.62 -4.87
N PHE B 350 32.61 -39.24 -4.66
CA PHE B 350 32.98 -38.28 -3.63
C PHE B 350 33.51 -37.01 -4.27
N THR B 351 33.58 -35.96 -3.46
CA THR B 351 34.11 -34.67 -3.89
C THR B 351 35.59 -34.56 -3.52
N GLU B 352 36.20 -33.46 -3.95
CA GLU B 352 37.62 -33.23 -3.69
C GLU B 352 37.90 -33.01 -2.21
N GLU B 353 36.90 -32.61 -1.43
CA GLU B 353 37.10 -32.37 -0.01
C GLU B 353 36.79 -33.60 0.84
N GLY B 354 35.91 -34.48 0.37
CA GLY B 354 35.56 -35.67 1.12
C GLY B 354 34.08 -35.78 1.42
N TYR B 355 33.25 -35.13 0.61
CA TYR B 355 31.81 -35.17 0.75
C TYR B 355 31.20 -36.06 -0.33
N GLN B 356 30.14 -36.77 0.03
CA GLN B 356 29.45 -37.60 -0.94
C GLN B 356 28.72 -36.72 -1.96
N VAL B 357 28.88 -37.04 -3.24
CA VAL B 357 28.22 -36.27 -4.28
C VAL B 357 26.71 -36.49 -4.23
N HIS B 358 26.28 -37.72 -3.92
CA HIS B 358 24.85 -38.06 -3.80
C HIS B 358 24.62 -38.72 -2.45
N PRO B 359 24.65 -37.94 -1.37
CA PRO B 359 24.42 -38.54 -0.05
C PRO B 359 22.95 -38.83 0.18
N ARG B 360 22.69 -39.73 1.12
CA ARG B 360 21.34 -40.15 1.48
C ARG B 360 20.91 -39.38 2.72
N LEU B 361 19.93 -38.50 2.55
CA LEU B 361 19.42 -37.67 3.64
C LEU B 361 17.93 -37.90 3.83
N VAL B 362 17.50 -37.82 5.08
CA VAL B 362 16.10 -37.96 5.44
C VAL B 362 15.67 -36.72 6.22
N VAL B 363 14.49 -36.22 5.89
CA VAL B 363 13.88 -35.08 6.57
C VAL B 363 12.91 -35.62 7.60
N ILE B 364 13.18 -35.34 8.87
CA ILE B 364 12.40 -35.86 9.98
C ILE B 364 11.83 -34.69 10.76
N VAL B 365 10.72 -34.94 11.46
CA VAL B 365 10.03 -33.93 12.25
C VAL B 365 9.58 -34.57 13.56
N LEU B 366 9.37 -33.72 14.56
CA LEU B 366 8.88 -34.16 15.87
C LEU B 366 7.36 -34.16 15.84
N ASN B 367 6.76 -35.35 15.98
CA ASN B 367 5.32 -35.49 15.96
C ASN B 367 4.74 -35.10 17.32
N LYS B 368 3.44 -35.32 17.51
CA LYS B 368 2.81 -35.02 18.78
C LYS B 368 3.27 -35.95 19.90
N ASP B 369 3.90 -37.07 19.55
CA ASP B 369 4.39 -38.03 20.54
C ASP B 369 5.84 -37.77 20.94
N ARG B 370 6.41 -36.65 20.52
CA ARG B 370 7.79 -36.28 20.85
C ARG B 370 8.77 -37.35 20.36
N GLU B 371 8.58 -37.78 19.12
CA GLU B 371 9.44 -38.78 18.49
C GLU B 371 9.83 -38.30 17.10
N TRP B 372 11.04 -38.67 16.68
CA TRP B 372 11.55 -38.27 15.36
C TRP B 372 10.94 -39.20 14.32
N GLU B 373 10.01 -38.67 13.53
CA GLU B 373 9.34 -39.44 12.50
C GLU B 373 9.85 -39.01 11.13
N LYS B 374 10.27 -39.98 10.32
CA LYS B 374 10.76 -39.69 8.98
C LYS B 374 9.63 -39.16 8.11
N VAL B 375 9.90 -38.09 7.36
CA VAL B 375 8.89 -37.46 6.54
C VAL B 375 9.30 -37.51 5.07
N GLY B 376 10.50 -37.01 4.77
CA GLY B 376 10.95 -36.88 3.40
C GLY B 376 12.28 -37.58 3.17
N LYS B 377 12.59 -37.78 1.89
CA LYS B 377 13.83 -38.41 1.48
C LYS B 377 14.50 -37.57 0.40
N TRP B 378 15.82 -37.64 0.35
CA TRP B 378 16.61 -36.91 -0.65
C TRP B 378 17.46 -37.92 -1.42
N GLU B 379 17.07 -38.19 -2.66
CA GLU B 379 17.78 -39.15 -3.51
C GLU B 379 17.94 -38.58 -4.91
N ASN B 380 19.14 -38.73 -5.47
CA ASN B 380 19.47 -38.26 -6.81
C ASN B 380 19.14 -36.78 -6.96
N GLN B 381 19.53 -35.99 -5.96
CA GLN B 381 19.30 -34.54 -5.95
C GLN B 381 17.82 -34.20 -6.08
N THR B 382 16.95 -35.12 -5.68
CA THR B 382 15.52 -34.93 -5.73
C THR B 382 14.93 -35.16 -4.34
N LEU B 383 14.00 -34.29 -3.95
CA LEU B 383 13.35 -34.37 -2.66
C LEU B 383 11.95 -34.96 -2.85
N SER B 384 11.69 -36.08 -2.17
CA SER B 384 10.39 -36.72 -2.18
C SER B 384 9.77 -36.61 -0.79
N LEU B 385 8.59 -36.01 -0.72
CA LEU B 385 7.91 -35.74 0.55
C LEU B 385 6.71 -36.65 0.68
N ARG B 386 6.57 -37.29 1.85
CA ARG B 386 5.40 -38.12 2.11
C ARG B 386 4.13 -37.27 2.17
N HIS B 387 4.21 -36.10 2.78
CA HIS B 387 3.07 -35.19 2.92
C HIS B 387 3.15 -34.16 1.81
N ALA B 388 2.22 -34.23 0.85
CA ALA B 388 2.17 -33.23 -0.22
C ALA B 388 1.91 -31.84 0.34
N VAL B 389 0.98 -31.73 1.29
CA VAL B 389 0.69 -30.49 2.00
C VAL B 389 1.21 -30.64 3.43
N TRP B 390 1.85 -29.60 3.94
CA TRP B 390 2.43 -29.66 5.27
C TRP B 390 1.33 -29.64 6.32
N PRO B 391 1.21 -30.67 7.15
CA PRO B 391 0.19 -30.65 8.21
C PRO B 391 0.58 -29.70 9.33
N ARG B 392 -0.43 -29.11 9.95
CA ARG B 392 -0.20 -28.21 11.07
C ARG B 392 0.05 -29.00 12.34
N TYR B 393 1.20 -28.79 12.97
CA TYR B 393 1.59 -29.51 14.16
C TYR B 393 1.44 -28.59 15.38
N LYS B 394 0.81 -29.11 16.43
CA LYS B 394 0.67 -28.34 17.67
C LYS B 394 2.04 -28.14 18.30
N SER B 395 2.40 -26.89 18.56
CA SER B 395 3.74 -26.59 19.07
C SER B 395 3.95 -27.20 20.45
N PHE B 396 2.98 -27.01 21.35
CA PHE B 396 3.07 -27.53 22.70
C PHE B 396 1.67 -27.90 23.19
N SER B 397 1.63 -28.66 24.29
CA SER B 397 0.35 -29.03 24.89
C SER B 397 -0.42 -27.79 25.37
N ASP B 398 0.28 -26.74 25.75
CA ASP B 398 -0.34 -25.51 26.22
C ASP B 398 -0.53 -24.49 25.10
N CYS B 399 -0.19 -24.83 23.86
CA CYS B 399 -0.32 -23.90 22.76
C CYS B 399 -1.79 -23.66 22.42
N GLU B 400 -2.08 -22.47 21.89
CA GLU B 400 -3.43 -22.12 21.51
C GLU B 400 -3.90 -22.98 20.34
N PRO B 401 -5.19 -23.28 20.26
CA PRO B 401 -5.68 -24.10 19.15
C PRO B 401 -5.52 -23.40 17.81
N ASP B 402 -5.34 -24.19 16.76
CA ASP B 402 -5.13 -23.66 15.41
C ASP B 402 -6.43 -23.06 14.89
N ASP B 403 -6.48 -21.74 14.78
CA ASP B 403 -7.65 -21.04 14.26
C ASP B 403 -7.34 -20.15 13.06
N ASN B 404 -6.13 -19.59 12.99
CA ASN B 404 -5.77 -18.72 11.88
C ASN B 404 -5.60 -19.47 10.56
N HIS B 405 -5.57 -20.80 10.59
CA HIS B 405 -5.45 -21.60 9.39
C HIS B 405 -6.85 -22.09 9.00
N LEU B 406 -7.27 -21.77 7.78
CA LEU B 406 -8.61 -22.08 7.30
C LEU B 406 -8.51 -22.85 6.00
N SER B 407 -9.25 -23.96 5.92
CA SER B 407 -9.35 -24.74 4.70
C SER B 407 -10.46 -24.15 3.84
N ILE B 408 -10.12 -23.74 2.62
CA ILE B 408 -11.02 -22.99 1.75
C ILE B 408 -11.24 -23.79 0.48
N VAL B 409 -12.50 -23.93 0.08
CA VAL B 409 -12.88 -24.66 -1.12
C VAL B 409 -13.31 -23.68 -2.19
N THR B 410 -13.11 -24.05 -3.46
CA THR B 410 -13.38 -23.16 -4.57
C THR B 410 -13.61 -23.99 -5.83
N LEU B 411 -14.15 -23.33 -6.86
CA LEU B 411 -14.37 -23.94 -8.16
C LEU B 411 -13.74 -23.10 -9.24
N GLU B 412 -13.29 -23.75 -10.31
CA GLU B 412 -12.80 -23.05 -11.49
C GLU B 412 -13.90 -22.20 -12.11
N GLU B 413 -13.61 -20.92 -12.33
CA GLU B 413 -14.51 -20.01 -13.03
C GLU B 413 -13.71 -19.12 -13.96
N ALA B 414 -14.32 -18.79 -15.10
CA ALA B 414 -13.61 -18.01 -16.12
C ALA B 414 -13.15 -16.64 -15.62
N PRO B 415 -13.99 -15.81 -14.99
CA PRO B 415 -13.50 -14.48 -14.58
C PRO B 415 -13.01 -14.41 -13.14
N PHE B 416 -13.22 -15.47 -12.37
CA PHE B 416 -12.98 -15.44 -10.93
C PHE B 416 -11.84 -16.34 -10.48
N VAL B 417 -11.88 -17.62 -10.80
CA VAL B 417 -10.90 -18.60 -10.31
C VAL B 417 -10.39 -19.38 -11.52
N ILE B 418 -9.24 -18.97 -12.04
CA ILE B 418 -8.58 -19.67 -13.15
C ILE B 418 -7.44 -20.50 -12.58
N VAL B 419 -7.43 -21.79 -12.90
CA VAL B 419 -6.38 -22.70 -12.45
C VAL B 419 -5.45 -22.98 -13.61
N GLU B 420 -4.17 -23.19 -13.30
CA GLU B 420 -3.16 -23.54 -14.28
C GLU B 420 -2.15 -24.47 -13.63
N ASP B 421 -1.33 -25.09 -14.48
CA ASP B 421 -0.32 -26.02 -14.02
C ASP B 421 0.93 -25.27 -13.57
N ILE B 422 1.83 -26.01 -12.90
CA ILE B 422 3.05 -25.41 -12.38
C ILE B 422 3.98 -25.06 -13.55
N ASP B 423 4.71 -23.96 -13.39
CA ASP B 423 5.68 -23.55 -14.41
C ASP B 423 6.79 -24.59 -14.48
N PRO B 424 7.00 -25.23 -15.63
CA PRO B 424 8.04 -26.28 -15.71
C PRO B 424 9.45 -25.77 -15.45
N LEU B 425 9.75 -24.53 -15.80
CA LEU B 425 11.11 -24.02 -15.74
C LEU B 425 11.48 -23.44 -14.38
N THR B 426 10.57 -23.47 -13.41
CA THR B 426 10.86 -22.94 -12.07
C THR B 426 10.42 -23.87 -10.94
N GLU B 427 9.49 -24.79 -11.19
CA GLU B 427 8.87 -25.69 -10.21
C GLU B 427 7.93 -24.96 -9.26
N THR B 428 7.79 -23.65 -9.38
CA THR B 428 6.74 -22.90 -8.73
C THR B 428 6.09 -21.98 -9.77
N CYS B 429 4.98 -21.36 -9.38
CA CYS B 429 4.18 -20.58 -10.32
C CYS B 429 4.42 -19.08 -10.12
N VAL B 430 3.67 -18.28 -10.88
CA VAL B 430 3.85 -16.84 -10.86
C VAL B 430 3.45 -16.29 -9.47
N ARG B 431 3.99 -15.12 -9.15
CA ARG B 431 3.79 -14.55 -7.82
C ARG B 431 2.32 -14.27 -7.54
N ASN B 432 1.58 -13.76 -8.52
CA ASN B 432 0.21 -13.33 -8.27
C ASN B 432 -0.70 -14.51 -7.94
N THR B 433 -0.54 -15.63 -8.62
CA THR B 433 -1.41 -16.77 -8.40
C THR B 433 -1.09 -17.44 -7.06
N VAL B 434 -2.07 -18.12 -6.51
CA VAL B 434 -1.99 -18.75 -5.20
C VAL B 434 -1.98 -20.26 -5.40
N PRO B 435 -1.06 -20.99 -4.75
CA PRO B 435 -1.10 -22.46 -4.86
C PRO B 435 -2.37 -23.02 -4.28
N CYS B 436 -2.88 -24.07 -4.93
CA CYS B 436 -4.10 -24.73 -4.48
C CYS B 436 -4.11 -26.15 -5.03
N ARG B 437 -4.58 -27.09 -4.22
CA ARG B 437 -4.47 -28.51 -4.52
C ARG B 437 -5.78 -29.05 -5.06
N LYS B 438 -5.70 -29.82 -6.13
CA LYS B 438 -6.85 -30.49 -6.72
C LYS B 438 -6.69 -32.00 -6.55
N PHE B 439 -7.78 -32.66 -6.16
CA PHE B 439 -7.79 -34.11 -5.96
C PHE B 439 -8.10 -34.77 -7.30
N VAL B 440 -7.06 -35.02 -8.08
CA VAL B 440 -7.23 -35.68 -9.37
C VAL B 440 -7.32 -37.18 -9.17
N LYS B 441 -8.32 -37.79 -9.77
CA LYS B 441 -8.58 -39.22 -9.68
C LYS B 441 -8.20 -39.87 -11.00
N ILE B 442 -7.64 -41.08 -10.93
CA ILE B 442 -7.38 -41.84 -12.16
C ILE B 442 -8.67 -42.00 -12.94
N ASN B 443 -9.64 -42.70 -12.36
CA ASN B 443 -11.03 -42.65 -12.82
C ASN B 443 -11.93 -43.29 -11.78
N ASN B 444 -13.19 -43.51 -12.20
CA ASN B 444 -14.25 -43.88 -11.26
C ASN B 444 -13.94 -45.18 -10.52
N SER B 445 -13.28 -46.13 -11.19
CA SER B 445 -13.08 -47.45 -10.59
C SER B 445 -12.24 -47.37 -9.33
N THR B 446 -11.12 -46.65 -9.39
CA THR B 446 -10.22 -46.57 -8.23
C THR B 446 -10.68 -45.47 -7.28
N ASN B 447 -10.34 -45.63 -6.00
CA ASN B 447 -10.69 -44.66 -4.97
C ASN B 447 -9.51 -43.86 -4.47
N GLU B 448 -8.33 -44.01 -5.08
CA GLU B 448 -7.14 -43.28 -4.66
C GLU B 448 -6.82 -42.19 -5.66
N GLY B 449 -6.54 -40.99 -5.14
CA GLY B 449 -6.25 -39.84 -5.99
C GLY B 449 -5.08 -39.06 -5.46
N MET B 450 -4.60 -38.15 -6.30
CA MET B 450 -3.41 -37.35 -6.02
C MET B 450 -3.79 -35.89 -5.80
N ASN B 451 -3.20 -35.27 -4.79
CA ASN B 451 -3.40 -33.85 -4.50
C ASN B 451 -2.38 -33.04 -5.30
N VAL B 452 -2.71 -32.80 -6.57
CA VAL B 452 -1.80 -32.06 -7.43
C VAL B 452 -1.86 -30.59 -7.07
N LYS B 453 -0.68 -29.97 -6.89
CA LYS B 453 -0.60 -28.59 -6.43
C LYS B 453 -0.58 -27.65 -7.63
N LYS B 454 -1.78 -27.37 -8.15
CA LYS B 454 -1.89 -26.42 -9.25
C LYS B 454 -1.83 -25.01 -8.67
N CYS B 455 -1.88 -24.00 -9.55
CA CYS B 455 -1.86 -22.62 -9.10
C CYS B 455 -3.04 -21.88 -9.69
N CYS B 456 -3.83 -21.26 -8.82
CA CYS B 456 -5.09 -20.63 -9.20
C CYS B 456 -5.11 -19.17 -8.80
N LYS B 457 -5.59 -18.33 -9.71
CA LYS B 457 -5.60 -16.88 -9.55
C LYS B 457 -6.94 -16.35 -10.05
N GLY B 458 -7.03 -15.04 -10.19
CA GLY B 458 -8.24 -14.42 -10.70
C GLY B 458 -8.83 -13.38 -9.78
N PHE B 459 -10.15 -13.16 -9.89
CA PHE B 459 -10.80 -12.14 -9.06
C PHE B 459 -10.98 -12.64 -7.63
N CYS B 460 -11.75 -13.72 -7.45
CA CYS B 460 -11.99 -14.22 -6.11
C CYS B 460 -10.69 -14.59 -5.39
N ILE B 461 -9.68 -15.01 -6.15
CA ILE B 461 -8.41 -15.42 -5.53
C ILE B 461 -7.71 -14.23 -4.90
N ASP B 462 -7.61 -13.11 -5.61
CA ASP B 462 -6.94 -11.98 -4.98
C ASP B 462 -7.84 -11.26 -3.98
N ILE B 463 -9.16 -11.42 -4.08
CA ILE B 463 -10.03 -11.01 -2.99
C ILE B 463 -9.69 -11.78 -1.72
N LEU B 464 -9.51 -13.10 -1.86
CA LEU B 464 -9.13 -13.92 -0.72
C LEU B 464 -7.75 -13.53 -0.20
N LYS B 465 -6.83 -13.21 -1.11
CA LYS B 465 -5.49 -12.77 -0.71
C LYS B 465 -5.56 -11.48 0.10
N LYS B 466 -6.37 -10.52 -0.36
CA LYS B 466 -6.52 -9.26 0.38
C LYS B 466 -7.18 -9.49 1.73
N LEU B 467 -8.17 -10.38 1.79
CA LEU B 467 -8.79 -10.71 3.07
C LEU B 467 -7.78 -11.34 4.02
N SER B 468 -6.93 -12.22 3.51
CA SER B 468 -5.89 -12.82 4.35
C SER B 468 -4.90 -11.77 4.84
N ARG B 469 -4.55 -10.82 3.97
CA ARG B 469 -3.63 -9.76 4.37
C ARG B 469 -4.24 -8.88 5.46
N THR B 470 -5.52 -8.56 5.34
CA THR B 470 -6.15 -7.66 6.31
C THR B 470 -6.46 -8.37 7.63
N VAL B 471 -7.25 -9.46 7.56
CA VAL B 471 -7.66 -10.18 8.76
C VAL B 471 -6.50 -10.93 9.40
N LYS B 472 -5.39 -11.11 8.68
CA LYS B 472 -4.20 -11.78 9.19
C LYS B 472 -4.51 -13.24 9.56
N PHE B 473 -4.87 -14.01 8.55
CA PHE B 473 -5.07 -15.45 8.71
C PHE B 473 -4.45 -16.18 7.54
N THR B 474 -4.04 -17.43 7.78
CA THR B 474 -3.45 -18.28 6.76
C THR B 474 -4.50 -19.21 6.18
N TYR B 475 -4.16 -19.85 5.07
CA TYR B 475 -5.11 -20.70 4.36
C TYR B 475 -4.36 -21.70 3.51
N ASP B 476 -5.06 -22.78 3.15
CA ASP B 476 -4.58 -23.78 2.20
C ASP B 476 -5.69 -24.10 1.19
N LEU B 477 -5.73 -23.32 0.12
CA LEU B 477 -6.80 -23.41 -0.85
C LEU B 477 -6.81 -24.76 -1.54
N TYR B 478 -8.01 -25.27 -1.83
CA TYR B 478 -8.16 -26.52 -2.56
C TYR B 478 -9.48 -26.51 -3.30
N LEU B 479 -9.48 -27.08 -4.51
CA LEU B 479 -10.66 -27.07 -5.36
C LEU B 479 -11.62 -28.20 -4.99
N VAL B 480 -12.87 -28.03 -5.39
CA VAL B 480 -13.91 -29.01 -5.14
C VAL B 480 -13.94 -30.00 -6.30
N THR B 481 -14.28 -31.25 -6.00
CA THR B 481 -14.38 -32.30 -7.01
C THR B 481 -15.71 -33.03 -7.02
N ASN B 482 -16.51 -32.93 -5.96
CA ASN B 482 -17.80 -33.63 -5.90
C ASN B 482 -18.79 -33.05 -6.89
N GLY B 483 -19.10 -31.75 -6.74
CA GLY B 483 -20.02 -31.10 -7.63
C GLY B 483 -19.59 -29.67 -7.90
N LYS B 484 -20.02 -29.17 -9.06
CA LYS B 484 -19.65 -27.81 -9.46
C LYS B 484 -20.25 -26.77 -8.52
N HIS B 485 -21.56 -26.83 -8.30
CA HIS B 485 -22.23 -25.85 -7.47
C HIS B 485 -23.14 -26.56 -6.47
N GLY B 486 -23.48 -25.85 -5.41
CA GLY B 486 -24.31 -26.39 -4.36
C GLY B 486 -25.70 -26.80 -4.81
N LYS B 487 -26.06 -28.05 -4.56
CA LYS B 487 -27.40 -28.55 -4.83
C LYS B 487 -27.75 -29.60 -3.80
N LYS B 488 -28.96 -29.52 -3.27
CA LYS B 488 -29.43 -30.43 -2.23
C LYS B 488 -30.23 -31.56 -2.88
N VAL B 489 -29.66 -32.76 -2.87
CA VAL B 489 -30.34 -33.95 -3.35
C VAL B 489 -30.40 -34.96 -2.21
N ASN B 490 -31.61 -35.48 -1.95
CA ASN B 490 -31.84 -36.40 -0.83
C ASN B 490 -31.37 -35.81 0.49
N ASN B 491 -31.59 -34.49 0.65
CA ASN B 491 -31.15 -33.75 1.84
C ASN B 491 -29.64 -33.88 2.05
N VAL B 492 -28.89 -33.91 0.95
CA VAL B 492 -27.44 -34.00 0.97
C VAL B 492 -26.89 -32.93 0.05
N TRP B 493 -25.95 -32.13 0.55
CA TRP B 493 -25.36 -31.03 -0.19
C TRP B 493 -24.03 -31.46 -0.81
N ASN B 494 -23.79 -31.01 -2.04
CA ASN B 494 -22.53 -31.26 -2.74
C ASN B 494 -21.99 -29.95 -3.28
N GLY B 495 -20.71 -29.95 -3.62
CA GLY B 495 -20.04 -28.74 -4.05
C GLY B 495 -19.40 -28.00 -2.90
N MET B 496 -19.19 -26.69 -3.10
CA MET B 496 -18.64 -25.88 -2.02
C MET B 496 -19.58 -25.84 -0.83
N ILE B 497 -20.89 -25.74 -1.09
CA ILE B 497 -21.87 -25.75 -0.01
C ILE B 497 -21.80 -27.08 0.73
N GLY B 498 -21.67 -28.19 -0.01
CA GLY B 498 -21.55 -29.48 0.64
C GLY B 498 -20.32 -29.59 1.50
N GLU B 499 -19.18 -29.10 1.01
CA GLU B 499 -17.95 -29.13 1.81
C GLU B 499 -18.06 -28.26 3.05
N VAL B 500 -18.70 -27.10 2.92
CA VAL B 500 -18.83 -26.20 4.07
C VAL B 500 -19.78 -26.78 5.10
N VAL B 501 -20.85 -27.44 4.66
CA VAL B 501 -21.84 -28.00 5.57
C VAL B 501 -21.20 -29.04 6.48
N TYR B 502 -20.41 -29.94 5.90
CA TYR B 502 -19.82 -31.05 6.64
C TYR B 502 -18.48 -30.68 7.27
N GLN B 503 -18.23 -29.39 7.47
CA GLN B 503 -17.04 -28.90 8.18
C GLN B 503 -15.74 -29.29 7.49
N ARG B 504 -15.79 -29.60 6.20
CA ARG B 504 -14.59 -29.89 5.45
C ARG B 504 -13.95 -28.64 4.86
N ALA B 505 -14.59 -27.49 4.98
CA ALA B 505 -14.05 -26.23 4.47
C ALA B 505 -14.69 -25.08 5.23
N VAL B 506 -13.85 -24.24 5.85
CA VAL B 506 -14.37 -23.12 6.62
C VAL B 506 -14.99 -22.08 5.70
N MET B 507 -14.37 -21.81 4.56
CA MET B 507 -14.84 -20.81 3.62
C MET B 507 -14.99 -21.40 2.24
N ALA B 508 -15.86 -20.78 1.45
CA ALA B 508 -16.11 -21.17 0.05
C ALA B 508 -16.09 -19.90 -0.78
N VAL B 509 -14.91 -19.57 -1.31
CA VAL B 509 -14.70 -18.35 -2.09
C VAL B 509 -14.79 -18.72 -3.57
N GLY B 510 -15.65 -18.00 -4.30
CA GLY B 510 -15.82 -18.26 -5.71
C GLY B 510 -17.12 -17.66 -6.21
N SER B 511 -17.50 -18.07 -7.42
CA SER B 511 -18.74 -17.60 -8.05
C SER B 511 -19.92 -18.36 -7.44
N LEU B 512 -20.24 -17.98 -6.20
CA LEU B 512 -21.34 -18.60 -5.45
C LEU B 512 -22.53 -17.66 -5.46
N THR B 513 -23.67 -18.15 -5.91
CA THR B 513 -24.89 -17.36 -6.01
C THR B 513 -25.71 -17.52 -4.74
N ILE B 514 -26.18 -16.40 -4.20
CA ILE B 514 -26.90 -16.41 -2.93
C ILE B 514 -28.39 -16.63 -3.21
N ASN B 515 -28.99 -17.58 -2.48
CA ASN B 515 -30.42 -17.81 -2.52
C ASN B 515 -30.89 -18.21 -1.13
N GLU B 516 -32.15 -18.59 -1.02
CA GLU B 516 -32.73 -18.86 0.30
C GLU B 516 -32.18 -20.13 0.93
N GLU B 517 -32.13 -21.23 0.15
CA GLU B 517 -31.72 -22.51 0.71
C GLU B 517 -30.26 -22.47 1.18
N ARG B 518 -29.38 -21.92 0.37
CA ARG B 518 -27.97 -21.82 0.77
C ARG B 518 -27.81 -20.90 1.98
N SER B 519 -28.54 -19.79 2.00
CA SER B 519 -28.42 -18.86 3.12
C SER B 519 -29.01 -19.43 4.40
N GLU B 520 -29.91 -20.41 4.29
CA GLU B 520 -30.46 -21.00 5.52
C GLU B 520 -29.70 -22.25 5.94
N VAL B 521 -28.95 -22.88 5.04
CA VAL B 521 -28.16 -24.04 5.44
C VAL B 521 -26.77 -23.63 5.93
N VAL B 522 -26.17 -22.60 5.33
CA VAL B 522 -24.89 -22.08 5.78
C VAL B 522 -25.01 -20.57 5.97
N ASP B 523 -23.92 -19.92 6.32
CA ASP B 523 -23.91 -18.50 6.64
C ASP B 523 -23.12 -17.76 5.58
N PHE B 524 -23.71 -16.73 5.00
CA PHE B 524 -23.06 -15.91 3.99
C PHE B 524 -22.59 -14.57 4.56
N SER B 525 -21.89 -13.82 3.73
CA SER B 525 -21.39 -12.50 4.05
C SER B 525 -22.04 -11.47 3.13
N VAL B 526 -21.63 -10.22 3.28
CA VAL B 526 -22.15 -9.15 2.42
C VAL B 526 -21.63 -9.35 1.00
N PRO B 527 -22.50 -9.32 -0.01
CA PRO B 527 -22.03 -9.51 -1.39
C PRO B 527 -21.08 -8.40 -1.81
N PHE B 528 -20.09 -8.75 -2.62
CA PHE B 528 -19.08 -7.82 -3.10
C PHE B 528 -19.21 -7.48 -4.58
N VAL B 529 -20.08 -8.19 -5.31
CA VAL B 529 -20.29 -7.91 -6.73
C VAL B 529 -21.73 -8.27 -7.07
N GLU B 530 -22.34 -7.46 -7.93
CA GLU B 530 -23.73 -7.66 -8.31
C GLU B 530 -23.83 -8.74 -9.39
N THR B 531 -24.87 -9.57 -9.29
CA THR B 531 -25.11 -10.63 -10.25
C THR B 531 -26.61 -10.89 -10.31
N GLY B 532 -26.98 -12.02 -10.91
CA GLY B 532 -28.38 -12.41 -10.97
C GLY B 532 -28.68 -13.13 -12.26
N ILE B 533 -29.94 -13.53 -12.40
CA ILE B 533 -30.40 -14.20 -13.61
C ILE B 533 -30.41 -13.20 -14.76
N SER B 534 -29.81 -13.59 -15.89
CA SER B 534 -29.75 -12.73 -17.05
C SER B 534 -29.83 -13.57 -18.31
N VAL B 535 -30.38 -12.96 -19.36
CA VAL B 535 -30.62 -13.62 -20.64
C VAL B 535 -29.76 -12.93 -21.69
N MET B 536 -29.04 -13.73 -22.47
CA MET B 536 -28.08 -13.23 -23.43
C MET B 536 -28.25 -13.96 -24.76
N VAL B 537 -28.19 -13.21 -25.87
CA VAL B 537 -28.45 -13.75 -27.19
C VAL B 537 -27.41 -13.20 -28.17
N SER B 538 -27.34 -13.84 -29.33
CA SER B 538 -26.46 -13.37 -30.40
C SER B 538 -26.98 -12.05 -30.97
N ARG B 539 -26.05 -11.16 -31.30
CA ARG B 539 -26.42 -9.88 -31.89
C ARG B 539 -27.06 -10.10 -33.26
N SER B 540 -28.03 -9.24 -33.59
CA SER B 540 -28.71 -9.34 -34.87
C SER B 540 -27.73 -9.16 -36.02
N ASN B 541 -27.90 -9.96 -37.07
CA ASN B 541 -26.99 -9.91 -38.21
C ASN B 541 -27.04 -8.56 -38.89
N GLY B 542 -28.25 -8.00 -39.07
CA GLY B 542 -28.42 -6.71 -39.71
C GLY B 542 -28.76 -5.65 -38.68
N THR B 543 -28.02 -4.54 -38.73
CA THR B 543 -28.26 -3.43 -37.83
C THR B 543 -29.53 -2.69 -38.20
N VAL B 544 -30.12 -2.00 -37.23
CA VAL B 544 -31.36 -1.25 -37.44
C VAL B 544 -31.04 0.02 -38.22
N SER B 545 -31.86 0.31 -39.22
CA SER B 545 -31.65 1.50 -40.05
C SER B 545 -32.43 2.67 -39.46
N PRO B 546 -31.76 3.77 -39.08
CA PRO B 546 -32.49 4.93 -38.56
C PRO B 546 -33.32 5.60 -39.65
N SER B 547 -34.39 6.26 -39.20
CA SER B 547 -35.29 6.99 -40.09
C SER B 547 -34.56 8.25 -40.57
N ALA B 548 -33.92 8.15 -41.73
CA ALA B 548 -33.07 9.23 -42.23
C ALA B 548 -33.87 10.47 -42.56
N PHE B 549 -35.05 10.30 -43.18
CA PHE B 549 -35.76 11.45 -43.74
C PHE B 549 -36.55 12.21 -42.68
N LEU B 550 -37.02 11.53 -41.63
CA LEU B 550 -37.91 12.19 -40.67
C LEU B 550 -37.16 13.13 -39.74
N GLU B 551 -35.90 12.79 -39.39
CA GLU B 551 -35.17 13.60 -38.41
C GLU B 551 -34.93 15.05 -38.86
N PRO B 552 -34.48 15.33 -40.10
CA PRO B 552 -34.15 16.74 -40.43
C PRO B 552 -35.30 17.70 -40.26
N PHE B 553 -36.48 17.36 -40.74
CA PHE B 553 -37.63 18.27 -40.76
C PHE B 553 -38.84 17.57 -40.18
N SER B 554 -39.49 18.21 -39.22
CA SER B 554 -40.71 17.67 -38.64
C SER B 554 -41.82 17.65 -39.68
N ALA B 555 -42.74 16.68 -39.53
CA ALA B 555 -43.82 16.53 -40.49
C ALA B 555 -44.70 17.77 -40.54
N SER B 556 -45.03 18.33 -39.37
CA SER B 556 -45.77 19.59 -39.33
C SER B 556 -44.96 20.71 -39.95
N VAL B 557 -43.66 20.76 -39.65
CA VAL B 557 -42.81 21.79 -40.24
C VAL B 557 -42.68 21.57 -41.74
N TRP B 558 -42.58 20.31 -42.15
CA TRP B 558 -42.55 19.96 -43.58
C TRP B 558 -43.77 20.51 -44.29
N VAL B 559 -44.97 20.20 -43.76
CA VAL B 559 -46.20 20.63 -44.42
C VAL B 559 -46.41 22.13 -44.33
N MET B 560 -45.91 22.79 -43.29
CA MET B 560 -46.10 24.24 -43.22
C MET B 560 -45.16 24.96 -44.18
N MET B 561 -43.94 24.43 -44.38
CA MET B 561 -43.06 25.08 -45.34
C MET B 561 -43.53 24.83 -46.77
N PHE B 562 -44.00 23.62 -47.08
CA PHE B 562 -44.29 23.31 -48.48
C PHE B 562 -45.68 23.76 -48.94
N VAL B 563 -46.62 24.04 -48.02
CA VAL B 563 -47.97 24.29 -48.50
C VAL B 563 -48.38 25.76 -48.39
N MET B 564 -48.55 26.26 -47.17
CA MET B 564 -49.14 27.59 -47.02
C MET B 564 -48.12 28.69 -47.28
N LEU B 565 -46.87 28.50 -46.87
CA LEU B 565 -45.85 29.50 -47.18
C LEU B 565 -45.69 29.65 -48.69
N LEU B 566 -45.66 28.53 -49.41
CA LEU B 566 -45.53 28.59 -50.86
C LEU B 566 -46.70 29.32 -51.48
N ILE B 567 -47.93 29.03 -51.02
CA ILE B 567 -49.11 29.66 -51.60
C ILE B 567 -49.10 31.15 -51.34
N VAL B 568 -48.78 31.58 -50.11
CA VAL B 568 -48.82 33.00 -49.81
C VAL B 568 -47.72 33.74 -50.56
N SER B 569 -46.53 33.13 -50.68
CA SER B 569 -45.46 33.75 -51.45
C SER B 569 -45.85 33.87 -52.92
N ALA B 570 -46.47 32.82 -53.48
CA ALA B 570 -46.89 32.84 -54.86
C ALA B 570 -47.95 33.91 -55.10
N ILE B 571 -48.92 34.03 -54.19
CA ILE B 571 -49.97 35.03 -54.34
C ILE B 571 -49.38 36.44 -54.26
N ALA B 572 -48.48 36.66 -53.30
CA ALA B 572 -47.84 37.97 -53.19
C ALA B 572 -47.07 38.32 -54.45
N VAL B 573 -46.24 37.39 -54.94
CA VAL B 573 -45.46 37.69 -56.14
C VAL B 573 -46.39 37.87 -57.34
N PHE B 574 -47.49 37.11 -57.41
CA PHE B 574 -48.42 37.20 -58.53
C PHE B 574 -49.09 38.55 -58.57
N VAL B 575 -49.58 39.04 -57.42
CA VAL B 575 -50.16 40.37 -57.39
C VAL B 575 -49.09 41.42 -57.60
N PHE B 576 -47.82 41.06 -57.41
CA PHE B 576 -46.74 41.97 -57.82
C PHE B 576 -46.64 42.08 -59.33
N GLU B 577 -46.61 40.95 -60.05
CA GLU B 577 -46.48 41.06 -61.51
C GLU B 577 -47.74 41.65 -62.12
N TYR B 578 -48.91 41.25 -61.65
CA TYR B 578 -50.16 41.67 -62.28
C TYR B 578 -50.35 43.19 -62.20
N PHE B 579 -49.74 43.82 -61.21
CA PHE B 579 -49.81 45.27 -61.08
C PHE B 579 -48.53 45.93 -61.59
N PHE B 599 -50.66 36.24 -67.50
CA PHE B 599 -49.90 35.68 -66.39
C PHE B 599 -50.81 34.86 -65.48
N THR B 600 -50.69 33.54 -65.58
CA THR B 600 -51.53 32.62 -64.81
C THR B 600 -50.95 32.42 -63.42
N ILE B 601 -51.85 32.32 -62.43
CA ILE B 601 -51.42 32.03 -61.06
C ILE B 601 -50.70 30.69 -60.99
N GLY B 602 -51.21 29.68 -61.71
CA GLY B 602 -50.59 28.37 -61.66
C GLY B 602 -49.19 28.36 -62.24
N LYS B 603 -48.97 29.12 -63.31
CA LYS B 603 -47.64 29.17 -63.91
C LYS B 603 -46.61 29.65 -62.90
N ALA B 604 -46.90 30.75 -62.21
CA ALA B 604 -46.00 31.22 -61.17
C ALA B 604 -45.92 30.24 -60.01
N ILE B 605 -47.03 29.53 -59.72
CA ILE B 605 -47.02 28.59 -58.60
C ILE B 605 -46.03 27.47 -58.85
N TRP B 606 -46.11 26.83 -60.02
CA TRP B 606 -45.12 25.77 -60.28
C TRP B 606 -43.74 26.32 -60.61
N LEU B 607 -43.63 27.55 -61.09
CA LEU B 607 -42.31 28.15 -61.24
C LEU B 607 -41.62 28.26 -59.88
N LEU B 608 -42.32 28.80 -58.89
CA LEU B 608 -41.77 28.88 -57.55
C LEU B 608 -41.55 27.50 -56.95
N TRP B 609 -42.43 26.54 -57.24
CA TRP B 609 -42.26 25.19 -56.73
C TRP B 609 -40.99 24.55 -57.27
N GLY B 610 -40.70 24.76 -58.55
CA GLY B 610 -39.42 24.32 -59.09
C GLY B 610 -38.25 25.08 -58.49
N LEU B 611 -38.44 26.37 -58.20
CA LEU B 611 -37.38 27.15 -57.58
C LEU B 611 -37.09 26.69 -56.16
N VAL B 612 -38.05 26.02 -55.50
CA VAL B 612 -37.84 25.58 -54.13
C VAL B 612 -36.57 24.75 -54.00
N PHE B 613 -36.53 23.61 -54.70
CA PHE B 613 -35.61 22.54 -54.36
C PHE B 613 -34.75 22.09 -55.54
N ASN B 614 -34.47 22.97 -56.50
CA ASN B 614 -33.57 22.62 -57.59
C ASN B 614 -33.31 23.86 -58.44
N ASN B 615 -32.33 23.76 -59.32
CA ASN B 615 -32.14 24.77 -60.35
C ASN B 615 -33.34 24.78 -61.28
N SER B 616 -33.80 25.97 -61.63
CA SER B 616 -35.07 26.10 -62.34
C SER B 616 -34.94 25.64 -63.79
N VAL B 617 -35.88 24.80 -64.20
CA VAL B 617 -36.07 24.53 -65.63
C VAL B 617 -36.47 25.84 -66.31
N PRO B 618 -35.99 26.14 -67.53
CA PRO B 618 -36.34 27.43 -68.14
C PRO B 618 -37.83 27.72 -68.20
N VAL B 619 -38.25 28.71 -67.41
CA VAL B 619 -39.64 29.15 -67.30
C VAL B 619 -39.63 30.68 -67.36
N GLN B 620 -40.76 31.25 -67.76
CA GLN B 620 -40.86 32.70 -67.88
C GLN B 620 -40.53 33.38 -66.55
N ASN B 621 -39.86 34.53 -66.64
CA ASN B 621 -39.39 35.28 -65.49
C ASN B 621 -40.30 36.48 -65.20
N PRO B 622 -40.37 36.90 -63.94
CA PRO B 622 -41.19 38.07 -63.60
C PRO B 622 -40.70 39.32 -64.32
N LYS B 623 -41.64 40.20 -64.66
CA LYS B 623 -41.34 41.43 -65.37
C LYS B 623 -41.43 42.67 -64.50
N GLY B 624 -41.83 42.54 -63.24
CA GLY B 624 -41.91 43.67 -62.32
C GLY B 624 -40.70 43.68 -61.39
N THR B 625 -40.16 44.88 -61.18
CA THR B 625 -38.92 45.01 -60.41
C THR B 625 -39.10 44.51 -58.99
N THR B 626 -40.20 44.91 -58.33
CA THR B 626 -40.46 44.41 -56.99
C THR B 626 -40.78 42.91 -57.00
N SER B 627 -41.38 42.41 -58.09
CA SER B 627 -41.62 40.99 -58.20
C SER B 627 -40.32 40.20 -58.24
N LYS B 628 -39.32 40.69 -58.99
CA LYS B 628 -38.04 39.97 -59.00
C LYS B 628 -37.24 40.22 -57.73
N ILE B 629 -37.45 41.34 -57.04
CA ILE B 629 -36.93 41.47 -55.67
C ILE B 629 -37.48 40.35 -54.79
N MET B 630 -38.79 40.12 -54.87
CA MET B 630 -39.42 39.07 -54.08
C MET B 630 -38.87 37.70 -54.45
N VAL B 631 -38.76 37.41 -55.74
CA VAL B 631 -38.27 36.09 -56.13
C VAL B 631 -36.80 35.92 -55.76
N SER B 632 -36.01 37.00 -55.78
CA SER B 632 -34.62 36.90 -55.40
C SER B 632 -34.47 36.59 -53.91
N VAL B 633 -35.19 37.31 -53.07
CA VAL B 633 -35.09 37.04 -51.63
C VAL B 633 -35.66 35.66 -51.31
N TRP B 634 -36.72 35.26 -52.00
CA TRP B 634 -37.30 33.94 -51.78
C TRP B 634 -36.36 32.83 -52.25
N ALA B 635 -35.61 33.06 -53.32
CA ALA B 635 -34.64 32.06 -53.76
C ALA B 635 -33.43 32.02 -52.85
N PHE B 636 -33.09 33.15 -52.21
CA PHE B 636 -32.06 33.12 -51.18
C PHE B 636 -32.53 32.27 -49.99
N PHE B 637 -33.81 32.42 -49.64
CA PHE B 637 -34.47 31.45 -48.75
C PHE B 637 -34.28 30.01 -49.23
N ALA B 638 -34.54 29.76 -50.51
CA ALA B 638 -34.48 28.41 -51.04
C ALA B 638 -33.07 27.82 -50.93
N VAL B 639 -32.06 28.62 -51.30
CA VAL B 639 -30.70 28.12 -51.30
C VAL B 639 -30.20 27.92 -49.87
N ILE B 640 -30.57 28.81 -48.94
CA ILE B 640 -30.20 28.61 -47.55
C ILE B 640 -30.83 27.33 -47.02
N PHE B 641 -32.10 27.10 -47.35
CA PHE B 641 -32.77 25.88 -46.93
C PHE B 641 -32.06 24.65 -47.49
N LEU B 642 -31.68 24.68 -48.77
CA LEU B 642 -31.02 23.54 -49.38
C LEU B 642 -29.68 23.27 -48.72
N ALA B 643 -28.91 24.33 -48.45
CA ALA B 643 -27.62 24.15 -47.79
C ALA B 643 -27.79 23.58 -46.39
N SER B 644 -28.80 24.05 -45.64
CA SER B 644 -29.06 23.52 -44.32
C SER B 644 -29.43 22.05 -44.38
N TYR B 645 -30.25 21.67 -45.37
CA TYR B 645 -30.64 20.27 -45.52
C TYR B 645 -29.42 19.39 -45.82
N THR B 646 -28.57 19.83 -46.75
CA THR B 646 -27.39 19.05 -47.10
C THR B 646 -26.46 18.92 -45.89
N ALA B 647 -26.28 20.00 -45.13
CA ALA B 647 -25.44 19.94 -43.94
C ALA B 647 -26.02 19.01 -42.89
N ASN B 648 -27.35 19.04 -42.72
CA ASN B 648 -27.95 18.24 -41.66
C ASN B 648 -27.92 16.75 -41.99
N LEU B 649 -28.00 16.38 -43.27
CA LEU B 649 -27.79 14.97 -43.61
C LEU B 649 -26.38 14.52 -43.24
N ALA B 650 -25.38 15.34 -43.54
CA ALA B 650 -24.00 15.01 -43.18
C ALA B 650 -23.85 14.86 -41.67
N ALA B 651 -24.51 15.75 -40.91
CA ALA B 651 -24.53 15.59 -39.46
C ALA B 651 -25.22 14.29 -39.04
N PHE B 652 -26.30 13.91 -39.74
CA PHE B 652 -27.05 12.73 -39.37
C PHE B 652 -26.26 11.45 -39.58
N MET B 653 -25.37 11.44 -40.57
CA MET B 653 -24.57 10.24 -40.81
C MET B 653 -23.76 9.81 -39.59
N ILE B 654 -23.44 10.73 -38.68
CA ILE B 654 -22.61 10.39 -37.53
C ILE B 654 -23.35 9.48 -36.57
N GLN B 655 -24.63 9.78 -36.30
CA GLN B 655 -25.36 9.09 -35.24
C GLN B 655 -25.76 7.68 -35.66
N GLU B 656 -26.05 6.84 -34.66
CA GLU B 656 -26.51 5.48 -34.87
C GLU B 656 -27.63 5.13 -33.89
N GLU B 657 -28.19 3.94 -34.08
CA GLU B 657 -29.08 3.31 -33.11
C GLU B 657 -28.68 1.84 -32.98
N PHE B 658 -29.25 1.18 -31.98
CA PHE B 658 -29.00 -0.24 -31.75
C PHE B 658 -30.33 -0.93 -31.50
N VAL B 659 -30.32 -2.26 -31.64
CA VAL B 659 -31.54 -3.07 -31.58
C VAL B 659 -31.57 -3.82 -30.26
N ASP B 660 -32.73 -3.78 -29.60
CA ASP B 660 -32.98 -4.55 -28.37
C ASP B 660 -33.78 -5.78 -28.79
N GLN B 661 -33.15 -6.94 -28.65
CA GLN B 661 -33.73 -8.18 -29.17
C GLN B 661 -34.96 -8.60 -28.37
N VAL B 662 -34.77 -8.86 -27.08
CA VAL B 662 -35.85 -9.36 -26.22
C VAL B 662 -36.06 -8.37 -25.09
N THR B 663 -37.33 -8.09 -24.80
CA THR B 663 -37.66 -7.13 -23.74
C THR B 663 -37.17 -7.60 -22.38
N GLY B 664 -37.35 -8.87 -22.06
CA GLY B 664 -36.93 -9.37 -20.77
C GLY B 664 -37.21 -10.85 -20.65
N LEU B 665 -36.90 -11.38 -19.45
CA LEU B 665 -37.09 -12.80 -19.20
C LEU B 665 -38.56 -13.21 -19.24
N SER B 666 -39.45 -12.34 -18.79
CA SER B 666 -40.87 -12.65 -18.70
C SER B 666 -41.62 -12.41 -20.01
N ASP B 667 -40.92 -12.40 -21.15
CA ASP B 667 -41.57 -12.19 -22.43
C ASP B 667 -42.40 -13.41 -22.80
N LYS B 668 -43.36 -13.20 -23.72
CA LYS B 668 -44.24 -14.27 -24.17
C LYS B 668 -43.46 -15.40 -24.83
N LYS B 669 -42.33 -15.08 -25.47
CA LYS B 669 -41.54 -16.10 -26.14
C LYS B 669 -41.03 -17.14 -25.14
N PHE B 670 -40.56 -16.70 -23.98
CA PHE B 670 -40.08 -17.63 -22.97
C PHE B 670 -41.23 -18.39 -22.31
N GLN B 671 -42.32 -17.68 -22.00
CA GLN B 671 -43.45 -18.33 -21.34
C GLN B 671 -44.13 -19.34 -22.25
N ARG B 672 -44.40 -18.95 -23.49
CA ARG B 672 -45.10 -19.80 -24.46
C ARG B 672 -44.29 -19.83 -25.74
N PRO B 673 -43.28 -20.71 -25.82
CA PRO B 673 -42.47 -20.80 -27.03
C PRO B 673 -43.09 -21.64 -28.14
N HIS B 674 -44.16 -22.39 -27.86
CA HIS B 674 -44.71 -23.29 -28.85
C HIS B 674 -45.51 -22.57 -29.94
N ASP B 675 -46.13 -21.44 -29.62
CA ASP B 675 -46.95 -20.74 -30.60
C ASP B 675 -46.10 -19.87 -31.51
N TYR B 676 -45.08 -20.46 -32.12
CA TYR B 676 -44.23 -19.77 -33.08
C TYR B 676 -43.80 -20.79 -34.13
N SER B 677 -43.55 -20.30 -35.35
CA SER B 677 -43.08 -21.19 -36.40
C SER B 677 -41.74 -21.85 -36.06
N PRO B 678 -40.74 -21.17 -35.51
CA PRO B 678 -39.56 -21.88 -35.01
C PRO B 678 -39.68 -22.16 -33.53
N PRO B 679 -39.28 -23.35 -33.07
CA PRO B 679 -39.24 -23.62 -31.62
C PRO B 679 -38.13 -22.82 -30.97
N PHE B 680 -38.51 -21.96 -30.04
CA PHE B 680 -37.53 -21.10 -29.38
C PHE B 680 -36.60 -21.92 -28.49
N ARG B 681 -35.32 -21.57 -28.49
CA ARG B 681 -34.27 -22.39 -27.90
C ARG B 681 -33.52 -21.61 -26.82
N PHE B 682 -33.65 -22.05 -25.58
CA PHE B 682 -32.98 -21.44 -24.44
C PHE B 682 -32.60 -22.52 -23.43
N GLY B 683 -31.53 -22.28 -22.68
CA GLY B 683 -31.09 -23.23 -21.67
C GLY B 683 -30.11 -22.62 -20.69
N THR B 684 -29.73 -23.43 -19.71
CA THR B 684 -28.70 -23.07 -18.73
C THR B 684 -27.82 -24.31 -18.56
N VAL B 685 -27.05 -24.32 -17.48
CA VAL B 685 -26.37 -25.53 -17.01
C VAL B 685 -27.16 -26.07 -15.82
N PRO B 686 -27.30 -27.38 -15.68
CA PRO B 686 -28.04 -27.91 -14.53
C PRO B 686 -27.23 -27.81 -13.24
N ASN B 687 -27.90 -28.16 -12.14
CA ASN B 687 -27.30 -28.15 -10.81
C ASN B 687 -26.75 -26.77 -10.45
N GLY B 688 -27.51 -25.73 -10.78
CA GLY B 688 -27.11 -24.37 -10.47
C GLY B 688 -28.22 -23.62 -9.79
N SER B 689 -27.86 -22.46 -9.24
CA SER B 689 -28.85 -21.59 -8.59
C SER B 689 -29.88 -21.11 -9.60
N THR B 690 -29.46 -20.87 -10.84
CA THR B 690 -30.40 -20.43 -11.87
C THR B 690 -31.48 -21.47 -12.12
N GLU B 691 -31.09 -22.75 -12.19
CA GLU B 691 -32.06 -23.81 -12.42
C GLU B 691 -33.05 -23.90 -11.26
N ARG B 692 -32.56 -23.78 -10.03
CA ARG B 692 -33.46 -23.83 -8.87
C ARG B 692 -34.42 -22.64 -8.87
N ASN B 693 -33.92 -21.45 -9.22
CA ASN B 693 -34.79 -20.29 -9.29
C ASN B 693 -35.85 -20.46 -10.37
N ILE B 694 -35.46 -21.02 -11.52
CA ILE B 694 -36.43 -21.27 -12.59
C ILE B 694 -37.48 -22.27 -12.14
N ARG B 695 -37.05 -23.33 -11.45
CA ARG B 695 -37.99 -24.32 -10.96
C ARG B 695 -38.97 -23.71 -9.96
N ASN B 696 -38.46 -22.88 -9.05
CA ASN B 696 -39.32 -22.25 -8.05
C ASN B 696 -40.23 -21.19 -8.66
N ASN B 697 -39.85 -20.60 -9.79
CA ASN B 697 -40.63 -19.54 -10.41
C ASN B 697 -41.57 -20.06 -11.50
N TYR B 698 -41.02 -20.72 -12.51
CA TYR B 698 -41.77 -21.13 -13.71
C TYR B 698 -41.56 -22.61 -13.97
N PRO B 699 -42.31 -23.48 -13.30
CA PRO B 699 -42.14 -24.93 -13.53
C PRO B 699 -42.38 -25.35 -14.97
N TYR B 700 -43.34 -24.74 -15.65
CA TYR B 700 -43.58 -25.09 -17.06
C TYR B 700 -42.41 -24.70 -17.93
N MET B 701 -41.83 -23.52 -17.67
CA MET B 701 -40.64 -23.11 -18.42
C MET B 701 -39.50 -24.10 -18.21
N HIS B 702 -39.31 -24.55 -16.97
CA HIS B 702 -38.24 -25.51 -16.69
C HIS B 702 -38.49 -26.85 -17.36
N GLN B 703 -39.74 -27.32 -17.36
CA GLN B 703 -40.02 -28.62 -17.96
C GLN B 703 -39.91 -28.56 -19.49
N TYR B 704 -40.24 -27.42 -20.10
CA TYR B 704 -39.96 -27.24 -21.52
C TYR B 704 -38.45 -27.18 -21.77
N MET B 705 -37.73 -26.51 -20.88
CA MET B 705 -36.29 -26.30 -20.99
C MET B 705 -35.46 -27.56 -20.79
N THR B 706 -35.98 -28.56 -20.07
CA THR B 706 -35.17 -29.70 -19.65
C THR B 706 -34.47 -30.36 -20.83
N ARG B 707 -35.09 -30.34 -22.01
CA ARG B 707 -34.44 -30.91 -23.19
C ARG B 707 -33.33 -30.04 -23.76
N PHE B 708 -33.14 -28.83 -23.23
CA PHE B 708 -32.11 -27.91 -23.72
C PHE B 708 -31.01 -27.66 -22.69
N ASN B 709 -30.78 -28.60 -21.78
CA ASN B 709 -29.78 -28.42 -20.75
C ASN B 709 -28.36 -28.47 -21.33
N GLN B 710 -27.62 -27.37 -21.21
CA GLN B 710 -26.25 -27.32 -21.71
C GLN B 710 -25.29 -27.95 -20.70
N ARG B 711 -24.10 -28.28 -21.20
CA ARG B 711 -23.09 -28.91 -20.34
C ARG B 711 -22.30 -27.85 -19.56
N GLY B 712 -21.61 -26.96 -20.27
CA GLY B 712 -20.80 -25.94 -19.65
C GLY B 712 -20.96 -24.60 -20.33
N VAL B 713 -20.40 -23.57 -19.69
CA VAL B 713 -20.51 -22.22 -20.20
C VAL B 713 -19.79 -22.09 -21.54
N GLU B 714 -18.60 -22.67 -21.67
CA GLU B 714 -17.89 -22.62 -22.94
C GLU B 714 -18.62 -23.42 -24.02
N ASP B 715 -19.15 -24.59 -23.66
CA ASP B 715 -19.94 -25.36 -24.61
C ASP B 715 -21.20 -24.61 -25.02
N ALA B 716 -21.86 -23.97 -24.05
CA ALA B 716 -23.05 -23.18 -24.38
C ALA B 716 -22.70 -22.04 -25.33
N LEU B 717 -21.59 -21.35 -25.08
CA LEU B 717 -21.20 -20.25 -25.95
C LEU B 717 -20.86 -20.74 -27.36
N VAL B 718 -20.11 -21.84 -27.46
CA VAL B 718 -19.71 -22.32 -28.79
C VAL B 718 -20.91 -22.87 -29.55
N SER B 719 -21.91 -23.41 -28.83
CA SER B 719 -23.11 -23.86 -29.50
C SER B 719 -24.00 -22.69 -29.91
N LEU B 720 -24.05 -21.63 -29.10
CA LEU B 720 -24.85 -20.47 -29.43
C LEU B 720 -24.21 -19.61 -30.51
N LYS B 721 -22.90 -19.76 -30.74
CA LYS B 721 -22.28 -19.08 -31.87
C LYS B 721 -22.91 -19.51 -33.18
N THR B 722 -23.31 -20.78 -33.27
CA THR B 722 -24.05 -21.29 -34.42
C THR B 722 -25.55 -21.15 -34.15
N GLY B 723 -26.37 -21.78 -34.99
CA GLY B 723 -27.80 -21.73 -34.87
C GLY B 723 -28.43 -22.78 -33.97
N LYS B 724 -27.61 -23.56 -33.25
CA LYS B 724 -28.16 -24.62 -32.41
C LYS B 724 -28.98 -24.07 -31.25
N LEU B 725 -28.60 -22.92 -30.71
CA LEU B 725 -29.33 -22.28 -29.63
C LEU B 725 -29.70 -20.86 -30.02
N ASP B 726 -30.59 -20.25 -29.23
CA ASP B 726 -31.03 -18.89 -29.45
C ASP B 726 -30.77 -17.98 -28.26
N ALA B 727 -30.97 -18.46 -27.04
CA ALA B 727 -30.79 -17.66 -25.85
C ALA B 727 -30.08 -18.48 -24.77
N PHE B 728 -29.38 -17.79 -23.88
CA PHE B 728 -28.68 -18.42 -22.77
C PHE B 728 -29.02 -17.66 -21.50
N ILE B 729 -29.32 -18.40 -20.43
CA ILE B 729 -29.72 -17.83 -19.15
C ILE B 729 -28.69 -18.23 -18.12
N TYR B 730 -28.12 -17.24 -17.41
CA TYR B 730 -27.11 -17.57 -16.42
C TYR B 730 -26.82 -16.34 -15.56
N ASP B 731 -25.75 -16.44 -14.79
CA ASP B 731 -25.34 -15.35 -13.91
C ASP B 731 -24.97 -14.11 -14.73
N ALA B 732 -25.29 -12.94 -14.19
CA ALA B 732 -25.08 -11.69 -14.92
C ALA B 732 -23.60 -11.37 -15.08
N ALA B 733 -22.82 -11.51 -14.01
CA ALA B 733 -21.41 -11.13 -14.05
C ALA B 733 -20.63 -12.03 -15.01
N VAL B 734 -20.90 -13.34 -14.98
CA VAL B 734 -20.17 -14.27 -15.81
C VAL B 734 -20.42 -13.97 -17.29
N LEU B 735 -21.67 -13.74 -17.66
CA LEU B 735 -21.98 -13.47 -19.06
C LEU B 735 -21.55 -12.07 -19.48
N ASN B 736 -21.53 -11.11 -18.56
CA ASN B 736 -20.92 -9.81 -18.88
C ASN B 736 -19.45 -9.98 -19.21
N TYR B 737 -18.73 -10.77 -18.41
CA TYR B 737 -17.32 -11.04 -18.71
C TYR B 737 -17.18 -11.77 -20.05
N LYS B 738 -18.05 -12.75 -20.30
CA LYS B 738 -17.97 -13.51 -21.55
C LYS B 738 -18.21 -12.62 -22.76
N ALA B 739 -19.21 -11.74 -22.68
CA ALA B 739 -19.49 -10.82 -23.77
C ALA B 739 -18.33 -9.85 -23.97
N GLY B 740 -17.73 -9.38 -22.87
CA GLY B 740 -16.57 -8.52 -22.99
C GLY B 740 -15.40 -9.20 -23.65
N ARG B 741 -15.19 -10.48 -23.34
CA ARG B 741 -14.07 -11.24 -23.90
C ARG B 741 -14.41 -11.89 -25.24
N ASP B 742 -15.67 -11.80 -25.68
CA ASP B 742 -16.04 -12.41 -26.95
C ASP B 742 -15.45 -11.63 -28.12
N GLU B 743 -15.10 -12.35 -29.18
CA GLU B 743 -14.50 -11.77 -30.37
C GLU B 743 -15.60 -11.36 -31.34
N GLY B 744 -15.55 -10.10 -31.80
CA GLY B 744 -16.53 -9.57 -32.71
C GLY B 744 -17.75 -8.96 -32.05
N CYS B 745 -17.90 -9.12 -30.73
CA CYS B 745 -19.02 -8.54 -29.99
C CYS B 745 -20.36 -9.00 -30.57
N LYS B 746 -20.41 -10.25 -31.02
CA LYS B 746 -21.63 -10.80 -31.61
C LYS B 746 -22.61 -11.31 -30.57
N LEU B 747 -22.24 -11.35 -29.30
CA LEU B 747 -23.09 -11.86 -28.23
C LEU B 747 -23.32 -10.75 -27.22
N VAL B 748 -24.60 -10.45 -26.93
CA VAL B 748 -24.96 -9.38 -26.02
C VAL B 748 -26.11 -9.82 -25.13
N THR B 749 -26.13 -9.29 -23.91
CA THR B 749 -27.24 -9.55 -23.00
C THR B 749 -28.42 -8.64 -23.34
N ILE B 750 -29.63 -9.17 -23.23
CA ILE B 750 -30.81 -8.39 -23.56
C ILE B 750 -31.05 -7.32 -22.49
N GLY B 751 -31.80 -6.30 -22.87
CA GLY B 751 -32.15 -5.24 -21.93
C GLY B 751 -31.03 -4.29 -21.60
N SER B 752 -29.92 -4.35 -22.32
CA SER B 752 -28.75 -3.50 -22.07
C SER B 752 -28.30 -3.63 -20.61
N GLY B 753 -28.21 -4.88 -20.15
CA GLY B 753 -27.84 -5.14 -18.77
C GLY B 753 -29.05 -5.34 -17.88
N TYR B 754 -29.95 -6.22 -18.28
CA TYR B 754 -31.15 -6.53 -17.50
C TYR B 754 -30.87 -7.70 -16.57
N ILE B 755 -31.18 -7.51 -15.28
CA ILE B 755 -30.96 -8.52 -14.26
C ILE B 755 -32.28 -8.77 -13.54
N PHE B 756 -32.60 -10.04 -13.34
CA PHE B 756 -33.86 -10.44 -12.70
C PHE B 756 -33.69 -10.71 -11.22
N ALA B 757 -32.78 -11.61 -10.85
CA ALA B 757 -32.61 -11.97 -9.44
C ALA B 757 -31.92 -10.87 -8.64
N THR B 758 -31.14 -10.00 -9.30
CA THR B 758 -30.39 -8.90 -8.68
C THR B 758 -29.82 -9.29 -7.31
N THR B 759 -29.09 -10.40 -7.30
CA THR B 759 -28.43 -10.89 -6.11
C THR B 759 -26.93 -10.65 -6.25
N GLY B 760 -26.14 -11.09 -5.27
CA GLY B 760 -24.70 -10.89 -5.30
C GLY B 760 -23.96 -12.14 -4.90
N TYR B 761 -22.65 -12.12 -5.18
CA TYR B 761 -21.76 -13.21 -4.81
C TYR B 761 -21.27 -13.00 -3.38
N GLY B 762 -21.41 -14.04 -2.55
CA GLY B 762 -21.04 -13.96 -1.17
C GLY B 762 -20.02 -15.05 -0.81
N ILE B 763 -19.47 -14.91 0.39
CA ILE B 763 -18.48 -15.85 0.91
C ILE B 763 -19.19 -16.75 1.91
N ALA B 764 -19.26 -18.04 1.59
CA ALA B 764 -19.94 -19.00 2.46
C ALA B 764 -19.14 -19.23 3.73
N LEU B 765 -19.87 -19.47 4.82
CA LEU B 765 -19.25 -19.73 6.12
C LEU B 765 -20.11 -20.72 6.88
N GLN B 766 -19.49 -21.38 7.86
CA GLN B 766 -20.23 -22.29 8.72
C GLN B 766 -21.23 -21.53 9.58
N LYS B 767 -22.26 -22.25 10.04
CA LYS B 767 -23.30 -21.63 10.85
C LYS B 767 -22.72 -21.06 12.13
N GLY B 768 -22.93 -19.76 12.34
CA GLY B 768 -22.41 -19.10 13.53
C GLY B 768 -20.90 -19.07 13.61
N SER B 769 -20.22 -18.94 12.48
CA SER B 769 -18.76 -18.90 12.50
C SER B 769 -18.29 -17.56 13.07
N PRO B 770 -17.22 -17.57 13.87
CA PRO B 770 -16.71 -16.30 14.42
C PRO B 770 -16.01 -15.42 13.38
N TRP B 771 -15.74 -15.95 12.19
CA TRP B 771 -15.07 -15.17 11.16
C TRP B 771 -16.02 -14.29 10.36
N LYS B 772 -17.33 -14.39 10.60
CA LYS B 772 -18.29 -13.64 9.80
C LYS B 772 -18.09 -12.14 9.93
N ARG B 773 -18.04 -11.64 11.17
CA ARG B 773 -18.01 -10.20 11.40
C ARG B 773 -16.77 -9.57 10.77
N GLN B 774 -15.60 -10.19 10.97
CA GLN B 774 -14.39 -9.65 10.38
C GLN B 774 -14.46 -9.66 8.86
N ILE B 775 -15.03 -10.72 8.28
CA ILE B 775 -15.13 -10.80 6.82
C ILE B 775 -16.03 -9.68 6.29
N ASP B 776 -17.18 -9.47 6.92
CA ASP B 776 -18.06 -8.39 6.45
C ASP B 776 -17.39 -7.03 6.61
N LEU B 777 -16.73 -6.79 7.75
CA LEU B 777 -16.06 -5.50 7.93
C LEU B 777 -14.97 -5.30 6.89
N ALA B 778 -14.17 -6.33 6.61
CA ALA B 778 -13.11 -6.20 5.63
C ALA B 778 -13.69 -5.95 4.23
N LEU B 779 -14.75 -6.67 3.88
CA LEU B 779 -15.35 -6.50 2.55
C LEU B 779 -15.94 -5.11 2.40
N LEU B 780 -16.63 -4.60 3.43
CA LEU B 780 -17.19 -3.26 3.35
C LEU B 780 -16.08 -2.21 3.28
N GLN B 781 -15.00 -2.41 4.03
CA GLN B 781 -13.89 -1.47 3.97
C GLN B 781 -13.26 -1.47 2.58
N PHE B 782 -13.11 -2.65 1.98
CA PHE B 782 -12.56 -2.73 0.62
C PHE B 782 -13.49 -2.05 -0.39
N VAL B 783 -14.80 -2.26 -0.25
CA VAL B 783 -15.74 -1.63 -1.16
C VAL B 783 -15.68 -0.11 -1.03
N GLY B 784 -15.62 0.39 0.22
CA GLY B 784 -15.57 1.82 0.42
C GLY B 784 -14.27 2.45 -0.05
N ASP B 785 -13.15 1.78 0.15
CA ASP B 785 -11.85 2.34 -0.20
C ASP B 785 -11.58 2.33 -1.70
N GLY B 786 -12.43 1.68 -2.49
CA GLY B 786 -12.34 1.78 -3.92
C GLY B 786 -11.49 0.74 -4.61
N GLU B 787 -11.07 -0.32 -3.92
CA GLU B 787 -10.31 -1.37 -4.58
C GLU B 787 -11.18 -2.18 -5.54
N MET B 788 -12.49 -2.22 -5.29
CA MET B 788 -13.39 -3.05 -6.09
C MET B 788 -13.44 -2.61 -7.55
N GLU B 789 -13.51 -1.29 -7.79
CA GLU B 789 -13.56 -0.82 -9.17
C GLU B 789 -12.27 -1.15 -9.91
N GLU B 790 -11.13 -0.98 -9.24
CA GLU B 790 -9.85 -1.32 -9.85
C GLU B 790 -9.76 -2.81 -10.16
N LEU B 791 -10.19 -3.66 -9.22
CA LEU B 791 -10.11 -5.10 -9.44
C LEU B 791 -11.06 -5.54 -10.55
N GLU B 792 -12.25 -4.95 -10.64
CA GLU B 792 -13.18 -5.35 -11.70
C GLU B 792 -12.75 -4.80 -13.05
N THR B 793 -12.07 -3.65 -13.09
CA THR B 793 -11.54 -3.17 -14.35
C THR B 793 -10.19 -3.80 -14.70
N LEU B 794 -9.64 -4.62 -13.80
CA LEU B 794 -8.47 -5.43 -14.13
C LEU B 794 -8.84 -6.86 -14.48
N TRP B 795 -9.91 -7.40 -13.91
CA TRP B 795 -10.33 -8.77 -14.16
C TRP B 795 -11.66 -8.84 -14.90
N LEU B 796 -12.71 -8.20 -14.37
CA LEU B 796 -14.05 -8.32 -14.93
C LEU B 796 -14.25 -7.46 -16.18
N THR B 797 -13.29 -6.62 -16.53
CA THR B 797 -13.45 -5.75 -17.69
C THR B 797 -13.44 -6.57 -18.99
N GLY B 798 -13.99 -5.97 -20.04
CA GLY B 798 -14.05 -6.61 -21.33
C GLY B 798 -13.66 -5.66 -22.45
N ILE B 799 -13.54 -6.21 -23.66
CA ILE B 799 -13.16 -5.43 -24.83
C ILE B 799 -14.37 -4.86 -25.56
N CYS B 800 -15.56 -5.43 -25.36
CA CYS B 800 -16.76 -4.98 -26.05
C CYS B 800 -17.52 -3.90 -25.30
N HIS B 801 -16.89 -3.26 -24.32
CA HIS B 801 -17.54 -2.25 -23.50
C HIS B 801 -17.35 -0.83 -24.01
N ASN B 802 -16.69 -0.67 -25.17
CA ASN B 802 -16.60 0.67 -25.76
C ASN B 802 -17.97 1.15 -26.21
N GLU B 803 -18.57 0.44 -27.17
CA GLU B 803 -20.00 0.50 -27.51
C GLU B 803 -20.32 1.82 -28.23
N LYS B 804 -19.42 2.81 -28.24
CA LYS B 804 -19.66 4.04 -28.99
C LYS B 804 -18.35 4.57 -29.57
N ASN B 805 -17.54 3.65 -30.09
CA ASN B 805 -16.22 4.01 -30.59
C ASN B 805 -15.88 3.35 -31.92
N GLU B 806 -16.81 3.38 -32.89
CA GLU B 806 -16.55 2.90 -34.24
C GLU B 806 -16.97 3.96 -35.24
N VAL B 807 -16.08 4.26 -36.19
CA VAL B 807 -16.40 5.23 -37.24
C VAL B 807 -17.52 4.70 -38.13
N MET B 808 -17.51 3.38 -38.38
CA MET B 808 -18.56 2.66 -39.13
C MET B 808 -18.98 3.40 -40.41
N SER B 809 -17.99 3.94 -41.13
CA SER B 809 -18.29 4.57 -42.40
C SER B 809 -18.81 3.51 -43.38
N SER B 810 -19.92 3.83 -44.04
CA SER B 810 -20.59 2.86 -44.89
C SER B 810 -21.34 3.59 -45.99
N GLN B 811 -21.88 2.80 -46.92
CA GLN B 811 -22.60 3.32 -48.07
C GLN B 811 -24.09 3.44 -47.76
N LEU B 812 -24.88 3.69 -48.79
CA LEU B 812 -26.33 3.78 -48.68
C LEU B 812 -26.95 2.58 -49.40
N ASP B 813 -27.78 1.84 -48.69
CA ASP B 813 -28.36 0.63 -49.25
C ASP B 813 -29.61 0.96 -50.05
N ILE B 814 -30.19 -0.08 -50.67
CA ILE B 814 -31.39 0.09 -51.49
C ILE B 814 -32.56 0.53 -50.63
N ASP B 815 -32.72 -0.09 -49.46
CA ASP B 815 -33.88 0.19 -48.62
C ASP B 815 -33.87 1.62 -48.08
N ASN B 816 -32.68 2.18 -47.86
CA ASN B 816 -32.59 3.54 -47.37
C ASN B 816 -33.14 4.54 -48.38
N VAL B 817 -32.83 4.34 -49.66
CA VAL B 817 -33.34 5.18 -50.74
C VAL B 817 -34.74 4.76 -51.18
N ALA B 818 -35.22 3.61 -50.71
CA ALA B 818 -36.52 3.11 -51.10
C ALA B 818 -37.63 4.08 -50.71
N GLY B 819 -37.42 4.88 -49.67
CA GLY B 819 -38.42 5.86 -49.28
C GLY B 819 -38.69 6.89 -50.36
N VAL B 820 -37.64 7.56 -50.83
CA VAL B 820 -37.81 8.53 -51.89
C VAL B 820 -38.17 7.84 -53.21
N PHE B 821 -37.74 6.58 -53.37
CA PHE B 821 -38.16 5.83 -54.55
C PHE B 821 -39.68 5.61 -54.56
N TYR B 822 -40.24 5.26 -53.40
CA TYR B 822 -41.68 5.09 -53.29
C TYR B 822 -42.41 6.41 -53.45
N MET B 823 -41.82 7.50 -52.93
CA MET B 823 -42.41 8.82 -53.15
C MET B 823 -42.44 9.16 -54.64
N LEU B 824 -41.37 8.84 -55.36
CA LEU B 824 -41.33 9.06 -56.81
C LEU B 824 -42.36 8.20 -57.52
N ALA B 825 -42.52 6.94 -57.10
CA ALA B 825 -43.52 6.07 -57.71
C ALA B 825 -44.92 6.61 -57.48
N ALA B 826 -45.21 7.09 -56.27
CA ALA B 826 -46.50 7.70 -56.00
C ALA B 826 -46.71 8.96 -56.84
N ALA B 827 -45.64 9.75 -57.03
CA ALA B 827 -45.74 10.92 -57.89
C ALA B 827 -46.07 10.53 -59.32
N MET B 828 -45.44 9.47 -59.83
CA MET B 828 -45.74 8.98 -61.17
C MET B 828 -47.19 8.51 -61.26
N ALA B 829 -47.67 7.80 -60.24
CA ALA B 829 -49.05 7.33 -60.25
C ALA B 829 -50.03 8.50 -60.24
N LEU B 830 -49.77 9.51 -59.41
CA LEU B 830 -50.68 10.66 -59.38
C LEU B 830 -50.59 11.47 -60.66
N SER B 831 -49.42 11.50 -61.30
CA SER B 831 -49.34 12.14 -62.62
C SER B 831 -50.21 11.41 -63.63
N LEU B 832 -50.17 10.07 -63.61
CA LEU B 832 -51.03 9.30 -64.53
C LEU B 832 -52.51 9.56 -64.25
N ILE B 833 -52.89 9.55 -62.98
CA ILE B 833 -54.31 9.74 -62.67
C ILE B 833 -54.74 11.17 -62.98
N THR B 834 -53.83 12.16 -62.84
CA THR B 834 -54.16 13.52 -63.23
C THR B 834 -54.32 13.64 -64.74
N PHE B 835 -53.45 12.97 -65.49
CA PHE B 835 -53.60 12.90 -66.95
C PHE B 835 -54.98 12.37 -67.31
N ILE B 836 -55.36 11.23 -66.73
CA ILE B 836 -56.64 10.60 -67.03
C ILE B 836 -57.79 11.51 -66.62
N TRP B 837 -57.71 12.11 -65.44
CA TRP B 837 -58.78 12.97 -64.94
C TRP B 837 -58.95 14.19 -65.82
N GLU B 838 -57.85 14.81 -66.26
CA GLU B 838 -57.95 15.98 -67.12
C GLU B 838 -58.57 15.63 -68.47
N HIS B 839 -58.17 14.49 -69.05
CA HIS B 839 -58.73 14.14 -70.35
C HIS B 839 -60.16 13.63 -70.25
N LEU B 840 -60.58 13.14 -69.08
CA LEU B 840 -61.99 12.85 -68.88
C LEU B 840 -62.80 14.12 -68.65
N PHE B 841 -62.22 15.10 -67.95
CA PHE B 841 -62.89 16.37 -67.75
C PHE B 841 -63.09 17.11 -69.07
N TYR B 842 -62.09 17.04 -69.96
CA TYR B 842 -62.23 17.65 -71.28
C TYR B 842 -63.35 17.00 -72.08
N TRP B 843 -63.58 15.71 -71.88
CA TRP B 843 -64.66 14.99 -72.57
C TRP B 843 -66.02 15.51 -72.15
N LYS C 25 8.89 -8.37 73.54
CA LYS C 25 8.23 -9.67 73.56
C LYS C 25 6.71 -9.51 73.55
N ILE C 26 6.21 -8.63 74.40
CA ILE C 26 4.77 -8.41 74.49
C ILE C 26 4.29 -7.68 73.25
N VAL C 27 3.20 -8.16 72.66
CA VAL C 27 2.61 -7.59 71.46
C VAL C 27 1.19 -7.15 71.79
N ASN C 28 0.91 -5.87 71.56
CA ASN C 28 -0.38 -5.28 71.90
C ASN C 28 -1.30 -5.27 70.68
N ILE C 29 -2.57 -5.58 70.91
CA ILE C 29 -3.60 -5.57 69.88
C ILE C 29 -4.76 -4.71 70.35
N GLY C 30 -5.15 -3.73 69.53
CA GLY C 30 -6.21 -2.81 69.89
C GLY C 30 -7.56 -3.20 69.33
N ALA C 31 -8.61 -2.85 70.07
CA ALA C 31 -9.97 -3.22 69.70
C ALA C 31 -10.92 -2.08 70.04
N VAL C 32 -11.83 -1.78 69.12
CA VAL C 32 -12.90 -0.82 69.34
C VAL C 32 -14.20 -1.58 69.17
N LEU C 33 -14.83 -1.96 70.29
CA LEU C 33 -15.99 -2.83 70.26
C LEU C 33 -17.24 -2.12 70.77
N SER C 34 -18.39 -2.73 70.44
CA SER C 34 -19.68 -2.13 70.74
C SER C 34 -20.02 -2.23 72.21
N THR C 35 -19.81 -3.39 72.82
CA THR C 35 -20.29 -3.66 74.17
C THR C 35 -19.16 -4.23 75.03
N ARG C 36 -19.34 -4.10 76.35
CA ARG C 36 -18.33 -4.58 77.29
C ARG C 36 -18.17 -6.08 77.22
N LYS C 37 -19.27 -6.82 77.09
CA LYS C 37 -19.18 -8.28 76.99
C LYS C 37 -18.46 -8.70 75.72
N HIS C 38 -18.61 -7.94 74.63
CA HIS C 38 -17.83 -8.21 73.43
C HIS C 38 -16.34 -8.05 73.71
N GLU C 39 -15.97 -7.01 74.46
CA GLU C 39 -14.56 -6.84 74.83
C GLU C 39 -14.06 -7.98 75.69
N GLN C 40 -14.89 -8.44 76.64
CA GLN C 40 -14.50 -9.56 77.50
C GLN C 40 -14.28 -10.82 76.68
N MET C 41 -15.19 -11.11 75.75
CA MET C 41 -15.04 -12.30 74.93
C MET C 41 -13.85 -12.17 73.98
N PHE C 42 -13.57 -10.95 73.50
CA PHE C 42 -12.38 -10.72 72.69
C PHE C 42 -11.11 -10.99 73.49
N ARG C 43 -11.08 -10.55 74.75
CA ARG C 43 -9.93 -10.84 75.60
C ARG C 43 -9.79 -12.34 75.84
N GLU C 44 -10.91 -13.03 76.05
CA GLU C 44 -10.85 -14.48 76.21
C GLU C 44 -10.32 -15.16 74.95
N ALA C 45 -10.74 -14.68 73.78
CA ALA C 45 -10.23 -15.23 72.53
C ALA C 45 -8.74 -14.96 72.37
N VAL C 46 -8.28 -13.78 72.80
CA VAL C 46 -6.85 -13.48 72.79
C VAL C 46 -6.10 -14.46 73.66
N ASN C 47 -6.62 -14.73 74.86
CA ASN C 47 -5.99 -15.70 75.76
C ASN C 47 -5.96 -17.08 75.13
N GLN C 48 -7.06 -17.49 74.49
CA GLN C 48 -7.11 -18.80 73.84
C GLN C 48 -6.08 -18.89 72.71
N ALA C 49 -5.95 -17.84 71.90
CA ALA C 49 -4.97 -17.85 70.82
C ALA C 49 -3.55 -17.89 71.37
N ASN C 50 -3.30 -17.16 72.46
CA ASN C 50 -1.97 -17.18 73.07
C ASN C 50 -1.65 -18.57 73.60
N LYS C 51 -2.62 -19.22 74.23
CA LYS C 51 -2.42 -20.59 74.71
C LYS C 51 -2.16 -21.55 73.56
N ARG C 52 -2.89 -21.38 72.45
CA ARG C 52 -2.72 -22.27 71.30
C ARG C 52 -1.33 -22.10 70.70
N HIS C 53 -0.93 -20.87 70.41
CA HIS C 53 0.36 -20.63 69.78
C HIS C 53 1.52 -20.75 70.78
N GLY C 54 1.30 -20.38 72.03
CA GLY C 54 2.36 -20.43 73.03
C GLY C 54 2.86 -19.06 73.42
N SER C 55 2.77 -18.73 74.70
CA SER C 55 3.18 -17.43 75.22
C SER C 55 4.63 -17.41 75.68
N TRP C 56 5.37 -18.50 75.47
CA TRP C 56 6.77 -18.53 75.90
C TRP C 56 7.61 -17.51 75.14
N LYS C 57 7.35 -17.35 73.85
CA LYS C 57 8.11 -16.42 73.03
C LYS C 57 7.50 -15.02 73.04
N ILE C 58 6.21 -14.92 72.76
CA ILE C 58 5.51 -13.64 72.67
C ILE C 58 4.17 -13.76 73.39
N GLN C 59 3.82 -12.73 74.15
CA GLN C 59 2.56 -12.67 74.87
C GLN C 59 1.67 -11.61 74.24
N LEU C 60 0.43 -12.00 73.92
CA LEU C 60 -0.52 -11.11 73.25
C LEU C 60 -1.33 -10.38 74.31
N ASN C 61 -1.06 -9.08 74.47
CA ASN C 61 -1.83 -8.23 75.35
C ASN C 61 -2.88 -7.48 74.55
N ALA C 62 -4.12 -7.55 75.01
CA ALA C 62 -5.26 -6.99 74.28
C ALA C 62 -5.80 -5.78 75.02
N THR C 63 -5.97 -4.68 74.29
CA THR C 63 -6.59 -3.48 74.83
C THR C 63 -7.85 -3.16 74.02
N SER C 64 -8.86 -2.64 74.70
CA SER C 64 -10.16 -2.45 74.06
C SER C 64 -10.79 -1.14 74.54
N VAL C 65 -11.69 -0.62 73.72
CA VAL C 65 -12.40 0.62 74.02
C VAL C 65 -13.79 0.54 73.40
N THR C 66 -14.77 1.11 74.10
CA THR C 66 -16.15 1.14 73.62
C THR C 66 -16.37 2.33 72.70
N HIS C 67 -17.30 2.16 71.76
CA HIS C 67 -17.63 3.24 70.83
C HIS C 67 -18.19 4.46 71.54
N LYS C 68 -18.14 5.58 70.85
CA LYS C 68 -18.61 6.88 71.31
C LYS C 68 -19.48 7.50 70.22
N PRO C 69 -20.47 8.32 70.59
CA PRO C 69 -21.38 8.86 69.59
C PRO C 69 -20.71 9.77 68.57
N ASN C 70 -19.62 10.45 68.94
CA ASN C 70 -18.98 11.42 68.07
C ASN C 70 -17.77 10.81 67.38
N ALA C 71 -17.66 11.08 66.07
CA ALA C 71 -16.52 10.57 65.31
C ALA C 71 -15.22 11.21 65.78
N ILE C 72 -15.25 12.50 66.10
CA ILE C 72 -14.05 13.17 66.60
C ILE C 72 -13.63 12.55 67.93
N GLN C 73 -14.60 12.13 68.75
CA GLN C 73 -14.27 11.43 69.98
C GLN C 73 -13.53 10.14 69.70
N MET C 74 -13.95 9.39 68.67
CA MET C 74 -13.22 8.20 68.27
C MET C 74 -11.82 8.54 67.81
N ALA C 75 -11.68 9.60 67.01
CA ALA C 75 -10.37 9.96 66.49
C ALA C 75 -9.41 10.36 67.61
N LEU C 76 -9.93 10.99 68.65
CA LEU C 76 -9.09 11.32 69.80
C LEU C 76 -8.79 10.08 70.64
N SER C 77 -9.79 9.23 70.86
CA SER C 77 -9.64 8.09 71.76
C SER C 77 -8.70 7.04 71.18
N VAL C 78 -8.70 6.87 69.86
CA VAL C 78 -7.83 5.87 69.26
C VAL C 78 -6.36 6.23 69.47
N CYS C 79 -6.03 7.53 69.43
CA CYS C 79 -4.68 7.96 69.74
C CYS C 79 -4.41 7.90 71.24
N GLU C 80 -5.38 8.31 72.06
CA GLU C 80 -5.12 8.40 73.50
C GLU C 80 -5.02 7.02 74.14
N ASP C 81 -5.65 6.00 73.56
CA ASP C 81 -5.71 4.68 74.16
C ASP C 81 -5.02 3.61 73.32
N LEU C 82 -5.36 3.50 72.03
CA LEU C 82 -4.83 2.41 71.22
C LEU C 82 -3.44 2.72 70.69
N ILE C 83 -3.26 3.89 70.06
CA ILE C 83 -1.96 4.24 69.49
C ILE C 83 -0.92 4.39 70.60
N SER C 84 -1.31 5.03 71.71
CA SER C 84 -0.38 5.20 72.83
C SER C 84 0.00 3.87 73.47
N SER C 85 -0.77 2.82 73.22
CA SER C 85 -0.46 1.50 73.76
C SER C 85 0.39 0.65 72.82
N GLN C 86 0.82 1.21 71.69
CA GLN C 86 1.70 0.52 70.74
C GLN C 86 1.05 -0.77 70.23
N VAL C 87 -0.11 -0.61 69.59
CA VAL C 87 -0.84 -1.76 69.07
C VAL C 87 -0.34 -2.11 67.68
N TYR C 88 -0.51 -3.37 67.30
CA TYR C 88 -0.12 -3.87 65.99
C TYR C 88 -1.28 -3.91 65.00
N ALA C 89 -2.50 -4.19 65.48
CA ALA C 89 -3.67 -4.21 64.61
C ALA C 89 -4.89 -3.87 65.46
N ILE C 90 -5.88 -3.25 64.80
CA ILE C 90 -7.08 -2.77 65.47
C ILE C 90 -8.29 -3.48 64.87
N LEU C 91 -9.11 -4.07 65.74
CA LEU C 91 -10.35 -4.73 65.34
C LEU C 91 -11.51 -3.78 65.59
N VAL C 92 -12.25 -3.43 64.55
CA VAL C 92 -13.33 -2.44 64.62
C VAL C 92 -14.64 -3.11 64.23
N SER C 93 -15.72 -2.74 64.92
CA SER C 93 -17.04 -3.28 64.67
C SER C 93 -18.07 -2.15 64.76
N HIS C 94 -19.29 -2.45 64.30
CA HIS C 94 -20.35 -1.46 64.34
C HIS C 94 -20.93 -1.33 65.76
N PRO C 95 -21.47 -0.16 66.09
CA PRO C 95 -22.03 0.04 67.43
C PRO C 95 -23.36 -0.67 67.57
N PRO C 96 -23.84 -0.87 68.82
CA PRO C 96 -25.14 -1.53 68.99
C PRO C 96 -26.30 -0.74 68.41
N THR C 97 -26.17 0.59 68.33
CA THR C 97 -27.22 1.40 67.73
C THR C 97 -27.37 1.04 66.25
N PRO C 98 -28.61 0.90 65.76
CA PRO C 98 -28.80 0.47 64.36
C PRO C 98 -28.18 1.40 63.32
N ASN C 99 -27.77 2.61 63.70
CA ASN C 99 -27.15 3.52 62.75
C ASN C 99 -25.89 2.89 62.16
N ASP C 100 -25.74 3.00 60.84
CA ASP C 100 -24.64 2.38 60.11
C ASP C 100 -24.02 3.36 59.12
N HIS C 101 -23.93 4.64 59.49
CA HIS C 101 -23.44 5.67 58.58
C HIS C 101 -21.95 5.84 58.75
N PHE C 102 -21.19 4.90 58.17
CA PHE C 102 -19.74 4.98 58.08
C PHE C 102 -19.09 5.12 59.45
N THR C 103 -19.57 4.31 60.40
CA THR C 103 -19.03 4.38 61.76
C THR C 103 -17.55 4.04 61.86
N PRO C 104 -17.02 2.99 61.23
CA PRO C 104 -15.59 2.70 61.35
C PRO C 104 -14.67 3.58 60.50
N THR C 105 -15.20 4.61 59.84
CA THR C 105 -14.36 5.47 59.02
C THR C 105 -13.26 6.18 59.80
N PRO C 106 -13.53 6.81 60.96
CA PRO C 106 -12.44 7.52 61.66
C PRO C 106 -11.24 6.64 61.98
N VAL C 107 -11.47 5.48 62.61
CA VAL C 107 -10.36 4.61 62.99
C VAL C 107 -9.52 4.26 61.77
N SER C 108 -10.18 3.83 60.68
CA SER C 108 -9.46 3.46 59.47
C SER C 108 -8.60 4.59 58.94
N TYR C 109 -8.94 5.84 59.24
CA TYR C 109 -8.07 6.95 58.87
C TYR C 109 -6.89 7.07 59.81
N THR C 110 -7.14 7.05 61.13
CA THR C 110 -6.07 7.30 62.09
C THR C 110 -5.01 6.22 62.01
N ALA C 111 -5.41 4.95 62.10
CA ALA C 111 -4.46 3.87 61.92
C ALA C 111 -3.95 3.80 60.48
N GLY C 112 -4.66 4.42 59.54
CA GLY C 112 -4.13 4.57 58.20
C GLY C 112 -3.02 5.60 58.09
N PHE C 113 -2.94 6.50 59.08
CA PHE C 113 -1.84 7.46 59.09
C PHE C 113 -0.50 6.77 59.24
N TYR C 114 -0.41 5.76 60.10
CA TYR C 114 0.81 5.02 60.35
C TYR C 114 0.83 3.66 59.65
N ARG C 115 -0.09 3.44 58.72
CA ARG C 115 -0.20 2.17 57.99
C ARG C 115 -0.43 0.99 58.92
N ILE C 116 -1.03 1.24 60.08
CA ILE C 116 -1.38 0.16 61.01
C ILE C 116 -2.56 -0.59 60.43
N PRO C 117 -2.43 -1.89 60.18
CA PRO C 117 -3.55 -2.64 59.59
C PRO C 117 -4.76 -2.65 60.50
N VAL C 118 -5.94 -2.53 59.89
CA VAL C 118 -7.21 -2.56 60.61
C VAL C 118 -8.05 -3.69 60.04
N LEU C 119 -8.54 -4.56 60.93
CA LEU C 119 -9.39 -5.68 60.53
C LEU C 119 -10.85 -5.31 60.75
N GLY C 120 -11.64 -5.38 59.69
CA GLY C 120 -13.05 -5.07 59.79
C GLY C 120 -13.88 -6.28 60.17
N LEU C 121 -14.69 -6.14 61.22
CA LEU C 121 -15.45 -7.29 61.70
C LEU C 121 -16.74 -7.48 60.91
N THR C 122 -17.63 -6.50 60.92
CA THR C 122 -18.93 -6.62 60.29
C THR C 122 -19.26 -5.40 59.44
N THR C 123 -18.23 -4.78 58.84
CA THR C 123 -18.40 -3.61 58.01
C THR C 123 -18.49 -4.04 56.55
N ARG C 124 -19.69 -3.99 55.98
CA ARG C 124 -19.94 -4.42 54.62
C ARG C 124 -19.95 -3.26 53.63
N MET C 125 -19.66 -2.05 54.08
CA MET C 125 -19.60 -0.91 53.16
C MET C 125 -18.40 -1.06 52.24
N SER C 126 -18.62 -0.86 50.94
CA SER C 126 -17.57 -1.09 49.95
C SER C 126 -16.69 0.12 49.71
N ILE C 127 -16.98 1.27 50.33
CA ILE C 127 -16.10 2.42 50.21
C ILE C 127 -14.73 2.09 50.78
N TYR C 128 -14.66 1.22 51.78
CA TYR C 128 -13.39 0.78 52.34
C TYR C 128 -12.64 -0.18 51.43
N SER C 129 -13.29 -0.70 50.39
CA SER C 129 -12.61 -1.61 49.47
C SER C 129 -11.53 -0.91 48.66
N ASP C 130 -11.66 0.40 48.45
CA ASP C 130 -10.66 1.16 47.68
C ASP C 130 -9.47 1.44 48.58
N LYS C 131 -8.36 0.76 48.32
CA LYS C 131 -7.16 0.94 49.13
C LYS C 131 -6.52 2.30 48.94
N SER C 132 -6.91 3.03 47.89
CA SER C 132 -6.36 4.37 47.67
C SER C 132 -6.79 5.35 48.74
N ILE C 133 -8.00 5.20 49.28
CA ILE C 133 -8.48 6.08 50.34
C ILE C 133 -8.03 5.52 51.69
N HIS C 134 -8.44 4.31 52.01
CA HIS C 134 -8.03 3.63 53.22
C HIS C 134 -6.78 2.80 52.91
N LEU C 135 -5.63 3.29 53.36
CA LEU C 135 -4.37 2.65 53.00
C LEU C 135 -4.26 1.24 53.58
N SER C 136 -4.70 1.06 54.83
CA SER C 136 -4.60 -0.23 55.52
C SER C 136 -5.94 -0.53 56.18
N PHE C 137 -6.79 -1.27 55.47
CA PHE C 137 -8.08 -1.69 56.00
C PHE C 137 -8.41 -3.08 55.47
N LEU C 138 -8.40 -4.07 56.36
CA LEU C 138 -8.81 -5.42 56.05
C LEU C 138 -10.16 -5.69 56.69
N ARG C 139 -10.86 -6.70 56.18
CA ARG C 139 -12.15 -7.06 56.75
C ARG C 139 -12.41 -8.54 56.49
N THR C 140 -13.15 -9.16 57.41
CA THR C 140 -13.47 -10.58 57.35
C THR C 140 -14.82 -10.86 56.69
N VAL C 141 -15.51 -9.84 56.19
CA VAL C 141 -16.79 -10.00 55.51
C VAL C 141 -16.67 -9.34 54.15
N PRO C 142 -17.20 -9.96 53.09
CA PRO C 142 -17.18 -9.30 51.79
C PRO C 142 -18.08 -8.09 51.77
N PRO C 143 -17.74 -7.07 50.98
CA PRO C 143 -18.60 -5.88 50.90
C PRO C 143 -19.83 -6.15 50.05
N TYR C 144 -20.72 -5.16 50.02
CA TYR C 144 -21.93 -5.26 49.22
C TYR C 144 -21.64 -5.32 47.73
N SER C 145 -20.46 -4.86 47.30
CA SER C 145 -20.13 -4.88 45.89
C SER C 145 -19.94 -6.30 45.38
N HIS C 146 -19.36 -7.17 46.21
CA HIS C 146 -19.10 -8.54 45.79
C HIS C 146 -20.38 -9.34 45.57
N GLN C 147 -21.51 -8.87 46.12
CA GLN C 147 -22.78 -9.58 45.92
C GLN C 147 -23.09 -9.76 44.45
N SER C 148 -22.66 -8.83 43.60
CA SER C 148 -22.89 -8.95 42.17
C SER C 148 -22.37 -10.26 41.63
N SER C 149 -21.22 -10.72 42.14
CA SER C 149 -20.67 -12.01 41.71
C SER C 149 -21.70 -13.10 41.86
N VAL C 150 -22.40 -13.14 43.00
CA VAL C 150 -23.43 -14.15 43.21
C VAL C 150 -24.46 -14.10 42.08
N TRP C 151 -24.93 -12.90 41.76
CA TRP C 151 -25.89 -12.76 40.68
C TRP C 151 -25.33 -13.29 39.37
N PHE C 152 -24.05 -13.01 39.11
CA PHE C 152 -23.42 -13.54 37.90
C PHE C 152 -23.50 -15.05 37.85
N GLU C 153 -23.33 -15.71 39.00
CA GLU C 153 -23.45 -17.16 39.05
C GLU C 153 -24.86 -17.59 38.68
N MET C 154 -25.87 -16.85 39.15
CA MET C 154 -27.23 -17.14 38.74
C MET C 154 -27.38 -17.03 37.23
N MET C 155 -26.64 -16.09 36.62
CA MET C 155 -26.66 -15.95 35.17
C MET C 155 -26.25 -17.25 34.49
N ARG C 156 -25.35 -18.00 35.11
CA ARG C 156 -24.89 -19.26 34.54
C ARG C 156 -25.82 -20.43 34.86
N VAL C 157 -26.74 -20.27 35.81
CA VAL C 157 -27.60 -21.36 36.23
C VAL C 157 -28.97 -21.32 35.55
N TYR C 158 -29.64 -20.17 35.60
CA TYR C 158 -30.96 -20.03 35.02
C TYR C 158 -30.94 -19.47 33.61
N ASN C 159 -29.76 -19.25 33.04
CA ASN C 159 -29.59 -18.82 31.66
C ASN C 159 -30.33 -17.50 31.38
N TRP C 160 -29.89 -16.46 32.06
CA TRP C 160 -30.42 -15.11 31.88
C TRP C 160 -29.34 -14.26 31.22
N ASN C 161 -29.68 -13.63 30.10
CA ASN C 161 -28.72 -12.85 29.34
C ASN C 161 -28.97 -11.35 29.34
N HIS C 162 -30.24 -10.93 29.31
CA HIS C 162 -30.58 -9.52 29.29
C HIS C 162 -31.12 -9.13 30.67
N ILE C 163 -30.48 -8.13 31.29
CA ILE C 163 -30.81 -7.71 32.65
C ILE C 163 -30.89 -6.19 32.68
N ILE C 164 -31.55 -5.68 33.73
CA ILE C 164 -31.70 -4.25 33.96
C ILE C 164 -31.12 -3.92 35.33
N LEU C 165 -30.24 -2.92 35.36
CA LEU C 165 -29.58 -2.52 36.59
C LEU C 165 -30.23 -1.29 37.18
N LEU C 166 -30.42 -1.30 38.50
CA LEU C 166 -31.02 -0.19 39.21
C LEU C 166 -30.11 0.31 40.32
N VAL C 167 -28.82 0.49 40.01
CA VAL C 167 -27.87 0.93 41.02
C VAL C 167 -28.11 2.40 41.35
N SER C 168 -27.62 2.81 42.52
CA SER C 168 -27.75 4.17 42.98
C SER C 168 -26.56 5.01 42.51
N ASP C 169 -26.64 6.32 42.77
CA ASP C 169 -25.62 7.26 42.35
C ASP C 169 -24.52 7.44 43.38
N ASP C 170 -24.63 6.81 44.55
CA ASP C 170 -23.58 6.88 45.56
C ASP C 170 -22.44 5.96 45.16
N HIS C 171 -21.47 5.77 46.07
CA HIS C 171 -20.33 4.92 45.76
C HIS C 171 -20.74 3.46 45.65
N GLU C 172 -21.71 3.02 46.44
CA GLU C 172 -22.11 1.62 46.43
C GLU C 172 -22.71 1.21 45.08
N GLY C 173 -23.63 2.03 44.56
CA GLY C 173 -24.23 1.71 43.27
C GLY C 173 -23.20 1.70 42.15
N ARG C 174 -22.30 2.68 42.14
CA ARG C 174 -21.28 2.74 41.12
C ARG C 174 -20.35 1.53 41.21
N ALA C 175 -19.94 1.16 42.42
CA ALA C 175 -19.06 0.01 42.59
C ALA C 175 -19.73 -1.28 42.16
N ALA C 176 -21.00 -1.46 42.54
CA ALA C 176 -21.71 -2.67 42.15
C ALA C 176 -21.87 -2.74 40.64
N GLN C 177 -22.22 -1.62 39.99
CA GLN C 177 -22.35 -1.60 38.55
C GLN C 177 -21.02 -1.91 37.87
N LYS C 178 -19.93 -1.33 38.37
CA LYS C 178 -18.62 -1.58 37.78
C LYS C 178 -18.22 -3.04 37.92
N ARG C 179 -18.45 -3.62 39.10
CA ARG C 179 -18.09 -5.03 39.30
C ARG C 179 -18.92 -5.94 38.42
N LEU C 180 -20.23 -5.68 38.31
CA LEU C 180 -21.07 -6.50 37.46
C LEU C 180 -20.67 -6.40 35.99
N GLU C 181 -20.37 -5.18 35.53
CA GLU C 181 -19.92 -5.01 34.15
C GLU C 181 -18.59 -5.71 33.91
N THR C 182 -17.68 -5.63 34.88
CA THR C 182 -16.40 -6.33 34.74
C THR C 182 -16.60 -7.83 34.63
N LEU C 183 -17.49 -8.38 35.46
CA LEU C 183 -17.76 -9.81 35.40
C LEU C 183 -18.43 -10.21 34.10
N LEU C 184 -19.32 -9.35 33.57
CA LEU C 184 -19.97 -9.65 32.30
C LEU C 184 -19.06 -9.45 31.10
N GLU C 185 -17.95 -8.72 31.27
CA GLU C 185 -17.03 -8.54 30.15
C GLU C 185 -16.45 -9.87 29.66
N GLU C 186 -16.10 -10.76 30.58
CA GLU C 186 -15.52 -12.03 30.18
C GLU C 186 -16.50 -12.91 29.40
N ARG C 187 -17.80 -12.68 29.58
CA ARG C 187 -18.82 -13.38 28.81
C ARG C 187 -19.10 -12.70 27.47
N GLU C 188 -18.46 -11.56 27.21
CA GLU C 188 -18.70 -10.77 26.00
C GLU C 188 -20.17 -10.36 25.89
N SER C 189 -20.76 -10.04 27.03
CA SER C 189 -22.15 -9.59 27.11
C SER C 189 -22.24 -8.39 28.04
N LYS C 190 -23.24 -7.56 27.82
CA LYS C 190 -23.46 -6.36 28.62
C LYS C 190 -24.91 -6.27 29.03
N ALA C 191 -25.15 -5.58 30.16
CA ALA C 191 -26.52 -5.34 30.59
C ALA C 191 -27.24 -4.44 29.61
N GLU C 192 -28.55 -4.65 29.49
CA GLU C 192 -29.34 -3.89 28.53
C GLU C 192 -29.30 -2.40 28.84
N LYS C 193 -29.62 -2.03 30.08
CA LYS C 193 -29.57 -0.64 30.52
C LYS C 193 -29.09 -0.60 31.96
N VAL C 194 -28.47 0.52 32.33
CA VAL C 194 -28.01 0.75 33.70
C VAL C 194 -28.71 2.00 34.20
N LEU C 195 -29.84 1.81 34.86
CA LEU C 195 -30.62 2.93 35.38
C LEU C 195 -30.01 3.41 36.70
N GLN C 196 -29.90 4.73 36.83
CA GLN C 196 -29.26 5.35 37.99
C GLN C 196 -30.21 6.37 38.59
N PHE C 197 -30.35 6.36 39.91
CA PHE C 197 -31.17 7.31 40.62
C PHE C 197 -30.43 7.85 41.84
N ASP C 198 -30.70 9.11 42.16
CA ASP C 198 -30.07 9.72 43.33
C ASP C 198 -30.56 9.06 44.61
N PRO C 199 -29.71 8.97 45.62
CA PRO C 199 -30.16 8.41 46.91
C PRO C 199 -31.24 9.27 47.54
N GLY C 200 -32.19 8.60 48.20
CA GLY C 200 -33.24 9.30 48.91
C GLY C 200 -34.16 10.13 48.05
N THR C 201 -34.58 9.60 46.90
CA THR C 201 -35.52 10.27 46.01
C THR C 201 -36.90 9.69 46.23
N LYS C 202 -37.87 10.56 46.53
CA LYS C 202 -39.24 10.10 46.77
C LYS C 202 -39.87 9.51 45.51
N ASN C 203 -39.60 10.12 44.36
CA ASN C 203 -40.19 9.69 43.09
C ASN C 203 -39.14 9.00 42.24
N VAL C 204 -39.46 7.80 41.77
CA VAL C 204 -38.61 7.04 40.86
C VAL C 204 -39.39 6.49 39.68
N THR C 205 -40.62 6.97 39.45
CA THR C 205 -41.50 6.42 38.43
C THR C 205 -40.90 6.50 37.02
N ALA C 206 -40.09 7.52 36.77
CA ALA C 206 -39.53 7.71 35.44
C ALA C 206 -38.64 6.54 35.03
N LEU C 207 -37.81 6.05 35.95
CA LEU C 207 -36.92 4.94 35.63
C LEU C 207 -37.70 3.68 35.30
N LEU C 208 -38.75 3.39 36.08
CA LEU C 208 -39.54 2.19 35.80
C LEU C 208 -40.33 2.32 34.50
N MET C 209 -40.84 3.51 34.19
CA MET C 209 -41.46 3.73 32.89
C MET C 209 -40.47 3.50 31.76
N GLU C 210 -39.23 4.00 31.91
CA GLU C 210 -38.22 3.75 30.89
C GLU C 210 -37.89 2.27 30.77
N ALA C 211 -37.87 1.56 31.90
CA ALA C 211 -37.51 0.14 31.89
C ALA C 211 -38.63 -0.71 31.31
N ARG C 212 -39.88 -0.25 31.41
CA ARG C 212 -41.01 -1.06 30.97
C ARG C 212 -40.94 -1.36 29.48
N GLU C 213 -40.61 -0.35 28.67
CA GLU C 213 -40.55 -0.55 27.22
C GLU C 213 -39.40 -1.46 26.80
N LEU C 214 -38.44 -1.73 27.67
CA LEU C 214 -37.34 -2.61 27.33
C LEU C 214 -37.81 -4.06 27.34
N GLU C 215 -37.04 -4.92 26.67
CA GLU C 215 -37.37 -6.34 26.57
C GLU C 215 -36.88 -7.16 27.76
N ALA C 216 -35.82 -6.72 28.43
CA ALA C 216 -35.28 -7.48 29.55
C ALA C 216 -36.25 -7.50 30.71
N ARG C 217 -36.40 -8.66 31.33
CA ARG C 217 -37.31 -8.84 32.45
C ARG C 217 -36.60 -9.21 33.74
N VAL C 218 -35.27 -9.17 33.78
CA VAL C 218 -34.51 -9.47 34.98
C VAL C 218 -34.08 -8.14 35.59
N ILE C 219 -34.58 -7.85 36.79
CA ILE C 219 -34.29 -6.59 37.47
C ILE C 219 -33.32 -6.86 38.61
N ILE C 220 -32.22 -6.12 38.63
CA ILE C 220 -31.21 -6.23 39.69
C ILE C 220 -31.17 -4.89 40.41
N LEU C 221 -31.42 -4.92 41.72
CA LEU C 221 -31.50 -3.72 42.54
C LEU C 221 -30.50 -3.79 43.67
N SER C 222 -29.84 -2.65 43.94
CA SER C 222 -28.87 -2.56 45.03
C SER C 222 -28.83 -1.10 45.48
N ALA C 223 -29.40 -0.82 46.64
CA ALA C 223 -29.47 0.54 47.17
C ALA C 223 -29.64 0.47 48.68
N SER C 224 -29.99 1.60 49.29
CA SER C 224 -30.28 1.62 50.71
C SER C 224 -31.67 1.05 50.97
N GLU C 225 -31.98 0.85 52.27
CA GLU C 225 -33.27 0.28 52.64
C GLU C 225 -34.42 1.18 52.23
N ASP C 226 -34.29 2.49 52.47
CA ASP C 226 -35.36 3.42 52.11
C ASP C 226 -35.56 3.47 50.59
N ASP C 227 -34.46 3.54 49.84
CA ASP C 227 -34.57 3.57 48.39
C ASP C 227 -35.14 2.26 47.86
N ALA C 228 -34.74 1.13 48.46
CA ALA C 228 -35.30 -0.16 48.05
C ALA C 228 -36.80 -0.21 48.32
N ALA C 229 -37.23 0.30 49.47
CA ALA C 229 -38.66 0.32 49.78
C ALA C 229 -39.42 1.21 48.80
N THR C 230 -38.86 2.37 48.46
CA THR C 230 -39.49 3.26 47.50
C THR C 230 -39.61 2.58 46.13
N VAL C 231 -38.54 1.91 45.69
CA VAL C 231 -38.56 1.21 44.41
C VAL C 231 -39.61 0.10 44.42
N TYR C 232 -39.69 -0.65 45.53
CA TYR C 232 -40.67 -1.72 45.63
C TYR C 232 -42.09 -1.17 45.57
N ARG C 233 -42.35 -0.07 46.28
CA ARG C 233 -43.68 0.53 46.25
C ARG C 233 -44.03 1.00 44.85
N ALA C 234 -43.08 1.67 44.18
CA ALA C 234 -43.33 2.13 42.82
C ALA C 234 -43.61 0.96 41.89
N ALA C 235 -42.82 -0.11 41.98
CA ALA C 235 -43.03 -1.28 41.15
C ALA C 235 -44.39 -1.92 41.42
N ALA C 236 -44.81 -1.97 42.69
CA ALA C 236 -46.11 -2.50 43.02
C ALA C 236 -47.23 -1.64 42.41
N MET C 237 -47.06 -0.32 42.40
CA MET C 237 -48.04 0.55 41.78
C MET C 237 -47.87 0.68 40.26
N LEU C 238 -46.85 0.03 39.69
CA LEU C 238 -46.57 0.14 38.26
C LEU C 238 -46.66 -1.20 37.54
N ASN C 239 -47.22 -2.23 38.17
CA ASN C 239 -47.41 -3.55 37.57
C ASN C 239 -46.09 -4.14 37.10
N MET C 240 -45.04 -3.97 37.92
CA MET C 240 -43.74 -4.59 37.67
C MET C 240 -43.55 -5.89 38.43
N THR C 241 -44.47 -6.27 39.31
CA THR C 241 -44.35 -7.48 40.12
C THR C 241 -45.16 -8.63 39.56
N GLY C 242 -45.67 -8.52 38.33
CA GLY C 242 -46.45 -9.57 37.72
C GLY C 242 -45.58 -10.72 37.25
N SER C 243 -46.24 -11.70 36.63
CA SER C 243 -45.54 -12.87 36.14
C SER C 243 -44.58 -12.50 35.03
N GLY C 244 -43.47 -13.24 34.95
CA GLY C 244 -42.44 -13.02 33.97
C GLY C 244 -41.31 -12.12 34.43
N TYR C 245 -41.44 -11.49 35.60
CA TYR C 245 -40.41 -10.62 36.15
C TYR C 245 -39.74 -11.30 37.34
N VAL C 246 -38.42 -11.22 37.37
CA VAL C 246 -37.62 -11.78 38.46
C VAL C 246 -36.76 -10.67 39.05
N TRP C 247 -36.68 -10.62 40.37
CA TRP C 247 -35.94 -9.59 41.08
C TRP C 247 -34.77 -10.22 41.83
N LEU C 248 -33.57 -9.71 41.58
CA LEU C 248 -32.36 -10.11 42.31
C LEU C 248 -31.84 -8.91 43.07
N VAL C 249 -31.68 -9.06 44.39
CA VAL C 249 -31.28 -7.96 45.26
C VAL C 249 -30.26 -8.47 46.27
N GLY C 250 -29.57 -7.53 46.91
CA GLY C 250 -28.63 -7.82 47.96
C GLY C 250 -29.29 -7.88 49.33
N GLU C 251 -28.45 -7.94 50.36
CA GLU C 251 -28.96 -8.03 51.73
C GLU C 251 -29.76 -6.79 52.12
N ARG C 252 -29.25 -5.60 51.78
CA ARG C 252 -29.87 -4.36 52.22
C ARG C 252 -31.32 -4.22 51.76
N GLU C 253 -31.71 -4.93 50.71
CA GLU C 253 -33.06 -4.83 50.18
C GLU C 253 -34.02 -5.82 50.83
N ILE C 254 -33.54 -6.73 51.67
CA ILE C 254 -34.42 -7.72 52.29
C ILE C 254 -34.26 -7.65 53.80
N SER C 255 -33.75 -6.52 54.30
CA SER C 255 -33.56 -6.31 55.73
C SER C 255 -34.24 -5.01 56.14
N GLY C 256 -35.03 -5.06 57.20
CA GLY C 256 -35.69 -3.87 57.71
C GLY C 256 -36.93 -3.48 56.94
N ASN C 257 -37.14 -2.17 56.80
CA ASN C 257 -38.35 -1.66 56.16
C ASN C 257 -38.50 -2.16 54.73
N ALA C 258 -37.38 -2.39 54.04
CA ALA C 258 -37.44 -2.89 52.67
C ALA C 258 -38.13 -4.24 52.58
N LEU C 259 -38.11 -5.02 53.67
CA LEU C 259 -38.82 -6.30 53.67
C LEU C 259 -40.33 -6.10 53.69
N ARG C 260 -40.81 -5.01 54.30
CA ARG C 260 -42.25 -4.80 54.42
C ARG C 260 -42.92 -4.64 53.07
N TYR C 261 -42.28 -3.91 52.15
CA TYR C 261 -42.85 -3.64 50.84
C TYR C 261 -42.27 -4.52 49.74
N ALA C 262 -41.48 -5.52 50.10
CA ALA C 262 -40.84 -6.36 49.10
C ALA C 262 -41.89 -7.20 48.37
N PRO C 263 -41.88 -7.22 47.04
CA PRO C 263 -42.84 -8.04 46.31
C PRO C 263 -42.58 -9.52 46.52
N ASP C 264 -43.67 -10.30 46.43
CA ASP C 264 -43.55 -11.75 46.60
C ASP C 264 -42.70 -12.36 45.50
N GLY C 265 -41.92 -13.37 45.86
CA GLY C 265 -41.07 -14.05 44.91
C GLY C 265 -39.70 -13.43 44.70
N ILE C 266 -39.34 -12.40 45.46
CA ILE C 266 -38.05 -11.77 45.29
C ILE C 266 -36.95 -12.65 45.88
N ILE C 267 -35.82 -12.71 45.18
CA ILE C 267 -34.68 -13.51 45.59
C ILE C 267 -33.62 -12.58 46.15
N GLY C 268 -33.27 -12.79 47.43
CA GLY C 268 -32.29 -11.96 48.09
C GLY C 268 -31.18 -12.81 48.70
N LEU C 269 -30.11 -12.14 49.09
CA LEU C 269 -28.93 -12.78 49.64
C LEU C 269 -28.69 -12.31 51.07
N GLN C 270 -28.23 -13.23 51.91
CA GLN C 270 -27.80 -12.89 53.26
C GLN C 270 -26.57 -13.72 53.60
N LEU C 271 -25.55 -13.07 54.14
CA LEU C 271 -24.37 -13.79 54.60
C LEU C 271 -24.71 -14.55 55.88
N ILE C 272 -24.09 -15.71 56.06
CA ILE C 272 -24.46 -16.61 57.15
C ILE C 272 -24.23 -15.94 58.50
N ASN C 273 -23.06 -15.31 58.67
CA ASN C 273 -22.73 -14.68 59.93
C ASN C 273 -22.44 -13.19 59.73
N GLY C 274 -23.26 -12.52 58.92
CA GLY C 274 -23.04 -11.11 58.68
C GLY C 274 -23.23 -10.27 59.94
N LYS C 275 -24.31 -10.54 60.68
CA LYS C 275 -24.58 -9.80 61.91
C LYS C 275 -23.91 -10.44 63.13
N ASN C 276 -23.35 -11.64 62.98
CA ASN C 276 -22.68 -12.31 64.09
C ASN C 276 -21.40 -11.57 64.45
N GLU C 277 -21.15 -11.40 65.74
CA GLU C 277 -19.96 -10.72 66.24
C GLU C 277 -18.93 -11.66 66.85
N SER C 278 -19.38 -12.64 67.64
CA SER C 278 -18.45 -13.51 68.37
C SER C 278 -17.61 -14.35 67.42
N ALA C 279 -18.25 -14.96 66.41
CA ALA C 279 -17.51 -15.79 65.47
C ALA C 279 -16.49 -14.96 64.68
N HIS C 280 -16.91 -13.78 64.21
CA HIS C 280 -15.98 -12.93 63.49
C HIS C 280 -14.86 -12.44 64.38
N ILE C 281 -15.16 -12.11 65.64
CA ILE C 281 -14.12 -11.69 66.58
C ILE C 281 -13.09 -12.79 66.77
N SER C 282 -13.57 -14.01 67.00
CA SER C 282 -12.65 -15.13 67.22
C SER C 282 -11.80 -15.41 65.99
N ASP C 283 -12.42 -15.42 64.81
CA ASP C 283 -11.66 -15.71 63.60
C ASP C 283 -10.66 -14.61 63.29
N ALA C 284 -11.06 -13.34 63.49
CA ALA C 284 -10.13 -12.23 63.25
C ALA C 284 -8.97 -12.26 64.22
N VAL C 285 -9.22 -12.52 65.50
CA VAL C 285 -8.11 -12.56 66.44
C VAL C 285 -7.20 -13.75 66.16
N GLY C 286 -7.78 -14.88 65.73
CA GLY C 286 -6.94 -16.01 65.36
C GLY C 286 -6.04 -15.71 64.18
N VAL C 287 -6.60 -15.11 63.13
CA VAL C 287 -5.81 -14.84 61.94
C VAL C 287 -4.76 -13.77 62.23
N VAL C 288 -5.11 -12.77 63.05
CA VAL C 288 -4.13 -11.73 63.37
C VAL C 288 -3.02 -12.29 64.25
N ALA C 289 -3.36 -13.23 65.16
CA ALA C 289 -2.33 -13.87 65.96
C ALA C 289 -1.39 -14.70 65.09
N GLN C 290 -1.95 -15.44 64.14
CA GLN C 290 -1.11 -16.23 63.24
C GLN C 290 -0.21 -15.32 62.40
N ALA C 291 -0.76 -14.20 61.91
CA ALA C 291 0.04 -13.27 61.13
C ALA C 291 1.16 -12.64 61.97
N VAL C 292 0.85 -12.29 63.22
CA VAL C 292 1.87 -11.71 64.09
C VAL C 292 2.98 -12.73 64.36
N HIS C 293 2.60 -13.98 64.63
CA HIS C 293 3.60 -15.01 64.87
C HIS C 293 4.47 -15.24 63.65
N GLU C 294 3.87 -15.23 62.45
CA GLU C 294 4.65 -15.38 61.23
C GLU C 294 5.57 -14.19 61.00
N LEU C 295 5.09 -12.98 61.30
CA LEU C 295 5.87 -11.78 61.02
C LEU C 295 7.05 -11.64 61.96
N LEU C 296 6.86 -11.96 63.24
CA LEU C 296 7.93 -11.75 64.21
C LEU C 296 9.12 -12.68 64.01
N GLU C 297 9.00 -13.70 63.16
CA GLU C 297 10.15 -14.53 62.82
C GLU C 297 11.08 -13.87 61.83
N LYS C 298 10.65 -12.79 61.18
CA LYS C 298 11.51 -12.07 60.26
C LYS C 298 12.50 -11.19 61.01
N GLU C 299 13.48 -10.66 60.29
CA GLU C 299 14.51 -9.85 60.89
C GLU C 299 14.17 -8.36 60.86
N ASN C 300 14.93 -7.59 61.62
CA ASN C 300 14.77 -6.13 61.79
C ASN C 300 13.31 -5.71 61.91
N ILE C 301 12.54 -6.46 62.70
CA ILE C 301 11.16 -6.09 62.96
C ILE C 301 11.12 -4.80 63.76
N THR C 302 10.30 -3.85 63.32
CA THR C 302 10.22 -2.53 63.92
C THR C 302 8.95 -2.42 64.76
N ASP C 303 9.09 -1.94 65.99
CA ASP C 303 7.94 -1.79 66.86
C ASP C 303 7.04 -0.67 66.35
N PRO C 304 5.73 -0.73 66.63
CA PRO C 304 4.84 0.33 66.18
C PRO C 304 5.15 1.63 66.89
N PRO C 305 4.83 2.77 66.27
CA PRO C 305 5.02 4.06 66.95
C PRO C 305 4.11 4.18 68.16
N ARG C 306 4.57 4.93 69.15
CA ARG C 306 3.86 5.11 70.42
C ARG C 306 3.31 6.53 70.47
N GLY C 307 1.99 6.66 70.51
CA GLY C 307 1.35 7.96 70.64
C GLY C 307 1.27 8.72 69.34
N CYS C 308 0.11 9.31 69.06
CA CYS C 308 -0.04 10.11 67.84
C CYS C 308 0.78 11.40 67.92
N VAL C 309 0.74 12.07 69.08
CA VAL C 309 1.44 13.33 69.23
C VAL C 309 2.93 13.09 69.33
N GLY C 310 3.72 13.90 68.62
CA GLY C 310 5.16 13.83 68.66
C GLY C 310 5.79 12.79 67.75
N ASN C 311 4.98 12.03 67.01
CA ASN C 311 5.51 10.99 66.12
C ASN C 311 4.67 11.01 64.84
N THR C 312 5.19 11.66 63.80
CA THR C 312 4.50 11.75 62.52
C THR C 312 5.03 10.76 61.50
N ASN C 313 5.96 9.89 61.89
CA ASN C 313 6.55 8.93 60.98
C ASN C 313 5.69 7.67 60.88
N ILE C 314 5.57 7.14 59.68
CA ILE C 314 4.79 5.93 59.47
C ILE C 314 5.54 4.72 60.02
N TRP C 315 4.81 3.64 60.24
CA TRP C 315 5.40 2.41 60.71
C TRP C 315 6.26 1.80 59.60
N LYS C 316 7.50 1.43 59.95
CA LYS C 316 8.43 0.94 58.95
C LYS C 316 7.98 -0.39 58.35
N THR C 317 7.50 -1.30 59.19
CA THR C 317 7.07 -2.62 58.74
C THR C 317 5.55 -2.75 58.62
N GLY C 318 4.84 -1.63 58.65
CA GLY C 318 3.39 -1.65 58.54
C GLY C 318 2.89 -2.26 57.25
N PRO C 319 3.41 -1.81 56.10
CA PRO C 319 3.05 -2.48 54.84
C PRO C 319 3.43 -3.95 54.81
N LEU C 320 4.57 -4.31 55.40
CA LEU C 320 4.95 -5.72 55.45
C LEU C 320 3.93 -6.52 56.26
N PHE C 321 3.47 -5.96 57.38
CA PHE C 321 2.42 -6.60 58.16
C PHE C 321 1.14 -6.71 57.34
N LYS C 322 0.85 -5.70 56.51
CA LYS C 322 -0.35 -5.75 55.68
C LYS C 322 -0.28 -6.89 54.68
N ARG C 323 0.86 -7.06 54.00
CA ARG C 323 1.02 -8.18 53.08
C ARG C 323 0.98 -9.52 53.83
N VAL C 324 1.55 -9.56 55.04
CA VAL C 324 1.50 -10.79 55.83
C VAL C 324 0.06 -11.17 56.13
N LEU C 325 -0.75 -10.20 56.54
CA LEU C 325 -2.16 -10.47 56.80
C LEU C 325 -2.88 -10.88 55.52
N MET C 326 -2.59 -10.20 54.41
CA MET C 326 -3.25 -10.52 53.15
C MET C 326 -2.82 -11.85 52.57
N SER C 327 -1.66 -12.37 52.96
CA SER C 327 -1.16 -13.65 52.48
C SER C 327 -1.34 -14.76 53.51
N SER C 328 -2.12 -14.53 54.55
CA SER C 328 -2.34 -15.51 55.61
C SER C 328 -3.71 -16.15 55.44
N LYS C 329 -3.75 -17.48 55.48
CA LYS C 329 -4.99 -18.24 55.36
C LYS C 329 -5.19 -19.02 56.65
N TYR C 330 -6.27 -18.70 57.37
CA TYR C 330 -6.56 -19.39 58.61
C TYR C 330 -6.99 -20.83 58.32
N ALA C 331 -6.56 -21.75 59.19
CA ALA C 331 -6.81 -23.17 58.93
C ALA C 331 -8.26 -23.53 59.18
N ASP C 332 -8.73 -23.37 60.42
CA ASP C 332 -10.08 -23.75 60.82
C ASP C 332 -10.79 -22.55 61.45
N GLY C 333 -11.39 -21.71 60.61
CA GLY C 333 -12.14 -20.56 61.06
C GLY C 333 -13.60 -20.91 61.31
N VAL C 334 -14.17 -20.27 62.33
CA VAL C 334 -15.55 -20.56 62.71
C VAL C 334 -16.50 -20.11 61.60
N THR C 335 -16.30 -18.90 61.08
CA THR C 335 -17.15 -18.42 60.00
C THR C 335 -16.82 -19.11 58.68
N GLY C 336 -15.60 -19.63 58.57
CA GLY C 336 -15.17 -20.31 57.37
C GLY C 336 -13.68 -20.16 57.18
N ARG C 337 -13.21 -20.57 56.01
CA ARG C 337 -11.81 -20.43 55.65
C ARG C 337 -11.50 -18.96 55.41
N VAL C 338 -10.83 -18.33 56.37
CA VAL C 338 -10.53 -16.90 56.28
C VAL C 338 -9.46 -16.69 55.23
N GLU C 339 -9.80 -15.94 54.18
CA GLU C 339 -8.86 -15.67 53.11
C GLU C 339 -9.15 -14.28 52.55
N PHE C 340 -8.10 -13.53 52.24
CA PHE C 340 -8.22 -12.17 51.73
C PHE C 340 -7.68 -12.12 50.30
N ASN C 341 -8.41 -11.42 49.44
CA ASN C 341 -8.03 -11.28 48.04
C ASN C 341 -7.08 -10.10 47.89
N GLU C 342 -6.81 -9.71 46.64
CA GLU C 342 -5.89 -8.60 46.38
C GLU C 342 -6.46 -7.25 46.83
N ASP C 343 -7.77 -7.16 47.01
CA ASP C 343 -8.41 -5.92 47.44
C ASP C 343 -8.53 -5.81 48.95
N GLY C 344 -8.01 -6.78 49.70
CA GLY C 344 -8.11 -6.75 51.14
C GLY C 344 -9.48 -7.10 51.69
N ASP C 345 -10.28 -7.85 50.94
CA ASP C 345 -11.63 -8.21 51.35
C ASP C 345 -11.75 -9.72 51.50
N ARG C 346 -12.78 -10.14 52.23
CA ARG C 346 -13.02 -11.56 52.46
C ARG C 346 -13.35 -12.27 51.16
N LYS C 347 -12.87 -13.51 51.03
CA LYS C 347 -13.09 -14.32 49.86
C LYS C 347 -13.70 -15.67 50.26
N PHE C 348 -14.53 -16.21 49.37
CA PHE C 348 -15.14 -17.52 49.52
C PHE C 348 -15.95 -17.62 50.81
N ALA C 349 -17.01 -16.80 50.88
CA ALA C 349 -17.92 -16.86 52.01
C ALA C 349 -19.18 -17.64 51.63
N ASN C 350 -19.86 -18.16 52.65
CA ASN C 350 -21.11 -18.89 52.47
C ASN C 350 -22.24 -17.88 52.31
N TYR C 351 -22.91 -17.90 51.17
CA TYR C 351 -24.07 -17.06 50.90
C TYR C 351 -25.32 -17.93 50.88
N SER C 352 -26.36 -17.47 51.56
CA SER C 352 -27.63 -18.18 51.62
C SER C 352 -28.64 -17.45 50.75
N ILE C 353 -28.92 -18.00 49.57
CA ILE C 353 -29.96 -17.45 48.71
C ILE C 353 -31.31 -17.68 49.39
N MET C 354 -32.05 -16.60 49.63
CA MET C 354 -33.18 -16.62 50.53
C MET C 354 -34.34 -15.85 49.91
N ASN C 355 -35.47 -16.54 49.72
CA ASN C 355 -36.56 -16.09 48.87
C ASN C 355 -37.79 -15.78 49.73
N LEU C 356 -38.53 -14.75 49.33
CA LEU C 356 -39.72 -14.32 50.04
C LEU C 356 -40.94 -15.07 49.52
N GLN C 357 -41.59 -15.82 50.41
CA GLN C 357 -42.79 -16.58 50.08
C GLN C 357 -43.86 -16.29 51.12
N ASN C 358 -45.03 -15.84 50.66
CA ASN C 358 -46.17 -15.54 51.52
C ASN C 358 -45.78 -14.57 52.64
N ARG C 359 -45.10 -13.50 52.24
CA ARG C 359 -44.61 -12.48 53.17
C ARG C 359 -43.72 -13.09 54.24
N LYS C 360 -42.97 -14.11 53.87
CA LYS C 360 -42.04 -14.77 54.77
C LYS C 360 -40.86 -15.26 53.96
N LEU C 361 -39.67 -15.19 54.54
CA LEU C 361 -38.44 -15.55 53.85
C LEU C 361 -38.00 -16.95 54.26
N VAL C 362 -37.68 -17.77 53.27
CA VAL C 362 -37.19 -19.13 53.47
C VAL C 362 -35.98 -19.35 52.58
N GLN C 363 -35.03 -20.16 53.06
CA GLN C 363 -33.84 -20.46 52.28
C GLN C 363 -34.19 -21.41 51.14
N VAL C 364 -33.72 -21.09 49.94
CA VAL C 364 -33.96 -21.91 48.76
C VAL C 364 -32.64 -22.44 48.19
N GLY C 365 -31.58 -22.43 48.98
CA GLY C 365 -30.30 -22.91 48.53
C GLY C 365 -29.18 -22.20 49.26
N ILE C 366 -27.96 -22.66 49.00
CA ILE C 366 -26.76 -22.09 49.59
C ILE C 366 -25.73 -21.90 48.49
N TYR C 367 -24.98 -20.80 48.56
CA TYR C 367 -23.97 -20.47 47.57
C TYR C 367 -22.59 -20.52 48.22
N ASN C 368 -21.70 -21.35 47.68
CA ASN C 368 -20.34 -21.44 48.19
C ASN C 368 -19.46 -20.44 47.42
N GLY C 369 -18.15 -20.59 47.54
CA GLY C 369 -17.24 -19.59 47.01
C GLY C 369 -17.40 -19.37 45.51
N THR C 370 -17.67 -20.44 44.76
CA THR C 370 -17.66 -20.36 43.31
C THR C 370 -18.96 -20.82 42.64
N HIS C 371 -19.71 -21.74 43.23
CA HIS C 371 -20.84 -22.34 42.54
C HIS C 371 -22.09 -22.24 43.41
N VAL C 372 -23.25 -22.42 42.76
CA VAL C 372 -24.54 -22.36 43.42
C VAL C 372 -25.12 -23.77 43.42
N ILE C 373 -25.57 -24.23 44.60
CA ILE C 373 -26.23 -25.50 44.74
C ILE C 373 -27.61 -25.28 45.37
N PRO C 374 -28.69 -25.78 44.77
CA PRO C 374 -30.01 -25.58 45.38
C PRO C 374 -30.33 -26.62 46.44
N ASN C 375 -31.54 -26.55 46.99
CA ASN C 375 -31.97 -27.51 48.00
C ASN C 375 -33.34 -28.09 47.62
N ASP C 376 -33.94 -28.85 48.53
CA ASP C 376 -35.24 -29.46 48.26
C ASP C 376 -36.36 -28.43 48.17
N ARG C 377 -36.13 -27.22 48.68
CA ARG C 377 -37.14 -26.18 48.61
C ARG C 377 -37.39 -25.76 47.17
N LYS C 378 -38.64 -25.40 46.89
CA LYS C 378 -39.07 -24.99 45.55
C LYS C 378 -39.11 -23.47 45.49
N ILE C 379 -38.49 -22.91 44.46
CA ILE C 379 -38.43 -21.46 44.30
C ILE C 379 -39.75 -20.97 43.71
N ILE C 380 -40.36 -19.99 44.37
CA ILE C 380 -41.60 -19.38 43.90
C ILE C 380 -41.24 -18.04 43.29
N TRP C 381 -41.31 -17.96 41.97
CA TRP C 381 -41.02 -16.72 41.25
C TRP C 381 -42.16 -15.72 41.40
N PRO C 382 -41.88 -14.44 41.21
CA PRO C 382 -42.94 -13.43 41.36
C PRO C 382 -44.11 -13.69 40.42
N GLY C 383 -45.31 -13.37 40.91
CA GLY C 383 -46.54 -13.67 40.21
C GLY C 383 -47.21 -14.95 40.62
N GLY C 384 -46.56 -15.78 41.44
CA GLY C 384 -47.15 -17.00 41.93
C GLY C 384 -46.83 -18.24 41.12
N GLU C 385 -46.32 -18.09 39.91
CA GLU C 385 -46.00 -19.25 39.09
C GLU C 385 -44.73 -19.92 39.59
N THR C 386 -44.69 -21.25 39.45
CA THR C 386 -43.54 -22.03 39.90
C THR C 386 -42.55 -22.31 38.78
N GLU C 387 -42.97 -22.23 37.52
CA GLU C 387 -42.06 -22.48 36.41
C GLU C 387 -41.06 -21.33 36.29
N LYS C 388 -39.84 -21.66 35.90
CA LYS C 388 -38.79 -20.65 35.81
C LYS C 388 -39.09 -19.68 34.67
N PRO C 389 -39.24 -18.39 34.94
CA PRO C 389 -39.60 -17.46 33.87
C PRO C 389 -38.47 -17.25 32.89
N ARG C 390 -38.84 -16.96 31.64
CA ARG C 390 -37.86 -16.66 30.61
C ARG C 390 -37.17 -15.33 30.91
N GLY C 391 -35.93 -15.21 30.43
CA GLY C 391 -35.16 -14.02 30.71
C GLY C 391 -35.80 -12.77 30.16
N TYR C 392 -36.44 -12.87 29.00
CA TYR C 392 -37.04 -11.70 28.36
C TYR C 392 -38.31 -12.12 27.63
N GLN C 393 -39.17 -11.14 27.39
CA GLN C 393 -40.37 -11.33 26.58
C GLN C 393 -40.16 -10.60 25.26
N MET C 394 -40.36 -11.32 24.16
CA MET C 394 -40.11 -10.77 22.84
C MET C 394 -41.11 -9.65 22.55
N SER C 395 -40.60 -8.45 22.26
CA SER C 395 -41.46 -7.31 21.95
C SER C 395 -41.86 -7.37 20.48
N THR C 396 -43.16 -7.44 20.22
CA THR C 396 -43.70 -7.52 18.87
C THR C 396 -44.11 -6.18 18.31
N ARG C 397 -43.90 -5.09 19.06
CA ARG C 397 -44.24 -3.74 18.63
C ARG C 397 -42.93 -3.03 18.30
N LEU C 398 -42.47 -3.20 17.05
CA LEU C 398 -41.21 -2.63 16.62
C LEU C 398 -41.37 -1.14 16.36
N LYS C 399 -40.47 -0.34 16.93
CA LYS C 399 -40.46 1.10 16.68
C LYS C 399 -39.71 1.36 15.38
N ILE C 400 -40.42 1.80 14.35
CA ILE C 400 -39.88 1.94 13.01
C ILE C 400 -39.55 3.40 12.74
N VAL C 401 -38.35 3.66 12.23
CA VAL C 401 -37.93 4.99 11.85
C VAL C 401 -37.69 5.02 10.35
N THR C 402 -38.12 6.11 9.71
CA THR C 402 -38.02 6.25 8.26
C THR C 402 -37.63 7.68 7.93
N ILE C 403 -36.90 7.84 6.82
CA ILE C 403 -36.50 9.14 6.34
C ILE C 403 -37.30 9.47 5.08
N HIS C 404 -37.50 10.76 4.85
CA HIS C 404 -38.31 11.22 3.71
C HIS C 404 -37.48 11.14 2.44
N GLN C 405 -37.71 10.09 1.66
CA GLN C 405 -37.09 9.93 0.34
C GLN C 405 -38.21 9.84 -0.69
N GLU C 406 -38.18 10.73 -1.67
CA GLU C 406 -39.28 10.81 -2.64
C GLU C 406 -39.48 9.52 -3.43
N PRO C 407 -38.46 8.92 -4.05
CA PRO C 407 -38.72 7.70 -4.84
C PRO C 407 -39.13 6.50 -4.00
N PHE C 408 -38.86 6.52 -2.69
CA PHE C 408 -39.11 5.38 -1.83
C PHE C 408 -40.24 5.60 -0.84
N VAL C 409 -40.23 6.71 -0.10
CA VAL C 409 -41.18 6.96 0.98
C VAL C 409 -41.83 8.32 0.73
N TYR C 410 -42.96 8.32 0.03
CA TYR C 410 -43.76 9.53 -0.07
C TYR C 410 -44.46 9.79 1.26
N VAL C 411 -44.47 11.06 1.67
CA VAL C 411 -45.14 11.50 2.89
C VAL C 411 -46.18 12.53 2.51
N LYS C 412 -47.42 12.34 2.99
CA LYS C 412 -48.48 13.26 2.65
C LYS C 412 -49.26 13.67 3.89
N PRO C 413 -49.62 14.95 4.01
CA PRO C 413 -50.44 15.38 5.13
C PRO C 413 -51.83 14.77 5.08
N THR C 414 -52.41 14.57 6.25
CA THR C 414 -53.73 13.97 6.37
C THR C 414 -54.81 15.04 6.45
N MET C 415 -56.06 14.62 6.28
CA MET C 415 -57.20 15.51 6.44
C MET C 415 -57.58 15.56 7.92
N SER C 416 -58.75 16.13 8.22
CA SER C 416 -59.22 16.22 9.59
C SER C 416 -59.74 14.90 10.13
N ASP C 417 -59.88 13.87 9.29
CA ASP C 417 -60.40 12.58 9.73
C ASP C 417 -59.31 11.65 10.25
N GLY C 418 -58.03 12.03 10.12
CA GLY C 418 -56.93 11.25 10.64
C GLY C 418 -56.24 10.37 9.61
N THR C 419 -56.85 10.15 8.45
CA THR C 419 -56.27 9.36 7.38
C THR C 419 -56.28 10.15 6.08
N CYS C 420 -55.36 9.80 5.18
CA CYS C 420 -55.27 10.45 3.88
C CYS C 420 -55.99 9.60 2.83
N LYS C 421 -56.38 10.28 1.75
CA LYS C 421 -57.21 9.64 0.74
C LYS C 421 -56.48 8.48 0.08
N GLU C 422 -57.22 7.40 -0.16
CA GLU C 422 -56.67 6.23 -0.84
C GLU C 422 -56.62 6.46 -2.34
N GLU C 423 -55.56 5.98 -2.98
CA GLU C 423 -55.38 6.07 -4.41
C GLU C 423 -55.20 4.67 -5.00
N PHE C 424 -55.00 4.63 -6.31
CA PHE C 424 -54.79 3.37 -7.02
C PHE C 424 -53.68 3.57 -8.06
N THR C 425 -52.99 2.48 -8.36
CA THR C 425 -51.90 2.51 -9.33
C THR C 425 -52.48 2.43 -10.74
N VAL C 426 -51.59 2.28 -11.74
CA VAL C 426 -52.05 2.15 -13.12
C VAL C 426 -52.84 0.87 -13.31
N ASN C 427 -52.50 -0.18 -12.55
CA ASN C 427 -53.23 -1.44 -12.62
C ASN C 427 -54.51 -1.43 -11.79
N GLY C 428 -54.75 -0.36 -11.03
CA GLY C 428 -55.95 -0.26 -10.21
C GLY C 428 -55.80 -0.79 -8.80
N ASP C 429 -54.69 -1.41 -8.47
CA ASP C 429 -54.50 -1.93 -7.12
C ASP C 429 -54.33 -0.77 -6.14
N PRO C 430 -54.97 -0.82 -4.97
CA PRO C 430 -54.82 0.25 -4.00
C PRO C 430 -53.41 0.34 -3.45
N VAL C 431 -52.99 1.55 -3.10
CA VAL C 431 -51.70 1.79 -2.50
C VAL C 431 -51.82 1.68 -0.99
N LYS C 432 -50.88 0.96 -0.38
CA LYS C 432 -50.88 0.74 1.06
C LYS C 432 -50.19 1.90 1.76
N LYS C 433 -50.85 2.46 2.76
CA LYS C 433 -50.36 3.63 3.49
C LYS C 433 -50.41 3.37 4.99
N VAL C 434 -49.47 3.95 5.71
CA VAL C 434 -49.36 3.78 7.16
C VAL C 434 -49.31 5.15 7.82
N ILE C 435 -50.06 5.30 8.92
CA ILE C 435 -50.07 6.54 9.68
C ILE C 435 -48.73 6.67 10.38
N CYS C 436 -47.94 7.66 9.97
CA CYS C 436 -46.59 7.89 10.49
C CYS C 436 -46.53 9.26 11.15
N THR C 437 -45.97 9.30 12.36
CA THR C 437 -45.85 10.55 13.11
C THR C 437 -44.48 11.16 12.87
N GLY C 438 -44.46 12.43 12.50
CA GLY C 438 -43.22 13.11 12.20
C GLY C 438 -43.30 14.61 12.37
N PRO C 439 -42.17 15.29 12.19
CA PRO C 439 -42.15 16.75 12.34
C PRO C 439 -42.96 17.43 11.24
N ASN C 440 -43.52 18.59 11.59
CA ASN C 440 -44.30 19.39 10.65
C ASN C 440 -43.39 20.36 9.89
N ASP C 441 -42.69 21.23 10.62
CA ASP C 441 -41.84 22.24 10.01
C ASP C 441 -40.42 21.70 9.87
N THR C 442 -39.95 21.56 8.64
CA THR C 442 -38.60 21.09 8.36
C THR C 442 -37.56 22.19 8.34
N SER C 443 -37.99 23.46 8.42
CA SER C 443 -37.04 24.55 8.39
C SER C 443 -36.24 24.60 9.70
N PRO C 444 -34.94 24.83 9.63
CA PRO C 444 -34.14 24.93 10.87
C PRO C 444 -34.56 26.13 11.70
N GLY C 445 -34.39 25.99 13.01
CA GLY C 445 -34.80 27.05 13.93
C GLY C 445 -36.29 27.26 14.00
N SER C 446 -37.07 26.19 13.92
CA SER C 446 -38.52 26.25 13.98
C SER C 446 -39.04 25.22 14.98
N PRO C 447 -40.17 25.51 15.64
CA PRO C 447 -40.73 24.52 16.56
C PRO C 447 -41.18 23.26 15.85
N ARG C 448 -40.51 22.14 16.14
CA ARG C 448 -40.79 20.86 15.49
C ARG C 448 -41.69 20.06 16.41
N HIS C 449 -42.96 19.94 16.03
CA HIS C 449 -43.94 19.17 16.78
C HIS C 449 -44.41 17.98 15.95
N THR C 450 -44.57 16.84 16.62
CA THR C 450 -44.92 15.59 15.94
C THR C 450 -46.40 15.62 15.59
N VAL C 451 -46.70 15.63 14.29
CA VAL C 451 -48.06 15.60 13.78
C VAL C 451 -48.18 14.39 12.87
N PRO C 452 -49.28 13.61 12.94
CA PRO C 452 -49.38 12.40 12.12
C PRO C 452 -49.75 12.67 10.67
N GLN C 453 -48.86 12.31 9.76
CA GLN C 453 -49.11 12.28 8.32
C GLN C 453 -49.21 10.81 7.90
N CYS C 454 -49.28 10.57 6.58
CA CYS C 454 -49.34 9.21 6.07
C CYS C 454 -48.17 8.96 5.14
N CYS C 455 -47.51 7.82 5.34
CA CYS C 455 -46.35 7.40 4.58
C CYS C 455 -46.72 6.23 3.67
N TYR C 456 -46.18 6.23 2.46
CA TYR C 456 -46.45 5.14 1.53
C TYR C 456 -45.37 5.10 0.47
N GLY C 457 -45.09 3.91 -0.07
CA GLY C 457 -44.14 3.80 -1.15
C GLY C 457 -43.41 2.47 -1.10
N PHE C 458 -42.21 2.48 -1.69
CA PHE C 458 -41.42 1.25 -1.80
C PHE C 458 -41.04 0.71 -0.43
N CYS C 459 -40.45 1.55 0.42
CA CYS C 459 -40.04 1.09 1.74
C CYS C 459 -41.24 0.70 2.59
N ILE C 460 -42.32 1.48 2.51
CA ILE C 460 -43.52 1.16 3.28
C ILE C 460 -44.11 -0.17 2.82
N ASP C 461 -44.17 -0.39 1.51
CA ASP C 461 -44.68 -1.66 0.99
C ASP C 461 -43.80 -2.82 1.43
N LEU C 462 -42.47 -2.63 1.41
CA LEU C 462 -41.57 -3.68 1.85
C LEU C 462 -41.77 -3.99 3.33
N LEU C 463 -41.93 -2.97 4.15
CA LEU C 463 -42.16 -3.18 5.57
C LEU C 463 -43.49 -3.89 5.81
N ILE C 464 -44.52 -3.52 5.04
CA ILE C 464 -45.82 -4.19 5.19
C ILE C 464 -45.71 -5.65 4.79
N LYS C 465 -44.99 -5.95 3.71
CA LYS C 465 -44.80 -7.35 3.33
C LYS C 465 -44.03 -8.12 4.40
N LEU C 466 -43.02 -7.49 4.98
CA LEU C 466 -42.28 -8.13 6.08
C LEU C 466 -43.21 -8.43 7.25
N ALA C 467 -44.03 -7.45 7.64
CA ALA C 467 -44.98 -7.64 8.73
C ALA C 467 -46.10 -8.61 8.35
N ARG C 468 -46.26 -8.91 7.07
CA ARG C 468 -47.23 -9.93 6.63
C ARG C 468 -46.62 -11.32 6.78
N THR C 469 -45.47 -11.54 6.14
CA THR C 469 -44.81 -12.85 6.24
C THR C 469 -44.37 -13.14 7.67
N MET C 470 -43.85 -12.11 8.36
CA MET C 470 -43.45 -12.25 9.75
C MET C 470 -44.62 -11.89 10.65
N ASN C 471 -44.62 -12.41 11.88
CA ASN C 471 -45.65 -12.09 12.85
C ASN C 471 -45.12 -11.05 13.84
N PHE C 472 -45.12 -9.79 13.40
CA PHE C 472 -44.76 -8.68 14.28
C PHE C 472 -45.54 -7.44 13.87
N THR C 473 -45.78 -6.57 14.85
CA THR C 473 -46.48 -5.32 14.62
C THR C 473 -45.46 -4.18 14.48
N TYR C 474 -45.86 -3.15 13.73
CA TYR C 474 -44.95 -2.05 13.44
C TYR C 474 -45.65 -0.73 13.72
N GLU C 475 -44.84 0.30 13.95
CA GLU C 475 -45.36 1.66 14.14
C GLU C 475 -44.32 2.61 13.53
N VAL C 476 -44.67 3.24 12.42
CA VAL C 476 -43.74 4.08 11.69
C VAL C 476 -43.74 5.48 12.26
N HIS C 477 -42.55 6.03 12.45
CA HIS C 477 -42.41 7.42 12.87
C HIS C 477 -41.20 8.02 12.18
N LEU C 478 -41.30 9.30 11.85
CA LEU C 478 -40.26 9.98 11.08
C LEU C 478 -39.07 10.33 11.99
N VAL C 479 -38.10 11.01 11.42
CA VAL C 479 -36.86 11.36 12.11
C VAL C 479 -36.99 12.76 12.69
N ALA C 480 -36.31 12.99 13.81
CA ALA C 480 -36.35 14.31 14.45
C ALA C 480 -35.75 15.39 13.54
N ASP C 481 -34.86 15.00 12.64
CA ASP C 481 -34.26 15.93 11.68
C ASP C 481 -34.25 15.26 10.31
N GLY C 482 -33.56 15.88 9.36
CA GLY C 482 -33.49 15.36 8.01
C GLY C 482 -32.12 14.87 7.60
N LYS C 483 -31.44 14.19 8.51
CA LYS C 483 -30.09 13.68 8.27
C LYS C 483 -30.11 12.16 8.26
N PHE C 484 -29.40 11.57 7.28
CA PHE C 484 -29.34 10.12 7.20
C PHE C 484 -28.59 9.52 8.38
N GLY C 485 -27.48 10.14 8.77
CA GLY C 485 -26.68 9.62 9.87
C GLY C 485 -25.19 9.67 9.60
N THR C 486 -24.44 10.25 10.52
CA THR C 486 -23.00 10.40 10.34
C THR C 486 -22.36 10.58 11.71
N GLN C 487 -21.28 9.84 11.96
CA GLN C 487 -20.55 9.97 13.21
C GLN C 487 -19.89 11.34 13.27
N GLU C 488 -20.43 12.22 14.12
CA GLU C 488 -19.98 13.60 14.21
C GLU C 488 -19.48 13.88 15.62
N ARG C 489 -18.43 14.72 15.68
CA ARG C 489 -17.84 15.11 16.95
C ARG C 489 -18.61 16.30 17.53
N VAL C 490 -19.25 16.08 18.69
CA VAL C 490 -19.87 17.20 19.39
C VAL C 490 -18.78 18.09 19.96
N ASN C 491 -19.00 19.41 19.87
CA ASN C 491 -17.97 20.36 20.28
C ASN C 491 -17.64 20.24 21.76
N ASN C 492 -18.65 19.96 22.59
CA ASN C 492 -18.46 19.84 24.02
C ASN C 492 -18.11 18.40 24.38
N SER C 493 -17.02 18.24 25.14
CA SER C 493 -16.53 16.99 25.72
C SER C 493 -15.93 16.04 24.68
N ASN C 494 -16.01 16.36 23.39
CA ASN C 494 -15.37 15.58 22.32
C ASN C 494 -15.80 14.11 22.37
N LYS C 495 -17.09 13.90 22.21
CA LYS C 495 -17.69 12.56 22.18
C LYS C 495 -18.26 12.29 20.79
N LYS C 496 -17.99 11.10 20.27
CA LYS C 496 -18.61 10.69 19.02
C LYS C 496 -20.10 10.45 19.23
N GLU C 497 -20.90 10.90 18.27
CA GLU C 497 -22.35 10.76 18.37
C GLU C 497 -22.92 10.52 16.98
N TRP C 498 -23.93 9.64 16.92
CA TRP C 498 -24.64 9.35 15.70
C TRP C 498 -25.96 10.13 15.68
N ASN C 499 -26.34 10.59 14.50
CA ASN C 499 -27.54 11.39 14.31
C ASN C 499 -28.48 10.71 13.31
N GLY C 500 -29.65 11.30 13.13
CA GLY C 500 -30.61 10.75 12.18
C GLY C 500 -31.12 9.39 12.61
N MET C 501 -31.31 8.50 11.61
CA MET C 501 -31.74 7.15 11.92
C MET C 501 -30.77 6.45 12.86
N MET C 502 -29.48 6.74 12.73
CA MET C 502 -28.49 6.11 13.59
C MET C 502 -28.66 6.54 15.03
N GLY C 503 -28.88 7.84 15.26
CA GLY C 503 -29.12 8.31 16.60
C GLY C 503 -30.42 7.77 17.17
N GLU C 504 -31.44 7.64 16.32
CA GLU C 504 -32.72 7.10 16.80
C GLU C 504 -32.60 5.63 17.17
N LEU C 505 -31.89 4.85 16.36
CA LEU C 505 -31.79 3.41 16.58
C LEU C 505 -30.84 3.08 17.73
N LEU C 506 -29.68 3.75 17.79
CA LEU C 506 -28.69 3.40 18.80
C LEU C 506 -29.14 3.82 20.20
N SER C 507 -29.95 4.87 20.30
CA SER C 507 -30.43 5.34 21.58
C SER C 507 -31.65 4.57 22.08
N GLY C 508 -32.15 3.61 21.31
CA GLY C 508 -33.31 2.84 21.70
C GLY C 508 -34.64 3.43 21.28
N GLN C 509 -34.66 4.62 20.69
CA GLN C 509 -35.90 5.21 20.21
C GLN C 509 -36.46 4.46 19.00
N ALA C 510 -35.61 3.74 18.27
CA ALA C 510 -36.05 2.97 17.11
C ALA C 510 -35.40 1.59 17.18
N ASP C 511 -36.06 0.62 16.55
CA ASP C 511 -35.59 -0.76 16.55
C ASP C 511 -35.25 -1.32 15.18
N MET C 512 -35.75 -0.71 14.10
CA MET C 512 -35.46 -1.20 12.76
C MET C 512 -35.64 -0.05 11.78
N ILE C 513 -34.72 0.05 10.83
CA ILE C 513 -34.68 1.16 9.87
C ILE C 513 -35.07 0.59 8.51
N VAL C 514 -36.21 1.01 7.99
CA VAL C 514 -36.63 0.68 6.63
C VAL C 514 -36.58 1.98 5.83
N ALA C 515 -35.45 2.21 5.18
CA ALA C 515 -35.20 3.45 4.46
C ALA C 515 -34.05 3.21 3.49
N PRO C 516 -33.88 4.08 2.49
CA PRO C 516 -32.73 3.91 1.58
C PRO C 516 -31.41 4.19 2.28
N LEU C 517 -31.00 3.28 3.16
CA LEU C 517 -29.77 3.42 3.92
C LEU C 517 -28.64 2.68 3.22
N THR C 518 -27.61 3.42 2.81
CA THR C 518 -26.48 2.82 2.12
C THR C 518 -25.55 2.14 3.12
N ILE C 519 -25.09 0.94 2.78
CA ILE C 519 -24.19 0.19 3.66
C ILE C 519 -22.76 0.59 3.34
N ASN C 520 -21.94 0.73 4.39
CA ASN C 520 -20.53 1.01 4.24
C ASN C 520 -19.80 0.53 5.49
N ASN C 521 -18.48 0.69 5.47
CA ASN C 521 -17.66 0.14 6.55
C ASN C 521 -17.99 0.80 7.89
N GLU C 522 -18.16 2.12 7.89
CA GLU C 522 -18.38 2.83 9.15
C GLU C 522 -19.68 2.40 9.82
N ARG C 523 -20.76 2.28 9.04
CA ARG C 523 -22.06 2.01 9.62
C ARG C 523 -22.20 0.58 10.10
N ALA C 524 -21.47 -0.36 9.47
CA ALA C 524 -21.55 -1.76 9.88
C ALA C 524 -20.85 -2.03 11.21
N GLN C 525 -20.00 -1.11 11.66
CA GLN C 525 -19.28 -1.33 12.91
C GLN C 525 -20.21 -1.32 14.11
N TYR C 526 -21.21 -0.45 14.11
CA TYR C 526 -22.09 -0.27 15.27
C TYR C 526 -23.43 -0.98 15.13
N ILE C 527 -23.98 -1.05 13.93
CA ILE C 527 -25.25 -1.74 13.72
C ILE C 527 -25.04 -2.82 12.66
N GLU C 528 -26.05 -3.67 12.51
CA GLU C 528 -25.99 -4.79 11.58
C GLU C 528 -27.00 -4.58 10.45
N PHE C 529 -26.56 -4.83 9.23
CA PHE C 529 -27.39 -4.68 8.04
C PHE C 529 -27.73 -6.05 7.48
N SER C 530 -28.99 -6.20 7.06
CA SER C 530 -29.40 -7.41 6.37
C SER C 530 -28.87 -7.40 4.94
N LYS C 531 -29.22 -8.44 4.18
CA LYS C 531 -28.82 -8.48 2.79
C LYS C 531 -29.48 -7.34 2.03
N PRO C 532 -28.75 -6.67 1.14
CA PRO C 532 -29.33 -5.50 0.46
C PRO C 532 -30.56 -5.88 -0.35
N PHE C 533 -31.57 -5.00 -0.31
CA PHE C 533 -32.80 -5.20 -1.07
C PHE C 533 -32.83 -4.39 -2.35
N LYS C 534 -31.82 -3.57 -2.63
CA LYS C 534 -31.75 -2.83 -3.89
C LYS C 534 -30.31 -2.43 -4.12
N TYR C 535 -29.73 -2.94 -5.20
CA TYR C 535 -28.32 -2.68 -5.51
C TYR C 535 -28.22 -1.47 -6.42
N GLN C 536 -27.40 -0.50 -6.02
CA GLN C 536 -27.26 0.74 -6.76
C GLN C 536 -25.99 1.45 -6.31
N GLY C 537 -25.56 2.41 -7.11
CA GLY C 537 -24.34 3.15 -6.80
C GLY C 537 -24.54 4.63 -6.65
N LEU C 538 -23.43 5.39 -6.71
CA LEU C 538 -23.46 6.84 -6.62
C LEU C 538 -23.26 7.43 -8.00
N THR C 539 -23.97 8.52 -8.29
CA THR C 539 -23.89 9.15 -9.60
C THR C 539 -24.26 10.62 -9.49
N ILE C 540 -24.35 11.27 -10.64
CA ILE C 540 -24.43 12.72 -10.76
C ILE C 540 -25.72 13.09 -11.48
N LEU C 541 -26.44 14.06 -10.93
CA LEU C 541 -27.61 14.64 -11.57
C LEU C 541 -27.30 16.06 -11.99
N VAL C 542 -27.61 16.40 -13.25
CA VAL C 542 -27.36 17.72 -13.80
C VAL C 542 -28.59 18.16 -14.61
N LYS C 543 -28.58 19.42 -15.00
CA LYS C 543 -29.64 19.95 -15.86
C LYS C 543 -29.49 19.41 -17.27
N LYS C 544 -30.63 19.12 -17.92
CA LYS C 544 -30.59 18.59 -19.28
C LYS C 544 -29.99 19.60 -20.25
N GLU C 545 -30.37 20.88 -20.13
CA GLU C 545 -29.85 21.95 -20.96
C GLU C 545 -30.10 21.66 -22.45
N ILE C 546 -31.38 21.68 -22.82
CA ILE C 546 -31.80 21.49 -24.21
C ILE C 546 -31.12 22.54 -25.07
N PRO C 547 -30.57 22.17 -26.23
CA PRO C 547 -29.87 23.16 -27.06
C PRO C 547 -30.80 24.29 -27.50
N ARG C 548 -30.24 25.49 -27.58
CA ARG C 548 -30.99 26.69 -27.93
C ARG C 548 -30.70 27.07 -29.37
N SER C 549 -31.76 27.21 -30.16
CA SER C 549 -31.67 27.67 -31.54
C SER C 549 -32.26 29.07 -31.63
N THR C 550 -31.49 30.00 -32.19
CA THR C 550 -31.82 31.41 -32.18
C THR C 550 -32.13 31.91 -33.60
N LEU C 551 -32.35 33.23 -33.70
CA LEU C 551 -32.87 33.80 -34.94
C LEU C 551 -31.86 33.73 -36.08
N ASP C 552 -30.57 33.91 -35.78
CA ASP C 552 -29.54 33.92 -36.82
C ASP C 552 -28.84 32.58 -36.97
N SER C 553 -29.57 31.48 -36.80
CA SER C 553 -28.97 30.14 -36.89
C SER C 553 -28.41 29.87 -38.28
N PHE C 554 -28.80 30.65 -39.28
CA PHE C 554 -28.22 30.51 -40.60
C PHE C 554 -27.04 31.45 -40.85
N MET C 555 -26.78 32.39 -39.93
CA MET C 555 -25.85 33.48 -40.21
C MET C 555 -24.51 33.34 -39.49
N GLN C 556 -24.32 32.30 -38.68
CA GLN C 556 -23.02 32.09 -38.04
C GLN C 556 -21.85 31.94 -39.01
N PRO C 557 -21.96 31.23 -40.15
CA PRO C 557 -20.75 31.00 -40.97
C PRO C 557 -19.99 32.26 -41.35
N PHE C 558 -20.67 33.39 -41.57
CA PHE C 558 -20.00 34.63 -41.93
C PHE C 558 -20.46 35.76 -41.02
N GLN C 559 -19.57 36.73 -40.79
CA GLN C 559 -19.85 37.82 -39.87
C GLN C 559 -20.67 38.91 -40.56
N SER C 560 -20.97 39.97 -39.82
CA SER C 560 -21.80 41.05 -40.34
C SER C 560 -21.07 41.87 -41.39
N THR C 561 -19.74 41.93 -41.32
CA THR C 561 -18.98 42.68 -42.32
C THR C 561 -19.15 42.08 -43.71
N LEU C 562 -19.37 40.77 -43.79
CA LEU C 562 -19.53 40.15 -45.10
C LEU C 562 -20.79 40.61 -45.81
N TRP C 563 -21.78 41.13 -45.07
CA TRP C 563 -22.94 41.73 -45.72
C TRP C 563 -22.52 42.88 -46.62
N LEU C 564 -21.77 43.82 -46.05
CA LEU C 564 -21.28 44.95 -46.84
C LEU C 564 -20.29 44.48 -47.90
N LEU C 565 -19.47 43.49 -47.56
CA LEU C 565 -18.49 42.99 -48.51
C LEU C 565 -19.16 42.42 -49.76
N VAL C 566 -20.19 41.59 -49.57
CA VAL C 566 -20.87 40.98 -50.70
C VAL C 566 -21.70 42.03 -51.44
N GLY C 567 -22.28 43.00 -50.73
CA GLY C 567 -22.98 44.08 -51.41
C GLY C 567 -22.06 44.86 -52.34
N LEU C 568 -20.86 45.19 -51.85
CA LEU C 568 -19.88 45.85 -52.68
C LEU C 568 -19.42 44.98 -53.84
N SER C 569 -19.18 43.69 -53.60
CA SER C 569 -18.68 42.83 -54.67
C SER C 569 -19.75 42.52 -55.71
N VAL C 570 -21.03 42.73 -55.39
CA VAL C 570 -22.07 42.47 -56.38
C VAL C 570 -22.41 43.76 -57.13
N HIS C 571 -22.56 44.88 -56.40
CA HIS C 571 -22.98 46.12 -57.05
C HIS C 571 -21.89 46.67 -57.96
N VAL C 572 -20.64 46.64 -57.50
CA VAL C 572 -19.53 47.14 -58.31
C VAL C 572 -19.38 46.32 -59.57
N VAL C 573 -19.50 45.00 -59.46
CA VAL C 573 -19.40 44.13 -60.63
C VAL C 573 -20.54 44.44 -61.60
N ALA C 574 -21.77 44.58 -61.08
CA ALA C 574 -22.91 44.81 -61.95
C ALA C 574 -22.79 46.14 -62.70
N VAL C 575 -22.40 47.20 -62.00
CA VAL C 575 -22.34 48.51 -62.64
C VAL C 575 -21.24 48.55 -63.70
N MET C 576 -20.12 47.87 -63.43
CA MET C 576 -19.05 47.89 -64.43
C MET C 576 -19.37 46.98 -65.61
N LEU C 577 -20.13 45.90 -65.39
CA LEU C 577 -20.63 45.13 -66.52
C LEU C 577 -21.56 45.97 -67.39
N TYR C 578 -22.43 46.76 -66.76
CA TYR C 578 -23.26 47.69 -67.52
C TYR C 578 -22.40 48.69 -68.28
N LEU C 579 -21.32 49.15 -67.66
CA LEU C 579 -20.40 50.07 -68.34
C LEU C 579 -19.76 49.41 -69.56
N LEU C 580 -19.30 48.16 -69.41
CA LEU C 580 -18.69 47.46 -70.54
C LEU C 580 -19.68 47.24 -71.67
N ASP C 581 -20.92 46.87 -71.35
CA ASP C 581 -21.91 46.68 -72.40
C ASP C 581 -22.27 48.02 -73.06
N ARG C 582 -22.35 49.09 -72.27
CA ARG C 582 -22.64 50.40 -72.81
C ARG C 582 -21.54 50.87 -73.75
N PHE C 583 -20.29 50.65 -73.38
CA PHE C 583 -19.13 51.07 -74.17
C PHE C 583 -18.65 49.98 -75.12
N SER C 584 -19.45 48.95 -75.33
CA SER C 584 -19.05 47.87 -76.23
C SER C 584 -18.94 48.40 -77.66
N PRO C 585 -17.97 47.89 -78.44
CA PRO C 585 -17.83 48.37 -79.82
C PRO C 585 -19.06 48.10 -80.68
N PHE C 586 -19.76 47.00 -80.44
CA PHE C 586 -20.95 46.67 -81.22
C PHE C 586 -22.22 46.82 -80.38
N LEU C 601 -29.27 45.42 -72.62
CA LEU C 601 -28.95 45.14 -71.23
C LEU C 601 -28.62 46.45 -70.49
N THR C 602 -29.54 46.89 -69.65
CA THR C 602 -29.35 48.11 -68.87
C THR C 602 -28.75 47.79 -67.51
N LEU C 603 -28.66 48.81 -66.65
CA LEU C 603 -28.04 48.63 -65.35
C LEU C 603 -28.85 47.67 -64.47
N SER C 604 -30.18 47.77 -64.52
CA SER C 604 -31.01 46.86 -63.74
C SER C 604 -30.86 45.43 -64.22
N SER C 605 -30.77 45.23 -65.54
CA SER C 605 -30.55 43.90 -66.09
C SER C 605 -29.22 43.32 -65.62
N ALA C 606 -28.17 44.16 -65.58
CA ALA C 606 -26.88 43.69 -65.07
C ALA C 606 -26.97 43.34 -63.59
N MET C 607 -27.70 44.14 -62.81
CA MET C 607 -27.90 43.85 -61.40
C MET C 607 -28.59 42.51 -61.21
N TRP C 608 -29.63 42.26 -61.99
CA TRP C 608 -30.35 40.99 -61.88
C TRP C 608 -29.51 39.82 -62.38
N PHE C 609 -28.66 40.05 -63.39
CA PHE C 609 -27.69 39.04 -63.79
C PHE C 609 -26.78 38.68 -62.63
N SER C 610 -26.23 39.69 -61.95
CA SER C 610 -25.32 39.43 -60.83
C SER C 610 -26.05 38.70 -59.70
N TRP C 611 -27.28 39.12 -59.40
CA TRP C 611 -28.03 38.47 -58.32
C TRP C 611 -28.36 37.02 -58.66
N GLY C 612 -28.71 36.74 -59.92
CA GLY C 612 -28.90 35.36 -60.33
C GLY C 612 -27.62 34.56 -60.39
N VAL C 613 -26.48 35.24 -60.51
CA VAL C 613 -25.20 34.56 -60.34
C VAL C 613 -25.00 34.16 -58.89
N LEU C 614 -25.25 35.07 -57.96
CA LEU C 614 -25.02 34.79 -56.55
C LEU C 614 -25.87 33.61 -56.09
N LEU C 615 -27.18 33.66 -56.36
CA LEU C 615 -28.11 32.61 -56.02
C LEU C 615 -28.67 31.96 -57.28
N ASN C 616 -28.66 30.63 -57.33
CA ASN C 616 -28.97 29.90 -58.56
C ASN C 616 -30.47 29.83 -58.81
N SER C 617 -31.05 31.03 -58.99
CA SER C 617 -32.46 31.10 -59.40
C SER C 617 -32.66 30.55 -60.80
N GLY C 618 -31.71 30.81 -61.69
CA GLY C 618 -31.83 30.39 -63.08
C GLY C 618 -32.68 31.30 -63.94
N ILE C 619 -32.93 32.53 -63.50
CA ILE C 619 -33.74 33.46 -64.29
C ILE C 619 -33.04 33.80 -65.60
N GLY C 620 -31.72 33.92 -65.57
CA GLY C 620 -30.98 34.25 -66.78
C GLY C 620 -31.35 35.62 -67.30
N GLU C 621 -31.72 35.66 -68.59
CA GLU C 621 -32.24 36.84 -69.29
C GLU C 621 -31.34 38.06 -69.14
N GLY C 622 -30.09 37.86 -68.69
CA GLY C 622 -29.16 38.95 -68.54
C GLY C 622 -27.86 38.70 -69.26
N ALA C 623 -27.92 38.08 -70.43
CA ALA C 623 -26.72 37.73 -71.17
C ALA C 623 -26.01 38.98 -71.67
N PRO C 624 -24.75 39.20 -71.29
CA PRO C 624 -24.04 40.39 -71.78
C PRO C 624 -23.55 40.19 -73.21
N ARG C 625 -23.36 41.31 -73.91
CA ARG C 625 -22.96 41.27 -75.32
C ARG C 625 -21.46 41.39 -75.51
N SER C 626 -20.74 42.03 -74.59
CA SER C 626 -19.31 42.22 -74.74
C SER C 626 -18.57 40.94 -74.39
N PHE C 627 -17.40 40.77 -75.01
CA PHE C 627 -16.56 39.60 -74.75
C PHE C 627 -16.07 39.61 -73.31
N SER C 628 -15.48 40.73 -72.89
CA SER C 628 -14.99 40.85 -71.52
C SER C 628 -16.12 40.74 -70.52
N ALA C 629 -17.28 41.29 -70.86
CA ALA C 629 -18.43 41.17 -69.97
C ALA C 629 -18.83 39.72 -69.76
N ARG C 630 -18.87 38.93 -70.84
CA ARG C 630 -19.26 37.53 -70.70
C ARG C 630 -18.22 36.74 -69.92
N ILE C 631 -16.93 36.95 -70.20
CA ILE C 631 -15.91 36.20 -69.48
C ILE C 631 -15.89 36.59 -68.01
N LEU C 632 -16.15 37.87 -67.71
CA LEU C 632 -16.21 38.29 -66.32
C LEU C 632 -17.43 37.69 -65.62
N GLY C 633 -18.57 37.64 -66.31
CA GLY C 633 -19.72 36.97 -65.74
C GLY C 633 -19.43 35.50 -65.46
N MET C 634 -18.69 34.85 -66.35
CA MET C 634 -18.32 33.46 -66.16
C MET C 634 -17.46 33.27 -64.92
N VAL C 635 -16.39 34.06 -64.81
CA VAL C 635 -15.49 33.91 -63.67
C VAL C 635 -16.19 34.31 -62.37
N TRP C 636 -17.08 35.31 -62.43
CA TRP C 636 -17.84 35.71 -61.25
C TRP C 636 -18.82 34.63 -60.84
N ALA C 637 -19.37 33.89 -61.82
CA ALA C 637 -20.22 32.75 -61.49
C ALA C 637 -19.43 31.63 -60.85
N GLY C 638 -18.21 31.38 -61.33
CA GLY C 638 -17.35 30.43 -60.65
C GLY C 638 -17.05 30.83 -59.21
N PHE C 639 -16.75 32.12 -59.01
CA PHE C 639 -16.50 32.62 -57.66
C PHE C 639 -17.76 32.54 -56.78
N ALA C 640 -18.94 32.78 -57.37
CA ALA C 640 -20.18 32.62 -56.62
C ALA C 640 -20.39 31.16 -56.21
N MET C 641 -20.05 30.23 -57.10
CA MET C 641 -20.08 28.81 -56.72
C MET C 641 -19.15 28.56 -55.54
N ILE C 642 -17.95 29.13 -55.60
CA ILE C 642 -16.99 28.95 -54.50
C ILE C 642 -17.57 29.48 -53.20
N ILE C 643 -18.21 30.66 -53.27
CA ILE C 643 -18.77 31.28 -52.07
C ILE C 643 -19.89 30.42 -51.48
N VAL C 644 -20.79 29.93 -52.34
CA VAL C 644 -21.91 29.14 -51.82
C VAL C 644 -21.44 27.80 -51.29
N ALA C 645 -20.42 27.20 -51.94
CA ALA C 645 -19.86 25.95 -51.44
C ALA C 645 -19.19 26.16 -50.09
N SER C 646 -18.47 27.28 -49.92
CA SER C 646 -17.88 27.60 -48.63
C SER C 646 -18.97 27.81 -47.58
N TYR C 647 -20.07 28.46 -47.95
CA TYR C 647 -21.19 28.62 -47.04
C TYR C 647 -21.72 27.27 -46.58
N THR C 648 -21.95 26.36 -47.53
CA THR C 648 -22.47 25.04 -47.17
C THR C 648 -21.50 24.29 -46.26
N ALA C 649 -20.21 24.32 -46.60
CA ALA C 649 -19.22 23.62 -45.79
C ALA C 649 -19.12 24.19 -44.39
N ASN C 650 -19.14 25.52 -44.27
CA ASN C 650 -19.03 26.15 -42.95
C ASN C 650 -20.28 25.89 -42.12
N LEU C 651 -21.46 25.90 -42.76
CA LEU C 651 -22.68 25.57 -42.03
C LEU C 651 -22.64 24.13 -41.54
N ALA C 652 -22.16 23.20 -42.39
CA ALA C 652 -22.03 21.81 -41.97
C ALA C 652 -21.08 21.68 -40.79
N ALA C 653 -19.93 22.37 -40.86
CA ALA C 653 -18.97 22.30 -39.76
C ALA C 653 -19.55 22.89 -38.49
N PHE C 654 -20.33 23.96 -38.61
CA PHE C 654 -20.95 24.57 -37.43
C PHE C 654 -21.97 23.62 -36.79
N LEU C 655 -22.79 22.95 -37.60
CA LEU C 655 -23.88 22.16 -37.04
C LEU C 655 -23.54 20.70 -36.77
N VAL C 656 -22.37 20.21 -37.19
CA VAL C 656 -21.98 18.86 -36.81
C VAL C 656 -21.58 18.82 -35.34
N LEU C 657 -20.85 19.85 -34.88
CA LEU C 657 -20.43 19.93 -33.48
C LEU C 657 -21.14 21.13 -32.85
N ASP C 658 -22.07 20.83 -31.95
CA ASP C 658 -22.84 21.85 -31.25
C ASP C 658 -23.02 21.44 -29.78
N ARG C 659 -21.93 21.03 -29.14
CA ARG C 659 -21.99 20.50 -27.79
C ARG C 659 -21.36 21.47 -26.81
N PRO C 660 -22.11 22.41 -26.22
CA PRO C 660 -21.54 23.25 -25.17
C PRO C 660 -21.77 22.67 -23.78
N GLU C 661 -22.63 21.66 -23.69
CA GLU C 661 -23.00 21.10 -22.40
C GLU C 661 -21.79 20.45 -21.72
N GLU C 662 -21.02 19.68 -22.47
CA GLU C 662 -19.86 18.96 -21.94
C GLU C 662 -20.26 18.10 -20.73
N ARG C 663 -21.08 17.08 -21.01
CA ARG C 663 -21.62 16.22 -19.97
C ARG C 663 -20.52 15.61 -19.12
N ILE C 664 -20.75 15.61 -17.80
CA ILE C 664 -19.75 15.11 -16.86
C ILE C 664 -19.55 13.62 -17.06
N THR C 665 -18.29 13.20 -17.17
CA THR C 665 -17.96 11.79 -17.34
C THR C 665 -17.71 11.14 -15.99
N GLY C 666 -18.70 11.29 -15.12
CA GLY C 666 -18.62 10.70 -13.79
C GLY C 666 -17.53 11.31 -12.95
N ILE C 667 -16.91 10.48 -12.11
CA ILE C 667 -15.87 10.95 -11.22
C ILE C 667 -14.55 11.17 -11.94
N ASN C 668 -14.40 10.64 -13.16
CA ASN C 668 -13.17 10.81 -13.92
C ASN C 668 -13.12 12.12 -14.69
N ASP C 669 -14.18 12.92 -14.63
CA ASP C 669 -14.19 14.18 -15.36
C ASP C 669 -13.14 15.13 -14.78
N PRO C 670 -12.36 15.82 -15.63
CA PRO C 670 -11.34 16.73 -15.10
C PRO C 670 -11.90 17.84 -14.23
N ARG C 671 -13.13 18.29 -14.48
CA ARG C 671 -13.71 19.36 -13.69
C ARG C 671 -13.90 18.96 -12.23
N LEU C 672 -14.11 17.66 -11.95
CA LEU C 672 -14.24 17.22 -10.57
C LEU C 672 -12.92 17.37 -9.81
N ARG C 673 -11.80 17.09 -10.48
CA ARG C 673 -10.50 17.16 -9.82
C ARG C 673 -10.20 18.57 -9.33
N ASN C 674 -10.51 19.57 -10.15
CA ASN C 674 -10.28 20.97 -9.78
C ASN C 674 -11.63 21.68 -9.66
N PRO C 675 -12.14 21.87 -8.46
CA PRO C 675 -13.44 22.54 -8.30
C PRO C 675 -13.31 24.04 -8.47
N SER C 676 -13.79 24.55 -9.60
CA SER C 676 -13.75 25.97 -9.87
C SER C 676 -14.95 26.67 -9.22
N ASP C 677 -14.85 28.00 -9.11
CA ASP C 677 -15.94 28.78 -8.56
C ASP C 677 -17.18 28.71 -9.44
N LYS C 678 -16.99 28.73 -10.76
CA LYS C 678 -18.14 28.74 -11.66
C LYS C 678 -18.90 27.42 -11.61
N PHE C 679 -18.20 26.30 -11.43
CA PHE C 679 -18.82 24.98 -11.40
C PHE C 679 -18.90 24.50 -9.96
N ILE C 680 -20.10 24.46 -9.41
CA ILE C 680 -20.34 24.05 -8.03
C ILE C 680 -21.14 22.77 -8.02
N TYR C 681 -20.60 21.74 -7.38
CA TYR C 681 -21.28 20.45 -7.24
C TYR C 681 -21.34 20.11 -5.76
N ALA C 682 -22.50 19.59 -5.34
CA ALA C 682 -22.75 19.38 -3.91
C ALA C 682 -23.54 18.10 -3.72
N THR C 683 -23.82 17.78 -2.45
CA THR C 683 -24.56 16.58 -2.09
C THR C 683 -25.25 16.84 -0.75
N VAL C 684 -25.98 15.83 -0.26
CA VAL C 684 -26.71 15.97 1.00
C VAL C 684 -25.73 15.93 2.16
N LYS C 685 -25.88 16.89 3.08
CA LYS C 685 -25.02 16.93 4.26
C LYS C 685 -25.30 15.75 5.17
N GLN C 686 -24.24 15.19 5.75
CA GLN C 686 -24.32 14.09 6.72
C GLN C 686 -25.06 12.89 6.13
N SER C 687 -24.47 12.32 5.09
CA SER C 687 -25.03 11.15 4.41
C SER C 687 -23.90 10.19 4.07
N SER C 688 -24.27 9.07 3.44
CA SER C 688 -23.29 8.04 3.13
C SER C 688 -22.24 8.54 2.13
N VAL C 689 -22.67 9.29 1.12
CA VAL C 689 -21.73 9.77 0.11
C VAL C 689 -20.74 10.74 0.72
N ASP C 690 -21.16 11.53 1.71
CA ASP C 690 -20.22 12.41 2.40
C ASP C 690 -19.14 11.61 3.10
N ILE C 691 -19.52 10.52 3.76
CA ILE C 691 -18.54 9.66 4.43
C ILE C 691 -17.60 9.04 3.40
N TYR C 692 -18.16 8.55 2.30
CA TYR C 692 -17.34 7.91 1.27
C TYR C 692 -16.33 8.88 0.67
N PHE C 693 -16.76 10.12 0.42
CA PHE C 693 -15.83 11.11 -0.11
C PHE C 693 -14.80 11.54 0.93
N ARG C 694 -15.19 11.61 2.21
CA ARG C 694 -14.24 11.99 3.24
C ARG C 694 -13.16 10.94 3.42
N ARG C 695 -13.52 9.67 3.34
CA ARG C 695 -12.53 8.61 3.59
C ARG C 695 -11.55 8.46 2.43
N GLN C 696 -11.99 8.71 1.20
CA GLN C 696 -11.12 8.49 0.04
C GLN C 696 -9.89 9.39 0.11
N VAL C 697 -8.76 8.83 -0.32
CA VAL C 697 -7.48 9.51 -0.13
C VAL C 697 -7.22 10.51 -1.24
N GLU C 698 -7.61 10.18 -2.48
CA GLU C 698 -7.43 11.14 -3.57
C GLU C 698 -8.59 12.12 -3.69
N LEU C 699 -9.71 11.85 -3.03
CA LEU C 699 -10.93 12.61 -3.20
C LEU C 699 -11.07 13.75 -2.20
N SER C 700 -10.06 13.95 -1.35
CA SER C 700 -10.16 14.96 -0.30
C SER C 700 -10.20 16.37 -0.88
N THR C 701 -9.50 16.59 -1.98
CA THR C 701 -9.34 17.95 -2.52
C THR C 701 -10.70 18.58 -2.85
N MET C 702 -11.62 17.80 -3.44
CA MET C 702 -12.93 18.33 -3.72
C MET C 702 -13.81 18.37 -2.47
N TYR C 703 -13.53 17.51 -1.50
CA TYR C 703 -14.36 17.45 -0.29
C TYR C 703 -14.35 18.78 0.45
N ARG C 704 -13.16 19.37 0.61
CA ARG C 704 -13.04 20.68 1.25
C ARG C 704 -13.88 21.72 0.51
N HIS C 705 -14.05 21.53 -0.80
CA HIS C 705 -14.89 22.44 -1.57
C HIS C 705 -16.38 22.16 -1.33
N MET C 706 -16.75 20.89 -1.18
CA MET C 706 -18.16 20.54 -1.14
C MET C 706 -18.74 20.69 0.26
N GLU C 707 -17.88 20.63 1.28
CA GLU C 707 -18.38 20.66 2.66
C GLU C 707 -19.12 21.95 2.96
N LYS C 708 -18.73 23.04 2.30
CA LYS C 708 -19.40 24.33 2.52
C LYS C 708 -20.67 24.46 1.70
N HIS C 709 -20.88 23.61 0.69
CA HIS C 709 -22.05 23.71 -0.18
C HIS C 709 -23.07 22.59 0.04
N ASN C 710 -22.89 21.77 1.07
CA ASN C 710 -23.80 20.66 1.29
C ASN C 710 -25.19 21.16 1.65
N TYR C 711 -26.20 20.45 1.16
CA TYR C 711 -27.60 20.79 1.38
C TYR C 711 -28.21 19.88 2.43
N GLU C 712 -29.34 20.34 2.99
CA GLU C 712 -29.94 19.64 4.13
C GLU C 712 -30.65 18.36 3.71
N SER C 713 -31.18 18.28 2.50
CA SER C 713 -31.89 17.10 2.06
C SER C 713 -31.83 17.00 0.54
N ALA C 714 -32.21 15.83 0.02
CA ALA C 714 -32.15 15.58 -1.42
C ALA C 714 -33.13 16.46 -2.18
N ALA C 715 -34.30 16.73 -1.60
CA ALA C 715 -35.31 17.52 -2.29
C ALA C 715 -34.81 18.94 -2.57
N GLU C 716 -34.14 19.55 -1.58
CA GLU C 716 -33.59 20.89 -1.78
C GLU C 716 -32.53 20.90 -2.87
N ALA C 717 -31.67 19.87 -2.90
CA ALA C 717 -30.65 19.78 -3.95
C ALA C 717 -31.28 19.62 -5.32
N ILE C 718 -32.33 18.80 -5.42
CA ILE C 718 -33.03 18.62 -6.68
C ILE C 718 -33.65 19.93 -7.14
N GLN C 719 -34.27 20.66 -6.21
CA GLN C 719 -34.86 21.96 -6.55
C GLN C 719 -33.78 22.94 -7.02
N ALA C 720 -32.63 22.94 -6.34
CA ALA C 720 -31.55 23.85 -6.71
C ALA C 720 -30.97 23.53 -8.08
N VAL C 721 -30.79 22.25 -8.38
CA VAL C 721 -30.24 21.87 -9.67
C VAL C 721 -31.28 22.08 -10.77
N ARG C 722 -32.57 22.06 -10.41
CA ARG C 722 -33.61 22.28 -11.39
C ARG C 722 -33.57 23.70 -11.95
N ASP C 723 -33.41 24.69 -11.08
CA ASP C 723 -33.40 26.10 -11.49
C ASP C 723 -31.99 26.66 -11.63
N ASN C 724 -31.03 25.81 -12.01
CA ASN C 724 -29.67 26.24 -12.32
C ASN C 724 -29.01 26.96 -11.14
N LYS C 725 -29.23 26.46 -9.92
CA LYS C 725 -28.54 26.97 -8.75
C LYS C 725 -27.40 26.06 -8.30
N LEU C 726 -27.49 24.76 -8.61
CA LEU C 726 -26.41 23.82 -8.33
C LEU C 726 -26.06 23.11 -9.63
N HIS C 727 -24.78 23.14 -10.00
CA HIS C 727 -24.38 22.58 -11.29
C HIS C 727 -24.50 21.05 -11.30
N ALA C 728 -24.13 20.40 -10.21
CA ALA C 728 -24.18 18.94 -10.14
C ALA C 728 -24.55 18.50 -8.73
N PHE C 729 -25.37 17.45 -8.67
CA PHE C 729 -25.80 16.86 -7.41
C PHE C 729 -25.32 15.41 -7.34
N ILE C 730 -24.56 15.10 -6.30
CA ILE C 730 -24.01 13.76 -6.10
C ILE C 730 -24.98 13.00 -5.21
N TRP C 731 -25.51 11.88 -5.70
CA TRP C 731 -26.47 11.14 -4.89
C TRP C 731 -26.62 9.72 -5.41
N ASP C 732 -27.47 8.95 -4.73
CA ASP C 732 -27.69 7.55 -5.06
C ASP C 732 -28.27 7.41 -6.46
N SER C 733 -27.90 6.31 -7.11
CA SER C 733 -28.29 6.11 -8.51
C SER C 733 -29.80 6.01 -8.66
N ALA C 734 -30.46 5.28 -7.75
CA ALA C 734 -31.90 5.05 -7.90
C ALA C 734 -32.69 6.36 -7.82
N VAL C 735 -32.37 7.20 -6.84
CA VAL C 735 -33.13 8.43 -6.64
C VAL C 735 -32.96 9.36 -7.84
N LEU C 736 -31.71 9.54 -8.29
CA LEU C 736 -31.48 10.47 -9.39
C LEU C 736 -32.03 9.92 -10.71
N GLU C 737 -31.96 8.60 -10.91
CA GLU C 737 -32.55 8.01 -12.10
C GLU C 737 -34.06 8.19 -12.10
N PHE C 738 -34.70 8.01 -10.94
CA PHE C 738 -36.13 8.24 -10.85
C PHE C 738 -36.47 9.70 -11.14
N GLU C 739 -35.68 10.62 -10.59
CA GLU C 739 -35.94 12.04 -10.83
C GLU C 739 -35.76 12.39 -12.31
N ALA C 740 -34.73 11.83 -12.96
CA ALA C 740 -34.53 12.07 -14.38
C ALA C 740 -35.67 11.51 -15.20
N SER C 741 -36.19 10.34 -14.81
CA SER C 741 -37.36 9.81 -15.49
C SER C 741 -38.56 10.71 -15.31
N GLN C 742 -38.76 11.23 -14.11
CA GLN C 742 -39.91 12.10 -13.85
C GLN C 742 -39.72 13.49 -14.44
N LYS C 743 -38.54 14.07 -14.30
CA LYS C 743 -38.28 15.44 -14.72
C LYS C 743 -37.51 15.45 -16.03
N CYS C 744 -38.05 16.13 -17.04
CA CYS C 744 -37.40 16.17 -18.35
C CYS C 744 -36.09 16.94 -18.28
N ASP C 745 -36.05 18.04 -17.51
CA ASP C 745 -34.89 18.92 -17.49
C ASP C 745 -33.73 18.39 -16.65
N LEU C 746 -33.92 17.28 -15.94
CA LEU C 746 -32.89 16.69 -15.10
C LEU C 746 -32.44 15.37 -15.72
N VAL C 747 -31.12 15.16 -15.78
CA VAL C 747 -30.55 13.98 -16.43
C VAL C 747 -29.36 13.50 -15.61
N THR C 748 -29.18 12.18 -15.56
CA THR C 748 -28.00 11.58 -14.96
C THR C 748 -26.91 11.40 -16.01
N THR C 749 -25.73 10.99 -15.55
CA THR C 749 -24.59 10.79 -16.44
C THR C 749 -24.20 9.33 -16.62
N GLY C 750 -24.58 8.45 -15.69
CA GLY C 750 -24.22 7.05 -15.79
C GLY C 750 -22.94 6.73 -15.03
N GLU C 751 -22.17 5.78 -15.56
CA GLU C 751 -20.89 5.33 -15.01
C GLU C 751 -20.92 5.24 -13.48
N LEU C 752 -21.78 4.37 -12.95
CA LEU C 752 -21.96 4.25 -11.52
C LEU C 752 -20.65 3.90 -10.82
N PHE C 753 -20.39 4.57 -9.71
CA PHE C 753 -19.22 4.31 -8.89
C PHE C 753 -19.66 4.10 -7.44
N PHE C 754 -18.82 3.39 -6.69
CA PHE C 754 -19.12 3.01 -5.31
C PHE C 754 -20.43 2.23 -5.24
N ARG C 755 -20.44 1.09 -5.91
CA ARG C 755 -21.62 0.24 -5.94
C ARG C 755 -21.89 -0.33 -4.55
N SER C 756 -23.15 -0.25 -4.12
CA SER C 756 -23.54 -0.71 -2.79
C SER C 756 -25.00 -1.15 -2.87
N GLY C 757 -25.63 -1.33 -1.71
CA GLY C 757 -27.01 -1.74 -1.68
C GLY C 757 -27.72 -1.18 -0.47
N PHE C 758 -28.97 -0.78 -0.68
CA PHE C 758 -29.80 -0.34 0.43
C PHE C 758 -30.14 -1.53 1.33
N GLY C 759 -29.99 -1.34 2.63
CA GLY C 759 -30.21 -2.40 3.58
C GLY C 759 -31.10 -1.96 4.72
N ILE C 760 -31.69 -2.95 5.37
CA ILE C 760 -32.56 -2.72 6.54
C ILE C 760 -31.66 -2.85 7.76
N GLY C 761 -31.08 -1.73 8.18
CA GLY C 761 -30.18 -1.74 9.31
C GLY C 761 -30.94 -1.85 10.63
N MET C 762 -30.30 -2.48 11.62
CA MET C 762 -30.91 -2.67 12.92
C MET C 762 -29.80 -2.89 13.95
N ARG C 763 -30.20 -3.12 15.19
CA ARG C 763 -29.25 -3.26 16.28
C ARG C 763 -28.39 -4.51 16.10
N LYS C 764 -27.19 -4.46 16.66
CA LYS C 764 -26.23 -5.55 16.48
C LYS C 764 -26.77 -6.85 17.08
N ASP C 765 -27.37 -6.78 18.26
CA ASP C 765 -27.91 -7.94 18.95
C ASP C 765 -29.45 -7.89 18.87
N SER C 766 -29.99 -8.39 17.76
CA SER C 766 -31.43 -8.43 17.54
C SER C 766 -31.78 -9.76 16.89
N PRO C 767 -32.68 -10.54 17.50
CA PRO C 767 -33.02 -11.85 16.91
C PRO C 767 -33.70 -11.75 15.56
N TRP C 768 -34.28 -10.60 15.22
CA TRP C 768 -35.02 -10.47 13.98
C TRP C 768 -34.12 -10.60 12.75
N LYS C 769 -32.85 -10.22 12.88
CA LYS C 769 -31.99 -10.02 11.71
C LYS C 769 -31.83 -11.30 10.89
N GLN C 770 -31.66 -12.44 11.56
CA GLN C 770 -31.42 -13.69 10.84
C GLN C 770 -32.61 -14.04 9.95
N ASN C 771 -33.83 -13.83 10.46
CA ASN C 771 -35.02 -14.12 9.66
C ASN C 771 -35.27 -13.02 8.63
N VAL C 772 -34.88 -11.78 8.95
CA VAL C 772 -35.08 -10.67 8.01
C VAL C 772 -34.24 -10.89 6.76
N SER C 773 -33.01 -11.34 6.93
CA SER C 773 -32.15 -11.62 5.78
C SER C 773 -32.77 -12.70 4.89
N LEU C 774 -33.27 -13.78 5.50
CA LEU C 774 -33.87 -14.85 4.73
C LEU C 774 -35.13 -14.38 4.01
N SER C 775 -35.94 -13.56 4.68
CA SER C 775 -37.15 -13.04 4.05
C SER C 775 -36.83 -12.14 2.87
N ILE C 776 -35.80 -11.28 3.02
CA ILE C 776 -35.40 -10.40 1.92
C ILE C 776 -34.90 -11.23 0.74
N LEU C 777 -34.09 -12.25 1.01
CA LEU C 777 -33.60 -13.10 -0.08
C LEU C 777 -34.74 -13.85 -0.75
N LYS C 778 -35.71 -14.32 0.03
CA LYS C 778 -36.86 -15.00 -0.56
C LYS C 778 -37.68 -14.05 -1.44
N SER C 779 -37.87 -12.81 -0.98
CA SER C 779 -38.57 -11.83 -1.78
C SER C 779 -37.82 -11.52 -3.07
N HIS C 780 -36.49 -11.48 -2.99
CA HIS C 780 -35.69 -11.28 -4.21
C HIS C 780 -35.77 -12.49 -5.13
N GLU C 781 -35.98 -13.68 -4.58
CA GLU C 781 -35.99 -14.89 -5.40
C GLU C 781 -37.14 -14.88 -6.39
N ASN C 782 -38.35 -14.55 -5.93
CA ASN C 782 -39.51 -14.51 -6.80
C ASN C 782 -39.67 -13.10 -7.37
N GLY C 783 -40.79 -12.84 -8.03
CA GLY C 783 -41.02 -11.58 -8.71
C GLY C 783 -41.64 -10.49 -7.87
N PHE C 784 -41.68 -10.64 -6.55
CA PHE C 784 -42.26 -9.60 -5.70
C PHE C 784 -41.46 -8.30 -5.80
N MET C 785 -40.13 -8.39 -5.74
CA MET C 785 -39.31 -7.19 -5.83
C MET C 785 -39.37 -6.59 -7.22
N GLU C 786 -39.48 -7.44 -8.25
CA GLU C 786 -39.68 -6.92 -9.60
C GLU C 786 -41.02 -6.19 -9.71
N ASP C 787 -42.05 -6.72 -9.06
CA ASP C 787 -43.34 -6.03 -9.03
C ASP C 787 -43.23 -4.68 -8.33
N LEU C 788 -42.49 -4.64 -7.22
CA LEU C 788 -42.29 -3.37 -6.52
C LEU C 788 -41.56 -2.37 -7.40
N ASP C 789 -40.52 -2.83 -8.10
CA ASP C 789 -39.78 -1.97 -9.02
C ASP C 789 -40.69 -1.44 -10.12
N LYS C 790 -41.54 -2.30 -10.67
CA LYS C 790 -42.49 -1.87 -11.69
C LYS C 790 -43.44 -0.82 -11.16
N THR C 791 -43.97 -1.04 -9.95
CA THR C 791 -45.03 -0.17 -9.44
C THR C 791 -44.49 1.19 -9.00
N TRP C 792 -43.36 1.20 -8.29
CA TRP C 792 -42.93 2.43 -7.61
C TRP C 792 -41.74 3.12 -8.26
N VAL C 793 -40.83 2.39 -8.90
CA VAL C 793 -39.59 2.96 -9.41
C VAL C 793 -39.56 2.99 -10.93
N ARG C 794 -39.94 1.89 -11.58
CA ARG C 794 -39.74 1.76 -13.03
C ARG C 794 -40.99 2.24 -13.76
N TYR C 795 -41.05 3.55 -13.97
CA TYR C 795 -42.04 4.14 -14.86
C TYR C 795 -41.50 5.49 -15.33
N GLN C 796 -41.59 5.75 -16.63
CA GLN C 796 -40.99 6.92 -17.24
C GLN C 796 -42.07 7.80 -17.85
N GLU C 797 -42.01 9.10 -17.56
CA GLU C 797 -42.89 10.08 -18.18
C GLU C 797 -42.25 10.66 -19.43
N CYS C 798 -41.04 11.20 -19.29
CA CYS C 798 -40.28 11.73 -20.42
C CYS C 798 -38.85 11.28 -20.32
N ASP C 799 -38.33 10.68 -21.39
CA ASP C 799 -36.95 10.21 -21.44
C ASP C 799 -36.14 10.92 -22.52
N SER C 800 -36.63 10.94 -23.75
CA SER C 800 -35.94 11.58 -24.88
C SER C 800 -34.53 11.01 -25.05
N LEU C 808 -34.25 17.89 -37.07
CA LEU C 808 -34.27 19.19 -36.41
C LEU C 808 -35.71 19.59 -36.06
N THR C 809 -35.85 20.64 -35.25
CA THR C 809 -37.14 21.07 -34.74
C THR C 809 -37.55 22.38 -35.40
N PHE C 810 -38.78 22.80 -35.09
CA PHE C 810 -39.34 24.02 -35.70
C PHE C 810 -38.51 25.24 -35.34
N GLU C 811 -38.08 25.34 -34.08
CA GLU C 811 -37.32 26.51 -33.65
C GLU C 811 -35.94 26.55 -34.29
N ASN C 812 -35.44 25.42 -34.78
CA ASN C 812 -34.11 25.42 -35.39
C ASN C 812 -34.12 26.10 -36.75
N MET C 813 -35.15 25.84 -37.57
CA MET C 813 -35.33 26.54 -38.82
C MET C 813 -36.22 27.76 -38.70
N ALA C 814 -36.42 28.26 -37.48
CA ALA C 814 -37.18 29.50 -37.31
C ALA C 814 -36.49 30.68 -37.98
N GLY C 815 -35.16 30.62 -38.16
CA GLY C 815 -34.46 31.74 -38.76
C GLY C 815 -34.83 31.98 -40.21
N VAL C 816 -34.92 30.90 -41.00
CA VAL C 816 -35.24 31.07 -42.41
C VAL C 816 -36.69 31.50 -42.59
N PHE C 817 -37.58 31.02 -41.71
CA PHE C 817 -38.96 31.53 -41.71
C PHE C 817 -39.00 33.00 -41.34
N MET C 818 -38.17 33.43 -40.39
CA MET C 818 -38.07 34.85 -40.08
C MET C 818 -37.58 35.63 -41.30
N LEU C 819 -36.63 35.06 -42.04
CA LEU C 819 -36.12 35.72 -43.24
C LEU C 819 -37.19 35.83 -44.32
N VAL C 820 -37.97 34.77 -44.54
CA VAL C 820 -39.00 34.83 -45.58
C VAL C 820 -40.13 35.78 -45.16
N ALA C 821 -40.45 35.82 -43.87
CA ALA C 821 -41.43 36.79 -43.39
C ALA C 821 -40.92 38.22 -43.57
N GLY C 822 -39.62 38.43 -43.32
CA GLY C 822 -39.04 39.74 -43.57
C GLY C 822 -39.08 40.10 -45.05
N GLY C 823 -38.87 39.12 -45.92
CA GLY C 823 -39.02 39.36 -47.34
C GLY C 823 -40.44 39.76 -47.71
N ILE C 824 -41.43 39.09 -47.13
CA ILE C 824 -42.83 39.43 -47.41
C ILE C 824 -43.14 40.84 -46.93
N VAL C 825 -42.71 41.18 -45.71
CA VAL C 825 -43.01 42.49 -45.17
C VAL C 825 -42.21 43.59 -45.87
N ALA C 826 -41.08 43.24 -46.49
CA ALA C 826 -40.37 44.20 -47.32
C ALA C 826 -41.08 44.39 -48.65
N GLY C 827 -41.60 43.32 -49.24
CA GLY C 827 -42.35 43.44 -50.48
C GLY C 827 -43.64 44.22 -50.31
N ILE C 828 -44.29 44.10 -49.15
CA ILE C 828 -45.54 44.83 -48.93
C ILE C 828 -45.30 46.34 -48.85
N PHE C 829 -44.05 46.77 -48.72
CA PHE C 829 -43.71 48.18 -48.79
C PHE C 829 -43.11 48.55 -50.15
N LEU C 830 -42.31 47.66 -50.73
CA LEU C 830 -41.78 47.89 -52.07
C LEU C 830 -42.88 47.98 -53.11
N ILE C 831 -44.04 47.36 -52.88
CA ILE C 831 -45.14 47.52 -53.83
C ILE C 831 -45.61 48.98 -53.86
N PHE C 832 -45.77 49.59 -52.68
CA PHE C 832 -46.14 51.01 -52.65
C PHE C 832 -45.02 51.88 -53.21
N ILE C 833 -43.77 51.54 -52.92
CA ILE C 833 -42.65 52.31 -53.45
C ILE C 833 -42.64 52.27 -54.98
N GLU C 834 -42.87 51.09 -55.55
CA GLU C 834 -42.90 50.96 -57.01
C GLU C 834 -44.11 51.65 -57.61
N ILE C 835 -45.25 51.65 -56.91
CA ILE C 835 -46.41 52.41 -57.38
C ILE C 835 -46.08 53.89 -57.44
N ALA C 836 -45.43 54.41 -56.39
CA ALA C 836 -45.03 55.81 -56.38
C ALA C 836 -44.03 56.10 -57.49
N TYR C 837 -43.08 55.19 -57.73
CA TYR C 837 -42.12 55.38 -58.80
C TYR C 837 -42.80 55.40 -60.16
N LYS C 838 -43.75 54.49 -60.38
CA LYS C 838 -44.51 54.46 -61.63
C LYS C 838 -45.40 55.68 -61.81
N ARG C 839 -45.79 56.32 -60.70
CA ARG C 839 -46.55 57.56 -60.80
C ARG C 839 -45.76 58.64 -61.53
N HIS C 840 -44.46 58.72 -61.25
CA HIS C 840 -43.59 59.69 -61.92
C HIS C 840 -43.53 59.44 -63.42
N PRO D 32 -20.58 42.29 57.23
CA PRO D 32 -20.23 40.89 57.54
C PRO D 32 -18.73 40.63 57.42
N ALA D 33 -18.16 40.04 58.46
CA ALA D 33 -16.74 39.71 58.50
C ALA D 33 -16.56 38.21 58.33
N LEU D 34 -15.69 37.81 57.40
CA LEU D 34 -15.44 36.41 57.10
C LEU D 34 -14.04 36.06 57.60
N ASN D 35 -13.96 35.08 58.49
CA ASN D 35 -12.69 34.66 59.08
C ASN D 35 -12.23 33.36 58.41
N ILE D 36 -11.00 33.39 57.90
CA ILE D 36 -10.40 32.22 57.25
C ILE D 36 -9.08 31.93 57.95
N ALA D 37 -8.91 30.67 58.37
CA ALA D 37 -7.68 30.22 59.01
C ALA D 37 -6.80 29.55 57.96
N VAL D 38 -5.53 29.94 57.94
CA VAL D 38 -4.55 29.43 56.99
C VAL D 38 -3.46 28.73 57.80
N LEU D 39 -3.37 27.41 57.64
CA LEU D 39 -2.43 26.59 58.39
C LEU D 39 -1.25 26.20 57.50
N LEU D 40 -0.03 26.49 57.94
CA LEU D 40 1.17 26.10 57.23
C LEU D 40 2.14 25.41 58.18
N GLY D 41 3.26 24.97 57.63
CA GLY D 41 4.29 24.30 58.40
C GLY D 41 5.59 25.09 58.45
N HIS D 42 6.49 24.73 59.37
CA HIS D 42 7.74 25.45 59.53
C HIS D 42 8.71 25.24 58.39
N SER D 43 8.47 24.26 57.51
CA SER D 43 9.38 24.02 56.39
C SER D 43 9.43 25.22 55.47
N HIS D 44 8.29 25.82 55.17
CA HIS D 44 8.25 27.01 54.34
C HIS D 44 8.71 28.23 55.12
N ASP D 45 9.25 29.21 54.40
CA ASP D 45 9.78 30.42 55.00
C ASP D 45 8.73 31.49 55.21
N VAL D 46 7.49 31.25 54.78
CA VAL D 46 6.43 32.25 54.92
C VAL D 46 6.08 32.40 56.40
N THR D 47 6.01 33.63 56.87
CA THR D 47 5.66 33.94 58.24
C THR D 47 4.18 34.32 58.35
N GLU D 48 3.70 34.40 59.59
CA GLU D 48 2.30 34.76 59.82
C GLU D 48 1.99 36.17 59.32
N ARG D 49 2.92 37.11 59.54
CA ARG D 49 2.69 38.48 59.11
C ARG D 49 2.57 38.56 57.59
N GLU D 50 3.41 37.82 56.86
CA GLU D 50 3.29 37.78 55.41
C GLU D 50 1.96 37.19 54.98
N LEU D 51 1.50 36.14 55.68
CA LEU D 51 0.21 35.54 55.34
C LEU D 51 -0.92 36.54 55.54
N ARG D 52 -0.90 37.30 56.64
CA ARG D 52 -1.92 38.31 56.85
C ARG D 52 -1.84 39.42 55.81
N ASN D 53 -0.61 39.84 55.46
CA ASN D 53 -0.44 40.88 54.45
C ASN D 53 -0.81 40.41 53.05
N LEU D 54 -0.88 39.09 52.84
CA LEU D 54 -1.29 38.58 51.54
C LEU D 54 -2.67 39.09 51.15
N TRP D 55 -3.61 39.11 52.09
CA TRP D 55 -4.94 39.64 51.81
C TRP D 55 -5.02 41.12 52.22
N GLY D 56 -4.14 41.92 51.63
CA GLY D 56 -4.23 43.35 51.74
C GLY D 56 -4.13 44.10 50.42
N PRO D 57 -4.75 43.58 49.35
CA PRO D 57 -4.58 44.24 48.04
C PRO D 57 -5.35 45.56 47.95
N GLU D 58 -6.50 45.65 48.61
CA GLU D 58 -7.27 46.90 48.72
C GLU D 58 -7.74 47.39 47.35
N GLN D 59 -8.47 46.53 46.66
CA GLN D 59 -9.19 46.91 45.44
C GLN D 59 -10.63 46.38 45.51
N ALA D 60 -11.18 46.33 46.71
CA ALA D 60 -12.52 45.79 46.96
C ALA D 60 -12.61 44.34 46.46
N THR D 61 -11.79 43.49 47.06
CA THR D 61 -11.78 42.08 46.70
C THR D 61 -13.12 41.43 47.02
N GLY D 62 -13.68 41.75 48.19
CA GLY D 62 -15.02 41.32 48.53
C GLY D 62 -15.96 42.50 48.57
N LEU D 63 -16.85 42.60 47.59
CA LEU D 63 -17.76 43.74 47.51
C LEU D 63 -18.71 43.81 48.71
N PRO D 64 -19.40 42.75 49.12
CA PRO D 64 -20.32 42.88 50.26
C PRO D 64 -19.76 42.44 51.61
N LEU D 65 -18.49 42.01 51.68
CA LEU D 65 -17.94 41.50 52.93
C LEU D 65 -16.45 41.80 53.00
N ASP D 66 -15.93 41.78 54.22
CA ASP D 66 -14.51 41.98 54.48
C ASP D 66 -13.93 40.72 55.09
N VAL D 67 -12.69 40.40 54.73
CA VAL D 67 -12.04 39.16 55.11
C VAL D 67 -10.98 39.44 56.15
N ASN D 68 -11.01 38.70 57.25
CA ASN D 68 -10.02 38.81 58.33
C ASN D 68 -9.26 37.48 58.39
N VAL D 69 -8.14 37.42 57.67
CA VAL D 69 -7.36 36.20 57.60
C VAL D 69 -6.55 36.02 58.87
N VAL D 70 -6.62 34.83 59.46
CA VAL D 70 -5.79 34.45 60.60
C VAL D 70 -4.89 33.31 60.17
N ALA D 71 -3.61 33.41 60.52
CA ALA D 71 -2.60 32.45 60.09
C ALA D 71 -2.10 31.63 61.28
N LEU D 72 -1.57 30.45 60.99
CA LEU D 72 -1.02 29.59 62.01
C LEU D 72 0.05 28.69 61.42
N LEU D 73 1.04 28.35 62.24
CA LEU D 73 2.16 27.51 61.86
C LEU D 73 2.24 26.32 62.81
N MET D 74 2.49 25.14 62.25
CA MET D 74 2.59 23.92 63.04
C MET D 74 3.89 23.18 62.69
N ASN D 75 4.40 22.41 63.64
CA ASN D 75 5.62 21.63 63.41
C ASN D 75 5.42 20.64 62.27
N ARG D 76 4.54 19.67 62.47
CA ARG D 76 4.35 18.54 61.57
C ARG D 76 2.87 18.25 61.43
N THR D 77 2.57 17.12 60.79
CA THR D 77 1.21 16.67 60.59
C THR D 77 1.01 15.32 61.28
N ASP D 78 0.04 15.26 62.19
CA ASP D 78 -0.36 14.03 62.85
C ASP D 78 -1.82 14.17 63.28
N PRO D 79 -2.54 13.06 63.43
CA PRO D 79 -3.99 13.17 63.67
C PRO D 79 -4.39 14.00 64.88
N LYS D 80 -3.83 13.71 66.05
CA LYS D 80 -4.30 14.34 67.28
C LYS D 80 -4.07 15.85 67.27
N SER D 81 -2.84 16.28 66.99
CA SER D 81 -2.53 17.70 67.02
C SER D 81 -3.28 18.45 65.92
N LEU D 82 -3.39 17.85 64.73
CA LEU D 82 -4.13 18.49 63.65
C LEU D 82 -5.59 18.69 64.03
N ILE D 83 -6.21 17.66 64.61
CA ILE D 83 -7.61 17.77 64.99
C ILE D 83 -7.78 18.81 66.09
N THR D 84 -6.88 18.83 67.08
CA THR D 84 -6.99 19.82 68.14
C THR D 84 -6.83 21.24 67.60
N HIS D 85 -5.89 21.43 66.67
CA HIS D 85 -5.68 22.75 66.09
C HIS D 85 -6.90 23.20 65.30
N VAL D 86 -7.48 22.29 64.50
CA VAL D 86 -8.65 22.64 63.72
C VAL D 86 -9.83 22.98 64.62
N CYS D 87 -10.04 22.18 65.67
CA CYS D 87 -11.13 22.45 66.61
C CYS D 87 -10.93 23.77 67.33
N ASP D 88 -9.70 24.08 67.73
CA ASP D 88 -9.42 25.36 68.37
C ASP D 88 -9.69 26.52 67.42
N LEU D 89 -9.27 26.38 66.16
CA LEU D 89 -9.51 27.44 65.19
C LEU D 89 -11.00 27.65 64.95
N MET D 90 -11.76 26.56 64.89
CA MET D 90 -13.21 26.69 64.67
C MET D 90 -13.90 27.31 65.88
N SER D 91 -13.53 26.88 67.09
CA SER D 91 -14.22 27.35 68.29
C SER D 91 -13.86 28.81 68.59
N GLY D 92 -12.57 29.14 68.54
CA GLY D 92 -12.12 30.47 68.91
C GLY D 92 -12.28 31.51 67.82
N ALA D 93 -11.67 31.27 66.67
CA ALA D 93 -11.71 32.25 65.58
C ALA D 93 -13.01 32.25 64.81
N ARG D 94 -13.87 31.24 65.01
CA ARG D 94 -15.16 31.15 64.32
C ARG D 94 -14.97 31.20 62.81
N ILE D 95 -14.04 30.38 62.32
CA ILE D 95 -13.68 30.41 60.91
C ILE D 95 -14.80 29.79 60.08
N HIS D 96 -15.14 30.44 58.97
CA HIS D 96 -16.10 29.91 58.01
C HIS D 96 -15.42 29.13 56.89
N GLY D 97 -14.11 28.94 56.96
CA GLY D 97 -13.38 28.20 55.95
C GLY D 97 -12.00 27.89 56.48
N LEU D 98 -11.27 27.11 55.69
CA LEU D 98 -9.94 26.68 56.09
C LEU D 98 -9.09 26.42 54.85
N VAL D 99 -7.88 26.99 54.84
CA VAL D 99 -6.90 26.75 53.80
C VAL D 99 -5.73 26.03 54.43
N PHE D 100 -5.43 24.83 53.94
CA PHE D 100 -4.43 23.95 54.53
C PHE D 100 -3.26 23.81 53.57
N GLY D 101 -2.07 24.14 54.04
CA GLY D 101 -0.85 23.96 53.27
C GLY D 101 0.12 23.02 53.95
N ASP D 102 0.34 21.85 53.35
CA ASP D 102 1.20 20.82 53.93
C ASP D 102 2.58 20.87 53.29
N ASP D 103 3.59 20.55 54.10
CA ASP D 103 4.98 20.55 53.67
C ASP D 103 5.52 19.16 53.36
N THR D 104 5.07 18.15 54.10
CA THR D 104 5.56 16.79 53.89
C THR D 104 4.87 16.15 52.69
N ASP D 105 5.11 14.85 52.49
CA ASP D 105 4.50 14.09 51.42
C ASP D 105 3.60 12.98 51.95
N GLN D 106 3.02 13.18 53.13
CA GLN D 106 2.15 12.18 53.74
C GLN D 106 0.75 12.30 53.17
N GLU D 107 0.34 11.31 52.38
CA GLU D 107 -0.97 11.32 51.75
C GLU D 107 -2.11 11.17 52.75
N ALA D 108 -1.92 10.39 53.81
CA ALA D 108 -3.00 10.13 54.77
C ALA D 108 -3.63 11.41 55.30
N VAL D 109 -2.83 12.46 55.51
CA VAL D 109 -3.35 13.71 56.04
C VAL D 109 -4.54 14.18 55.20
N ALA D 110 -4.43 14.07 53.87
CA ALA D 110 -5.52 14.48 53.00
C ALA D 110 -6.83 13.83 53.41
N GLN D 111 -6.82 12.50 53.54
CA GLN D 111 -8.03 11.81 53.98
C GLN D 111 -8.50 12.34 55.33
N MET D 112 -7.56 12.52 56.27
CA MET D 112 -7.92 13.08 57.56
C MET D 112 -8.65 14.41 57.38
N LEU D 113 -8.10 15.29 56.53
CA LEU D 113 -8.75 16.56 56.28
C LEU D 113 -10.19 16.36 55.83
N ASP D 114 -10.41 15.46 54.86
CA ASP D 114 -11.77 15.18 54.40
C ASP D 114 -12.64 14.79 55.57
N PHE D 115 -12.16 13.89 56.43
CA PHE D 115 -12.94 13.46 57.58
C PHE D 115 -13.32 14.66 58.44
N ILE D 116 -12.36 15.56 58.68
CA ILE D 116 -12.65 16.74 59.48
C ILE D 116 -13.78 17.53 58.86
N SER D 117 -13.74 17.71 57.53
CA SER D 117 -14.84 18.41 56.86
C SER D 117 -16.16 17.70 57.11
N SER D 118 -16.17 16.37 56.99
CA SER D 118 -17.41 15.63 57.18
C SER D 118 -17.95 15.80 58.59
N GLN D 119 -17.10 16.20 59.53
CA GLN D 119 -17.54 16.41 60.90
C GLN D 119 -17.63 17.87 61.29
N THR D 120 -17.31 18.80 60.38
CA THR D 120 -17.33 20.22 60.72
C THR D 120 -17.99 21.11 59.68
N PHE D 121 -18.21 20.64 58.45
CA PHE D 121 -18.87 21.39 57.40
C PHE D 121 -18.12 22.68 57.02
N ILE D 122 -16.87 22.81 57.44
CA ILE D 122 -16.05 23.97 57.09
C ILE D 122 -15.28 23.62 55.81
N PRO D 123 -15.38 24.44 54.76
CA PRO D 123 -14.64 24.13 53.53
C PRO D 123 -13.14 24.12 53.78
N ILE D 124 -12.49 23.03 53.38
CA ILE D 124 -11.06 22.84 53.58
C ILE D 124 -10.40 22.68 52.22
N LEU D 125 -9.37 23.47 51.96
CA LEU D 125 -8.67 23.48 50.68
C LEU D 125 -7.26 22.94 50.85
N GLY D 126 -6.92 21.93 50.06
CA GLY D 126 -5.58 21.39 50.02
C GLY D 126 -4.68 22.21 49.11
N ILE D 127 -3.51 22.60 49.60
CA ILE D 127 -2.67 23.54 48.88
C ILE D 127 -1.42 22.85 48.34
N HIS D 128 -0.60 22.31 49.24
CA HIS D 128 0.71 21.77 48.87
C HIS D 128 0.99 20.51 49.68
N GLY D 129 1.88 19.69 49.15
CA GLY D 129 2.31 18.51 49.88
C GLY D 129 1.26 17.42 49.89
N GLY D 130 1.16 16.74 51.03
CA GLY D 130 0.22 15.64 51.14
C GLY D 130 -1.22 16.07 50.94
N ALA D 131 -1.56 17.27 51.39
CA ALA D 131 -2.91 17.79 51.18
C ALA D 131 -3.22 18.01 49.70
N SER D 132 -2.19 18.11 48.86
CA SER D 132 -2.38 18.27 47.43
C SER D 132 -2.54 16.95 46.69
N MET D 133 -2.35 15.82 47.37
CA MET D 133 -2.52 14.52 46.74
C MET D 133 -4.01 14.24 46.56
N ILE D 134 -4.41 13.90 45.34
CA ILE D 134 -5.83 13.73 45.04
C ILE D 134 -6.31 12.38 45.53
N MET D 135 -7.55 12.34 46.02
CA MET D 135 -8.19 11.12 46.45
C MET D 135 -9.29 10.74 45.46
N ALA D 136 -9.69 9.48 45.48
CA ALA D 136 -10.61 8.97 44.48
C ALA D 136 -12.04 9.44 44.75
N ASP D 137 -12.60 9.03 45.89
CA ASP D 137 -13.99 9.32 46.22
C ASP D 137 -14.05 10.05 47.56
N LYS D 138 -14.58 11.26 47.54
CA LYS D 138 -14.79 12.01 48.77
C LYS D 138 -16.14 11.65 49.40
N ASP D 139 -16.28 12.00 50.67
CA ASP D 139 -17.56 11.81 51.34
C ASP D 139 -18.60 12.76 50.74
N PRO D 140 -19.81 12.27 50.48
CA PRO D 140 -20.84 13.15 49.88
C PRO D 140 -21.16 14.37 50.71
N THR D 141 -21.08 14.27 52.04
CA THR D 141 -21.37 15.39 52.92
C THR D 141 -20.13 16.22 53.27
N SER D 142 -18.99 15.91 52.68
CA SER D 142 -17.74 16.59 52.98
C SER D 142 -17.49 17.68 51.94
N THR D 143 -17.32 18.91 52.40
CA THR D 143 -16.99 20.04 51.53
C THR D 143 -15.48 20.26 51.60
N PHE D 144 -14.76 19.38 50.92
CA PHE D 144 -13.30 19.39 50.95
C PHE D 144 -12.79 19.37 49.52
N PHE D 145 -11.96 20.34 49.16
CA PHE D 145 -11.45 20.48 47.80
C PHE D 145 -9.93 20.57 47.84
N GLN D 146 -9.30 20.20 46.72
CA GLN D 146 -7.85 20.12 46.65
C GLN D 146 -7.32 20.81 45.40
N PHE D 147 -6.12 21.37 45.52
CA PHE D 147 -5.42 21.98 44.39
C PHE D 147 -4.55 20.93 43.73
N GLY D 148 -5.20 20.04 42.98
CA GLY D 148 -4.48 18.96 42.34
C GLY D 148 -5.21 18.51 41.11
N ALA D 149 -4.61 17.53 40.42
CA ALA D 149 -5.15 16.96 39.20
C ALA D 149 -5.51 15.50 39.44
N SER D 150 -6.71 15.11 39.01
CA SER D 150 -7.14 13.73 39.16
C SER D 150 -6.44 12.83 38.16
N ILE D 151 -6.61 11.52 38.35
CA ILE D 151 -6.00 10.56 37.44
C ILE D 151 -6.59 10.68 36.04
N GLN D 152 -7.88 11.02 35.93
CA GLN D 152 -8.49 11.19 34.62
C GLN D 152 -7.85 12.34 33.85
N GLN D 153 -7.56 13.46 34.54
CA GLN D 153 -6.91 14.57 33.87
C GLN D 153 -5.50 14.20 33.43
N GLN D 154 -4.78 13.44 34.25
CA GLN D 154 -3.45 12.98 33.86
C GLN D 154 -3.51 12.08 32.64
N ALA D 155 -4.50 11.19 32.59
CA ALA D 155 -4.66 10.33 31.42
C ALA D 155 -4.99 11.14 30.18
N THR D 156 -5.85 12.16 30.33
CA THR D 156 -6.18 13.02 29.20
C THR D 156 -4.94 13.76 28.70
N VAL D 157 -4.10 14.24 29.62
CA VAL D 157 -2.88 14.92 29.21
C VAL D 157 -1.93 13.95 28.51
N MET D 158 -1.86 12.71 28.99
CA MET D 158 -1.05 11.70 28.33
C MET D 158 -1.54 11.46 26.90
N LEU D 159 -2.86 11.35 26.74
CA LEU D 159 -3.42 11.13 25.42
C LEU D 159 -3.13 12.32 24.50
N LYS D 160 -3.20 13.54 25.05
CA LYS D 160 -2.89 14.72 24.26
C LYS D 160 -1.42 14.73 23.83
N ILE D 161 -0.52 14.35 24.74
CA ILE D 161 0.89 14.24 24.39
C ILE D 161 1.08 13.24 23.26
N MET D 162 0.46 12.07 23.39
CA MET D 162 0.62 11.04 22.37
C MET D 162 0.04 11.48 21.03
N GLN D 163 -1.10 12.17 21.05
CA GLN D 163 -1.70 12.65 19.81
C GLN D 163 -0.85 13.72 19.15
N ASP D 164 -0.28 14.62 19.95
CA ASP D 164 0.54 15.71 19.38
C ASP D 164 1.76 15.17 18.66
N TYR D 165 2.39 14.13 19.22
CA TYR D 165 3.55 13.51 18.60
C TYR D 165 3.18 12.36 17.67
N ASP D 166 1.88 12.12 17.46
CA ASP D 166 1.39 11.08 16.55
C ASP D 166 1.90 9.69 16.94
N TRP D 167 1.96 9.44 18.25
CA TRP D 167 2.29 8.11 18.76
C TRP D 167 1.00 7.30 18.96
N HIS D 168 0.32 7.04 17.84
CA HIS D 168 -0.99 6.40 17.90
C HIS D 168 -0.89 4.98 18.45
N VAL D 169 0.10 4.22 18.02
CA VAL D 169 0.27 2.85 18.51
C VAL D 169 0.90 2.91 19.89
N PHE D 170 0.33 2.15 20.83
CA PHE D 170 0.82 2.16 22.21
C PHE D 170 0.30 0.93 22.93
N SER D 171 0.90 0.66 24.08
CA SER D 171 0.48 -0.42 24.97
C SER D 171 0.15 0.17 26.34
N LEU D 172 -0.33 -0.69 27.23
CA LEU D 172 -0.75 -0.27 28.57
C LEU D 172 -0.25 -1.30 29.57
N VAL D 173 0.69 -0.89 30.42
CA VAL D 173 1.25 -1.75 31.46
C VAL D 173 0.81 -1.19 32.81
N THR D 174 0.05 -1.98 33.56
CA THR D 174 -0.46 -1.59 34.86
C THR D 174 -0.13 -2.67 35.88
N THR D 175 -0.29 -2.31 37.15
CA THR D 175 -0.05 -3.21 38.26
C THR D 175 -1.30 -3.30 39.13
N ILE D 176 -1.16 -3.95 40.29
CA ILE D 176 -2.28 -4.15 41.20
C ILE D 176 -2.37 -2.97 42.16
N PHE D 177 -1.60 -1.92 41.89
CA PHE D 177 -1.63 -0.74 42.72
C PHE D 177 -3.02 -0.11 42.70
N PRO D 178 -3.51 0.40 43.83
CA PRO D 178 -4.85 0.98 43.86
C PRO D 178 -4.99 2.14 42.88
N GLY D 179 -6.19 2.25 42.31
CA GLY D 179 -6.44 3.27 41.31
C GLY D 179 -6.09 2.88 39.90
N TYR D 180 -5.98 1.58 39.62
CA TYR D 180 -5.65 1.12 38.27
C TYR D 180 -6.87 0.70 37.48
N ARG D 181 -7.91 0.19 38.13
CA ARG D 181 -9.11 -0.23 37.41
C ARG D 181 -9.81 0.95 36.76
N ASP D 182 -9.99 2.04 37.52
CA ASP D 182 -10.63 3.22 36.96
C ASP D 182 -9.76 3.86 35.89
N PHE D 183 -8.43 3.83 36.06
CA PHE D 183 -7.53 4.36 35.06
C PHE D 183 -7.66 3.59 33.75
N ILE D 184 -7.69 2.26 33.83
CA ILE D 184 -7.84 1.44 32.63
C ILE D 184 -9.20 1.66 31.99
N SER D 185 -10.25 1.77 32.80
CA SER D 185 -11.58 2.03 32.25
C SER D 185 -11.64 3.37 31.54
N PHE D 186 -11.05 4.41 32.12
CA PHE D 186 -11.02 5.71 31.47
C PHE D 186 -10.20 5.68 30.19
N ILE D 187 -9.08 4.95 30.19
CA ILE D 187 -8.27 4.83 28.99
C ILE D 187 -9.07 4.15 27.88
N LYS D 188 -9.79 3.07 28.23
CA LYS D 188 -10.61 2.39 27.24
C LYS D 188 -11.73 3.28 26.72
N THR D 189 -12.36 4.05 27.60
CA THR D 189 -13.41 4.97 27.17
C THR D 189 -12.86 6.03 26.22
N THR D 190 -11.67 6.55 26.52
CA THR D 190 -11.07 7.58 25.68
C THR D 190 -10.66 7.01 24.32
N VAL D 191 -10.06 5.82 24.32
CA VAL D 191 -9.64 5.23 23.04
C VAL D 191 -10.84 4.84 22.20
N ASP D 192 -11.95 4.45 22.85
CA ASP D 192 -13.16 4.13 22.11
C ASP D 192 -13.79 5.35 21.46
N ASN D 193 -13.67 6.53 22.08
CA ASN D 193 -14.39 7.71 21.64
C ASN D 193 -13.44 8.79 21.13
N SER D 194 -12.44 8.40 20.35
CA SER D 194 -11.51 9.35 19.77
C SER D 194 -11.34 9.04 18.28
N PHE D 195 -11.41 10.08 17.45
CA PHE D 195 -11.30 9.88 16.01
C PHE D 195 -9.91 9.45 15.58
N VAL D 196 -8.88 9.72 16.39
CA VAL D 196 -7.55 9.22 16.11
C VAL D 196 -7.55 7.69 16.17
N GLY D 197 -6.71 7.07 15.35
CA GLY D 197 -6.71 5.61 15.27
C GLY D 197 -6.47 4.94 16.61
N TRP D 198 -5.46 5.41 17.33
CA TRP D 198 -5.14 4.92 18.68
C TRP D 198 -5.04 3.40 18.71
N ASP D 199 -4.04 2.88 18.00
CA ASP D 199 -3.87 1.44 17.84
C ASP D 199 -3.34 0.86 19.16
N MET D 200 -4.27 0.60 20.07
CA MET D 200 -3.95 0.03 21.37
C MET D 200 -3.62 -1.46 21.21
N GLN D 201 -2.36 -1.82 21.42
CA GLN D 201 -1.93 -3.19 21.23
C GLN D 201 -2.56 -4.13 22.24
N ASN D 202 -2.40 -3.84 23.54
CA ASN D 202 -2.83 -4.76 24.58
C ASN D 202 -2.74 -4.07 25.93
N VAL D 203 -3.32 -4.73 26.93
CA VAL D 203 -3.26 -4.28 28.32
C VAL D 203 -2.63 -5.39 29.15
N ILE D 204 -1.62 -5.02 29.94
CA ILE D 204 -0.87 -5.98 30.76
C ILE D 204 -1.02 -5.57 32.22
N THR D 205 -1.41 -6.53 33.05
CA THR D 205 -1.60 -6.32 34.48
C THR D 205 -0.69 -7.29 35.23
N LEU D 206 0.45 -6.80 35.68
CA LEU D 206 1.42 -7.62 36.42
C LEU D 206 1.04 -7.60 37.90
N ASP D 207 0.39 -8.68 38.35
CA ASP D 207 -0.06 -8.75 39.73
C ASP D 207 1.11 -8.82 40.70
N THR D 208 2.03 -9.74 40.47
CA THR D 208 3.17 -9.96 41.36
C THR D 208 4.14 -10.90 40.65
N SER D 209 5.21 -11.26 41.34
CA SER D 209 6.26 -12.15 40.82
C SER D 209 6.79 -11.63 39.49
N PHE D 210 7.21 -10.36 39.51
CA PHE D 210 7.61 -9.68 38.28
C PHE D 210 8.84 -10.35 37.67
N GLU D 211 9.82 -10.70 38.49
CA GLU D 211 11.02 -11.36 38.01
C GLU D 211 10.96 -12.88 38.12
N ASP D 212 9.92 -13.43 38.74
CA ASP D 212 9.86 -14.87 38.96
C ASP D 212 9.36 -15.61 37.72
N ALA D 213 8.12 -15.35 37.33
CA ALA D 213 7.49 -16.04 36.21
C ALA D 213 6.14 -15.38 35.93
N LYS D 214 5.53 -15.80 34.82
CA LYS D 214 4.17 -15.43 34.44
C LYS D 214 4.07 -13.97 34.01
N THR D 215 5.17 -13.23 34.17
CA THR D 215 5.22 -11.82 33.80
C THR D 215 6.14 -11.54 32.62
N GLN D 216 7.21 -12.32 32.46
CA GLN D 216 8.11 -12.10 31.34
C GLN D 216 7.42 -12.36 30.00
N VAL D 217 6.56 -13.37 29.95
CA VAL D 217 5.88 -13.70 28.70
C VAL D 217 4.96 -12.56 28.28
N GLN D 218 4.30 -11.91 29.24
CA GLN D 218 3.42 -10.79 28.90
C GLN D 218 4.24 -9.57 28.48
N LEU D 219 5.35 -9.31 29.18
CA LEU D 219 6.15 -8.13 28.87
C LEU D 219 6.94 -8.28 27.57
N LYS D 220 7.19 -9.51 27.12
CA LYS D 220 7.99 -9.73 25.93
C LYS D 220 7.22 -9.54 24.63
N LYS D 221 5.90 -9.46 24.68
CA LYS D 221 5.08 -9.38 23.47
C LYS D 221 4.82 -7.95 23.01
N ILE D 222 5.40 -6.95 23.68
CA ILE D 222 5.24 -5.55 23.28
C ILE D 222 6.34 -5.22 22.28
N HIS D 223 5.94 -4.64 21.15
CA HIS D 223 6.87 -4.19 20.12
C HIS D 223 7.18 -2.72 20.33
N SER D 224 7.87 -2.11 19.35
CA SER D 224 8.21 -0.70 19.43
C SER D 224 6.97 0.17 19.45
N SER D 225 6.68 0.78 20.59
CA SER D 225 5.50 1.60 20.78
C SER D 225 5.68 2.42 22.05
N VAL D 226 4.62 3.08 22.50
CA VAL D 226 4.64 3.90 23.69
C VAL D 226 3.99 3.13 24.83
N ILE D 227 4.63 3.17 26.01
CA ILE D 227 4.19 2.41 27.17
C ILE D 227 3.61 3.37 28.19
N LEU D 228 2.35 3.14 28.57
CA LEU D 228 1.71 3.85 29.67
C LEU D 228 1.84 3.00 30.92
N LEU D 229 2.72 3.39 31.83
CA LEU D 229 3.02 2.62 33.03
C LEU D 229 2.34 3.27 34.23
N TYR D 230 1.57 2.48 34.98
CA TYR D 230 0.86 2.95 36.16
C TYR D 230 1.19 2.02 37.33
N CYS D 231 1.91 2.55 38.31
CA CYS D 231 2.31 1.79 39.48
C CYS D 231 2.83 2.79 40.53
N SER D 232 3.46 2.27 41.58
CA SER D 232 4.12 3.11 42.56
C SER D 232 5.60 3.27 42.20
N LYS D 233 6.26 4.22 42.87
CA LYS D 233 7.65 4.52 42.55
C LYS D 233 8.56 3.33 42.80
N ASP D 234 8.45 2.72 43.99
CA ASP D 234 9.27 1.56 44.30
C ASP D 234 8.93 0.38 43.40
N GLU D 235 7.67 0.26 42.99
CA GLU D 235 7.30 -0.76 42.02
C GLU D 235 7.80 -0.41 40.63
N ALA D 236 7.77 0.87 40.27
CA ALA D 236 8.31 1.31 39.00
C ALA D 236 9.80 1.02 38.90
N VAL D 237 10.50 1.04 40.03
CA VAL D 237 11.92 0.67 40.05
C VAL D 237 12.11 -0.70 39.41
N LEU D 238 11.45 -1.71 39.98
CA LEU D 238 11.57 -3.08 39.48
C LEU D 238 11.02 -3.19 38.06
N ILE D 239 9.91 -2.52 37.78
CA ILE D 239 9.29 -2.63 36.45
C ILE D 239 10.27 -2.13 35.38
N LEU D 240 10.87 -0.97 35.59
CA LEU D 240 11.79 -0.42 34.61
C LEU D 240 13.09 -1.20 34.56
N SER D 241 13.55 -1.73 35.71
CA SER D 241 14.75 -2.57 35.69
C SER D 241 14.53 -3.81 34.82
N GLU D 242 13.38 -4.47 34.98
CA GLU D 242 13.09 -5.64 34.17
C GLU D 242 12.86 -5.28 32.71
N ALA D 243 12.25 -4.12 32.46
CA ALA D 243 12.07 -3.67 31.08
C ALA D 243 13.41 -3.44 30.40
N ARG D 244 14.36 -2.81 31.11
CA ARG D 244 15.70 -2.65 30.55
C ARG D 244 16.38 -3.99 30.35
N SER D 245 16.18 -4.92 31.29
CA SER D 245 16.76 -6.26 31.15
C SER D 245 16.19 -6.98 29.94
N LEU D 246 14.97 -6.64 29.52
CA LEU D 246 14.33 -7.24 28.36
C LEU D 246 14.51 -6.41 27.10
N GLY D 247 15.31 -5.36 27.14
CA GLY D 247 15.50 -4.52 25.97
C GLY D 247 14.28 -3.74 25.55
N LEU D 248 13.51 -3.23 26.51
CA LEU D 248 12.31 -2.45 26.23
C LEU D 248 12.55 -0.95 26.35
N THR D 249 13.80 -0.51 26.43
CA THR D 249 14.11 0.89 26.68
C THR D 249 15.01 1.46 25.59
N GLY D 250 14.66 1.21 24.32
CA GLY D 250 15.40 1.75 23.20
C GLY D 250 15.02 3.19 22.92
N TYR D 251 15.62 3.73 21.86
CA TYR D 251 15.34 5.10 21.46
C TYR D 251 13.90 5.27 21.00
N ASP D 252 13.34 4.26 20.35
CA ASP D 252 11.98 4.33 19.83
C ASP D 252 10.93 3.92 20.86
N PHE D 253 11.34 3.62 22.09
CA PHE D 253 10.42 3.33 23.18
C PHE D 253 10.27 4.58 24.03
N PHE D 254 9.04 5.08 24.17
CA PHE D 254 8.74 6.24 24.99
C PHE D 254 7.85 5.80 26.14
N TRP D 255 8.27 6.11 27.36
CA TRP D 255 7.55 5.72 28.56
C TRP D 255 6.82 6.94 29.12
N ILE D 256 5.52 6.79 29.33
CA ILE D 256 4.68 7.85 29.89
C ILE D 256 4.16 7.37 31.24
N VAL D 257 4.34 8.18 32.27
CA VAL D 257 3.97 7.79 33.64
C VAL D 257 3.30 8.94 34.33
N PRO D 258 2.41 8.64 35.28
CA PRO D 258 1.74 9.71 36.04
C PRO D 258 2.58 10.21 37.19
N SER D 259 2.02 11.10 38.01
CA SER D 259 2.74 11.70 39.13
C SER D 259 3.02 10.71 40.24
N LEU D 260 2.41 9.52 40.22
CA LEU D 260 2.61 8.57 41.31
C LEU D 260 4.05 8.10 41.38
N VAL D 261 4.66 7.81 40.24
CA VAL D 261 6.05 7.32 40.24
C VAL D 261 7.06 8.46 40.20
N SER D 262 6.66 9.64 39.71
CA SER D 262 7.55 10.78 39.74
C SER D 262 7.89 11.17 41.18
N GLY D 263 6.87 11.30 42.01
CA GLY D 263 7.08 11.55 43.43
C GLY D 263 7.88 12.81 43.66
N ASN D 264 8.90 12.70 44.52
CA ASN D 264 9.77 13.83 44.81
C ASN D 264 10.67 14.11 43.61
N THR D 265 10.66 15.36 43.15
CA THR D 265 11.50 15.74 42.02
C THR D 265 12.97 15.73 42.40
N GLU D 266 13.30 16.02 43.67
CA GLU D 266 14.70 16.13 44.09
C GLU D 266 15.43 14.81 43.92
N LEU D 267 14.79 13.70 44.31
CA LEU D 267 15.41 12.38 44.22
C LEU D 267 14.94 11.67 42.97
N ILE D 268 15.88 11.08 42.23
CA ILE D 268 15.59 10.38 40.99
C ILE D 268 16.34 9.04 41.01
N PRO D 269 15.67 7.91 40.82
CA PRO D 269 16.37 6.62 40.78
C PRO D 269 17.33 6.56 39.60
N LYS D 270 18.43 5.83 39.79
CA LYS D 270 19.43 5.70 38.74
C LYS D 270 18.91 4.92 37.54
N GLU D 271 18.00 3.98 37.76
CA GLU D 271 17.51 3.11 36.70
C GLU D 271 16.39 3.72 35.88
N PHE D 272 15.97 4.93 36.19
CA PHE D 272 14.96 5.60 35.37
C PHE D 272 15.58 5.97 34.03
N PRO D 273 15.07 5.47 32.91
CA PRO D 273 15.66 5.82 31.61
C PRO D 273 15.40 7.27 31.26
N SER D 274 16.35 7.86 30.55
CA SER D 274 16.16 9.20 30.03
C SER D 274 15.06 9.21 28.99
N GLY D 275 14.39 10.35 28.85
CA GLY D 275 13.24 10.43 27.99
C GLY D 275 11.94 10.00 28.64
N LEU D 276 11.96 9.72 29.94
CA LEU D 276 10.76 9.31 30.67
C LEU D 276 9.84 10.51 30.83
N ILE D 277 8.81 10.58 29.99
CA ILE D 277 7.86 11.68 30.03
C ILE D 277 6.88 11.43 31.18
N SER D 278 6.70 12.45 32.02
CA SER D 278 5.77 12.37 33.14
C SER D 278 4.93 13.63 33.19
N VAL D 279 3.76 13.52 33.81
CA VAL D 279 2.86 14.64 34.00
C VAL D 279 2.67 14.85 35.50
N SER D 280 2.67 16.11 35.93
CA SER D 280 2.60 16.37 37.36
C SER D 280 2.05 17.77 37.60
N TYR D 281 1.66 18.02 38.85
CA TYR D 281 1.29 19.35 39.28
C TYR D 281 2.55 20.18 39.45
N ASP D 282 2.61 21.33 38.79
CA ASP D 282 3.84 22.11 38.77
C ASP D 282 4.17 22.67 40.15
N ASP D 283 5.46 22.60 40.51
CA ASP D 283 5.95 23.14 41.76
C ASP D 283 7.03 24.19 41.56
N TRP D 284 7.41 24.49 40.31
CA TRP D 284 8.48 25.44 40.04
C TRP D 284 7.93 26.85 39.86
N ASP D 285 7.07 27.05 38.87
CA ASP D 285 6.52 28.37 38.60
C ASP D 285 5.42 28.74 39.59
N TYR D 286 4.60 27.77 39.99
CA TYR D 286 3.44 28.03 40.84
C TYR D 286 3.88 27.98 42.29
N SER D 287 4.27 29.14 42.82
CA SER D 287 4.81 29.21 44.17
C SER D 287 3.69 29.06 45.21
N LEU D 288 4.12 28.81 46.45
CA LEU D 288 3.16 28.63 47.54
C LEU D 288 2.40 29.92 47.84
N GLU D 289 3.04 31.07 47.65
CA GLU D 289 2.36 32.35 47.86
C GLU D 289 1.18 32.48 46.91
N ALA D 290 1.38 32.15 45.64
CA ALA D 290 0.28 32.16 44.68
C ALA D 290 -0.79 31.15 45.05
N ARG D 291 -0.38 29.99 45.58
CA ARG D 291 -1.35 28.99 46.02
C ARG D 291 -2.26 29.55 47.11
N VAL D 292 -1.66 30.18 48.13
CA VAL D 292 -2.44 30.73 49.23
C VAL D 292 -3.33 31.86 48.74
N ARG D 293 -2.79 32.72 47.86
CA ARG D 293 -3.60 33.81 47.32
C ARG D 293 -4.80 33.28 46.54
N ASP D 294 -4.59 32.25 45.72
CA ASP D 294 -5.68 31.67 44.95
C ASP D 294 -6.71 31.02 45.86
N GLY D 295 -6.27 30.32 46.91
CA GLY D 295 -7.23 29.73 47.84
C GLY D 295 -8.07 30.77 48.55
N LEU D 296 -7.42 31.83 49.04
CA LEU D 296 -8.16 32.90 49.70
C LEU D 296 -9.12 33.58 48.72
N GLY D 297 -8.70 33.77 47.48
CA GLY D 297 -9.59 34.36 46.49
C GLY D 297 -10.78 33.47 46.18
N ILE D 298 -10.56 32.15 46.11
CA ILE D 298 -11.66 31.23 45.86
C ILE D 298 -12.67 31.30 47.00
N LEU D 299 -12.17 31.29 48.24
CA LEU D 299 -13.08 31.39 49.38
C LEU D 299 -13.84 32.72 49.36
N THR D 300 -13.15 33.82 49.05
CA THR D 300 -13.79 35.12 49.04
C THR D 300 -14.85 35.21 47.96
N THR D 301 -14.57 34.70 46.76
CA THR D 301 -15.56 34.78 45.69
C THR D 301 -16.74 33.85 45.94
N ALA D 302 -16.50 32.68 46.55
CA ALA D 302 -17.61 31.83 46.94
C ALA D 302 -18.50 32.52 47.96
N ALA D 303 -17.90 33.17 48.95
CA ALA D 303 -18.68 33.89 49.95
C ALA D 303 -19.45 35.04 49.31
N SER D 304 -18.82 35.76 48.37
CA SER D 304 -19.51 36.85 47.70
C SER D 304 -20.70 36.35 46.88
N SER D 305 -20.52 35.24 46.16
CA SER D 305 -21.62 34.68 45.39
C SER D 305 -22.75 34.22 46.30
N MET D 306 -22.41 33.59 47.43
CA MET D 306 -23.45 33.14 48.36
C MET D 306 -24.19 34.31 48.97
N LEU D 307 -23.47 35.39 49.30
CA LEU D 307 -24.13 36.58 49.83
C LEU D 307 -25.05 37.21 48.80
N GLU D 308 -24.61 37.22 47.53
CA GLU D 308 -25.46 37.76 46.47
C GLU D 308 -26.72 36.91 46.31
N LYS D 309 -26.57 35.59 46.38
CA LYS D 309 -27.72 34.70 46.20
C LYS D 309 -28.51 34.55 47.49
N PHE D 310 -27.86 34.07 48.54
CA PHE D 310 -28.55 33.81 49.81
C PHE D 310 -28.48 35.05 50.70
N SER D 311 -28.85 34.90 51.97
CA SER D 311 -28.99 36.03 52.87
C SER D 311 -27.68 36.39 53.58
N TYR D 312 -27.14 35.46 54.36
CA TYR D 312 -26.01 35.76 55.21
C TYR D 312 -25.19 34.49 55.41
N ILE D 313 -23.91 34.68 55.71
CA ILE D 313 -22.97 33.58 55.97
C ILE D 313 -23.37 32.91 57.27
N PRO D 314 -23.59 31.60 57.29
CA PRO D 314 -23.95 30.93 58.53
C PRO D 314 -22.76 30.83 59.47
N GLU D 315 -23.03 30.90 60.77
CA GLU D 315 -21.98 30.74 61.76
C GLU D 315 -21.47 29.31 61.78
N ALA D 316 -20.17 29.16 62.04
CA ALA D 316 -19.58 27.84 62.09
C ALA D 316 -20.06 27.07 63.32
N LYS D 317 -19.79 25.77 63.32
CA LYS D 317 -20.21 24.92 64.43
C LYS D 317 -19.53 25.35 65.72
N ALA D 318 -20.25 25.20 66.83
CA ALA D 318 -19.74 25.65 68.13
C ALA D 318 -18.46 24.94 68.50
N SER D 319 -18.47 23.60 68.47
CA SER D 319 -17.29 22.82 68.81
C SER D 319 -17.40 21.44 68.19
N CYS D 320 -16.24 20.79 68.04
CA CYS D 320 -16.22 19.43 67.52
C CYS D 320 -16.87 18.46 68.50
N TYR D 321 -16.62 18.64 69.80
CA TYR D 321 -17.10 17.73 70.82
C TYR D 321 -18.48 18.16 71.32
N GLY D 322 -18.99 17.43 72.31
CA GLY D 322 -20.25 17.72 72.94
C GLY D 322 -21.42 16.91 72.43
N GLN D 323 -21.30 16.30 71.25
CA GLN D 323 -22.36 15.49 70.65
C GLN D 323 -23.67 16.27 70.56
N ALA D 324 -23.64 17.32 69.74
CA ALA D 324 -24.82 18.16 69.55
C ALA D 324 -25.98 17.36 68.98
N GLU D 325 -27.16 17.55 69.55
CA GLU D 325 -28.36 16.84 69.11
C GLU D 325 -29.03 17.65 68.01
N LYS D 326 -28.65 17.37 66.77
CA LYS D 326 -29.11 18.10 65.60
C LYS D 326 -28.70 17.31 64.36
N PRO D 327 -29.38 17.54 63.23
CA PRO D 327 -28.85 17.00 61.97
C PRO D 327 -27.52 17.61 61.55
N GLU D 328 -27.15 18.77 62.11
CA GLU D 328 -25.95 19.52 61.77
C GLU D 328 -25.91 19.92 60.29
N THR D 329 -27.04 19.78 59.59
CA THR D 329 -27.07 20.12 58.17
C THR D 329 -27.43 21.59 57.99
N PRO D 330 -26.54 22.42 57.48
CA PRO D 330 -26.87 23.83 57.27
C PRO D 330 -27.89 24.00 56.16
N LEU D 331 -28.69 25.06 56.27
CA LEU D 331 -29.67 25.37 55.24
C LEU D 331 -28.98 25.70 53.91
N HIS D 332 -27.90 26.45 53.96
CA HIS D 332 -27.11 26.80 52.78
C HIS D 332 -25.64 26.59 53.08
N THR D 333 -24.91 26.05 52.10
CA THR D 333 -23.50 25.74 52.24
C THR D 333 -22.74 26.26 51.03
N LEU D 334 -21.42 26.21 51.11
CA LEU D 334 -20.54 26.68 50.06
C LEU D 334 -20.18 25.59 49.05
N HIS D 335 -20.74 24.39 49.21
CA HIS D 335 -20.41 23.29 48.30
C HIS D 335 -20.89 23.58 46.89
N GLN D 336 -22.10 24.12 46.75
CA GLN D 336 -22.67 24.36 45.43
C GLN D 336 -22.22 25.68 44.81
N PHE D 337 -21.55 26.54 45.58
CA PHE D 337 -21.10 27.83 45.08
C PHE D 337 -19.65 27.81 44.61
N MET D 338 -18.95 26.69 44.76
CA MET D 338 -17.59 26.57 44.28
C MET D 338 -17.51 26.00 42.86
N VAL D 339 -18.64 25.58 42.29
CA VAL D 339 -18.64 25.12 40.90
C VAL D 339 -18.41 26.29 39.95
N ASN D 340 -18.98 27.45 40.25
CA ASN D 340 -18.85 28.64 39.41
C ASN D 340 -17.97 29.64 40.16
N VAL D 341 -16.66 29.53 39.96
CA VAL D 341 -15.68 30.39 40.60
C VAL D 341 -14.79 31.00 39.53
N THR D 342 -14.64 32.32 39.57
CA THR D 342 -13.81 33.04 38.61
C THR D 342 -13.03 34.11 39.35
N TRP D 343 -11.72 33.90 39.51
CA TRP D 343 -10.87 34.87 40.15
C TRP D 343 -10.40 35.88 39.10
N ASP D 344 -9.43 36.74 39.45
CA ASP D 344 -9.17 37.93 38.64
C ASP D 344 -8.76 37.59 37.22
N GLY D 345 -7.86 36.63 37.06
CA GLY D 345 -7.39 36.28 35.73
C GLY D 345 -7.65 34.85 35.32
N LYS D 346 -7.71 33.94 36.30
CA LYS D 346 -7.82 32.53 36.03
C LYS D 346 -9.22 32.02 36.36
N ASP D 347 -9.55 30.86 35.79
CA ASP D 347 -10.82 30.18 36.04
C ASP D 347 -10.52 28.98 36.94
N LEU D 348 -10.75 29.14 38.24
CA LEU D 348 -10.44 28.12 39.23
C LEU D 348 -11.67 27.34 39.65
N SER D 349 -12.57 27.07 38.71
CA SER D 349 -13.78 26.33 39.01
C SER D 349 -13.46 24.89 39.39
N PHE D 350 -14.35 24.28 40.15
CA PHE D 350 -14.19 22.90 40.60
C PHE D 350 -15.33 22.04 40.06
N THR D 351 -15.12 20.73 40.08
CA THR D 351 -16.10 19.76 39.63
C THR D 351 -16.87 19.21 40.83
N GLU D 352 -17.82 18.31 40.54
CA GLU D 352 -18.61 17.70 41.61
C GLU D 352 -17.74 16.86 42.53
N GLU D 353 -16.80 16.10 41.97
CA GLU D 353 -15.90 15.30 42.77
C GLU D 353 -14.83 16.11 43.47
N GLY D 354 -14.68 17.38 43.13
CA GLY D 354 -13.69 18.24 43.74
C GLY D 354 -12.43 18.47 42.95
N TYR D 355 -12.33 17.91 41.74
CA TYR D 355 -11.16 18.13 40.90
C TYR D 355 -11.24 19.51 40.25
N GLN D 356 -10.08 20.12 40.05
CA GLN D 356 -10.00 21.40 39.36
C GLN D 356 -10.37 21.22 37.89
N VAL D 357 -11.22 22.11 37.37
CA VAL D 357 -11.63 22.00 35.98
C VAL D 357 -10.46 22.30 35.05
N HIS D 358 -9.59 23.24 35.44
CA HIS D 358 -8.40 23.60 34.68
C HIS D 358 -7.19 23.52 35.59
N PRO D 359 -6.71 22.33 35.91
CA PRO D 359 -5.53 22.20 36.77
C PRO D 359 -4.28 22.67 36.06
N ARG D 360 -3.31 23.13 36.85
CA ARG D 360 -2.03 23.60 36.32
C ARG D 360 -1.11 22.40 36.18
N LEU D 361 -1.21 21.71 35.05
CA LEU D 361 -0.45 20.49 34.82
C LEU D 361 0.75 20.77 33.92
N VAL D 362 1.88 20.15 34.25
CA VAL D 362 3.12 20.33 33.53
C VAL D 362 3.65 18.97 33.10
N VAL D 363 4.13 18.89 31.86
CA VAL D 363 4.72 17.69 31.30
C VAL D 363 6.23 17.86 31.31
N ILE D 364 6.91 17.00 32.06
CA ILE D 364 8.35 17.08 32.26
C ILE D 364 8.99 15.81 31.72
N VAL D 365 10.31 15.87 31.53
CA VAL D 365 11.08 14.75 31.01
C VAL D 365 12.38 14.65 31.81
N LEU D 366 12.95 13.44 31.81
CA LEU D 366 14.25 13.20 32.44
C LEU D 366 15.31 13.31 31.35
N ASN D 367 16.03 14.44 31.33
CA ASN D 367 16.99 14.72 30.28
C ASN D 367 18.27 13.91 30.51
N LYS D 368 19.29 14.17 29.68
CA LYS D 368 20.56 13.45 29.81
C LYS D 368 21.30 13.81 31.08
N ASP D 369 20.92 14.90 31.75
CA ASP D 369 21.56 15.32 32.99
C ASP D 369 20.96 14.66 34.23
N ARG D 370 20.04 13.72 34.03
CA ARG D 370 19.39 12.99 35.14
C ARG D 370 18.68 13.94 36.09
N GLU D 371 18.01 14.95 35.53
CA GLU D 371 17.22 15.88 36.30
C GLU D 371 15.91 16.14 35.58
N TRP D 372 14.88 16.46 36.34
CA TRP D 372 13.55 16.73 35.77
C TRP D 372 13.53 18.12 35.16
N GLU D 373 13.23 18.20 33.86
CA GLU D 373 13.19 19.45 33.13
C GLU D 373 11.79 19.66 32.56
N LYS D 374 11.21 20.82 32.84
CA LYS D 374 9.88 21.14 32.34
C LYS D 374 9.90 21.28 30.83
N VAL D 375 8.88 20.72 30.18
CA VAL D 375 8.80 20.73 28.72
C VAL D 375 7.53 21.42 28.26
N GLY D 376 6.37 20.89 28.67
CA GLY D 376 5.10 21.39 28.17
C GLY D 376 4.16 21.74 29.32
N LYS D 377 3.10 22.45 28.97
CA LYS D 377 2.11 22.86 29.95
C LYS D 377 0.70 22.65 29.41
N TRP D 378 -0.25 22.47 30.32
CA TRP D 378 -1.64 22.17 29.97
C TRP D 378 -2.56 23.06 30.81
N GLU D 379 -3.13 24.09 30.17
CA GLU D 379 -4.12 24.95 30.80
C GLU D 379 -5.19 25.27 29.78
N ASN D 380 -6.43 25.49 30.25
CA ASN D 380 -7.54 25.92 29.40
C ASN D 380 -7.80 24.88 28.30
N GLN D 381 -7.53 23.62 28.66
CA GLN D 381 -7.66 22.49 27.73
C GLN D 381 -6.81 22.70 26.48
N THR D 382 -5.70 23.44 26.63
CA THR D 382 -4.76 23.69 25.55
C THR D 382 -3.39 23.21 26.01
N LEU D 383 -2.77 22.36 25.20
CA LEU D 383 -1.48 21.77 25.52
C LEU D 383 -0.42 22.44 24.65
N SER D 384 0.54 23.12 25.28
CA SER D 384 1.61 23.78 24.56
C SER D 384 2.94 23.14 24.96
N LEU D 385 3.69 22.68 23.97
CA LEU D 385 4.97 22.00 24.18
C LEU D 385 6.11 22.88 23.67
N ARG D 386 7.21 22.91 24.42
CA ARG D 386 8.38 23.66 23.98
C ARG D 386 8.99 23.05 22.72
N HIS D 387 9.04 21.73 22.64
CA HIS D 387 9.61 21.03 21.50
C HIS D 387 8.47 20.52 20.62
N ALA D 388 8.34 21.10 19.42
CA ALA D 388 7.32 20.64 18.49
C ALA D 388 7.60 19.21 18.04
N VAL D 389 8.86 18.89 17.78
CA VAL D 389 9.29 17.53 17.44
C VAL D 389 10.01 16.95 18.64
N TRP D 390 9.71 15.70 18.96
CA TRP D 390 10.30 15.07 20.13
C TRP D 390 11.77 14.75 19.87
N PRO D 391 12.70 15.30 20.64
CA PRO D 391 14.10 14.96 20.43
C PRO D 391 14.41 13.56 20.94
N ARG D 392 15.37 12.91 20.29
CA ARG D 392 15.79 11.59 20.72
C ARG D 392 16.66 11.71 21.97
N TYR D 393 16.34 10.90 22.98
CA TYR D 393 17.05 10.92 24.25
C TYR D 393 17.76 9.59 24.45
N LYS D 394 19.04 9.66 24.82
CA LYS D 394 19.82 8.46 25.09
C LYS D 394 19.34 7.85 26.40
N SER D 395 18.69 6.69 26.30
CA SER D 395 18.11 6.05 27.49
C SER D 395 19.19 5.69 28.50
N PHE D 396 20.31 5.14 28.03
CA PHE D 396 21.38 4.73 28.92
C PHE D 396 22.71 4.89 28.19
N SER D 397 23.80 4.81 28.95
CA SER D 397 25.13 4.96 28.36
C SER D 397 25.46 3.82 27.41
N ASP D 398 24.91 2.63 27.63
CA ASP D 398 25.19 1.47 26.81
C ASP D 398 24.16 1.25 25.71
N CYS D 399 23.23 2.18 25.52
CA CYS D 399 22.20 2.02 24.49
C CYS D 399 22.82 2.08 23.10
N GLU D 400 22.23 1.32 22.18
CA GLU D 400 22.74 1.27 20.82
C GLU D 400 22.55 2.63 20.13
N PRO D 401 23.56 3.11 19.40
CA PRO D 401 23.47 4.45 18.82
C PRO D 401 22.40 4.54 17.74
N ASP D 402 21.83 5.74 17.60
CA ASP D 402 20.72 5.97 16.68
C ASP D 402 21.25 6.00 15.25
N ASP D 403 20.72 5.14 14.39
CA ASP D 403 21.12 5.06 13.00
C ASP D 403 19.96 5.11 12.02
N ASN D 404 18.81 4.51 12.34
CA ASN D 404 17.67 4.45 11.44
C ASN D 404 16.78 5.68 11.52
N HIS D 405 17.08 6.62 12.40
CA HIS D 405 16.27 7.83 12.57
C HIS D 405 17.00 8.98 11.88
N LEU D 406 16.30 9.65 10.97
CA LEU D 406 16.92 10.63 10.08
C LEU D 406 16.15 11.95 10.12
N SER D 407 16.88 13.04 9.90
CA SER D 407 16.30 14.37 9.77
C SER D 407 16.36 14.78 8.30
N ILE D 408 15.20 15.15 7.75
CA ILE D 408 15.05 15.42 6.33
C ILE D 408 14.49 16.82 6.14
N VAL D 409 15.10 17.59 5.25
CA VAL D 409 14.62 18.93 4.91
C VAL D 409 13.79 18.84 3.64
N THR D 410 12.76 19.67 3.56
CA THR D 410 11.83 19.64 2.43
C THR D 410 11.21 21.02 2.27
N LEU D 411 11.11 21.48 1.02
CA LEU D 411 10.61 22.80 0.70
C LEU D 411 9.27 22.67 -0.03
N GLU D 412 8.37 23.61 0.23
CA GLU D 412 7.02 23.55 -0.35
C GLU D 412 7.07 23.89 -1.83
N GLU D 413 6.71 22.92 -2.67
CA GLU D 413 6.60 23.11 -4.11
C GLU D 413 5.26 22.56 -4.56
N ALA D 414 4.49 23.37 -5.29
CA ALA D 414 3.10 23.06 -5.58
C ALA D 414 2.88 21.68 -6.21
N PRO D 415 3.63 21.25 -7.24
CA PRO D 415 3.37 19.91 -7.78
C PRO D 415 3.91 18.79 -6.92
N PHE D 416 4.93 19.08 -6.11
CA PHE D 416 5.66 18.05 -5.39
C PHE D 416 5.43 18.05 -3.89
N VAL D 417 5.42 19.20 -3.24
CA VAL D 417 5.33 19.29 -1.78
C VAL D 417 4.27 20.32 -1.43
N ILE D 418 3.11 19.86 -0.98
CA ILE D 418 2.01 20.73 -0.55
C ILE D 418 1.96 20.72 0.97
N VAL D 419 2.02 21.90 1.57
CA VAL D 419 1.98 22.07 3.01
C VAL D 419 0.61 22.61 3.40
N GLU D 420 -0.05 21.96 4.36
CA GLU D 420 -1.39 22.32 4.74
C GLU D 420 -1.53 22.27 6.25
N ASP D 421 -2.51 23.01 6.77
CA ASP D 421 -2.67 23.19 8.21
C ASP D 421 -3.13 21.87 8.84
N ILE D 422 -3.21 21.84 10.17
CA ILE D 422 -3.71 20.66 10.86
C ILE D 422 -5.20 20.50 10.57
N ASP D 423 -5.63 19.26 10.42
CA ASP D 423 -7.04 18.98 10.14
C ASP D 423 -7.91 19.46 11.29
N PRO D 424 -8.88 20.34 11.05
CA PRO D 424 -9.75 20.78 12.16
C PRO D 424 -10.56 19.68 12.80
N LEU D 425 -10.86 18.60 12.06
CA LEU D 425 -11.70 17.54 12.60
C LEU D 425 -10.91 16.59 13.48
N THR D 426 -9.90 15.93 12.91
CA THR D 426 -9.13 14.93 13.64
C THR D 426 -8.03 15.55 14.51
N GLU D 427 -7.74 16.84 14.34
CA GLU D 427 -6.68 17.53 15.08
C GLU D 427 -5.32 16.83 14.91
N THR D 428 -5.12 16.22 13.75
CA THR D 428 -3.88 15.53 13.44
C THR D 428 -3.76 15.41 11.92
N CYS D 429 -2.57 15.03 11.47
CA CYS D 429 -2.34 14.89 10.03
C CYS D 429 -3.23 13.81 9.44
N VAL D 430 -3.87 14.14 8.32
CA VAL D 430 -4.75 13.23 7.61
C VAL D 430 -3.92 12.17 6.90
N ARG D 431 -4.60 11.16 6.37
CA ARG D 431 -3.96 10.11 5.58
C ARG D 431 -3.17 10.69 4.41
N ASN D 432 -2.26 9.88 3.85
CA ASN D 432 -1.38 10.25 2.73
C ASN D 432 -0.63 11.55 2.98
N THR D 433 -0.48 11.95 4.24
CA THR D 433 0.29 13.13 4.62
C THR D 433 1.21 12.75 5.77
N VAL D 434 2.28 13.53 5.93
CA VAL D 434 3.25 13.27 6.99
C VAL D 434 3.42 14.53 7.84
N PRO D 435 3.75 14.40 9.12
CA PRO D 435 4.01 15.60 9.93
C PRO D 435 5.25 16.32 9.44
N CYS D 436 5.23 17.65 9.58
CA CYS D 436 6.37 18.47 9.19
C CYS D 436 6.31 19.78 9.95
N ARG D 437 7.38 20.12 10.66
CA ARG D 437 7.43 21.32 11.47
C ARG D 437 8.05 22.47 10.68
N LYS D 438 7.33 23.57 10.58
CA LYS D 438 7.80 24.78 9.91
C LYS D 438 8.17 25.81 10.95
N PHE D 439 9.36 26.37 10.85
CA PHE D 439 9.85 27.38 11.79
C PHE D 439 9.30 28.74 11.36
N VAL D 440 8.16 29.11 11.94
CA VAL D 440 7.49 30.37 11.61
C VAL D 440 7.67 31.32 12.78
N LYS D 441 8.02 32.57 12.47
CA LYS D 441 8.18 33.58 13.51
C LYS D 441 6.87 34.33 13.71
N ILE D 442 6.78 35.02 14.86
CA ILE D 442 5.62 35.87 15.11
C ILE D 442 5.57 36.99 14.09
N ASN D 443 6.71 37.64 13.85
CA ASN D 443 6.86 38.59 12.75
C ASN D 443 8.34 38.79 12.49
N ASN D 444 8.66 39.58 11.46
CA ASN D 444 10.04 39.84 11.11
C ASN D 444 10.75 40.64 12.20
N SER D 445 9.99 41.32 13.06
CA SER D 445 10.60 42.11 14.12
C SER D 445 11.38 41.24 15.09
N THR D 446 10.76 40.17 15.60
CA THR D 446 11.44 39.28 16.54
C THR D 446 12.46 38.41 15.80
N ASN D 447 13.53 38.06 16.51
CA ASN D 447 14.61 37.25 15.95
C ASN D 447 14.48 35.78 16.32
N GLU D 448 13.26 35.33 16.61
CA GLU D 448 13.04 33.92 16.96
C GLU D 448 11.62 33.55 16.56
N GLY D 449 11.38 32.25 16.44
CA GLY D 449 10.09 31.74 16.06
C GLY D 449 9.82 30.40 16.67
N MET D 450 8.64 29.86 16.39
CA MET D 450 8.20 28.57 16.91
C MET D 450 7.98 27.62 15.74
N ASN D 451 8.09 26.32 16.03
CA ASN D 451 7.87 25.28 15.03
C ASN D 451 6.41 24.86 15.08
N VAL D 452 5.67 25.15 14.01
CA VAL D 452 4.28 24.75 13.88
C VAL D 452 4.23 23.45 13.10
N LYS D 453 3.53 22.45 13.63
CA LYS D 453 3.47 21.12 13.03
C LYS D 453 2.34 21.09 12.02
N LYS D 454 2.67 21.31 10.75
CA LYS D 454 1.71 21.19 9.66
C LYS D 454 1.84 19.81 9.02
N CYS D 455 1.07 19.57 7.96
CA CYS D 455 1.06 18.30 7.27
C CYS D 455 1.54 18.50 5.83
N CYS D 456 2.51 17.69 5.43
CA CYS D 456 3.12 17.78 4.11
C CYS D 456 2.73 16.58 3.28
N LYS D 457 2.35 16.82 2.03
CA LYS D 457 1.94 15.76 1.11
C LYS D 457 2.50 16.09 -0.27
N GLY D 458 2.10 15.32 -1.27
CA GLY D 458 2.49 15.54 -2.65
C GLY D 458 3.32 14.42 -3.20
N PHE D 459 3.92 14.69 -4.36
CA PHE D 459 4.73 13.67 -5.04
C PHE D 459 5.96 13.29 -4.23
N CYS D 460 6.74 14.30 -3.81
CA CYS D 460 7.98 14.00 -3.09
C CYS D 460 7.70 13.39 -1.73
N ILE D 461 6.62 13.80 -1.06
CA ILE D 461 6.26 13.19 0.21
C ILE D 461 5.92 11.72 0.03
N ASP D 462 5.18 11.40 -1.03
CA ASP D 462 4.87 10.00 -1.31
C ASP D 462 6.12 9.21 -1.64
N ILE D 463 7.06 9.80 -2.37
CA ILE D 463 8.32 9.14 -2.66
C ILE D 463 9.08 8.86 -1.37
N LEU D 464 9.10 9.84 -0.46
CA LEU D 464 9.77 9.66 0.83
C LEU D 464 9.11 8.55 1.63
N LYS D 465 7.78 8.48 1.61
CA LYS D 465 7.07 7.42 2.31
C LYS D 465 7.42 6.06 1.73
N LYS D 466 7.50 5.97 0.40
CA LYS D 466 7.87 4.71 -0.25
C LYS D 466 9.29 4.32 0.12
N LEU D 467 10.20 5.28 0.16
CA LEU D 467 11.58 4.99 0.57
C LEU D 467 11.63 4.51 2.01
N SER D 468 10.82 5.10 2.88
CA SER D 468 10.75 4.61 4.26
C SER D 468 10.21 3.19 4.31
N ARG D 469 9.18 2.90 3.52
CA ARG D 469 8.59 1.57 3.50
C ARG D 469 9.56 0.53 2.94
N THR D 470 10.48 0.94 2.09
CA THR D 470 11.44 0.01 1.49
C THR D 470 12.68 -0.18 2.38
N VAL D 471 13.33 0.93 2.75
CA VAL D 471 14.63 0.85 3.44
C VAL D 471 14.49 0.64 4.94
N LYS D 472 13.27 0.78 5.50
CA LYS D 472 13.03 0.61 6.93
C LYS D 472 13.84 1.62 7.75
N PHE D 473 13.50 2.89 7.54
CA PHE D 473 14.07 3.98 8.32
C PHE D 473 12.98 4.98 8.68
N THR D 474 13.17 5.67 9.79
CA THR D 474 12.25 6.69 10.27
C THR D 474 12.80 8.07 9.97
N TYR D 475 11.90 9.05 9.85
CA TYR D 475 12.26 10.39 9.40
C TYR D 475 11.58 11.43 10.27
N ASP D 476 12.26 12.57 10.43
CA ASP D 476 11.70 13.78 11.03
C ASP D 476 11.80 14.88 9.97
N LEU D 477 10.80 14.96 9.11
CA LEU D 477 10.81 15.93 8.03
C LEU D 477 10.46 17.31 8.56
N TYR D 478 11.27 18.31 8.20
CA TYR D 478 11.05 19.67 8.66
C TYR D 478 11.42 20.64 7.55
N LEU D 479 10.62 21.69 7.42
CA LEU D 479 10.82 22.67 6.35
C LEU D 479 12.05 23.53 6.63
N VAL D 480 12.62 24.06 5.56
CA VAL D 480 13.80 24.93 5.65
C VAL D 480 13.34 26.38 5.59
N THR D 481 14.02 27.23 6.37
CA THR D 481 13.69 28.65 6.43
C THR D 481 14.88 29.56 6.15
N ASN D 482 16.08 29.00 5.94
CA ASN D 482 17.26 29.82 5.72
C ASN D 482 17.35 30.30 4.29
N GLY D 483 17.43 29.37 3.34
CA GLY D 483 17.59 29.73 1.95
C GLY D 483 16.41 29.33 1.07
N LYS D 484 16.68 29.12 -0.23
CA LYS D 484 15.64 28.76 -1.18
C LYS D 484 16.30 27.94 -2.29
N HIS D 485 16.19 26.61 -2.19
CA HIS D 485 16.68 25.63 -3.15
C HIS D 485 18.20 25.59 -3.24
N GLY D 486 18.92 26.42 -2.48
CA GLY D 486 20.36 26.34 -2.47
C GLY D 486 21.08 27.34 -3.35
N LYS D 487 21.99 28.11 -2.78
CA LYS D 487 22.83 29.03 -3.53
C LYS D 487 24.06 29.36 -2.70
N LYS D 488 25.23 29.34 -3.35
CA LYS D 488 26.50 29.62 -2.68
C LYS D 488 26.72 31.13 -2.68
N VAL D 489 26.58 31.73 -1.51
CA VAL D 489 26.84 33.15 -1.32
C VAL D 489 27.92 33.30 -0.26
N ASN D 490 28.94 34.13 -0.56
CA ASN D 490 30.08 34.33 0.33
C ASN D 490 30.74 33.00 0.70
N ASN D 491 30.82 32.10 -0.27
CA ASN D 491 31.35 30.75 -0.09
C ASN D 491 30.58 29.96 0.98
N VAL D 492 29.32 30.32 1.20
CA VAL D 492 28.48 29.66 2.20
C VAL D 492 27.18 29.25 1.50
N TRP D 493 26.84 27.97 1.63
CA TRP D 493 25.63 27.44 1.01
C TRP D 493 24.44 27.62 1.94
N ASN D 494 23.28 27.90 1.35
CA ASN D 494 22.02 27.98 2.06
C ASN D 494 21.03 26.98 1.48
N GLY D 495 19.80 27.01 1.98
CA GLY D 495 18.77 26.14 1.44
C GLY D 495 19.09 24.68 1.70
N MET D 496 18.68 23.83 0.76
CA MET D 496 18.88 22.38 0.91
C MET D 496 20.36 22.04 0.94
N ILE D 497 21.13 22.63 0.03
CA ILE D 497 22.56 22.33 -0.03
C ILE D 497 23.25 22.75 1.25
N GLY D 498 22.91 23.94 1.76
CA GLY D 498 23.50 24.40 3.01
C GLY D 498 23.13 23.51 4.18
N GLU D 499 21.85 23.12 4.26
CA GLU D 499 21.42 22.26 5.36
C GLU D 499 22.11 20.91 5.31
N VAL D 500 22.26 20.34 4.13
CA VAL D 500 22.88 19.03 4.00
C VAL D 500 24.38 19.11 4.30
N VAL D 501 25.05 20.12 3.75
CA VAL D 501 26.51 20.19 3.89
C VAL D 501 26.92 20.47 5.33
N TYR D 502 26.10 21.24 6.06
CA TYR D 502 26.42 21.59 7.44
C TYR D 502 25.92 20.56 8.45
N GLN D 503 25.65 19.34 8.00
CA GLN D 503 25.30 18.20 8.86
C GLN D 503 24.02 18.43 9.64
N ARG D 504 23.18 19.37 9.22
CA ARG D 504 21.90 19.57 9.88
C ARG D 504 20.82 18.62 9.37
N ALA D 505 21.09 17.90 8.28
CA ALA D 505 20.15 16.91 7.76
C ALA D 505 20.94 15.85 7.01
N VAL D 506 20.30 14.70 6.81
CA VAL D 506 20.97 13.58 6.16
C VAL D 506 20.61 13.56 4.68
N MET D 507 19.47 14.15 4.32
CA MET D 507 19.05 14.18 2.93
C MET D 507 18.08 15.34 2.72
N ALA D 508 17.90 15.70 1.45
CA ALA D 508 17.02 16.80 1.05
C ALA D 508 16.07 16.27 -0.02
N VAL D 509 14.90 15.83 0.41
CA VAL D 509 13.87 15.33 -0.50
C VAL D 509 12.98 16.49 -0.92
N GLY D 510 12.88 16.73 -2.22
CA GLY D 510 12.07 17.82 -2.72
C GLY D 510 12.40 18.10 -4.17
N SER D 511 11.99 19.28 -4.62
CA SER D 511 12.24 19.71 -6.01
C SER D 511 13.62 20.34 -6.13
N LEU D 512 14.64 19.54 -5.82
CA LEU D 512 16.03 19.98 -5.87
C LEU D 512 16.63 19.56 -7.21
N THR D 513 17.00 20.54 -8.02
CA THR D 513 17.55 20.27 -9.34
C THR D 513 19.03 19.92 -9.25
N ILE D 514 19.42 18.89 -10.00
CA ILE D 514 20.82 18.47 -10.02
C ILE D 514 21.64 19.51 -10.77
N ASN D 515 22.74 19.95 -10.15
CA ASN D 515 23.60 20.98 -10.72
C ASN D 515 25.04 20.58 -10.53
N GLU D 516 25.91 21.15 -11.37
CA GLU D 516 27.33 20.82 -11.34
C GLU D 516 27.94 21.15 -9.97
N GLU D 517 27.76 22.39 -9.50
CA GLU D 517 28.30 22.78 -8.21
C GLU D 517 27.63 22.02 -7.08
N ARG D 518 26.31 21.82 -7.18
CA ARG D 518 25.59 21.07 -6.15
C ARG D 518 26.07 19.64 -6.07
N SER D 519 26.28 19.00 -7.23
CA SER D 519 26.79 17.64 -7.24
C SER D 519 28.22 17.58 -6.72
N GLU D 520 29.02 18.61 -6.99
CA GLU D 520 30.37 18.67 -6.45
C GLU D 520 30.34 18.76 -4.93
N VAL D 521 29.47 19.60 -4.38
CA VAL D 521 29.45 19.82 -2.94
C VAL D 521 28.88 18.62 -2.20
N VAL D 522 27.74 18.11 -2.66
CA VAL D 522 27.06 17.01 -1.98
C VAL D 522 26.74 15.92 -2.99
N ASP D 523 26.60 14.70 -2.48
CA ASP D 523 26.31 13.57 -3.35
C ASP D 523 24.84 13.57 -3.74
N PHE D 524 24.55 13.02 -4.91
CA PHE D 524 23.19 12.98 -5.45
C PHE D 524 22.80 11.54 -5.79
N SER D 525 21.49 11.30 -5.75
CA SER D 525 20.93 10.00 -6.08
C SER D 525 20.56 9.95 -7.57
N VAL D 526 20.04 8.82 -7.99
CA VAL D 526 19.61 8.67 -9.39
C VAL D 526 18.36 9.51 -9.62
N PRO D 527 18.33 10.36 -10.64
CA PRO D 527 17.12 11.16 -10.90
C PRO D 527 15.92 10.29 -11.21
N PHE D 528 14.75 10.73 -10.75
CA PHE D 528 13.51 9.99 -10.93
C PHE D 528 12.53 10.70 -11.85
N VAL D 529 12.86 11.88 -12.36
CA VAL D 529 11.98 12.62 -13.25
C VAL D 529 12.84 13.59 -14.06
N GLU D 530 12.50 13.73 -15.34
CA GLU D 530 13.26 14.60 -16.25
C GLU D 530 12.77 16.03 -16.06
N THR D 531 13.63 16.89 -15.50
CA THR D 531 13.28 18.27 -15.20
C THR D 531 14.39 19.19 -15.69
N GLY D 532 14.21 19.75 -16.89
CA GLY D 532 15.11 20.73 -17.44
C GLY D 532 14.60 22.14 -17.24
N ILE D 533 15.08 23.04 -18.10
CA ILE D 533 14.63 24.43 -18.11
C ILE D 533 13.79 24.65 -19.37
N SER D 534 12.71 25.40 -19.22
CA SER D 534 11.77 25.62 -20.31
C SER D 534 11.20 27.01 -20.20
N VAL D 535 10.52 27.43 -21.27
CA VAL D 535 9.96 28.77 -21.37
C VAL D 535 8.45 28.67 -21.43
N MET D 536 7.77 29.43 -20.58
CA MET D 536 6.32 29.49 -20.51
C MET D 536 5.87 30.78 -21.18
N VAL D 537 4.95 30.68 -22.14
CA VAL D 537 4.49 31.83 -22.89
C VAL D 537 2.96 31.81 -22.97
N SER D 538 2.38 33.00 -23.01
CA SER D 538 0.93 33.12 -23.14
C SER D 538 0.51 32.74 -24.56
N ARG D 539 -0.58 31.97 -24.66
CA ARG D 539 -1.08 31.57 -25.97
C ARG D 539 -1.63 32.78 -26.71
N SER D 540 -1.36 32.84 -28.02
CA SER D 540 -1.77 33.97 -28.83
C SER D 540 -3.30 34.07 -28.90
N ASN D 541 -3.80 35.30 -29.05
CA ASN D 541 -5.24 35.51 -29.18
C ASN D 541 -5.81 34.72 -30.36
N GLY D 542 -5.19 34.88 -31.53
CA GLY D 542 -5.64 34.17 -32.71
C GLY D 542 -4.61 33.20 -33.25
N THR D 543 -4.93 31.91 -33.22
CA THR D 543 -4.02 30.92 -33.75
C THR D 543 -3.92 31.03 -35.26
N VAL D 544 -2.81 30.51 -35.80
CA VAL D 544 -2.56 30.60 -37.24
C VAL D 544 -3.61 29.79 -37.99
N SER D 545 -4.15 30.39 -39.04
CA SER D 545 -5.19 29.74 -39.84
C SER D 545 -4.55 28.95 -40.98
N PRO D 546 -4.81 27.65 -41.10
CA PRO D 546 -4.28 26.88 -42.23
C PRO D 546 -4.80 27.44 -43.55
N SER D 547 -3.98 27.31 -44.59
CA SER D 547 -4.30 27.92 -45.88
C SER D 547 -5.60 27.38 -46.44
N ALA D 548 -6.39 28.29 -47.01
CA ALA D 548 -7.67 27.91 -47.61
C ALA D 548 -7.47 27.54 -49.08
N PHE D 549 -8.26 26.57 -49.54
CA PHE D 549 -8.32 26.08 -50.92
C PHE D 549 -6.97 25.71 -51.50
N LEU D 550 -5.93 25.53 -50.67
CA LEU D 550 -4.67 24.98 -51.13
C LEU D 550 -4.55 23.49 -50.80
N GLU D 551 -4.82 23.11 -49.55
CA GLU D 551 -4.89 21.70 -49.20
C GLU D 551 -5.97 20.94 -49.97
N PRO D 552 -7.18 21.47 -50.19
CA PRO D 552 -8.20 20.68 -50.90
C PRO D 552 -7.78 20.14 -52.26
N PHE D 553 -7.08 20.93 -53.07
CA PHE D 553 -6.63 20.50 -54.39
C PHE D 553 -5.18 20.91 -54.60
N SER D 554 -4.39 19.99 -55.14
CA SER D 554 -2.98 20.29 -55.44
C SER D 554 -2.88 21.27 -56.60
N ALA D 555 -1.89 22.17 -56.52
CA ALA D 555 -1.74 23.21 -57.52
C ALA D 555 -1.47 22.62 -58.91
N SER D 556 -0.68 21.55 -58.97
CA SER D 556 -0.49 20.86 -60.25
C SER D 556 -1.81 20.34 -60.78
N VAL D 557 -2.64 19.76 -59.90
CA VAL D 557 -3.98 19.34 -60.31
C VAL D 557 -4.78 20.54 -60.79
N TRP D 558 -4.74 21.64 -60.01
CA TRP D 558 -5.42 22.87 -60.40
C TRP D 558 -5.14 23.22 -61.86
N VAL D 559 -3.85 23.43 -62.18
CA VAL D 559 -3.49 23.91 -63.50
C VAL D 559 -3.80 22.86 -64.57
N MET D 560 -3.54 21.57 -64.27
CA MET D 560 -3.73 20.55 -65.31
C MET D 560 -5.20 20.40 -65.67
N MET D 561 -6.09 20.29 -64.69
CA MET D 561 -7.50 20.12 -65.00
C MET D 561 -8.23 21.44 -65.19
N PHE D 562 -7.53 22.58 -65.15
CA PHE D 562 -8.09 23.81 -65.69
C PHE D 562 -7.53 24.18 -67.07
N VAL D 563 -6.49 23.49 -67.54
CA VAL D 563 -5.95 23.85 -68.85
C VAL D 563 -6.04 22.69 -69.84
N MET D 564 -5.33 21.59 -69.56
CA MET D 564 -5.13 20.60 -70.62
C MET D 564 -6.39 19.76 -70.86
N LEU D 565 -7.09 19.38 -69.79
CA LEU D 565 -8.32 18.63 -69.96
C LEU D 565 -9.36 19.44 -70.74
N LEU D 566 -9.49 20.72 -70.39
CA LEU D 566 -10.43 21.59 -71.11
C LEU D 566 -10.03 21.75 -72.57
N ILE D 567 -8.74 21.93 -72.86
CA ILE D 567 -8.31 22.09 -74.25
C ILE D 567 -8.62 20.84 -75.05
N VAL D 568 -8.28 19.67 -74.49
CA VAL D 568 -8.52 18.41 -75.19
C VAL D 568 -10.01 18.19 -75.41
N SER D 569 -10.82 18.46 -74.39
CA SER D 569 -12.26 18.30 -74.53
C SER D 569 -12.84 19.26 -75.55
N ALA D 570 -12.32 20.50 -75.61
CA ALA D 570 -12.80 21.45 -76.61
C ALA D 570 -12.48 20.97 -78.02
N ILE D 571 -11.26 20.47 -78.23
CA ILE D 571 -10.92 19.91 -79.53
C ILE D 571 -11.81 18.71 -79.86
N ALA D 572 -12.12 17.90 -78.85
CA ALA D 572 -12.97 16.73 -79.08
C ALA D 572 -14.40 17.12 -79.44
N VAL D 573 -14.94 18.17 -78.81
CA VAL D 573 -16.33 18.52 -79.04
C VAL D 573 -16.48 19.32 -80.32
N PHE D 574 -15.46 20.09 -80.70
CA PHE D 574 -15.58 20.89 -81.92
C PHE D 574 -15.65 20.01 -83.15
N VAL D 575 -14.88 18.92 -83.21
CA VAL D 575 -14.95 18.03 -84.35
C VAL D 575 -16.30 17.31 -84.37
N PHE D 576 -16.86 16.99 -83.20
CA PHE D 576 -18.18 16.39 -83.15
C PHE D 576 -19.24 17.34 -83.69
N GLU D 577 -19.17 18.60 -83.30
CA GLU D 577 -20.13 19.59 -83.80
C GLU D 577 -19.96 19.83 -85.30
N TYR D 578 -18.71 19.87 -85.77
CA TYR D 578 -18.45 20.15 -87.18
C TYR D 578 -18.98 19.03 -88.07
N PHE D 579 -18.77 17.78 -87.66
CA PHE D 579 -19.24 16.64 -88.45
C PHE D 579 -20.68 16.28 -88.09
N PHE D 599 -20.32 24.40 -83.54
CA PHE D 599 -20.11 25.05 -84.83
C PHE D 599 -18.89 25.96 -84.77
N THR D 600 -18.64 26.54 -83.58
CA THR D 600 -17.52 27.42 -83.36
C THR D 600 -16.69 26.92 -82.18
N ILE D 601 -15.38 27.06 -82.28
CA ILE D 601 -14.49 26.67 -81.18
C ILE D 601 -14.80 27.50 -79.94
N GLY D 602 -14.95 28.81 -80.11
CA GLY D 602 -15.14 29.68 -78.96
C GLY D 602 -16.44 29.40 -78.23
N LYS D 603 -17.53 29.23 -78.97
CA LYS D 603 -18.83 28.97 -78.34
C LYS D 603 -18.83 27.64 -77.60
N ALA D 604 -18.22 26.60 -78.20
CA ALA D 604 -18.12 25.32 -77.51
C ALA D 604 -17.29 25.44 -76.25
N ILE D 605 -16.18 26.18 -76.32
CA ILE D 605 -15.33 26.39 -75.14
C ILE D 605 -16.11 27.10 -74.05
N TRP D 606 -16.87 28.14 -74.42
CA TRP D 606 -17.65 28.87 -73.43
C TRP D 606 -18.74 27.98 -72.82
N LEU D 607 -19.40 27.17 -73.64
CA LEU D 607 -20.43 26.28 -73.10
C LEU D 607 -19.83 25.29 -72.12
N LEU D 608 -18.73 24.65 -72.50
CA LEU D 608 -18.12 23.66 -71.61
C LEU D 608 -17.62 24.31 -70.33
N TRP D 609 -17.00 25.48 -70.44
CA TRP D 609 -16.52 26.17 -69.24
C TRP D 609 -17.67 26.58 -68.34
N GLY D 610 -18.78 27.03 -68.93
CA GLY D 610 -19.93 27.39 -68.12
C GLY D 610 -20.52 26.21 -67.39
N LEU D 611 -20.60 25.06 -68.06
CA LEU D 611 -21.16 23.88 -67.40
C LEU D 611 -20.13 23.14 -66.55
N VAL D 612 -18.85 23.56 -66.56
CA VAL D 612 -17.88 23.03 -65.60
C VAL D 612 -18.36 23.27 -64.17
N PHE D 613 -18.58 24.53 -63.81
CA PHE D 613 -18.82 24.84 -62.40
C PHE D 613 -20.27 24.58 -62.00
N ASN D 614 -21.22 25.27 -62.60
CA ASN D 614 -22.61 25.21 -62.17
C ASN D 614 -23.49 25.83 -63.26
N ASN D 615 -24.76 26.00 -62.94
CA ASN D 615 -25.70 26.58 -63.89
C ASN D 615 -25.41 28.05 -64.11
N SER D 616 -25.64 28.49 -65.34
CA SER D 616 -25.46 29.90 -65.71
C SER D 616 -26.57 30.25 -66.70
N VAL D 617 -26.41 31.39 -67.37
CA VAL D 617 -27.37 31.74 -68.42
C VAL D 617 -27.25 30.73 -69.55
N PRO D 618 -28.37 30.19 -70.06
CA PRO D 618 -28.29 29.15 -71.09
C PRO D 618 -27.54 29.63 -72.33
N VAL D 619 -26.67 28.76 -72.83
CA VAL D 619 -25.94 28.99 -74.07
C VAL D 619 -26.44 27.97 -75.08
N GLN D 620 -26.26 28.28 -76.36
CA GLN D 620 -26.75 27.40 -77.41
C GLN D 620 -26.17 25.99 -77.23
N ASN D 621 -27.06 25.00 -77.23
CA ASN D 621 -26.65 23.63 -77.00
C ASN D 621 -26.09 23.01 -78.28
N PRO D 622 -25.19 22.04 -78.16
CA PRO D 622 -24.67 21.37 -79.36
C PRO D 622 -25.79 20.65 -80.11
N LYS D 623 -25.69 20.67 -81.43
CA LYS D 623 -26.69 20.05 -82.29
C LYS D 623 -26.35 18.61 -82.66
N GLY D 624 -25.27 18.07 -82.14
CA GLY D 624 -24.87 16.68 -82.39
C GLY D 624 -25.12 15.83 -81.18
N THR D 625 -25.65 14.61 -81.42
CA THR D 625 -25.96 13.71 -80.31
C THR D 625 -24.70 13.27 -79.57
N THR D 626 -23.62 12.98 -80.31
CA THR D 626 -22.38 12.59 -79.67
C THR D 626 -21.80 13.73 -78.83
N SER D 627 -21.95 14.97 -79.32
CA SER D 627 -21.52 16.12 -78.52
C SER D 627 -22.36 16.26 -77.26
N LYS D 628 -23.66 15.97 -77.35
CA LYS D 628 -24.51 15.97 -76.16
C LYS D 628 -24.06 14.91 -75.17
N ILE D 629 -23.70 13.72 -75.66
CA ILE D 629 -23.17 12.68 -74.78
C ILE D 629 -21.89 13.16 -74.12
N MET D 630 -21.01 13.81 -74.87
CA MET D 630 -19.75 14.30 -74.33
C MET D 630 -19.99 15.34 -73.24
N VAL D 631 -20.89 16.30 -73.49
CA VAL D 631 -21.12 17.32 -72.49
C VAL D 631 -21.83 16.73 -71.27
N SER D 632 -22.64 15.69 -71.45
CA SER D 632 -23.27 15.05 -70.30
C SER D 632 -22.25 14.31 -69.44
N VAL D 633 -21.36 13.55 -70.07
CA VAL D 633 -20.34 12.85 -69.29
C VAL D 633 -19.34 13.83 -68.68
N TRP D 634 -19.18 15.00 -69.28
CA TRP D 634 -18.41 16.06 -68.61
C TRP D 634 -19.17 16.64 -67.41
N ALA D 635 -20.48 16.84 -67.56
CA ALA D 635 -21.26 17.40 -66.45
C ALA D 635 -21.33 16.44 -65.27
N PHE D 636 -21.22 15.12 -65.52
CA PHE D 636 -21.11 14.18 -64.41
C PHE D 636 -19.85 14.45 -63.61
N PHE D 637 -18.71 14.64 -64.30
CA PHE D 637 -17.49 15.04 -63.62
C PHE D 637 -17.65 16.40 -62.97
N ALA D 638 -18.48 17.28 -63.55
CA ALA D 638 -18.71 18.60 -62.96
C ALA D 638 -19.42 18.50 -61.62
N VAL D 639 -20.48 17.68 -61.56
CA VAL D 639 -21.21 17.55 -60.30
C VAL D 639 -20.37 16.83 -59.26
N ILE D 640 -19.57 15.85 -59.68
CA ILE D 640 -18.70 15.21 -58.70
C ILE D 640 -17.62 16.19 -58.23
N PHE D 641 -17.17 17.09 -59.10
CA PHE D 641 -16.23 18.13 -58.69
C PHE D 641 -16.86 19.05 -57.66
N LEU D 642 -18.10 19.47 -57.88
CA LEU D 642 -18.79 20.31 -56.90
C LEU D 642 -18.95 19.60 -55.56
N ALA D 643 -19.38 18.34 -55.60
CA ALA D 643 -19.58 17.60 -54.37
C ALA D 643 -18.27 17.38 -53.62
N SER D 644 -17.20 17.05 -54.35
CA SER D 644 -15.90 16.86 -53.72
C SER D 644 -15.36 18.16 -53.16
N TYR D 645 -15.59 19.28 -53.86
CA TYR D 645 -15.16 20.58 -53.35
C TYR D 645 -15.95 21.02 -52.14
N THR D 646 -17.17 20.52 -51.98
CA THR D 646 -17.87 20.73 -50.71
C THR D 646 -17.30 19.84 -49.62
N ALA D 647 -17.08 18.56 -49.92
CA ALA D 647 -16.66 17.60 -48.90
C ALA D 647 -15.27 17.91 -48.36
N ASN D 648 -14.35 18.32 -49.24
CA ASN D 648 -12.98 18.57 -48.79
C ASN D 648 -12.88 19.84 -47.94
N LEU D 649 -13.62 20.90 -48.30
CA LEU D 649 -13.69 22.05 -47.39
C LEU D 649 -14.36 21.68 -46.07
N ALA D 650 -15.37 20.79 -46.11
CA ALA D 650 -15.96 20.33 -44.86
C ALA D 650 -14.92 19.65 -43.98
N ALA D 651 -14.15 18.73 -44.58
CA ALA D 651 -13.11 18.03 -43.82
C ALA D 651 -12.05 18.98 -43.31
N PHE D 652 -11.65 19.96 -44.13
CA PHE D 652 -10.63 20.93 -43.72
C PHE D 652 -11.14 21.81 -42.59
N MET D 653 -12.44 22.13 -42.58
CA MET D 653 -13.04 22.75 -41.41
C MET D 653 -12.97 21.85 -40.19
N ILE D 654 -13.17 20.54 -40.39
CA ILE D 654 -13.09 19.61 -39.27
C ILE D 654 -11.68 19.57 -38.69
N GLN D 655 -10.65 19.71 -39.53
CA GLN D 655 -9.28 19.67 -39.04
C GLN D 655 -9.00 20.80 -38.08
N GLU D 656 -8.17 20.52 -37.08
CA GLU D 656 -7.84 21.47 -36.03
C GLU D 656 -6.69 22.38 -36.46
N GLU D 657 -6.26 23.25 -35.55
CA GLU D 657 -5.20 24.21 -35.83
C GLU D 657 -4.49 24.57 -34.53
N PHE D 658 -3.21 24.90 -34.64
CA PHE D 658 -2.40 25.26 -33.49
C PHE D 658 -1.25 26.16 -33.94
N VAL D 659 -0.67 26.88 -32.99
CA VAL D 659 0.41 27.81 -33.28
C VAL D 659 1.33 27.91 -32.06
N ASP D 660 2.59 28.21 -32.31
CA ASP D 660 3.57 28.50 -31.26
C ASP D 660 4.18 29.86 -31.53
N GLN D 661 4.20 30.72 -30.50
CA GLN D 661 4.69 32.08 -30.67
C GLN D 661 6.19 32.08 -31.02
N VAL D 662 6.99 31.40 -30.21
CA VAL D 662 8.43 31.27 -30.45
C VAL D 662 8.84 29.83 -30.20
N THR D 663 9.99 29.46 -30.77
CA THR D 663 10.53 28.12 -30.64
C THR D 663 11.99 28.19 -30.22
N GLY D 664 12.33 27.46 -29.17
CA GLY D 664 13.71 27.37 -28.72
C GLY D 664 14.14 28.56 -27.90
N LEU D 665 15.30 28.40 -27.25
CA LEU D 665 15.89 29.48 -26.45
C LEU D 665 16.86 30.32 -27.25
N SER D 666 17.43 29.79 -28.34
CA SER D 666 18.39 30.50 -29.16
C SER D 666 17.73 31.45 -30.16
N ASP D 667 16.44 31.75 -29.99
CA ASP D 667 15.76 32.68 -30.88
C ASP D 667 16.36 34.08 -30.73
N LYS D 668 16.37 34.82 -31.84
CA LYS D 668 16.91 36.17 -31.83
C LYS D 668 16.10 37.11 -30.94
N LYS D 669 14.83 36.80 -30.68
CA LYS D 669 14.06 37.60 -29.74
C LYS D 669 14.67 37.51 -28.34
N PHE D 670 15.05 36.31 -27.92
CA PHE D 670 15.76 36.16 -26.66
C PHE D 670 17.20 36.65 -26.77
N GLN D 671 17.89 36.27 -27.85
CA GLN D 671 19.33 36.55 -27.95
C GLN D 671 19.60 38.05 -27.97
N ARG D 672 18.81 38.80 -28.73
CA ARG D 672 18.95 40.25 -28.81
C ARG D 672 17.59 40.90 -28.64
N PRO D 673 17.12 41.08 -27.40
CA PRO D 673 15.85 41.78 -27.19
C PRO D 673 15.89 43.25 -27.56
N HIS D 674 17.08 43.84 -27.72
CA HIS D 674 17.18 45.28 -27.94
C HIS D 674 16.62 45.68 -29.31
N ASP D 675 16.92 44.91 -30.35
CA ASP D 675 16.55 45.31 -31.70
C ASP D 675 15.08 44.97 -32.01
N TYR D 676 14.18 45.40 -31.12
CA TYR D 676 12.74 45.26 -31.33
C TYR D 676 12.06 46.51 -30.78
N SER D 677 11.01 46.95 -31.46
CA SER D 677 10.28 48.12 -30.98
C SER D 677 9.72 47.91 -29.58
N PRO D 678 9.02 46.82 -29.26
CA PRO D 678 8.76 46.51 -27.86
C PRO D 678 9.85 45.61 -27.30
N PRO D 679 10.46 45.98 -26.19
CA PRO D 679 11.45 45.09 -25.55
C PRO D 679 10.78 43.81 -25.07
N PHE D 680 11.47 42.68 -25.28
CA PHE D 680 10.90 41.39 -24.90
C PHE D 680 11.04 41.18 -23.41
N ARG D 681 9.94 40.79 -22.76
CA ARG D 681 9.88 40.66 -21.30
C ARG D 681 10.00 39.18 -20.94
N PHE D 682 11.17 38.81 -20.39
CA PHE D 682 11.38 37.47 -19.88
C PHE D 682 12.27 37.52 -18.65
N GLY D 683 12.04 36.59 -17.72
CA GLY D 683 12.82 36.51 -16.50
C GLY D 683 12.55 35.22 -15.77
N THR D 684 13.17 35.10 -14.60
CA THR D 684 12.97 33.93 -13.75
C THR D 684 13.18 34.34 -12.30
N VAL D 685 12.72 33.49 -11.40
CA VAL D 685 12.95 33.70 -9.96
C VAL D 685 14.43 33.49 -9.67
N PRO D 686 15.07 34.36 -8.89
CA PRO D 686 16.49 34.20 -8.61
C PRO D 686 16.73 33.07 -7.60
N ASN D 687 18.00 32.87 -7.28
CA ASN D 687 18.44 31.87 -6.30
C ASN D 687 17.96 30.47 -6.68
N GLY D 688 18.01 30.15 -7.98
CA GLY D 688 17.62 28.85 -8.47
C GLY D 688 18.63 28.30 -9.45
N SER D 689 18.40 27.05 -9.86
CA SER D 689 19.28 26.41 -10.84
C SER D 689 19.17 27.08 -12.20
N THR D 690 17.97 27.52 -12.59
CA THR D 690 17.80 28.16 -13.89
C THR D 690 18.60 29.44 -14.00
N GLU D 691 18.60 30.26 -12.95
CA GLU D 691 19.37 31.50 -12.98
C GLU D 691 20.87 31.22 -13.08
N ARG D 692 21.35 30.23 -12.32
CA ARG D 692 22.77 29.90 -12.38
C ARG D 692 23.15 29.38 -13.76
N ASN D 693 22.30 28.54 -14.36
CA ASN D 693 22.58 28.03 -15.70
C ASN D 693 22.61 29.16 -16.72
N ILE D 694 21.65 30.09 -16.62
CA ILE D 694 21.62 31.22 -17.56
C ILE D 694 22.86 32.08 -17.40
N ARG D 695 23.26 32.36 -16.15
CA ARG D 695 24.44 33.17 -15.92
C ARG D 695 25.70 32.48 -16.45
N ASN D 696 25.81 31.17 -16.24
CA ASN D 696 27.01 30.45 -16.68
C ASN D 696 27.07 30.33 -18.19
N ASN D 697 25.93 30.17 -18.86
CA ASN D 697 25.91 30.02 -20.31
C ASN D 697 25.89 31.37 -21.02
N TYR D 698 24.95 32.25 -20.67
CA TYR D 698 24.76 33.53 -21.34
C TYR D 698 24.70 34.64 -20.31
N PRO D 699 25.85 35.24 -19.96
CA PRO D 699 25.82 36.34 -18.98
C PRO D 699 24.97 37.52 -19.42
N TYR D 700 24.91 37.82 -20.71
CA TYR D 700 24.12 38.94 -21.20
C TYR D 700 22.63 38.72 -20.95
N MET D 701 22.16 37.48 -21.12
CA MET D 701 20.77 37.17 -20.83
C MET D 701 20.44 37.42 -19.37
N HIS D 702 21.31 36.98 -18.45
CA HIS D 702 21.09 37.24 -17.04
C HIS D 702 21.08 38.73 -16.74
N GLN D 703 22.04 39.46 -17.31
CA GLN D 703 22.12 40.90 -17.07
C GLN D 703 20.87 41.62 -17.57
N TYR D 704 20.36 41.21 -18.74
CA TYR D 704 19.15 41.82 -19.26
C TYR D 704 17.93 41.46 -18.41
N MET D 705 17.84 40.21 -17.96
CA MET D 705 16.64 39.79 -17.25
C MET D 705 16.61 40.30 -15.81
N THR D 706 17.76 40.71 -15.27
CA THR D 706 17.73 41.30 -13.92
C THR D 706 16.77 42.47 -13.82
N ARG D 707 16.56 43.21 -14.92
CA ARG D 707 15.58 44.28 -14.92
C ARG D 707 14.17 43.73 -14.74
N PHE D 708 13.81 42.73 -15.53
CA PHE D 708 12.49 42.11 -15.46
C PHE D 708 12.49 40.89 -14.54
N ASN D 709 12.93 41.09 -13.30
CA ASN D 709 13.01 39.99 -12.34
C ASN D 709 11.62 39.65 -11.79
N GLN D 710 11.51 38.45 -11.23
CA GLN D 710 10.28 37.97 -10.61
C GLN D 710 10.53 37.63 -9.16
N ARG D 711 9.44 37.36 -8.43
CA ARG D 711 9.49 37.02 -7.02
C ARG D 711 9.11 35.58 -6.73
N GLY D 712 8.02 35.10 -7.31
CA GLY D 712 7.57 33.74 -7.07
C GLY D 712 6.91 33.17 -8.30
N VAL D 713 6.58 31.88 -8.22
CA VAL D 713 5.96 31.19 -9.34
C VAL D 713 4.59 31.78 -9.64
N GLU D 714 3.75 31.93 -8.61
CA GLU D 714 2.42 32.48 -8.81
C GLU D 714 2.48 33.91 -9.32
N ASP D 715 3.45 34.69 -8.84
CA ASP D 715 3.64 36.03 -9.35
C ASP D 715 3.95 36.03 -10.84
N ALA D 716 4.82 35.11 -11.27
CA ALA D 716 5.13 35.00 -12.69
C ALA D 716 3.91 34.60 -13.51
N LEU D 717 3.14 33.64 -13.01
CA LEU D 717 1.94 33.21 -13.73
C LEU D 717 0.93 34.35 -13.87
N VAL D 718 0.70 35.10 -12.79
CA VAL D 718 -0.26 36.19 -12.89
C VAL D 718 0.29 37.32 -13.76
N SER D 719 1.61 37.53 -13.77
CA SER D 719 2.19 38.52 -14.66
C SER D 719 1.99 38.14 -16.13
N LEU D 720 2.20 36.85 -16.45
CA LEU D 720 1.91 36.37 -17.80
C LEU D 720 0.43 36.52 -18.14
N LYS D 721 -0.45 36.21 -17.19
CA LYS D 721 -1.88 36.31 -17.45
C LYS D 721 -2.30 37.74 -17.73
N THR D 722 -1.84 38.70 -16.91
CA THR D 722 -2.17 40.09 -17.15
C THR D 722 -1.50 40.62 -18.42
N GLY D 723 -0.25 40.23 -18.66
CA GLY D 723 0.51 40.70 -19.80
C GLY D 723 1.73 41.51 -19.46
N LYS D 724 2.08 41.68 -18.18
CA LYS D 724 3.28 42.43 -17.83
C LYS D 724 4.54 41.72 -18.31
N LEU D 725 4.51 40.40 -18.38
CA LEU D 725 5.65 39.61 -18.82
C LEU D 725 5.24 38.77 -20.01
N ASP D 726 6.19 38.52 -20.92
CA ASP D 726 5.94 37.77 -22.14
C ASP D 726 6.41 36.32 -22.06
N ALA D 727 7.56 36.07 -21.44
CA ALA D 727 8.09 34.72 -21.30
C ALA D 727 8.58 34.52 -19.88
N PHE D 728 8.49 33.28 -19.41
CA PHE D 728 8.95 32.91 -18.07
C PHE D 728 9.77 31.63 -18.16
N ILE D 729 11.07 31.73 -17.92
CA ILE D 729 11.96 30.58 -17.96
C ILE D 729 12.02 29.99 -16.56
N TYR D 730 11.79 28.68 -16.45
CA TYR D 730 11.83 28.02 -15.14
C TYR D 730 11.93 26.52 -15.37
N ASP D 731 11.89 25.76 -14.27
CA ASP D 731 12.01 24.31 -14.34
C ASP D 731 10.91 23.73 -15.22
N ALA D 732 11.29 22.75 -16.06
CA ALA D 732 10.35 22.21 -17.03
C ALA D 732 9.16 21.53 -16.36
N ALA D 733 9.42 20.76 -15.30
CA ALA D 733 8.34 20.03 -14.64
C ALA D 733 7.35 20.98 -13.99
N VAL D 734 7.83 22.01 -13.30
CA VAL D 734 6.95 22.95 -12.61
C VAL D 734 6.09 23.70 -13.61
N LEU D 735 6.71 24.19 -14.70
CA LEU D 735 5.95 24.92 -15.70
C LEU D 735 4.95 24.01 -16.41
N ASN D 736 5.33 22.77 -16.68
CA ASN D 736 4.40 21.83 -17.29
C ASN D 736 3.21 21.56 -16.39
N TYR D 737 3.46 21.40 -15.09
CA TYR D 737 2.38 21.19 -14.13
C TYR D 737 1.46 22.41 -14.09
N LYS D 738 2.04 23.61 -14.06
CA LYS D 738 1.25 24.83 -14.01
C LYS D 738 0.39 24.97 -15.26
N ALA D 739 0.98 24.69 -16.42
CA ALA D 739 0.23 24.77 -17.67
C ALA D 739 -0.90 23.74 -17.70
N GLY D 740 -0.64 22.53 -17.21
CA GLY D 740 -1.68 21.51 -17.18
C GLY D 740 -2.82 21.88 -16.26
N ARG D 741 -2.51 22.41 -15.08
CA ARG D 741 -3.54 22.79 -14.12
C ARG D 741 -4.17 24.15 -14.42
N ASP D 742 -3.55 24.95 -15.28
CA ASP D 742 -4.07 26.28 -15.57
C ASP D 742 -5.44 26.19 -16.23
N GLU D 743 -6.32 27.12 -15.87
CA GLU D 743 -7.64 27.20 -16.45
C GLU D 743 -7.59 27.94 -17.79
N GLY D 744 -8.38 27.45 -18.75
CA GLY D 744 -8.41 28.03 -20.07
C GLY D 744 -7.23 27.69 -20.96
N CYS D 745 -6.14 27.18 -20.39
CA CYS D 745 -4.95 26.78 -21.14
C CYS D 745 -4.40 27.95 -21.98
N LYS D 746 -4.44 29.15 -21.40
CA LYS D 746 -3.88 30.32 -22.06
C LYS D 746 -2.36 30.34 -22.02
N LEU D 747 -1.74 29.44 -21.26
CA LEU D 747 -0.29 29.36 -21.12
C LEU D 747 0.21 28.05 -21.70
N VAL D 748 1.35 28.11 -22.39
CA VAL D 748 1.86 26.95 -23.12
C VAL D 748 3.38 27.01 -23.19
N THR D 749 4.01 25.85 -23.28
CA THR D 749 5.45 25.76 -23.44
C THR D 749 5.84 25.95 -24.90
N ILE D 750 7.02 26.51 -25.13
CA ILE D 750 7.52 26.68 -26.49
C ILE D 750 8.06 25.35 -27.00
N GLY D 751 7.97 25.15 -28.31
CA GLY D 751 8.52 23.96 -28.93
C GLY D 751 7.76 22.68 -28.66
N SER D 752 6.55 22.78 -28.11
CA SER D 752 5.74 21.60 -27.75
C SER D 752 6.51 20.67 -26.82
N GLY D 753 6.83 21.19 -25.64
CA GLY D 753 7.57 20.43 -24.66
C GLY D 753 9.07 20.45 -24.86
N TYR D 754 9.61 21.54 -25.39
CA TYR D 754 11.05 21.66 -25.60
C TYR D 754 11.76 21.81 -24.26
N ILE D 755 12.84 21.05 -24.08
CA ILE D 755 13.61 21.06 -22.84
C ILE D 755 15.07 21.30 -23.20
N PHE D 756 15.71 22.24 -22.50
CA PHE D 756 17.08 22.63 -22.80
C PHE D 756 18.08 21.99 -21.85
N ALA D 757 17.88 22.13 -20.55
CA ALA D 757 18.86 21.63 -19.59
C ALA D 757 18.83 20.10 -19.49
N THR D 758 17.69 19.49 -19.81
CA THR D 758 17.45 18.04 -19.75
C THR D 758 18.14 17.40 -18.53
N THR D 759 17.88 17.97 -17.37
CA THR D 759 18.38 17.47 -16.10
C THR D 759 17.22 16.83 -15.34
N GLY D 760 17.49 16.38 -14.11
CA GLY D 760 16.47 15.75 -13.29
C GLY D 760 16.55 16.21 -11.85
N TYR D 761 15.59 15.71 -11.05
CA TYR D 761 15.56 15.94 -9.62
C TYR D 761 16.24 14.77 -8.90
N GLY D 762 17.17 15.10 -8.01
CA GLY D 762 17.85 14.10 -7.23
C GLY D 762 17.68 14.36 -5.74
N ILE D 763 17.83 13.31 -4.97
CA ILE D 763 17.77 13.39 -3.51
C ILE D 763 19.17 13.61 -2.99
N ALA D 764 19.44 14.81 -2.46
CA ALA D 764 20.76 15.14 -1.97
C ALA D 764 21.12 14.27 -0.77
N LEU D 765 22.41 13.96 -0.66
CA LEU D 765 22.90 13.15 0.44
C LEU D 765 24.29 13.64 0.82
N GLN D 766 24.67 13.36 2.06
CA GLN D 766 26.01 13.71 2.52
C GLN D 766 27.05 12.88 1.78
N LYS D 767 28.24 13.46 1.62
CA LYS D 767 29.32 12.77 0.92
C LYS D 767 29.70 11.50 1.67
N GLY D 768 29.74 10.39 0.95
CA GLY D 768 30.05 9.11 1.57
C GLY D 768 28.97 8.56 2.46
N SER D 769 27.73 9.01 2.32
CA SER D 769 26.66 8.52 3.17
C SER D 769 26.37 7.06 2.86
N PRO D 770 26.18 6.21 3.88
CA PRO D 770 25.87 4.80 3.62
C PRO D 770 24.50 4.59 2.97
N TRP D 771 23.62 5.58 3.03
CA TRP D 771 22.27 5.42 2.48
C TRP D 771 22.22 5.62 0.97
N LYS D 772 23.32 6.03 0.34
CA LYS D 772 23.31 6.32 -1.09
C LYS D 772 22.96 5.07 -1.90
N ARG D 773 23.65 3.96 -1.63
CA ARG D 773 23.44 2.75 -2.42
C ARG D 773 22.03 2.21 -2.24
N GLN D 774 21.54 2.15 -1.00
CA GLN D 774 20.20 1.64 -0.74
C GLN D 774 19.14 2.53 -1.36
N ILE D 775 19.32 3.86 -1.27
CA ILE D 775 18.35 4.78 -1.86
C ILE D 775 18.33 4.63 -3.38
N ASP D 776 19.51 4.51 -3.99
CA ASP D 776 19.56 4.33 -5.45
C ASP D 776 18.89 3.03 -5.86
N LEU D 777 19.15 1.95 -5.12
CA LEU D 777 18.52 0.68 -5.45
C LEU D 777 17.00 0.75 -5.29
N ALA D 778 16.53 1.41 -4.23
CA ALA D 778 15.09 1.56 -4.04
C ALA D 778 14.46 2.37 -5.17
N LEU D 779 15.11 3.46 -5.58
CA LEU D 779 14.57 4.28 -6.65
C LEU D 779 14.54 3.52 -7.97
N LEU D 780 15.59 2.75 -8.25
CA LEU D 780 15.61 1.94 -9.47
C LEU D 780 14.53 0.87 -9.44
N GLN D 781 14.33 0.24 -8.28
CA GLN D 781 13.26 -0.75 -8.15
C GLN D 781 11.90 -0.12 -8.38
N PHE D 782 11.67 1.08 -7.82
CA PHE D 782 10.39 1.75 -8.02
C PHE D 782 10.17 2.13 -9.47
N VAL D 783 11.22 2.63 -10.15
CA VAL D 783 11.03 3.03 -11.53
C VAL D 783 10.90 1.81 -12.44
N GLY D 784 11.46 0.67 -12.04
CA GLY D 784 11.31 -0.54 -12.82
C GLY D 784 10.01 -1.28 -12.58
N ASP D 785 9.37 -1.07 -11.44
CA ASP D 785 8.07 -1.66 -11.16
C ASP D 785 6.91 -0.75 -11.57
N GLY D 786 7.21 0.43 -12.10
CA GLY D 786 6.20 1.28 -12.68
C GLY D 786 5.46 2.20 -11.72
N GLU D 787 5.85 2.24 -10.44
CA GLU D 787 5.17 3.12 -9.50
C GLU D 787 5.25 4.58 -9.92
N MET D 788 6.35 4.97 -10.58
CA MET D 788 6.48 6.33 -11.09
C MET D 788 5.30 6.69 -11.98
N GLU D 789 4.78 5.71 -12.74
CA GLU D 789 3.72 6.01 -13.69
C GLU D 789 2.44 6.45 -12.99
N GLU D 790 1.95 5.65 -12.02
CA GLU D 790 0.70 6.04 -11.38
C GLU D 790 0.91 7.21 -10.44
N LEU D 791 2.11 7.36 -9.86
CA LEU D 791 2.39 8.57 -9.09
C LEU D 791 2.32 9.82 -9.97
N GLU D 792 2.89 9.74 -11.18
CA GLU D 792 2.84 10.87 -12.10
C GLU D 792 1.39 11.16 -12.52
N THR D 793 0.61 10.11 -12.78
CA THR D 793 -0.79 10.32 -13.14
C THR D 793 -1.56 10.95 -11.99
N LEU D 794 -1.26 10.54 -10.76
CA LEU D 794 -1.95 11.11 -9.61
C LEU D 794 -1.59 12.58 -9.40
N TRP D 795 -0.33 12.94 -9.60
CA TRP D 795 0.14 14.28 -9.27
C TRP D 795 0.41 15.14 -10.49
N LEU D 796 1.20 14.65 -11.45
CA LEU D 796 1.69 15.50 -12.54
C LEU D 796 0.71 15.62 -13.71
N THR D 797 -0.43 14.94 -13.66
CA THR D 797 -1.37 15.01 -14.76
C THR D 797 -1.98 16.41 -14.87
N GLY D 798 -2.03 16.92 -16.10
CA GLY D 798 -2.65 18.20 -16.36
C GLY D 798 -3.82 18.08 -17.31
N ILE D 799 -4.88 18.87 -17.07
CA ILE D 799 -6.10 18.75 -17.86
C ILE D 799 -5.92 19.41 -19.23
N CYS D 800 -4.96 20.33 -19.35
CA CYS D 800 -4.79 21.05 -20.60
C CYS D 800 -4.18 20.15 -21.69
N HIS D 801 -3.14 19.39 -21.33
CA HIS D 801 -2.46 18.59 -22.33
C HIS D 801 -3.14 17.23 -22.50
N ASN D 802 -2.85 16.59 -23.63
CA ASN D 802 -3.31 15.28 -24.13
C ASN D 802 -4.72 15.32 -24.71
N GLU D 803 -5.30 16.49 -24.95
CA GLU D 803 -6.54 16.59 -25.72
C GLU D 803 -6.28 17.34 -27.01
N SER D 809 -12.73 26.49 -33.88
CA SER D 809 -12.97 27.13 -35.16
C SER D 809 -14.40 26.89 -35.64
N SER D 810 -15.36 27.40 -34.87
CA SER D 810 -16.77 27.24 -35.24
C SER D 810 -17.09 27.98 -36.53
N GLN D 811 -16.54 29.18 -36.69
CA GLN D 811 -16.80 30.02 -37.85
C GLN D 811 -15.49 30.55 -38.40
N LEU D 812 -15.52 30.94 -39.68
CA LEU D 812 -14.38 31.53 -40.35
C LEU D 812 -14.66 32.99 -40.66
N ASP D 813 -13.62 33.82 -40.60
CA ASP D 813 -13.77 35.24 -40.81
C ASP D 813 -13.50 35.61 -42.27
N ILE D 814 -13.43 36.92 -42.53
CA ILE D 814 -13.19 37.40 -43.90
C ILE D 814 -11.78 37.03 -44.34
N ASP D 815 -10.81 37.09 -43.43
CA ASP D 815 -9.42 36.84 -43.79
C ASP D 815 -9.21 35.42 -44.29
N ASN D 816 -10.05 34.48 -43.86
CA ASN D 816 -9.91 33.10 -44.33
C ASN D 816 -10.17 33.00 -45.83
N VAL D 817 -11.17 33.73 -46.32
CA VAL D 817 -11.55 33.68 -47.72
C VAL D 817 -11.03 34.91 -48.48
N ALA D 818 -10.10 35.65 -47.87
CA ALA D 818 -9.55 36.83 -48.52
C ALA D 818 -8.80 36.49 -49.80
N GLY D 819 -8.19 35.31 -49.86
CA GLY D 819 -7.52 34.89 -51.08
C GLY D 819 -8.46 34.78 -52.27
N VAL D 820 -9.65 34.24 -52.02
CA VAL D 820 -10.66 34.14 -53.08
C VAL D 820 -11.07 35.53 -53.56
N PHE D 821 -11.27 36.45 -52.62
CA PHE D 821 -11.67 37.81 -52.99
C PHE D 821 -10.57 38.49 -53.79
N TYR D 822 -9.30 38.29 -53.40
CA TYR D 822 -8.20 38.91 -54.15
C TYR D 822 -8.03 38.29 -55.52
N MET D 823 -8.26 36.97 -55.64
CA MET D 823 -8.22 36.34 -56.95
C MET D 823 -9.33 36.90 -57.85
N LEU D 824 -10.52 37.11 -57.29
CA LEU D 824 -11.60 37.73 -58.06
C LEU D 824 -11.25 39.17 -58.42
N ALA D 825 -10.54 39.87 -57.53
CA ALA D 825 -10.09 41.22 -57.84
C ALA D 825 -9.17 41.22 -59.05
N ALA D 826 -8.17 40.34 -59.04
CA ALA D 826 -7.33 40.18 -60.23
C ALA D 826 -8.16 39.75 -61.43
N ALA D 827 -9.25 39.02 -61.19
CA ALA D 827 -10.09 38.55 -62.28
C ALA D 827 -10.75 39.71 -63.03
N MET D 828 -11.43 40.61 -62.30
CA MET D 828 -12.08 41.68 -63.06
C MET D 828 -11.05 42.73 -63.49
N ALA D 829 -9.90 42.78 -62.83
CA ALA D 829 -8.82 43.62 -63.35
C ALA D 829 -8.37 43.12 -64.72
N LEU D 830 -8.18 41.80 -64.86
CA LEU D 830 -7.83 41.23 -66.16
C LEU D 830 -8.94 41.42 -67.17
N SER D 831 -10.20 41.33 -66.72
CA SER D 831 -11.32 41.57 -67.63
C SER D 831 -11.31 43.01 -68.15
N LEU D 832 -11.06 43.97 -67.27
CA LEU D 832 -11.00 45.37 -67.68
C LEU D 832 -9.86 45.62 -68.65
N ILE D 833 -8.68 45.06 -68.36
CA ILE D 833 -7.56 45.28 -69.26
C ILE D 833 -7.79 44.58 -70.59
N THR D 834 -8.49 43.44 -70.58
CA THR D 834 -8.85 42.78 -71.84
C THR D 834 -9.83 43.63 -72.65
N PHE D 835 -10.78 44.27 -71.96
CA PHE D 835 -11.71 45.18 -72.63
C PHE D 835 -10.96 46.34 -73.29
N ILE D 836 -10.02 46.94 -72.56
CA ILE D 836 -9.23 48.03 -73.11
C ILE D 836 -8.38 47.55 -74.28
N TRP D 837 -7.76 46.37 -74.15
CA TRP D 837 -6.94 45.83 -75.21
C TRP D 837 -7.75 45.56 -76.47
N GLU D 838 -8.96 45.04 -76.31
CA GLU D 838 -9.83 44.81 -77.46
C GLU D 838 -10.21 46.14 -78.13
N HIS D 839 -10.47 47.18 -77.33
CA HIS D 839 -10.79 48.47 -77.94
C HIS D 839 -9.62 49.06 -78.71
N LEU D 840 -8.40 48.97 -78.16
CA LEU D 840 -7.25 49.43 -78.95
C LEU D 840 -7.03 48.57 -80.19
N PHE D 841 -7.21 47.26 -80.09
CA PHE D 841 -7.04 46.40 -81.26
C PHE D 841 -8.05 46.74 -82.35
N TYR D 842 -9.30 47.00 -81.99
CA TYR D 842 -10.29 47.43 -82.96
C TYR D 842 -9.94 48.79 -83.55
N TRP D 843 -9.33 49.66 -82.75
CA TRP D 843 -8.91 50.98 -83.22
C TRP D 843 -7.81 50.87 -84.26
#